data_8ZUW
#
_entry.id   8ZUW
#
_cell.length_a   109.228
_cell.length_b   124.897
_cell.length_c   109.622
_cell.angle_alpha   90.00
_cell.angle_beta   100.52
_cell.angle_gamma   90.00
#
_symmetry.space_group_name_H-M   'P 1 21 1'
#
loop_
_entity.id
_entity.type
_entity.pdbx_description
1 polymer 'Glutamate decarboxylase'
2 non-polymer 'SULFATE ION'
3 water water
#
_entity_poly.entity_id   1
_entity_poly.type   'polypeptide(L)'
_entity_poly.pdbx_seq_one_letter_code
;MEDLNFRKGDAKTDVFGSDRMLQPSPVERIPDGPTTPEVAYQMVKDETFAQTQPRLNLATFVTTYMDDYATKLMNEAINI
NYIDETEYPRIAVMNGKCINIVANLWNSPEKDTWKTGALAIGSSEACMLGGVAAWLRWRKKRQAQGKPFDKPNFVISTGF
QVVWEKFAQLWQIEMREVPLTLEKTTLDPEEALKMCDENTICVVPIQGVTWTGLNDDVEALDKALDAYNAKTGYDIPIHV
DAASGGFILPFLYPDTKWDFRLKWVLSISVSGHKFGLVYPGLGWVCWKGKEYLPEEMSFSVNYLGANITQVGLNFSRPAA
QILGQYYQFIRLGFQGYKEVQYNSLQIAKYIHGEIAKMAPFVNYSENVVNPLFIWYLKPEYAKSAKWTLYDLQDKLSQHG
WMVPAYTLPSKLEDYVVMRVVVRQGFSRDMADMLLGDIKNAIAELEKLDFPTPTRMAQEKNLPVEAKMFNHGGRRHKTVK
K
;
_entity_poly.pdbx_strand_id   A,B,C,D,E,F
#
# COMPACT_ATOMS: atom_id res chain seq x y z
N MET A 1 10.12 -31.85 -12.48
CA MET A 1 9.97 -30.39 -12.36
C MET A 1 10.96 -29.80 -11.33
N GLU A 2 12.14 -30.44 -11.25
CA GLU A 2 13.19 -30.05 -10.30
C GLU A 2 13.77 -28.67 -10.63
N ASP A 3 13.83 -27.79 -9.62
CA ASP A 3 14.56 -26.52 -9.73
C ASP A 3 15.92 -26.74 -9.07
N LEU A 4 16.98 -26.74 -9.88
CA LEU A 4 18.30 -27.08 -9.37
C LEU A 4 18.91 -25.97 -8.54
N ASN A 5 18.46 -24.72 -8.69
CA ASN A 5 19.03 -23.61 -7.95
C ASN A 5 18.10 -23.09 -6.86
N PHE A 6 17.14 -23.90 -6.43
CA PHE A 6 16.15 -23.42 -5.47
C PHE A 6 16.80 -22.93 -4.19
N ARG A 7 17.75 -23.70 -3.65
CA ARG A 7 18.38 -23.39 -2.35
C ARG A 7 19.45 -22.30 -2.44
N LYS A 8 19.93 -22.00 -3.65
CA LYS A 8 21.01 -21.05 -3.87
C LYS A 8 20.53 -19.62 -4.16
N GLY A 9 19.24 -19.42 -4.41
CA GLY A 9 18.70 -18.08 -4.63
C GLY A 9 18.29 -17.71 -6.05
N ASP A 10 17.26 -18.39 -6.59
CA ASP A 10 16.73 -18.02 -7.88
C ASP A 10 15.32 -17.45 -7.71
N ALA A 11 14.59 -17.34 -8.81
CA ALA A 11 13.29 -16.69 -8.76
C ALA A 11 12.28 -17.51 -8.00
N LYS A 12 12.56 -18.79 -7.78
CA LYS A 12 11.65 -19.66 -7.07
C LYS A 12 12.02 -19.85 -5.60
N THR A 13 13.24 -19.52 -5.23
CA THR A 13 13.73 -19.75 -3.85
C THR A 13 12.83 -19.22 -2.75
N ASP A 14 12.48 -20.07 -1.79
CA ASP A 14 11.85 -19.61 -0.58
C ASP A 14 12.91 -19.17 0.40
N VAL A 15 12.65 -18.06 1.11
CA VAL A 15 13.66 -17.51 2.01
C VAL A 15 14.15 -18.57 2.99
N PHE A 16 13.21 -19.28 3.62
CA PHE A 16 13.56 -20.20 4.69
C PHE A 16 13.59 -21.64 4.20
N GLY A 17 13.89 -21.82 2.92
CA GLY A 17 14.27 -23.11 2.35
C GLY A 17 15.56 -22.92 1.59
N SER A 18 16.23 -21.83 1.88
CA SER A 18 17.46 -21.42 1.22
C SER A 18 18.67 -21.81 2.04
N ASP A 19 19.81 -21.95 1.37
CA ASP A 19 21.04 -22.20 2.12
C ASP A 19 21.37 -21.03 3.03
N ARG A 20 21.02 -19.81 2.60
CA ARG A 20 21.45 -18.61 3.32
C ARG A 20 20.83 -18.55 4.71
N MET A 21 19.56 -18.92 4.83
CA MET A 21 18.92 -18.90 6.15
C MET A 21 19.32 -20.10 7.00
N LEU A 22 20.30 -20.89 6.54
CA LEU A 22 20.99 -21.86 7.37
C LEU A 22 22.32 -21.35 7.89
N GLN A 23 22.60 -20.08 7.65
CA GLN A 23 23.86 -19.48 7.97
C GLN A 23 23.66 -18.27 8.87
N PRO A 24 24.67 -17.92 9.65
CA PRO A 24 24.57 -16.72 10.50
C PRO A 24 24.78 -15.44 9.71
N SER A 25 24.28 -14.35 10.28
CA SER A 25 24.48 -13.06 9.67
C SER A 25 25.95 -12.67 9.79
N PRO A 26 26.44 -11.83 8.89
CA PRO A 26 27.86 -11.44 8.95
C PRO A 26 28.13 -10.62 10.19
N VAL A 27 29.19 -10.97 10.89
CA VAL A 27 29.57 -10.27 12.10
C VAL A 27 30.82 -9.45 11.88
N GLU A 28 31.81 -10.03 11.19
CA GLU A 28 33.11 -9.41 11.00
C GLU A 28 33.26 -8.85 9.59
N ARG A 29 33.06 -9.67 8.55
CA ARG A 29 33.34 -9.25 7.20
C ARG A 29 32.10 -9.21 6.33
N ILE A 30 32.15 -8.39 5.30
CA ILE A 30 31.06 -8.35 4.32
C ILE A 30 31.11 -9.62 3.47
N PRO A 31 29.95 -10.24 3.16
CA PRO A 31 29.94 -11.48 2.36
C PRO A 31 30.49 -11.31 0.95
N ASP A 32 31.02 -12.40 0.38
CA ASP A 32 31.60 -12.33 -0.96
C ASP A 32 30.56 -11.96 -2.00
N GLY A 33 29.38 -12.54 -1.91
CA GLY A 33 28.39 -12.29 -2.91
C GLY A 33 27.07 -11.89 -2.31
N PRO A 34 26.10 -11.66 -3.17
CA PRO A 34 24.78 -11.20 -2.72
C PRO A 34 23.80 -12.34 -2.47
N THR A 35 22.63 -11.96 -1.95
CA THR A 35 21.45 -12.78 -1.88
C THR A 35 20.29 -12.03 -2.52
N THR A 36 19.10 -12.61 -2.46
CA THR A 36 17.91 -11.91 -2.92
C THR A 36 17.45 -10.90 -1.88
N PRO A 37 16.72 -9.88 -2.31
CA PRO A 37 16.22 -8.88 -1.34
C PRO A 37 15.34 -9.47 -0.27
N GLU A 38 14.56 -10.49 -0.61
CA GLU A 38 13.70 -11.09 0.39
C GLU A 38 14.52 -11.68 1.53
N VAL A 39 15.53 -12.50 1.20
CA VAL A 39 16.39 -13.07 2.24
C VAL A 39 17.03 -11.97 3.05
N ALA A 40 17.64 -11.00 2.36
CA ALA A 40 18.29 -9.91 3.07
C ALA A 40 17.29 -9.12 3.89
N TYR A 41 16.05 -8.98 3.40
CA TYR A 41 15.04 -8.30 4.20
C TYR A 41 14.72 -9.09 5.43
N GLN A 42 14.53 -10.40 5.26
CA GLN A 42 14.20 -11.18 6.43
C GLN A 42 15.33 -11.13 7.44
N MET A 43 16.57 -11.32 6.98
CA MET A 43 17.72 -11.39 7.89
C MET A 43 17.87 -10.13 8.75
N VAL A 44 17.71 -8.95 8.16
CA VAL A 44 17.88 -7.74 8.95
C VAL A 44 16.65 -7.47 9.80
N LYS A 45 15.44 -7.63 9.22
CA LYS A 45 14.20 -7.36 9.93
C LYS A 45 14.06 -8.27 11.15
N ASP A 46 14.37 -9.57 10.97
CA ASP A 46 14.13 -10.55 12.02
C ASP A 46 15.00 -10.30 13.24
N GLU A 47 16.17 -9.68 13.08
CA GLU A 47 16.98 -9.39 14.25
C GLU A 47 16.35 -8.33 15.14
N THR A 48 15.40 -7.54 14.62
CA THR A 48 14.81 -6.44 15.38
C THR A 48 13.67 -6.88 16.28
N PHE A 49 13.19 -8.10 16.14
CA PHE A 49 12.01 -8.55 16.88
C PHE A 49 12.29 -8.68 18.38
N ALA A 50 13.50 -9.10 18.77
CA ALA A 50 13.86 -9.41 20.18
C ALA A 50 14.38 -8.19 20.94
N GLN A 51 13.52 -7.20 21.11
CA GLN A 51 13.85 -6.01 21.90
C GLN A 51 12.54 -5.27 22.14
N THR A 52 12.62 -4.20 22.93
CA THR A 52 11.42 -3.50 23.36
C THR A 52 10.64 -2.97 22.16
N GLN A 53 9.34 -3.11 22.22
CA GLN A 53 8.53 -2.42 21.24
C GLN A 53 8.53 -0.93 21.57
N PRO A 54 8.72 -0.08 20.57
CA PRO A 54 8.86 1.36 20.86
C PRO A 54 7.72 1.94 21.63
N ARG A 55 6.48 1.55 21.32
CA ARG A 55 5.35 2.13 22.05
C ARG A 55 5.34 1.74 23.52
N LEU A 56 6.06 0.67 23.90
CA LEU A 56 6.17 0.22 25.28
C LEU A 56 7.47 0.66 25.97
N ASN A 57 8.35 1.34 25.25
CA ASN A 57 9.62 1.87 25.77
C ASN A 57 9.31 3.13 26.58
N LEU A 58 9.20 2.98 27.90
CA LEU A 58 8.85 4.08 28.78
C LEU A 58 10.07 4.79 29.33
N ALA A 59 11.26 4.34 28.93
CA ALA A 59 12.50 5.04 29.23
C ALA A 59 12.66 6.27 28.34
N THR A 60 12.26 6.19 27.09
CA THR A 60 12.66 7.18 26.12
C THR A 60 11.74 8.40 26.11
N PHE A 61 12.33 9.54 25.79
CA PHE A 61 11.60 10.78 25.64
C PHE A 61 11.24 11.02 24.19
N VAL A 62 11.81 10.23 23.31
CA VAL A 62 11.80 10.52 21.90
C VAL A 62 10.58 9.88 21.24
N THR A 63 9.97 10.63 20.32
CA THR A 63 8.68 10.29 19.74
C THR A 63 8.69 8.89 19.11
N THR A 64 7.65 8.10 19.44
CA THR A 64 7.41 6.78 18.88
C THR A 64 6.10 6.64 18.11
N TYR A 65 5.30 7.71 18.02
CA TYR A 65 4.05 7.70 17.27
C TYR A 65 3.83 9.02 16.51
N MET A 66 3.49 8.92 15.22
CA MET A 66 2.95 10.03 14.44
C MET A 66 1.77 9.51 13.61
N ASP A 67 0.88 10.44 13.23
CA ASP A 67 -0.32 10.02 12.51
C ASP A 67 0.07 9.60 11.10
N ASP A 68 -0.92 9.13 10.35
CA ASP A 68 -0.61 8.48 9.09
C ASP A 68 -0.12 9.46 8.04
N TYR A 69 -0.56 10.72 8.09
CA TYR A 69 -0.09 11.68 7.08
C TYR A 69 1.34 12.10 7.37
N ALA A 70 1.66 12.37 8.64
CA ALA A 70 3.02 12.72 9.01
C ALA A 70 4.01 11.61 8.66
N THR A 71 3.59 10.35 8.81
CA THR A 71 4.47 9.23 8.50
C THR A 71 4.77 9.17 7.01
N LYS A 72 3.73 9.24 6.18
CA LYS A 72 3.86 9.17 4.73
C LYS A 72 4.70 10.32 4.20
N LEU A 73 4.36 11.53 4.63
CA LEU A 73 5.12 12.72 4.28
C LEU A 73 6.61 12.50 4.53
N MET A 74 6.94 12.02 5.72
CA MET A 74 8.33 11.82 6.03
C MET A 74 8.90 10.67 5.22
N ASN A 75 8.14 9.57 5.11
CA ASN A 75 8.61 8.42 4.35
C ASN A 75 8.85 8.77 2.89
N GLU A 76 7.99 9.59 2.31
CA GLU A 76 8.24 10.01 0.94
C GLU A 76 9.48 10.89 0.83
N ALA A 77 9.87 11.55 1.92
CA ALA A 77 11.01 12.45 1.90
C ALA A 77 12.30 11.75 2.26
N ILE A 78 12.31 10.41 2.18
CA ILE A 78 13.45 9.67 2.70
C ILE A 78 14.73 9.99 1.93
N ASN A 79 14.61 10.42 0.67
CA ASN A 79 15.78 10.60 -0.19
C ASN A 79 16.18 12.06 -0.38
N ILE A 80 15.87 12.95 0.58
CA ILE A 80 16.13 14.37 0.45
C ILE A 80 17.19 14.78 1.49
N ASN A 81 18.36 15.16 0.99
CA ASN A 81 19.44 15.67 1.83
C ASN A 81 19.21 17.16 2.08
N TYR A 82 18.89 17.52 3.32
CA TYR A 82 18.53 18.91 3.62
C TYR A 82 19.61 19.87 3.16
N ILE A 83 20.87 19.52 3.40
CA ILE A 83 21.99 20.45 3.23
C ILE A 83 22.09 20.97 1.79
N ASP A 84 21.52 20.24 0.82
CA ASP A 84 21.50 20.69 -0.56
C ASP A 84 20.46 21.79 -0.70
N GLU A 85 20.71 22.89 0.01
CA GLU A 85 19.69 23.92 0.10
C GLU A 85 19.53 24.66 -1.20
N THR A 86 20.64 24.86 -1.93
CA THR A 86 20.55 25.44 -3.27
C THR A 86 19.70 24.57 -4.19
N GLU A 87 19.79 23.24 -4.03
CA GLU A 87 18.95 22.31 -4.81
C GLU A 87 17.54 22.18 -4.28
N TYR A 88 17.33 22.25 -2.96
CA TYR A 88 16.00 22.14 -2.37
C TYR A 88 15.72 23.40 -1.55
N PRO A 89 15.53 24.55 -2.20
CA PRO A 89 15.40 25.81 -1.44
C PRO A 89 14.06 25.99 -0.74
N ARG A 90 13.00 25.29 -1.14
CA ARG A 90 11.75 25.46 -0.43
C ARG A 90 11.85 24.88 0.96
N ILE A 91 12.63 23.81 1.12
CA ILE A 91 12.88 23.18 2.41
C ILE A 91 13.83 24.04 3.26
N ALA A 92 14.81 24.66 2.62
CA ALA A 92 15.66 25.61 3.33
C ALA A 92 14.81 26.71 3.96
N VAL A 93 13.85 27.21 3.21
CA VAL A 93 12.93 28.23 3.71
C VAL A 93 11.99 27.64 4.75
N MET A 94 11.46 26.44 4.50
CA MET A 94 10.60 25.79 5.47
C MET A 94 11.34 25.67 6.78
N ASN A 95 12.57 25.22 6.70
CA ASN A 95 13.44 25.14 7.86
C ASN A 95 13.53 26.49 8.56
N GLY A 96 13.75 27.56 7.79
CA GLY A 96 13.78 28.89 8.37
C GLY A 96 12.46 29.27 9.00
N LYS A 97 11.35 28.74 8.47
CA LYS A 97 10.05 29.08 9.02
C LYS A 97 9.83 28.35 10.35
N CYS A 98 10.36 27.13 10.47
CA CYS A 98 10.27 26.42 11.75
C CYS A 98 11.03 27.17 12.83
N ILE A 99 12.22 27.64 12.49
CA ILE A 99 13.03 28.38 13.45
C ILE A 99 12.29 29.62 13.91
N ASN A 100 11.69 30.36 12.98
CA ASN A 100 10.95 31.55 13.38
C ASN A 100 9.84 31.19 14.34
N ILE A 101 9.09 30.15 14.01
CA ILE A 101 7.90 29.81 14.77
C ILE A 101 8.28 29.40 16.17
N VAL A 102 9.35 28.62 16.29
CA VAL A 102 9.84 28.21 17.59
C VAL A 102 10.33 29.41 18.37
N ALA A 103 11.16 30.25 17.75
CA ALA A 103 11.71 31.38 18.49
C ALA A 103 10.62 32.30 19.00
N ASN A 104 9.55 32.45 18.21
CA ASN A 104 8.40 33.23 18.64
C ASN A 104 7.58 32.50 19.69
N LEU A 105 7.52 31.17 19.59
CA LEU A 105 6.94 30.34 20.63
C LEU A 105 7.65 30.60 21.95
N TRP A 106 8.93 30.93 21.89
CA TRP A 106 9.72 31.29 23.04
C TRP A 106 9.79 32.81 23.22
N ASN A 107 8.88 33.55 22.58
CA ASN A 107 8.74 34.99 22.78
C ASN A 107 10.02 35.76 22.47
N SER A 108 10.68 35.41 21.39
CA SER A 108 11.87 36.15 21.00
C SER A 108 11.50 37.59 20.69
N PRO A 109 12.26 38.58 21.15
CA PRO A 109 12.07 39.97 20.75
C PRO A 109 12.87 40.38 19.51
N GLU A 110 13.63 39.45 18.93
CA GLU A 110 14.41 39.72 17.73
C GLU A 110 13.54 40.33 16.65
N LYS A 111 14.07 41.34 15.96
CA LYS A 111 13.26 42.11 15.04
C LYS A 111 13.39 41.70 13.58
N ASP A 112 14.35 40.86 13.23
CA ASP A 112 14.42 40.34 11.86
C ASP A 112 13.23 39.43 11.54
N THR A 113 12.87 39.41 10.25
CA THR A 113 11.87 38.44 9.81
C THR A 113 12.38 37.03 9.98
N TRP A 114 13.63 36.79 9.64
CA TRP A 114 14.21 35.46 9.72
C TRP A 114 14.93 35.29 11.04
N LYS A 115 14.28 34.60 11.97
CA LYS A 115 14.80 34.48 13.33
C LYS A 115 16.11 33.70 13.33
N THR A 116 16.90 33.95 14.37
CA THR A 116 18.26 33.45 14.48
C THR A 116 18.27 32.14 15.26
N GLY A 117 18.56 31.05 14.55
CA GLY A 117 18.53 29.72 15.13
C GLY A 117 19.16 28.74 14.16
N ALA A 118 19.10 27.47 14.52
CA ALA A 118 19.67 26.46 13.66
C ALA A 118 18.90 25.16 13.80
N LEU A 119 18.88 24.40 12.71
CA LEU A 119 18.42 23.03 12.76
C LEU A 119 19.47 22.14 13.42
N ALA A 120 19.00 21.14 14.15
CA ALA A 120 19.88 20.19 14.83
C ALA A 120 19.29 18.79 14.76
N ILE A 121 20.15 17.79 15.00
CA ILE A 121 19.66 16.43 15.09
C ILE A 121 18.92 16.20 16.39
N GLY A 122 19.30 16.91 17.45
CA GLY A 122 18.59 16.74 18.70
C GLY A 122 19.09 17.76 19.68
N SER A 123 18.71 17.57 20.94
CA SER A 123 19.24 18.45 21.96
C SER A 123 20.74 18.28 22.11
N SER A 124 21.31 17.14 21.73
CA SER A 124 22.76 17.01 21.84
C SER A 124 23.46 18.10 21.05
N GLU A 125 23.20 18.18 19.74
CA GLU A 125 23.82 19.19 18.89
C GLU A 125 23.37 20.59 19.27
N ALA A 126 22.07 20.77 19.51
CA ALA A 126 21.55 22.08 19.90
C ALA A 126 22.24 22.62 21.13
N CYS A 127 22.45 21.77 22.13
CA CYS A 127 23.17 22.23 23.32
C CYS A 127 24.61 22.63 22.99
N MET A 128 25.32 21.78 22.24
CA MET A 128 26.71 22.07 21.95
C MET A 128 26.83 23.40 21.24
N LEU A 129 25.86 23.70 20.36
CA LEU A 129 25.89 24.95 19.59
C LEU A 129 25.62 26.16 20.48
N GLY A 130 24.66 26.06 21.39
CA GLY A 130 24.50 27.11 22.37
C GLY A 130 25.74 27.24 23.24
N GLY A 131 26.35 26.09 23.57
CA GLY A 131 27.53 26.12 24.41
C GLY A 131 28.74 26.76 23.75
N VAL A 132 28.96 26.47 22.46
CA VAL A 132 30.10 27.08 21.78
C VAL A 132 29.86 28.57 21.55
N ALA A 133 28.64 28.95 21.25
CA ALA A 133 28.36 30.36 21.11
C ALA A 133 28.69 31.09 22.40
N ALA A 134 28.26 30.56 23.54
CA ALA A 134 28.56 31.23 24.81
C ALA A 134 30.06 31.26 25.08
N TRP A 135 30.76 30.18 24.71
CA TRP A 135 32.21 30.11 24.90
C TRP A 135 32.92 31.20 24.11
N LEU A 136 32.54 31.38 22.84
CA LEU A 136 33.21 32.37 22.01
C LEU A 136 32.90 33.79 22.45
N ARG A 137 31.65 34.04 22.89
CA ARG A 137 31.28 35.37 23.39
C ARG A 137 32.13 35.76 24.59
N TRP A 138 32.36 34.83 25.50
CA TRP A 138 33.16 35.13 26.67
C TRP A 138 34.62 35.34 26.28
N ARG A 139 35.15 34.47 25.41
CA ARG A 139 36.53 34.61 24.96
C ARG A 139 36.78 35.99 24.37
N LYS A 140 35.83 36.51 23.59
CA LYS A 140 36.04 37.77 22.89
C LYS A 140 36.00 38.96 23.84
N LYS A 141 35.10 38.92 24.83
CA LYS A 141 35.03 39.96 25.85
C LYS A 141 36.31 40.02 26.67
N ARG A 142 36.76 38.87 27.17
CA ARG A 142 37.94 38.84 28.02
C ARG A 142 39.14 39.39 27.27
N GLN A 143 39.21 39.10 25.97
CA GLN A 143 40.23 39.69 25.11
C GLN A 143 40.11 41.20 25.07
N ALA A 144 38.91 41.71 24.83
CA ALA A 144 38.68 43.14 24.76
C ALA A 144 39.04 43.82 26.07
N GLN A 145 38.96 43.09 27.17
CA GLN A 145 39.27 43.65 28.48
C GLN A 145 40.70 43.34 28.93
N GLY A 146 41.49 42.63 28.13
CA GLY A 146 42.83 42.23 28.53
C GLY A 146 42.94 41.12 29.56
N LYS A 147 41.83 40.48 29.96
CA LYS A 147 41.88 39.34 30.86
C LYS A 147 42.26 38.06 30.11
N PRO A 148 42.68 37.02 30.82
CA PRO A 148 42.97 35.74 30.16
C PRO A 148 41.67 35.01 29.86
N PHE A 149 41.78 33.97 29.04
CA PHE A 149 40.58 33.26 28.64
C PHE A 149 40.90 31.80 28.34
N ASP A 150 41.82 31.20 29.09
CA ASP A 150 42.22 29.83 28.83
C ASP A 150 41.72 28.85 29.87
N LYS A 151 40.91 29.31 30.82
CA LYS A 151 40.35 28.46 31.86
C LYS A 151 38.85 28.72 31.96
N PRO A 152 38.07 28.35 30.94
CA PRO A 152 36.63 28.60 30.98
C PRO A 152 35.88 27.56 31.80
N ASN A 153 34.76 27.97 32.36
CA ASN A 153 33.91 27.06 33.10
C ASN A 153 32.46 27.39 32.80
N PHE A 154 31.58 26.45 33.15
CA PHE A 154 30.13 26.68 33.15
C PHE A 154 29.50 25.96 34.33
N VAL A 155 28.28 26.37 34.63
CA VAL A 155 27.56 25.93 35.82
C VAL A 155 26.26 25.25 35.39
N ILE A 156 25.97 24.11 36.02
CA ILE A 156 24.81 23.27 35.69
C ILE A 156 24.47 22.43 36.91
N SER A 157 23.26 21.88 36.95
CA SER A 157 22.89 20.90 37.97
C SER A 157 23.53 19.54 37.71
N THR A 158 23.76 18.77 38.79
CA THR A 158 24.24 17.39 38.61
C THR A 158 23.25 16.56 37.80
N GLY A 159 22.00 16.98 37.72
CA GLY A 159 21.03 16.29 36.89
C GLY A 159 21.17 16.65 35.42
N PHE A 160 22.41 16.86 34.98
CA PHE A 160 22.64 17.19 33.59
C PHE A 160 22.43 15.96 32.74
N GLN A 161 22.06 16.18 31.49
CA GLN A 161 22.05 15.10 30.53
C GLN A 161 23.46 14.97 29.98
N VAL A 162 23.83 13.75 29.62
CA VAL A 162 25.21 13.40 29.34
C VAL A 162 25.86 14.27 28.27
N VAL A 163 25.09 15.03 27.50
CA VAL A 163 25.72 15.85 26.46
C VAL A 163 26.61 16.90 27.09
N TRP A 164 26.24 17.39 28.26
CA TRP A 164 27.06 18.41 28.86
C TRP A 164 28.36 17.84 29.36
N GLU A 165 28.37 16.54 29.63
CA GLU A 165 29.62 15.86 29.93
C GLU A 165 30.45 15.66 28.67
N LYS A 166 29.79 15.34 27.55
CA LYS A 166 30.52 15.37 26.28
C LYS A 166 31.05 16.76 26.03
N PHE A 167 30.19 17.77 26.19
CA PHE A 167 30.58 19.15 25.92
C PHE A 167 31.79 19.56 26.76
N ALA A 168 31.71 19.35 28.09
CA ALA A 168 32.83 19.69 28.95
C ALA A 168 34.08 18.89 28.59
N GLN A 169 33.93 17.60 28.33
CA GLN A 169 35.10 16.77 28.02
C GLN A 169 35.69 17.09 26.65
N LEU A 170 34.82 17.32 25.65
CA LEU A 170 35.24 17.50 24.26
C LEU A 170 35.70 18.91 23.94
N TRP A 171 35.36 19.89 24.76
CA TRP A 171 35.88 21.24 24.57
C TRP A 171 36.86 21.62 25.66
N GLN A 172 37.17 20.69 26.56
CA GLN A 172 38.05 20.94 27.69
C GLN A 172 37.58 22.17 28.45
N ILE A 173 36.28 22.21 28.77
CA ILE A 173 35.68 23.30 29.54
C ILE A 173 35.22 22.74 30.87
N GLU A 174 35.44 23.50 31.94
CA GLU A 174 35.19 23.01 33.29
C GLU A 174 33.71 22.98 33.62
N MET A 175 33.24 21.87 34.14
CA MET A 175 31.84 21.75 34.53
C MET A 175 31.72 21.90 36.03
N ARG A 176 30.91 22.86 36.47
CA ARG A 176 30.63 23.02 37.88
C ARG A 176 29.17 22.63 38.08
N GLU A 177 28.95 21.57 38.86
CA GLU A 177 27.66 20.92 39.01
C GLU A 177 27.08 21.25 40.37
N VAL A 178 25.82 21.68 40.41
CA VAL A 178 25.14 21.99 41.66
C VAL A 178 24.36 20.74 42.09
N PRO A 179 24.65 20.18 43.28
CA PRO A 179 24.13 18.86 43.62
C PRO A 179 22.65 18.87 43.95
N LEU A 180 22.07 17.68 43.90
CA LEU A 180 20.69 17.50 44.27
C LEU A 180 20.61 16.93 45.68
N THR A 181 19.67 17.46 46.45
CA THR A 181 19.30 16.96 47.76
C THR A 181 17.79 16.95 47.81
N LEU A 182 17.26 16.41 48.88
CA LEU A 182 15.81 16.43 49.03
C LEU A 182 15.33 17.86 49.29
N GLU A 183 16.17 18.66 49.92
CA GLU A 183 15.88 20.07 50.16
C GLU A 183 15.91 20.89 48.87
N LYS A 184 16.83 20.59 47.98
CA LYS A 184 16.91 21.26 46.68
C LYS A 184 16.83 20.18 45.60
N THR A 185 15.62 19.93 45.12
CA THR A 185 15.37 18.88 44.15
C THR A 185 15.59 19.35 42.72
N THR A 186 15.78 20.64 42.50
CA THR A 186 16.15 21.21 41.22
C THR A 186 17.35 22.13 41.43
N LEU A 187 17.80 22.76 40.35
CA LEU A 187 18.96 23.66 40.45
C LEU A 187 18.70 24.81 41.41
N ASP A 188 19.54 24.92 42.45
CA ASP A 188 19.46 26.05 43.36
C ASP A 188 20.14 27.25 42.71
N PRO A 189 19.41 28.35 42.47
CA PRO A 189 20.03 29.49 41.77
C PRO A 189 21.21 30.09 42.53
N GLU A 190 21.04 30.29 43.83
CA GLU A 190 22.08 30.90 44.63
C GLU A 190 23.34 30.06 44.60
N GLU A 191 23.17 28.75 44.72
CA GLU A 191 24.30 27.87 44.62
C GLU A 191 24.93 27.96 43.24
N ALA A 192 24.11 28.13 42.20
CA ALA A 192 24.67 28.30 40.87
C ALA A 192 25.52 29.56 40.80
N LEU A 193 25.05 30.66 41.40
CA LEU A 193 25.76 31.94 41.31
C LEU A 193 27.07 31.95 42.09
N LYS A 194 27.11 31.29 43.24
CA LYS A 194 28.37 31.25 43.98
C LYS A 194 29.45 30.56 43.19
N MET A 195 29.10 29.79 42.19
CA MET A 195 30.12 29.06 41.45
C MET A 195 30.57 29.80 40.21
N CYS A 196 30.03 30.99 39.99
CA CYS A 196 30.36 31.77 38.81
C CYS A 196 31.53 32.69 39.12
N ASP A 197 32.32 32.97 38.09
CA ASP A 197 33.44 33.89 38.23
C ASP A 197 33.72 34.51 36.87
N GLU A 198 34.85 35.19 36.77
CA GLU A 198 35.21 35.79 35.50
C GLU A 198 35.38 34.75 34.39
N ASN A 199 35.44 33.46 34.71
CA ASN A 199 35.68 32.44 33.71
C ASN A 199 34.43 31.65 33.34
N THR A 200 33.28 32.00 33.91
CA THR A 200 32.05 31.28 33.68
C THR A 200 31.39 31.78 32.40
N ILE A 201 31.23 30.89 31.42
CA ILE A 201 30.74 31.27 30.09
C ILE A 201 29.21 31.32 30.02
N CYS A 202 28.50 30.62 30.90
CA CYS A 202 27.04 30.63 30.97
C CYS A 202 26.59 29.74 32.11
N VAL A 203 25.32 29.86 32.46
CA VAL A 203 24.66 28.95 33.37
C VAL A 203 23.59 28.23 32.58
N VAL A 204 23.40 26.95 32.86
CA VAL A 204 22.50 26.08 32.09
C VAL A 204 21.39 25.54 32.97
N PRO A 205 20.28 26.24 33.14
CA PRO A 205 19.11 25.61 33.75
C PRO A 205 18.44 24.65 32.77
N ILE A 206 17.77 23.64 33.31
CA ILE A 206 17.20 22.58 32.49
C ILE A 206 15.69 22.55 32.71
N GLN A 207 14.92 22.57 31.62
CA GLN A 207 13.47 22.42 31.68
C GLN A 207 13.12 20.99 31.28
N GLY A 208 12.67 20.19 32.26
CA GLY A 208 12.42 18.78 32.03
C GLY A 208 13.64 17.95 32.33
N VAL A 209 14.08 17.97 33.59
CA VAL A 209 15.27 17.23 33.97
C VAL A 209 15.04 15.75 33.71
N THR A 210 15.95 15.12 32.96
CA THR A 210 15.72 13.74 32.55
C THR A 210 15.68 12.80 33.74
N TRP A 211 16.44 13.07 34.81
CA TRP A 211 16.51 12.16 35.94
C TRP A 211 15.24 12.21 36.79
N THR A 212 14.63 13.39 36.93
CA THR A 212 13.54 13.63 37.87
C THR A 212 12.27 14.12 37.21
N GLY A 213 12.39 14.82 36.08
CA GLY A 213 11.26 15.39 35.35
C GLY A 213 10.84 16.81 35.73
N LEU A 214 11.65 17.56 36.47
CA LEU A 214 11.22 18.85 37.00
C LEU A 214 11.89 19.98 36.22
N ASN A 215 11.51 21.22 36.55
CA ASN A 215 12.03 22.38 35.85
C ASN A 215 12.88 23.20 36.80
N ASP A 216 14.13 23.42 36.42
CA ASP A 216 14.93 24.42 37.11
C ASP A 216 14.22 25.77 37.02
N ASP A 217 14.19 26.49 38.14
CA ASP A 217 13.55 27.81 38.16
C ASP A 217 14.45 28.81 37.44
N VAL A 218 14.11 29.11 36.19
CA VAL A 218 14.97 29.96 35.39
C VAL A 218 14.74 31.43 35.73
N GLU A 219 13.53 31.81 36.10
CA GLU A 219 13.31 33.21 36.45
C GLU A 219 14.12 33.58 37.68
N ALA A 220 14.16 32.71 38.69
CA ALA A 220 14.98 32.98 39.86
C ALA A 220 16.45 33.13 39.49
N LEU A 221 16.95 32.25 38.62
CA LEU A 221 18.33 32.39 38.19
C LEU A 221 18.55 33.72 37.51
N ASP A 222 17.64 34.12 36.64
CA ASP A 222 17.81 35.40 35.96
C ASP A 222 17.85 36.55 36.94
N LYS A 223 16.96 36.52 37.94
CA LYS A 223 16.91 37.63 38.89
C LYS A 223 18.21 37.75 39.70
N ALA A 224 18.76 36.62 40.14
CA ALA A 224 20.01 36.66 40.88
C ALA A 224 21.16 36.98 39.95
N LEU A 225 21.15 36.40 38.75
CA LEU A 225 22.21 36.65 37.79
C LEU A 225 22.28 38.13 37.42
N ASP A 226 21.15 38.83 37.46
CA ASP A 226 21.15 40.27 37.17
C ASP A 226 21.89 41.06 38.24
N ALA A 227 21.63 40.77 39.51
CA ALA A 227 22.33 41.47 40.57
C ALA A 227 23.80 41.13 40.54
N TYR A 228 24.13 39.87 40.24
CA TYR A 228 25.54 39.49 40.23
C TYR A 228 26.28 40.13 39.06
N ASN A 229 25.66 40.16 37.88
CA ASN A 229 26.28 40.84 36.75
C ASN A 229 26.40 42.33 37.02
N ALA A 230 25.36 42.93 37.64
CA ALA A 230 25.45 44.33 38.00
C ALA A 230 26.60 44.60 38.95
N LYS A 231 26.92 43.64 39.82
CA LYS A 231 28.04 43.82 40.73
C LYS A 231 29.37 43.58 40.03
N THR A 232 29.48 42.52 39.21
CA THR A 232 30.79 42.15 38.68
C THR A 232 31.06 42.71 37.29
N GLY A 233 30.02 42.97 36.51
CA GLY A 233 30.32 43.21 35.12
C GLY A 233 30.81 41.99 34.40
N TYR A 234 30.73 40.79 35.02
CA TYR A 234 31.19 39.58 34.36
C TYR A 234 30.31 39.23 33.17
N ASP A 235 29.11 39.78 33.13
CA ASP A 235 28.25 39.70 31.96
C ASP A 235 27.96 38.23 31.65
N ILE A 236 27.56 37.49 32.68
CA ILE A 236 27.37 36.04 32.55
C ILE A 236 25.95 35.71 32.10
N PRO A 237 25.79 34.82 31.11
CA PRO A 237 24.47 34.54 30.57
C PRO A 237 23.86 33.22 31.00
N ILE A 238 22.62 32.99 30.56
CA ILE A 238 21.86 31.78 30.80
C ILE A 238 21.61 31.10 29.45
N HIS A 239 21.95 29.82 29.33
CA HIS A 239 21.44 29.01 28.22
C HIS A 239 20.54 27.91 28.78
N VAL A 240 19.29 27.84 28.31
CA VAL A 240 18.34 26.86 28.82
C VAL A 240 18.47 25.59 28.02
N ASP A 241 18.82 24.51 28.71
CA ASP A 241 18.68 23.18 28.13
C ASP A 241 17.25 22.76 28.39
N ALA A 242 16.42 22.97 27.38
CA ALA A 242 14.99 22.71 27.46
C ALA A 242 14.60 21.52 26.58
N ALA A 243 15.43 20.47 26.55
CA ALA A 243 15.25 19.36 25.62
C ALA A 243 13.78 18.93 25.47
N SER A 244 13.04 18.85 26.58
CA SER A 244 11.63 18.49 26.60
C SER A 244 10.70 19.69 26.84
N GLY A 245 10.94 20.47 27.91
CA GLY A 245 10.00 21.49 28.35
C GLY A 245 9.72 22.62 27.37
N GLY A 246 10.61 22.84 26.39
CA GLY A 246 10.44 23.90 25.42
C GLY A 246 9.20 23.73 24.56
N PHE A 247 8.64 22.52 24.52
CA PHE A 247 7.40 22.25 23.83
C PHE A 247 6.25 21.94 24.77
N ILE A 248 6.48 22.03 26.07
CA ILE A 248 5.44 21.91 27.07
C ILE A 248 5.09 23.28 27.62
N LEU A 249 6.10 23.99 28.11
CA LEU A 249 5.89 25.27 28.77
C LEU A 249 5.11 26.27 27.95
N PRO A 250 5.40 26.50 26.68
CA PRO A 250 4.67 27.58 25.97
C PRO A 250 3.15 27.37 25.91
N PHE A 251 2.70 26.11 25.92
CA PHE A 251 1.31 25.70 25.73
C PHE A 251 0.55 25.51 27.03
N LEU A 252 1.12 24.76 27.98
CA LEU A 252 0.49 24.44 29.25
C LEU A 252 0.81 25.47 30.33
N TYR A 253 1.94 26.16 30.22
CA TYR A 253 2.35 27.19 31.19
C TYR A 253 2.79 28.44 30.46
N PRO A 254 1.91 29.08 29.70
CA PRO A 254 2.33 30.25 28.91
C PRO A 254 2.81 31.41 29.76
N ASP A 255 2.24 31.62 30.94
CA ASP A 255 2.59 32.73 31.83
C ASP A 255 3.84 32.50 32.68
N THR A 256 4.39 31.27 32.70
CA THR A 256 5.63 31.01 33.44
C THR A 256 6.79 31.54 32.62
N LYS A 257 7.52 32.53 33.15
CA LYS A 257 8.57 33.23 32.41
C LYS A 257 9.89 32.47 32.49
N TRP A 258 10.25 31.79 31.40
CA TRP A 258 11.44 30.95 31.38
C TRP A 258 12.25 31.13 30.11
N ASP A 259 11.78 31.92 29.15
CA ASP A 259 12.30 31.94 27.78
C ASP A 259 12.95 33.27 27.45
N PHE A 260 12.82 33.74 26.21
CA PHE A 260 13.45 35.00 25.87
C PHE A 260 12.80 36.20 26.53
N ARG A 261 11.73 36.01 27.31
CA ARG A 261 11.23 37.11 28.12
C ARG A 261 12.24 37.56 29.17
N LEU A 262 13.21 36.72 29.49
CA LEU A 262 14.17 37.02 30.55
C LEU A 262 15.41 37.66 29.96
N LYS A 263 15.92 38.67 30.67
CA LYS A 263 16.98 39.53 30.13
C LYS A 263 18.22 38.74 29.76
N TRP A 264 18.59 37.75 30.59
CA TRP A 264 19.84 37.03 30.44
C TRP A 264 19.70 35.72 29.68
N VAL A 265 18.48 35.37 29.23
CA VAL A 265 18.29 34.18 28.40
C VAL A 265 18.68 34.57 26.98
N LEU A 266 19.89 34.20 26.57
CA LEU A 266 20.41 34.56 25.25
C LEU A 266 20.34 33.44 24.24
N SER A 267 20.10 32.20 24.69
CA SER A 267 19.84 31.09 23.79
C SER A 267 19.10 30.02 24.55
N ILE A 268 18.29 29.26 23.82
CA ILE A 268 17.49 28.14 24.32
C ILE A 268 17.61 26.99 23.32
N SER A 269 17.66 25.76 23.81
CA SER A 269 17.69 24.60 22.95
C SER A 269 16.64 23.58 23.37
N VAL A 270 16.15 22.81 22.39
CA VAL A 270 15.04 21.88 22.56
C VAL A 270 15.22 20.69 21.62
N SER A 271 14.62 19.57 21.98
CA SER A 271 14.55 18.39 21.12
C SER A 271 13.21 18.41 20.39
N GLY A 272 13.25 18.59 19.07
CA GLY A 272 12.04 18.48 18.30
C GLY A 272 11.42 17.10 18.38
N HIS A 273 12.25 16.06 18.44
CA HIS A 273 11.75 14.68 18.48
C HIS A 273 11.38 14.22 19.87
N LYS A 274 11.26 15.08 20.86
CA LYS A 274 10.82 14.55 22.14
C LYS A 274 9.35 14.86 22.34
N PHE A 275 9.08 16.12 22.67
CA PHE A 275 7.73 16.64 22.84
C PHE A 275 7.36 17.64 21.75
N GLY A 276 8.24 17.84 20.77
CA GLY A 276 7.83 18.47 19.52
C GLY A 276 7.02 17.57 18.60
N LEU A 277 6.93 16.30 18.97
CA LEU A 277 6.03 15.33 18.39
C LEU A 277 6.57 14.82 17.06
N VAL A 278 7.88 14.82 16.83
CA VAL A 278 8.43 14.38 15.56
C VAL A 278 9.29 13.15 15.75
N TYR A 279 9.22 12.21 14.80
CA TYR A 279 10.06 11.01 14.82
C TYR A 279 11.54 11.36 14.96
N PRO A 280 12.38 10.41 15.48
CA PRO A 280 13.81 10.68 15.75
C PRO A 280 14.57 11.45 14.68
N GLY A 281 15.38 12.40 15.12
CA GLY A 281 16.26 13.16 14.23
C GLY A 281 16.01 14.66 14.22
N LEU A 282 15.47 15.22 15.32
CA LEU A 282 15.16 16.65 15.29
C LEU A 282 15.51 17.36 16.60
N GLY A 283 16.27 18.47 16.46
CA GLY A 283 16.49 19.41 17.55
C GLY A 283 16.50 20.83 17.01
N TRP A 284 16.40 21.80 17.93
CA TRP A 284 16.44 23.20 17.56
C TRP A 284 17.24 24.00 18.57
N VAL A 285 17.95 25.01 18.09
CA VAL A 285 18.61 26.02 18.91
C VAL A 285 18.21 27.41 18.44
N CYS A 286 17.99 28.32 19.40
CA CYS A 286 17.66 29.72 19.12
C CYS A 286 18.47 30.67 20.00
N TRP A 287 18.85 31.83 19.45
CA TRP A 287 19.49 32.92 20.18
C TRP A 287 18.52 34.10 20.32
N LYS A 288 18.76 34.91 21.34
CA LYS A 288 17.86 36.04 21.60
C LYS A 288 17.94 37.09 20.49
N GLY A 289 19.06 37.16 19.80
CA GLY A 289 19.23 38.11 18.71
C GLY A 289 20.49 37.77 17.95
N LYS A 290 20.62 38.41 16.79
CA LYS A 290 21.74 38.14 15.89
C LYS A 290 23.08 38.38 16.58
N GLU A 291 23.14 39.34 17.51
CA GLU A 291 24.41 39.68 18.12
C GLU A 291 24.90 38.62 19.09
N TYR A 292 24.06 37.66 19.45
CA TYR A 292 24.44 36.60 20.36
C TYR A 292 24.94 35.36 19.63
N LEU A 293 25.03 35.42 18.31
CA LEU A 293 25.65 34.38 17.51
C LEU A 293 26.96 34.91 16.96
N PRO A 294 28.08 34.30 17.30
CA PRO A 294 29.37 34.83 16.81
C PRO A 294 29.52 34.59 15.32
N GLU A 295 30.06 35.60 14.64
CA GLU A 295 30.30 35.49 13.21
C GLU A 295 31.27 34.36 12.89
N GLU A 296 32.18 34.05 13.81
CA GLU A 296 33.12 32.98 13.56
C GLU A 296 32.46 31.62 13.45
N MET A 297 31.26 31.42 14.01
CA MET A 297 30.65 30.11 13.94
C MET A 297 29.41 30.09 13.07
N SER A 298 29.21 31.08 12.21
CA SER A 298 27.94 31.17 11.50
C SER A 298 28.12 32.07 10.30
N PHE A 299 27.40 31.74 9.22
CA PHE A 299 27.19 32.64 8.10
C PHE A 299 25.76 32.42 7.59
N SER A 300 25.26 33.41 6.84
CA SER A 300 23.93 33.38 6.28
C SER A 300 24.03 33.35 4.76
N VAL A 301 23.10 32.60 4.15
CA VAL A 301 22.88 32.54 2.71
C VAL A 301 21.42 32.88 2.46
N ASN A 302 21.17 33.66 1.40
CA ASN A 302 19.84 34.11 1.05
C ASN A 302 19.21 33.08 0.11
N TYR A 303 18.16 32.45 0.57
CA TYR A 303 17.36 31.55 -0.26
C TYR A 303 15.98 32.18 -0.46
N LEU A 304 15.68 32.53 -1.72
CA LEU A 304 14.40 33.04 -2.22
C LEU A 304 13.88 34.26 -1.48
N GLY A 305 14.72 34.85 -0.65
CA GLY A 305 14.32 35.97 0.19
C GLY A 305 14.67 35.69 1.63
N ALA A 306 14.69 34.42 2.01
CA ALA A 306 14.93 34.03 3.38
C ALA A 306 16.43 34.05 3.69
N ASN A 307 16.82 34.81 4.70
CA ASN A 307 18.17 34.74 5.23
C ASN A 307 18.29 33.52 6.15
N ILE A 308 19.00 32.48 5.70
CA ILE A 308 19.13 31.23 6.44
C ILE A 308 20.57 31.14 6.96
N THR A 309 20.74 31.00 8.28
CA THR A 309 22.06 30.88 8.90
C THR A 309 22.59 29.45 8.72
N GLN A 310 23.91 29.34 8.51
CA GLN A 310 24.59 28.09 8.13
C GLN A 310 25.42 27.46 9.26
N VAL A 311 24.95 27.53 10.48
CA VAL A 311 25.70 27.02 11.62
C VAL A 311 25.28 25.57 11.90
N GLY A 312 26.26 24.70 12.17
CA GLY A 312 25.92 23.33 12.53
C GLY A 312 27.06 22.35 12.61
N LEU A 313 26.93 21.34 13.48
CA LEU A 313 27.89 20.25 13.56
C LEU A 313 27.69 19.26 12.42
N ASN A 314 26.44 18.97 12.11
CA ASN A 314 26.18 18.06 11.03
C ASN A 314 26.25 18.78 9.69
N PHE A 315 26.37 17.98 8.63
CA PHE A 315 26.32 18.51 7.28
C PHE A 315 25.15 17.84 6.58
N SER A 316 25.39 16.86 5.71
CA SER A 316 24.27 16.14 5.08
C SER A 316 23.46 15.37 6.12
N ARG A 317 22.16 15.33 5.93
CA ARG A 317 21.25 14.78 6.93
C ARG A 317 19.87 14.66 6.31
N PRO A 318 18.99 13.86 6.92
CA PRO A 318 17.61 13.79 6.43
C PRO A 318 16.91 15.13 6.57
N ALA A 319 16.11 15.46 5.57
CA ALA A 319 15.24 16.62 5.69
C ALA A 319 13.82 16.25 6.13
N ALA A 320 13.46 14.95 6.08
CA ALA A 320 12.09 14.53 6.35
C ALA A 320 11.56 15.06 7.67
N GLN A 321 12.43 15.22 8.67
CA GLN A 321 11.98 15.70 9.97
C GLN A 321 11.54 17.16 9.93
N ILE A 322 12.01 17.94 8.96
CA ILE A 322 11.52 19.32 8.80
C ILE A 322 10.08 19.31 8.32
N LEU A 323 9.76 18.41 7.38
CA LEU A 323 8.38 18.28 6.93
C LEU A 323 7.47 17.90 8.09
N GLY A 324 7.89 16.94 8.93
CA GLY A 324 7.06 16.51 10.04
C GLY A 324 6.80 17.62 11.03
N GLN A 325 7.84 18.37 11.36
CA GLN A 325 7.68 19.52 12.25
C GLN A 325 6.74 20.54 11.64
N TYR A 326 6.98 20.91 10.38
CA TYR A 326 6.12 21.90 9.75
C TYR A 326 4.70 21.36 9.64
N TYR A 327 4.56 20.09 9.26
CA TYR A 327 3.25 19.47 9.28
C TYR A 327 2.61 19.62 10.64
N GLN A 328 3.34 19.29 11.71
CA GLN A 328 2.74 19.31 13.03
C GLN A 328 2.27 20.70 13.40
N PHE A 329 3.06 21.71 13.04
CA PHE A 329 2.65 23.08 13.32
C PHE A 329 1.34 23.42 12.65
N ILE A 330 1.18 23.03 11.39
CA ILE A 330 0.01 23.40 10.63
C ILE A 330 -1.17 22.52 11.01
N ARG A 331 -0.95 21.20 11.10
CA ARG A 331 -2.00 20.24 11.40
C ARG A 331 -2.58 20.45 12.80
N LEU A 332 -1.74 20.78 13.79
CA LEU A 332 -2.18 20.93 15.18
C LEU A 332 -2.36 22.39 15.59
N GLY A 333 -1.38 23.25 15.32
CA GLY A 333 -1.45 24.62 15.80
C GLY A 333 -1.32 24.66 17.31
N PHE A 334 -1.53 25.85 17.88
CA PHE A 334 -1.36 26.02 19.32
C PHE A 334 -2.38 25.21 20.08
N GLN A 335 -3.66 25.35 19.74
CA GLN A 335 -4.70 24.53 20.36
C GLN A 335 -4.38 23.04 20.19
N GLY A 336 -3.92 22.63 19.01
CA GLY A 336 -3.63 21.24 18.78
C GLY A 336 -2.53 20.71 19.69
N TYR A 337 -1.43 21.45 19.78
CA TYR A 337 -0.34 21.11 20.69
C TYR A 337 -0.80 21.13 22.14
N LYS A 338 -1.59 22.13 22.51
CA LYS A 338 -2.08 22.24 23.87
C LYS A 338 -2.80 20.99 24.32
N GLU A 339 -3.66 20.44 23.47
CA GLU A 339 -4.47 19.29 23.86
C GLU A 339 -3.70 17.98 23.85
N VAL A 340 -2.74 17.83 22.95
CA VAL A 340 -1.95 16.61 22.92
C VAL A 340 -1.08 16.52 24.16
N GLN A 341 -0.38 17.60 24.47
CA GLN A 341 0.41 17.61 25.68
C GLN A 341 -0.47 17.55 26.91
N TYR A 342 -1.66 18.17 26.88
CA TYR A 342 -2.56 18.05 28.01
C TYR A 342 -2.95 16.60 28.25
N ASN A 343 -3.22 15.86 27.18
CA ASN A 343 -3.48 14.44 27.33
C ASN A 343 -2.30 13.76 28.02
N SER A 344 -1.09 14.04 27.55
CA SER A 344 0.08 13.38 28.13
C SER A 344 0.26 13.74 29.58
N LEU A 345 -0.06 14.98 29.95
CA LEU A 345 0.18 15.34 31.35
C LEU A 345 -0.87 14.72 32.25
N GLN A 346 -2.13 14.73 31.85
CA GLN A 346 -3.17 14.09 32.65
C GLN A 346 -2.86 12.62 32.89
N ILE A 347 -2.43 11.90 31.85
CA ILE A 347 -2.15 10.47 32.00
C ILE A 347 -1.00 10.25 32.96
N ALA A 348 0.06 11.06 32.84
CA ALA A 348 1.13 10.95 33.82
C ALA A 348 0.63 11.34 35.20
N LYS A 349 -0.21 12.38 35.29
CA LYS A 349 -0.78 12.76 36.57
C LYS A 349 -1.58 11.62 37.17
N TYR A 350 -2.31 10.91 36.31
CA TYR A 350 -3.08 9.75 36.74
C TYR A 350 -2.19 8.68 37.35
N ILE A 351 -1.15 8.30 36.62
CA ILE A 351 -0.25 7.24 37.09
C ILE A 351 0.47 7.67 38.35
N HIS A 352 1.00 8.89 38.34
CA HIS A 352 1.62 9.48 39.52
C HIS A 352 0.74 9.28 40.75
N GLY A 353 -0.54 9.61 40.62
CA GLY A 353 -1.44 9.42 41.75
C GLY A 353 -1.66 7.96 42.10
N GLU A 354 -1.65 7.07 41.10
CA GLU A 354 -1.87 5.65 41.37
C GLU A 354 -0.64 5.01 41.99
N ILE A 355 0.55 5.51 41.64
CA ILE A 355 1.77 4.97 42.25
C ILE A 355 1.77 5.28 43.74
N ALA A 356 1.30 6.47 44.11
CA ALA A 356 1.34 6.90 45.50
C ALA A 356 0.44 6.06 46.38
N LYS A 357 -0.67 5.54 45.84
CA LYS A 357 -1.61 4.71 46.57
C LYS A 357 -1.04 3.36 46.95
N MET A 358 0.03 2.93 46.29
CA MET A 358 0.62 1.62 46.52
C MET A 358 1.59 1.66 47.70
N ALA A 359 1.51 0.63 48.54
CA ALA A 359 2.26 0.57 49.79
C ALA A 359 3.77 0.70 49.66
N PRO A 360 4.44 0.10 48.67
CA PRO A 360 5.91 0.19 48.65
C PRO A 360 6.47 1.50 48.12
N PHE A 361 5.64 2.39 47.59
CA PHE A 361 6.12 3.47 46.73
C PHE A 361 5.94 4.85 47.35
N VAL A 362 6.88 5.72 47.02
CA VAL A 362 6.77 7.15 47.33
C VAL A 362 7.30 7.94 46.16
N ASN A 363 6.55 8.96 45.75
CA ASN A 363 6.88 9.74 44.58
C ASN A 363 7.94 10.76 44.95
N TYR A 364 8.86 10.97 44.00
CA TYR A 364 9.90 11.98 44.17
C TYR A 364 9.31 13.38 44.33
N SER A 365 8.13 13.61 43.78
CA SER A 365 7.57 14.94 43.79
C SER A 365 6.05 14.84 43.85
N GLU A 366 5.44 15.86 44.40
CA GLU A 366 4.00 16.02 44.38
C GLU A 366 3.55 16.74 43.13
N ASN A 367 4.49 17.11 42.28
CA ASN A 367 4.26 17.86 41.07
C ASN A 367 4.55 17.00 39.86
N VAL A 368 3.61 16.95 38.94
CA VAL A 368 3.89 16.45 37.62
C VAL A 368 3.78 17.68 36.72
N VAL A 369 4.93 18.19 36.26
CA VAL A 369 4.94 19.37 35.42
C VAL A 369 5.29 19.05 33.98
N ASN A 370 5.86 17.88 33.72
CA ASN A 370 6.13 17.39 32.39
C ASN A 370 5.60 15.97 32.38
N PRO A 371 5.28 15.43 31.21
CA PRO A 371 4.68 14.09 31.17
C PRO A 371 5.68 13.00 31.55
N LEU A 372 6.26 13.14 32.74
CA LEU A 372 7.17 12.15 33.29
C LEU A 372 7.39 12.45 34.77
N PHE A 373 7.66 11.40 35.54
CA PHE A 373 7.91 11.53 36.96
C PHE A 373 8.70 10.31 37.38
N ILE A 374 9.25 10.39 38.59
CA ILE A 374 9.99 9.29 39.18
C ILE A 374 9.50 9.05 40.61
N TRP A 375 9.71 7.80 41.06
CA TRP A 375 9.37 7.42 42.43
C TRP A 375 10.38 6.39 42.89
N TYR A 376 10.29 6.03 44.16
CA TYR A 376 11.22 5.08 44.74
C TYR A 376 10.53 4.39 45.91
N LEU A 377 11.21 3.40 46.47
CA LEU A 377 10.60 2.65 47.56
C LEU A 377 10.55 3.48 48.84
N LYS A 378 9.41 3.43 49.53
CA LYS A 378 9.32 4.00 50.85
C LYS A 378 10.46 3.43 51.68
N PRO A 379 11.25 4.25 52.31
CA PRO A 379 12.36 3.71 53.09
C PRO A 379 11.93 2.68 54.13
N GLU A 380 10.79 2.90 54.80
CA GLU A 380 10.32 1.90 55.76
C GLU A 380 10.11 0.55 55.09
N TYR A 381 9.42 0.55 53.95
CA TYR A 381 9.16 -0.70 53.23
C TYR A 381 10.45 -1.31 52.65
N ALA A 382 11.36 -0.47 52.17
CA ALA A 382 12.56 -0.98 51.52
C ALA A 382 13.51 -1.68 52.48
N LYS A 383 13.50 -1.31 53.77
CA LYS A 383 14.40 -1.97 54.72
C LYS A 383 14.06 -3.46 54.84
N SER A 384 12.78 -3.79 54.93
CA SER A 384 12.36 -5.17 55.12
C SER A 384 12.01 -5.89 53.82
N ALA A 385 11.98 -5.19 52.69
CA ALA A 385 11.68 -5.82 51.41
C ALA A 385 12.83 -6.71 50.97
N LYS A 386 12.50 -7.79 50.25
CA LYS A 386 13.51 -8.69 49.70
C LYS A 386 13.91 -8.33 48.27
N TRP A 387 13.35 -7.25 47.73
CA TRP A 387 13.50 -6.87 46.32
C TRP A 387 13.78 -5.38 46.20
N THR A 388 14.25 -5.00 45.02
CA THR A 388 14.50 -3.61 44.64
C THR A 388 13.73 -3.26 43.37
N LEU A 389 13.81 -1.98 42.98
CA LEU A 389 13.17 -1.56 41.74
C LEU A 389 13.83 -2.19 40.52
N TYR A 390 15.10 -2.61 40.62
CA TYR A 390 15.69 -3.38 39.54
C TYR A 390 14.94 -4.67 39.33
N ASP A 391 14.42 -5.26 40.41
CA ASP A 391 13.61 -6.47 40.26
C ASP A 391 12.30 -6.15 39.54
N LEU A 392 11.64 -5.05 39.93
CA LEU A 392 10.38 -4.65 39.29
C LEU A 392 10.58 -4.41 37.80
N GLN A 393 11.67 -3.74 37.42
CA GLN A 393 11.99 -3.56 36.00
C GLN A 393 12.11 -4.90 35.27
N ASP A 394 12.73 -5.89 35.88
CA ASP A 394 12.91 -7.18 35.19
C ASP A 394 11.58 -7.89 34.97
N LYS A 395 10.70 -7.88 35.98
CA LYS A 395 9.42 -8.55 35.84
C LYS A 395 8.57 -7.94 34.73
N LEU A 396 8.60 -6.60 34.61
CA LEU A 396 7.81 -5.95 33.57
C LEU A 396 8.43 -6.18 32.20
N SER A 397 9.74 -6.44 32.15
CA SER A 397 10.36 -6.76 30.86
C SER A 397 9.82 -8.05 30.30
N GLN A 398 9.40 -8.97 31.17
CA GLN A 398 8.79 -10.22 30.72
C GLN A 398 7.44 -9.99 30.09
N HIS A 399 6.88 -8.77 30.25
CA HIS A 399 5.67 -8.35 29.57
C HIS A 399 5.88 -7.30 28.49
N GLY A 400 7.11 -6.99 28.11
CA GLY A 400 7.28 -6.07 27.01
C GLY A 400 7.44 -4.60 27.41
N TRP A 401 7.32 -4.25 28.69
CA TRP A 401 7.56 -2.87 29.05
C TRP A 401 9.05 -2.62 29.24
N MET A 402 9.46 -1.35 29.08
CA MET A 402 10.76 -0.90 29.57
C MET A 402 10.48 0.26 30.51
N VAL A 403 10.62 0.03 31.81
CA VAL A 403 10.45 1.07 32.81
C VAL A 403 11.74 1.08 33.61
N PRO A 404 12.57 2.11 33.48
CA PRO A 404 13.93 2.01 33.99
C PRO A 404 14.01 2.30 35.48
N ALA A 405 14.79 1.47 36.16
CA ALA A 405 15.25 1.76 37.51
C ALA A 405 16.70 2.21 37.40
N TYR A 406 17.05 3.23 38.17
CA TYR A 406 18.38 3.82 38.12
C TYR A 406 18.56 4.67 39.38
N THR A 407 19.81 4.91 39.76
CA THR A 407 20.11 5.78 40.89
C THR A 407 20.17 7.24 40.49
N LEU A 408 19.69 8.10 41.38
CA LEU A 408 19.74 9.53 41.15
C LEU A 408 21.18 10.03 41.25
N PRO A 409 21.46 11.24 40.70
CA PRO A 409 22.82 11.78 40.78
C PRO A 409 23.11 12.44 42.11
N SER A 410 24.21 13.19 42.13
CA SER A 410 24.97 13.39 43.36
C SER A 410 24.15 13.95 44.51
N LYS A 411 24.49 13.40 45.69
CA LYS A 411 23.90 13.53 47.02
C LYS A 411 22.54 12.85 47.09
N LEU A 412 22.06 12.24 46.00
CA LEU A 412 20.93 11.31 46.05
C LEU A 412 21.26 9.98 45.38
N GLU A 413 22.55 9.64 45.22
CA GLU A 413 22.96 8.42 44.53
C GLU A 413 22.64 7.14 45.29
N ASP A 414 22.38 7.21 46.59
CA ASP A 414 21.88 6.02 47.28
C ASP A 414 20.40 5.77 47.02
N TYR A 415 19.75 6.62 46.24
CA TYR A 415 18.33 6.49 45.93
C TYR A 415 18.21 5.80 44.58
N VAL A 416 17.63 4.60 44.58
CA VAL A 416 17.21 3.92 43.35
C VAL A 416 15.79 4.33 43.00
N VAL A 417 15.61 4.97 41.84
CA VAL A 417 14.30 5.42 41.42
C VAL A 417 13.92 4.71 40.13
N MET A 418 12.63 4.80 39.80
CA MET A 418 12.08 4.32 38.55
C MET A 418 11.33 5.47 37.92
N ARG A 419 11.40 5.59 36.60
CA ARG A 419 10.79 6.70 35.90
C ARG A 419 9.79 6.18 34.88
N VAL A 420 8.72 6.93 34.69
CA VAL A 420 7.78 6.60 33.64
C VAL A 420 7.60 7.84 32.77
N VAL A 421 7.85 7.69 31.47
CA VAL A 421 7.66 8.74 30.49
C VAL A 421 6.44 8.41 29.63
N VAL A 422 5.50 9.37 29.57
CA VAL A 422 4.25 9.28 28.83
C VAL A 422 4.40 10.11 27.55
N ARG A 423 4.57 9.45 26.42
CA ARG A 423 4.62 10.14 25.15
C ARG A 423 3.25 10.09 24.47
N GLN A 424 3.11 10.87 23.40
CA GLN A 424 1.91 10.79 22.60
C GLN A 424 1.84 9.41 21.96
N GLY A 425 0.68 8.78 22.08
CA GLY A 425 0.57 7.38 21.71
C GLY A 425 0.54 6.45 22.90
N PHE A 426 0.57 6.99 24.11
CA PHE A 426 0.40 6.24 25.34
C PHE A 426 -0.91 6.69 25.98
N SER A 427 -1.93 5.83 25.93
CA SER A 427 -3.29 6.22 26.32
C SER A 427 -3.57 5.84 27.76
N ARG A 428 -4.68 6.36 28.27
CA ARG A 428 -5.20 5.93 29.56
C ARG A 428 -5.39 4.43 29.60
N ASP A 429 -5.84 3.86 28.49
CA ASP A 429 -6.03 2.42 28.40
C ASP A 429 -4.70 1.69 28.56
N MET A 430 -3.62 2.24 28.02
CA MET A 430 -2.28 1.67 28.21
C MET A 430 -1.76 1.93 29.62
N ALA A 431 -2.14 3.05 30.21
CA ALA A 431 -1.84 3.29 31.61
C ALA A 431 -2.44 2.20 32.49
N ASP A 432 -3.68 1.82 32.21
CA ASP A 432 -4.32 0.76 32.98
C ASP A 432 -3.65 -0.60 32.77
N MET A 433 -3.14 -0.90 31.58
CA MET A 433 -2.38 -2.15 31.46
C MET A 433 -1.14 -2.13 32.34
N LEU A 434 -0.42 -1.01 32.35
CA LEU A 434 0.83 -0.93 33.10
C LEU A 434 0.61 -1.02 34.60
N LEU A 435 -0.35 -0.25 35.13
CA LEU A 435 -0.62 -0.30 36.57
C LEU A 435 -1.00 -1.71 37.03
N GLY A 436 -1.85 -2.39 36.27
CA GLY A 436 -2.18 -3.75 36.63
C GLY A 436 -0.95 -4.64 36.71
N ASP A 437 -0.09 -4.56 35.68
CA ASP A 437 1.09 -5.42 35.63
C ASP A 437 2.01 -5.17 36.80
N ILE A 438 2.06 -3.94 37.29
CA ILE A 438 2.86 -3.60 38.46
C ILE A 438 2.28 -4.25 39.71
N LYS A 439 0.99 -4.04 39.96
CA LYS A 439 0.35 -4.67 41.11
C LYS A 439 0.61 -6.16 41.11
N ASN A 440 0.50 -6.79 39.93
CA ASN A 440 0.76 -8.22 39.84
C ASN A 440 2.22 -8.52 40.15
N ALA A 441 3.13 -7.74 39.57
CA ALA A 441 4.54 -8.03 39.79
C ALA A 441 4.92 -7.77 41.23
N ILE A 442 4.31 -6.76 41.86
CA ILE A 442 4.50 -6.52 43.28
C ILE A 442 4.01 -7.70 44.10
N ALA A 443 2.84 -8.23 43.76
CA ALA A 443 2.32 -9.38 44.48
C ALA A 443 3.27 -10.55 44.36
N GLU A 444 3.85 -10.72 43.18
CA GLU A 444 4.83 -11.79 42.99
C GLU A 444 6.09 -11.55 43.80
N LEU A 445 6.58 -10.30 43.84
CA LEU A 445 7.83 -10.00 44.53
C LEU A 445 7.70 -10.14 46.04
N GLU A 446 6.54 -9.83 46.60
CA GLU A 446 6.34 -9.96 48.03
C GLU A 446 6.20 -11.41 48.48
N LYS A 447 6.07 -12.36 47.55
CA LYS A 447 6.06 -13.76 47.92
C LYS A 447 7.45 -14.32 48.15
N LEU A 448 8.50 -13.54 47.90
CA LEU A 448 9.87 -14.02 47.99
C LEU A 448 10.28 -14.34 49.43
N ASP A 449 11.03 -15.44 49.60
CA ASP A 449 11.58 -15.78 50.90
C ASP A 449 13.00 -15.27 51.08
N PHE A 450 13.69 -15.00 49.99
CA PHE A 450 15.08 -14.58 50.03
C PHE A 450 15.26 -13.30 49.24
N PRO A 451 16.26 -12.50 49.60
CA PRO A 451 16.47 -11.24 48.90
C PRO A 451 17.04 -11.49 47.52
N THR A 452 16.69 -10.61 46.59
CA THR A 452 17.24 -10.67 45.26
C THR A 452 18.70 -10.24 45.32
N PRO A 453 19.46 -10.49 44.26
CA PRO A 453 20.86 -10.03 44.26
C PRO A 453 20.98 -8.51 44.44
N THR A 454 20.15 -7.72 43.74
CA THR A 454 20.16 -6.27 43.91
C THR A 454 19.78 -5.90 45.33
N ARG A 455 18.85 -6.64 45.93
CA ARG A 455 18.51 -6.38 47.33
C ARG A 455 19.68 -6.70 48.23
N MET A 456 20.43 -7.76 47.94
CA MET A 456 21.63 -8.02 48.73
C MET A 456 22.69 -6.98 48.45
N ALA A 457 22.84 -6.58 47.19
CA ALA A 457 23.84 -5.57 46.87
C ALA A 457 23.59 -4.28 47.62
N GLN A 458 22.35 -4.01 48.03
CA GLN A 458 22.11 -2.81 48.81
C GLN A 458 22.38 -2.97 50.30
N GLU A 459 22.59 -4.20 50.80
CA GLU A 459 22.79 -4.40 52.24
C GLU A 459 24.26 -4.28 52.66
N MET B 1 -29.11 19.93 1.17
CA MET B 1 -28.10 19.23 1.95
C MET B 1 -26.82 20.07 2.07
N GLU B 2 -27.00 21.39 2.12
CA GLU B 2 -25.87 22.31 2.21
C GLU B 2 -25.11 22.01 3.50
N ASP B 3 -23.81 21.79 3.37
CA ASP B 3 -22.97 21.58 4.54
C ASP B 3 -22.41 22.94 4.93
N LEU B 4 -22.89 23.43 6.06
CA LEU B 4 -22.63 24.80 6.46
C LEU B 4 -21.18 24.97 6.88
N ASN B 5 -20.50 23.87 7.18
CA ASN B 5 -19.10 23.89 7.60
C ASN B 5 -18.17 23.29 6.56
N PHE B 6 -18.62 23.23 5.31
CA PHE B 6 -17.78 22.61 4.28
C PHE B 6 -16.45 23.33 4.14
N ARG B 7 -16.45 24.66 4.12
CA ARG B 7 -15.21 25.40 3.92
C ARG B 7 -14.35 25.50 5.17
N LYS B 8 -14.93 25.24 6.35
CA LYS B 8 -14.23 25.45 7.61
C LYS B 8 -13.49 24.20 8.10
N GLY B 9 -13.70 23.04 7.49
CA GLY B 9 -12.94 21.85 7.85
C GLY B 9 -13.64 20.77 8.64
N ASP B 10 -14.65 20.14 8.06
CA ASP B 10 -15.37 19.02 8.66
C ASP B 10 -15.07 17.74 7.88
N ALA B 11 -15.91 16.71 8.07
CA ALA B 11 -15.62 15.44 7.40
C ALA B 11 -15.88 15.48 5.90
N LYS B 12 -16.65 16.46 5.42
CA LYS B 12 -16.99 16.55 4.00
C LYS B 12 -16.12 17.53 3.21
N THR B 13 -15.37 18.39 3.90
CA THR B 13 -14.61 19.45 3.26
C THR B 13 -13.64 18.94 2.21
N ASP B 14 -13.63 19.58 1.05
CA ASP B 14 -12.56 19.36 0.09
C ASP B 14 -11.39 20.28 0.38
N VAL B 15 -10.18 19.75 0.24
CA VAL B 15 -8.96 20.46 0.57
C VAL B 15 -8.87 21.80 -0.16
N PHE B 16 -9.09 21.78 -1.47
CA PHE B 16 -8.94 22.97 -2.28
C PHE B 16 -10.26 23.64 -2.54
N GLY B 17 -11.21 23.44 -1.62
CA GLY B 17 -12.41 24.22 -1.51
C GLY B 17 -12.56 24.73 -0.10
N SER B 18 -11.45 24.77 0.63
CA SER B 18 -11.40 25.19 2.03
C SER B 18 -10.87 26.60 2.15
N ASP B 19 -11.23 27.25 3.25
CA ASP B 19 -10.70 28.57 3.55
C ASP B 19 -9.19 28.54 3.74
N ARG B 20 -8.69 27.41 4.26
CA ARG B 20 -7.29 27.31 4.63
C ARG B 20 -6.40 27.44 3.40
N MET B 21 -6.81 26.84 2.29
CA MET B 21 -6.02 26.93 1.07
C MET B 21 -6.19 28.26 0.38
N LEU B 22 -6.92 29.19 0.98
CA LEU B 22 -6.94 30.58 0.56
C LEU B 22 -5.99 31.41 1.37
N GLN B 23 -5.20 30.78 2.23
CA GLN B 23 -4.30 31.41 3.17
C GLN B 23 -2.87 30.95 2.92
N PRO B 24 -1.89 31.78 3.21
CA PRO B 24 -0.49 31.35 3.04
C PRO B 24 -0.05 30.50 4.22
N SER B 25 1.02 29.74 4.01
CA SER B 25 1.54 28.93 5.10
C SER B 25 2.14 29.85 6.17
N PRO B 26 2.21 29.39 7.42
CA PRO B 26 2.75 30.24 8.50
C PRO B 26 4.25 30.52 8.33
N VAL B 27 4.62 31.78 8.56
CA VAL B 27 6.01 32.24 8.42
C VAL B 27 6.65 32.54 9.77
N GLU B 28 5.93 33.23 10.66
CA GLU B 28 6.47 33.71 11.93
C GLU B 28 5.97 32.90 13.13
N ARG B 29 4.65 32.77 13.28
CA ARG B 29 3.99 32.18 14.44
C ARG B 29 3.22 30.92 14.07
N ILE B 30 3.09 30.04 15.05
CA ILE B 30 2.32 28.80 14.86
C ILE B 30 0.85 29.16 14.70
N PRO B 31 0.11 28.48 13.83
CA PRO B 31 -1.31 28.79 13.70
C PRO B 31 -2.02 28.59 15.04
N ASP B 32 -3.03 29.40 15.27
CA ASP B 32 -3.73 29.34 16.55
C ASP B 32 -4.43 28.00 16.73
N GLY B 33 -5.02 27.47 15.66
CA GLY B 33 -5.77 26.24 15.76
C GLY B 33 -5.35 25.21 14.74
N PRO B 34 -6.02 24.07 14.76
CA PRO B 34 -5.63 22.96 13.88
C PRO B 34 -6.36 22.97 12.56
N THR B 35 -5.89 22.11 11.67
CA THR B 35 -6.62 21.76 10.47
C THR B 35 -6.73 20.25 10.42
N THR B 36 -7.34 19.75 9.37
CA THR B 36 -7.37 18.32 9.14
C THR B 36 -6.06 17.84 8.55
N PRO B 37 -5.76 16.56 8.70
CA PRO B 37 -4.48 16.05 8.20
C PRO B 37 -4.30 16.19 6.70
N GLU B 38 -5.39 16.08 5.95
CA GLU B 38 -5.27 16.19 4.51
C GLU B 38 -4.78 17.57 4.10
N VAL B 39 -5.43 18.61 4.59
CA VAL B 39 -5.01 19.97 4.25
C VAL B 39 -3.57 20.17 4.64
N ALA B 40 -3.25 19.82 5.89
CA ALA B 40 -1.92 20.04 6.41
C ALA B 40 -0.91 19.22 5.63
N TYR B 41 -1.30 18.02 5.19
CA TYR B 41 -0.40 17.23 4.38
C TYR B 41 -0.09 17.95 3.08
N GLN B 42 -1.13 18.46 2.43
CA GLN B 42 -0.96 19.14 1.16
C GLN B 42 -0.11 20.40 1.32
N MET B 43 -0.39 21.20 2.34
CA MET B 43 0.33 22.46 2.49
C MET B 43 1.82 22.22 2.59
N VAL B 44 2.24 21.15 3.26
CA VAL B 44 3.66 20.89 3.41
C VAL B 44 4.24 20.28 2.14
N LYS B 45 3.55 19.28 1.59
CA LYS B 45 4.07 18.62 0.40
C LYS B 45 4.17 19.59 -0.78
N ASP B 46 3.14 20.41 -0.97
CA ASP B 46 3.08 21.23 -2.18
C ASP B 46 4.25 22.20 -2.25
N GLU B 47 4.81 22.59 -1.11
CA GLU B 47 5.96 23.47 -1.16
C GLU B 47 7.21 22.78 -1.69
N THR B 48 7.26 21.46 -1.64
CA THR B 48 8.43 20.72 -2.07
C THR B 48 8.44 20.41 -3.55
N PHE B 49 7.36 20.70 -4.27
CA PHE B 49 7.33 20.40 -5.70
C PHE B 49 8.32 21.29 -6.46
N ALA B 50 8.40 22.58 -6.08
CA ALA B 50 9.10 23.61 -6.85
C ALA B 50 10.60 23.67 -6.50
N GLN B 51 11.27 22.56 -6.76
CA GLN B 51 12.68 22.42 -6.52
C GLN B 51 13.16 21.17 -7.24
N THR B 52 14.48 20.97 -7.24
CA THR B 52 15.09 19.91 -8.01
C THR B 52 14.62 18.54 -7.53
N GLN B 53 14.41 17.64 -8.48
CA GLN B 53 14.17 16.24 -8.15
C GLN B 53 15.49 15.57 -7.76
N PRO B 54 15.50 14.81 -6.67
CA PRO B 54 16.77 14.23 -6.22
C PRO B 54 17.47 13.40 -7.28
N ARG B 55 16.74 12.59 -8.04
CA ARG B 55 17.39 11.74 -9.02
C ARG B 55 18.05 12.56 -10.12
N LEU B 56 17.65 13.81 -10.29
CA LEU B 56 18.27 14.72 -11.25
C LEU B 56 19.22 15.68 -10.58
N ASN B 57 19.37 15.56 -9.27
CA ASN B 57 20.29 16.36 -8.47
C ASN B 57 21.68 15.80 -8.70
N LEU B 58 22.43 16.41 -9.63
CA LEU B 58 23.80 15.97 -9.92
C LEU B 58 24.84 16.74 -9.11
N ALA B 59 24.39 17.67 -8.27
CA ALA B 59 25.28 18.35 -7.35
C ALA B 59 25.67 17.43 -6.22
N THR B 60 24.75 16.59 -5.77
CA THR B 60 24.92 15.88 -4.53
C THR B 60 25.71 14.59 -4.75
N PHE B 61 26.43 14.21 -3.70
CA PHE B 61 27.12 12.94 -3.57
C PHE B 61 26.32 11.94 -2.78
N VAL B 62 25.22 12.37 -2.20
CA VAL B 62 24.46 11.65 -1.19
C VAL B 62 23.40 10.79 -1.87
N THR B 63 23.22 9.57 -1.35
CA THR B 63 22.35 8.57 -1.95
C THR B 63 20.93 9.10 -2.16
N THR B 64 20.41 8.93 -3.39
CA THR B 64 19.04 9.29 -3.75
C THR B 64 18.20 8.10 -4.23
N TYR B 65 18.77 6.89 -4.27
CA TYR B 65 18.04 5.68 -4.64
C TYR B 65 18.42 4.52 -3.73
N MET B 66 17.42 3.81 -3.21
CA MET B 66 17.58 2.50 -2.61
C MET B 66 16.47 1.59 -3.13
N ASP B 67 16.68 0.28 -3.09
CA ASP B 67 15.69 -0.61 -3.68
C ASP B 67 14.43 -0.63 -2.80
N ASP B 68 13.43 -1.40 -3.25
CA ASP B 68 12.13 -1.37 -2.59
C ASP B 68 12.14 -2.04 -1.22
N TYR B 69 12.94 -3.10 -1.04
CA TYR B 69 12.99 -3.74 0.27
C TYR B 69 13.77 -2.88 1.27
N ALA B 70 14.88 -2.29 0.81
CA ALA B 70 15.65 -1.39 1.67
C ALA B 70 14.81 -0.21 2.13
N THR B 71 13.95 0.33 1.24
CA THR B 71 13.12 1.46 1.63
C THR B 71 12.10 1.05 2.68
N LYS B 72 11.43 -0.08 2.46
CA LYS B 72 10.43 -0.61 3.39
C LYS B 72 11.04 -0.87 4.77
N LEU B 73 12.18 -1.57 4.80
CA LEU B 73 12.89 -1.81 6.06
C LEU B 73 13.10 -0.51 6.84
N MET B 74 13.69 0.49 6.18
CA MET B 74 14.00 1.74 6.87
C MET B 74 12.73 2.51 7.21
N ASN B 75 11.75 2.57 6.27
CA ASN B 75 10.49 3.27 6.56
C ASN B 75 9.77 2.67 7.77
N GLU B 76 9.78 1.34 7.91
CA GLU B 76 9.14 0.73 9.06
C GLU B 76 9.85 1.06 10.37
N ALA B 77 11.12 1.44 10.30
CA ALA B 77 11.96 1.81 11.45
C ALA B 77 11.94 3.31 11.74
N ILE B 78 10.92 4.03 11.29
CA ILE B 78 10.94 5.48 11.41
C ILE B 78 10.96 5.89 12.88
N ASN B 79 10.42 5.05 13.76
CA ASN B 79 10.16 5.42 15.14
C ASN B 79 11.11 4.78 16.14
N ILE B 80 12.32 4.42 15.71
CA ILE B 80 13.25 3.68 16.54
C ILE B 80 14.41 4.62 16.88
N ASN B 81 14.53 4.96 18.16
CA ASN B 81 15.58 5.84 18.64
C ASN B 81 16.83 5.00 18.91
N TYR B 82 17.83 5.13 18.04
CA TYR B 82 19.02 4.30 18.15
C TYR B 82 19.63 4.36 19.54
N ILE B 83 19.71 5.56 20.11
CA ILE B 83 20.49 5.71 21.35
C ILE B 83 19.94 4.84 22.47
N ASP B 84 18.68 4.41 22.39
CA ASP B 84 18.08 3.51 23.38
C ASP B 84 18.59 2.08 23.18
N GLU B 85 19.89 1.91 23.44
CA GLU B 85 20.57 0.64 23.17
C GLU B 85 20.16 -0.43 24.15
N THR B 86 19.84 -0.04 25.39
CA THR B 86 19.31 -0.98 26.35
C THR B 86 17.93 -1.50 25.91
N GLU B 87 17.12 -0.64 25.31
CA GLU B 87 15.78 -1.01 24.88
C GLU B 87 15.83 -1.75 23.56
N TYR B 88 16.77 -1.35 22.69
CA TYR B 88 16.94 -1.95 21.37
C TYR B 88 18.37 -2.48 21.23
N PRO B 89 18.68 -3.56 21.93
CA PRO B 89 20.07 -4.06 21.90
C PRO B 89 20.44 -4.79 20.63
N ARG B 90 19.48 -5.32 19.89
CA ARG B 90 19.86 -6.03 18.68
C ARG B 90 20.37 -5.06 17.64
N ILE B 91 19.82 -3.86 17.65
CA ILE B 91 20.33 -2.79 16.79
C ILE B 91 21.67 -2.30 17.31
N ALA B 92 21.83 -2.24 18.63
CA ALA B 92 23.13 -1.92 19.20
C ALA B 92 24.18 -2.90 18.73
N VAL B 93 23.82 -4.19 18.68
CA VAL B 93 24.75 -5.20 18.19
C VAL B 93 24.98 -5.05 16.69
N MET B 94 23.90 -4.79 15.96
CA MET B 94 23.99 -4.62 14.51
C MET B 94 24.92 -3.46 14.13
N ASN B 95 24.77 -2.32 14.80
CA ASN B 95 25.64 -1.18 14.51
C ASN B 95 27.11 -1.55 14.66
N GLY B 96 27.46 -2.27 15.73
CA GLY B 96 28.83 -2.74 15.90
C GLY B 96 29.27 -3.71 14.82
N LYS B 97 28.33 -4.48 14.28
CA LYS B 97 28.68 -5.39 13.20
C LYS B 97 28.95 -4.62 11.90
N CYS B 98 28.28 -3.48 11.70
CA CYS B 98 28.58 -2.62 10.57
C CYS B 98 29.97 -2.06 10.69
N ILE B 99 30.32 -1.59 11.89
CA ILE B 99 31.63 -1.02 12.17
C ILE B 99 32.71 -2.07 11.94
N ASN B 100 32.47 -3.30 12.39
CA ASN B 100 33.43 -4.36 12.14
C ASN B 100 33.67 -4.52 10.64
N ILE B 101 32.59 -4.58 9.87
CA ILE B 101 32.66 -4.85 8.44
C ILE B 101 33.38 -3.74 7.72
N VAL B 102 33.06 -2.50 8.08
CA VAL B 102 33.70 -1.34 7.48
C VAL B 102 35.18 -1.33 7.80
N ALA B 103 35.53 -1.46 9.08
CA ALA B 103 36.94 -1.43 9.45
C ALA B 103 37.72 -2.54 8.77
N ASN B 104 37.07 -3.71 8.58
CA ASN B 104 37.69 -4.81 7.85
C ASN B 104 37.79 -4.47 6.37
N LEU B 105 36.84 -3.70 5.85
CA LEU B 105 37.00 -3.19 4.50
C LEU B 105 38.26 -2.35 4.38
N TRP B 106 38.64 -1.68 5.45
CA TRP B 106 39.81 -0.84 5.48
C TRP B 106 41.04 -1.56 6.01
N ASN B 107 40.99 -2.89 6.05
CA ASN B 107 42.13 -3.74 6.44
C ASN B 107 42.67 -3.38 7.83
N SER B 108 41.76 -3.19 8.78
CA SER B 108 42.16 -2.91 10.15
C SER B 108 42.94 -4.09 10.72
N PRO B 109 44.06 -3.85 11.41
CA PRO B 109 44.80 -4.94 12.05
C PRO B 109 44.33 -5.22 13.45
N GLU B 110 43.38 -4.43 13.94
CA GLU B 110 42.84 -4.65 15.27
C GLU B 110 42.41 -6.10 15.39
N LYS B 111 42.74 -6.71 16.50
CA LYS B 111 42.46 -8.13 16.63
C LYS B 111 41.20 -8.40 17.42
N ASP B 112 40.60 -7.35 18.00
CA ASP B 112 39.32 -7.50 18.69
C ASP B 112 38.24 -7.98 17.76
N THR B 113 37.31 -8.72 18.33
CA THR B 113 36.10 -9.04 17.59
C THR B 113 35.28 -7.79 17.35
N TRP B 114 35.16 -6.93 18.38
CA TRP B 114 34.38 -5.70 18.27
C TRP B 114 35.32 -4.56 17.94
N LYS B 115 35.36 -4.21 16.67
CA LYS B 115 36.32 -3.23 16.20
C LYS B 115 36.00 -1.85 16.78
N THR B 116 37.01 -0.97 16.79
CA THR B 116 36.89 0.35 17.42
C THR B 116 36.43 1.40 16.42
N GLY B 117 35.22 1.92 16.63
CA GLY B 117 34.65 2.90 15.72
C GLY B 117 33.42 3.53 16.33
N ALA B 118 32.76 4.37 15.53
CA ALA B 118 31.55 5.04 16.00
C ALA B 118 30.62 5.31 14.82
N LEU B 119 29.32 5.31 15.13
CA LEU B 119 28.27 5.72 14.20
C LEU B 119 28.26 7.26 14.09
N ALA B 120 27.93 7.76 12.89
CA ALA B 120 27.88 9.19 12.64
C ALA B 120 26.72 9.51 11.71
N ILE B 121 26.28 10.78 11.75
CA ILE B 121 25.23 11.24 10.85
C ILE B 121 25.76 11.42 9.43
N GLY B 122 27.03 11.73 9.29
CA GLY B 122 27.64 11.89 7.99
C GLY B 122 29.13 12.01 8.20
N SER B 123 29.83 12.40 7.14
CA SER B 123 31.27 12.62 7.31
C SER B 123 31.57 13.78 8.24
N SER B 124 30.62 14.71 8.38
CA SER B 124 30.82 15.86 9.26
C SER B 124 31.15 15.40 10.67
N GLU B 125 30.23 14.67 11.28
CA GLU B 125 30.47 14.15 12.63
C GLU B 125 31.62 13.16 12.65
N ALA B 126 31.64 12.23 11.68
CA ALA B 126 32.72 11.26 11.61
C ALA B 126 34.06 11.97 11.54
N CYS B 127 34.17 12.98 10.69
CA CYS B 127 35.42 13.72 10.63
C CYS B 127 35.70 14.41 11.95
N MET B 128 34.69 15.07 12.51
CA MET B 128 34.89 15.78 13.78
C MET B 128 35.31 14.84 14.89
N LEU B 129 34.78 13.60 14.91
CA LEU B 129 35.16 12.68 15.98
C LEU B 129 36.61 12.26 15.88
N GLY B 130 37.07 11.94 14.67
CA GLY B 130 38.49 11.64 14.52
C GLY B 130 39.40 12.81 14.86
N GLY B 131 38.99 14.02 14.49
CA GLY B 131 39.85 15.18 14.73
C GLY B 131 40.06 15.47 16.20
N VAL B 132 39.00 15.33 17.00
CA VAL B 132 39.13 15.56 18.43
C VAL B 132 39.96 14.46 19.06
N ALA B 133 39.81 13.22 18.59
CA ALA B 133 40.66 12.14 19.09
C ALA B 133 42.13 12.46 18.84
N ALA B 134 42.45 12.94 17.63
CA ALA B 134 43.82 13.33 17.31
C ALA B 134 44.26 14.55 18.13
N TRP B 135 43.35 15.50 18.36
CA TRP B 135 43.65 16.63 19.23
C TRP B 135 44.02 16.14 20.62
N LEU B 136 43.22 15.22 21.17
CA LEU B 136 43.43 14.72 22.52
C LEU B 136 44.66 13.82 22.61
N ARG B 137 44.93 13.02 21.58
CA ARG B 137 46.16 12.23 21.62
C ARG B 137 47.38 13.13 21.67
N TRP B 138 47.35 14.22 20.92
CA TRP B 138 48.48 15.13 20.90
C TRP B 138 48.62 15.87 22.23
N ARG B 139 47.50 16.33 22.82
CA ARG B 139 47.56 17.00 24.12
C ARG B 139 48.25 16.13 25.17
N LYS B 140 47.93 14.83 25.17
CA LYS B 140 48.48 13.92 26.18
C LYS B 140 49.94 13.62 25.92
N LYS B 141 50.35 13.50 24.66
CA LYS B 141 51.78 13.37 24.40
C LYS B 141 52.54 14.61 24.87
N ARG B 142 52.10 15.80 24.44
CA ARG B 142 52.84 17.00 24.77
C ARG B 142 52.86 17.23 26.27
N GLN B 143 51.73 16.99 26.93
CA GLN B 143 51.68 17.08 28.38
C GLN B 143 52.69 16.14 29.02
N ALA B 144 52.72 14.89 28.56
CA ALA B 144 53.63 13.90 29.10
C ALA B 144 55.09 14.26 28.91
N GLN B 145 55.40 15.03 27.88
CA GLN B 145 56.78 15.37 27.62
C GLN B 145 57.21 16.69 28.23
N GLY B 146 56.33 17.39 28.95
CA GLY B 146 56.61 18.73 29.40
C GLY B 146 56.55 19.78 28.32
N LYS B 147 56.17 19.43 27.10
CA LYS B 147 55.96 20.41 26.04
C LYS B 147 54.60 21.07 26.23
N PRO B 148 54.40 22.27 25.68
CA PRO B 148 53.09 22.91 25.77
C PRO B 148 52.13 22.30 24.75
N PHE B 149 50.85 22.64 24.92
CA PHE B 149 49.83 22.03 24.08
C PHE B 149 48.66 23.00 23.90
N ASP B 150 48.95 24.28 23.73
CA ASP B 150 47.90 25.28 23.69
C ASP B 150 47.66 25.91 22.32
N LYS B 151 48.45 25.57 21.32
CA LYS B 151 48.35 26.20 20.00
C LYS B 151 48.35 25.11 18.95
N PRO B 152 47.29 24.31 18.90
CA PRO B 152 47.27 23.19 17.96
C PRO B 152 46.98 23.63 16.55
N ASN B 153 47.52 22.87 15.61
CA ASN B 153 47.23 23.05 14.20
C ASN B 153 47.10 21.68 13.56
N PHE B 154 46.51 21.66 12.37
CA PHE B 154 46.49 20.50 11.49
C PHE B 154 46.62 21.01 10.05
N VAL B 155 46.94 20.08 9.13
CA VAL B 155 47.26 20.41 7.75
C VAL B 155 46.31 19.65 6.80
N ILE B 156 45.85 20.34 5.75
CA ILE B 156 44.84 19.80 4.82
C ILE B 156 44.99 20.54 3.49
N SER B 157 44.50 19.93 2.42
CA SER B 157 44.46 20.63 1.14
C SER B 157 43.34 21.70 1.13
N THR B 158 43.53 22.75 0.32
CA THR B 158 42.49 23.76 0.18
C THR B 158 41.21 23.16 -0.37
N GLY B 159 41.31 22.01 -1.03
CA GLY B 159 40.13 21.34 -1.54
C GLY B 159 39.35 20.60 -0.47
N PHE B 160 39.34 21.17 0.73
CA PHE B 160 38.67 20.58 1.87
C PHE B 160 37.16 20.78 1.77
N GLN B 161 36.43 19.85 2.36
CA GLN B 161 35.00 20.00 2.53
C GLN B 161 34.77 20.84 3.77
N VAL B 162 33.68 21.62 3.76
CA VAL B 162 33.50 22.66 4.76
C VAL B 162 33.53 22.15 6.21
N VAL B 163 33.44 20.83 6.43
CA VAL B 163 33.40 20.33 7.81
C VAL B 163 34.67 20.71 8.58
N TRP B 164 35.82 20.72 7.89
CA TRP B 164 37.09 21.04 8.53
C TRP B 164 37.20 22.51 8.87
N GLU B 165 36.45 23.36 8.18
CA GLU B 165 36.34 24.75 8.58
C GLU B 165 35.48 24.88 9.83
N LYS B 166 34.38 24.14 9.89
CA LYS B 166 33.61 24.02 11.13
C LYS B 166 34.49 23.48 12.25
N PHE B 167 35.23 22.40 11.97
CA PHE B 167 36.12 21.85 12.98
C PHE B 167 37.08 22.89 13.54
N ALA B 168 37.82 23.58 12.66
CA ALA B 168 38.76 24.60 13.11
C ALA B 168 38.05 25.71 13.87
N GLN B 169 36.90 26.15 13.39
CA GLN B 169 36.22 27.26 14.06
C GLN B 169 35.60 26.83 15.39
N LEU B 170 35.00 25.64 15.45
CA LEU B 170 34.28 25.28 16.67
C LEU B 170 35.19 24.77 17.79
N TRP B 171 36.41 24.31 17.48
CA TRP B 171 37.35 23.95 18.53
C TRP B 171 38.50 24.94 18.64
N GLN B 172 38.48 26.03 17.85
CA GLN B 172 39.53 27.05 17.83
C GLN B 172 40.90 26.41 17.61
N ILE B 173 41.00 25.64 16.53
CA ILE B 173 42.23 24.96 16.15
C ILE B 173 42.70 25.53 14.82
N GLU B 174 44.00 25.75 14.67
CA GLU B 174 44.51 26.38 13.47
C GLU B 174 44.51 25.40 12.29
N MET B 175 43.98 25.86 11.15
CA MET B 175 43.98 25.06 9.93
C MET B 175 45.05 25.55 8.97
N ARG B 176 45.90 24.63 8.51
CA ARG B 176 46.94 24.92 7.53
C ARG B 176 46.59 24.25 6.20
N GLU B 177 46.44 25.07 5.15
CA GLU B 177 45.94 24.64 3.86
C GLU B 177 47.03 24.63 2.80
N VAL B 178 47.16 23.53 2.07
CA VAL B 178 48.10 23.41 0.94
C VAL B 178 47.36 23.71 -0.35
N PRO B 179 47.77 24.71 -1.11
CA PRO B 179 46.98 25.11 -2.27
C PRO B 179 47.08 24.12 -3.42
N LEU B 180 46.12 24.24 -4.32
CA LEU B 180 46.04 23.45 -5.53
C LEU B 180 46.53 24.26 -6.71
N THR B 181 47.22 23.60 -7.63
CA THR B 181 47.60 24.19 -8.90
C THR B 181 47.32 23.16 -9.97
N LEU B 182 47.50 23.56 -11.22
CA LEU B 182 47.35 22.58 -12.29
C LEU B 182 48.52 21.60 -12.27
N GLU B 183 49.69 22.04 -11.79
CA GLU B 183 50.81 21.13 -11.67
C GLU B 183 50.64 20.18 -10.50
N LYS B 184 50.07 20.66 -9.38
CA LYS B 184 49.83 19.84 -8.20
C LYS B 184 48.32 19.90 -7.96
N THR B 185 47.61 18.93 -8.53
CA THR B 185 46.15 18.87 -8.52
C THR B 185 45.57 18.20 -7.29
N THR B 186 46.38 17.53 -6.49
CA THR B 186 45.91 16.99 -5.23
C THR B 186 46.89 17.43 -4.17
N LEU B 187 46.68 16.95 -2.94
CA LEU B 187 47.55 17.35 -1.85
C LEU B 187 48.98 16.93 -2.17
N ASP B 188 49.90 17.90 -2.28
CA ASP B 188 51.31 17.58 -2.47
C ASP B 188 51.98 17.27 -1.14
N PRO B 189 52.56 16.08 -0.97
CA PRO B 189 53.12 15.70 0.34
C PRO B 189 54.22 16.62 0.82
N GLU B 190 55.13 17.01 -0.08
CA GLU B 190 56.28 17.82 0.32
C GLU B 190 55.79 19.12 0.94
N GLU B 191 54.87 19.78 0.26
CA GLU B 191 54.33 21.04 0.76
C GLU B 191 53.53 20.82 2.03
N ALA B 192 52.81 19.68 2.11
CA ALA B 192 52.06 19.36 3.30
C ALA B 192 52.97 19.19 4.51
N LEU B 193 54.12 18.53 4.33
CA LEU B 193 55.05 18.35 5.46
C LEU B 193 55.69 19.64 5.90
N LYS B 194 55.88 20.58 4.98
CA LYS B 194 56.43 21.88 5.34
C LYS B 194 55.55 22.63 6.32
N MET B 195 54.29 22.25 6.46
CA MET B 195 53.43 22.95 7.37
C MET B 195 53.34 22.29 8.73
N CYS B 196 54.07 21.20 8.95
CA CYS B 196 53.99 20.49 10.20
C CYS B 196 54.99 21.05 11.20
N ASP B 197 54.63 20.99 12.47
CA ASP B 197 55.52 21.37 13.54
C ASP B 197 55.09 20.60 14.77
N GLU B 198 55.62 20.96 15.93
CA GLU B 198 55.29 20.21 17.14
C GLU B 198 53.80 20.25 17.47
N ASN B 199 53.05 21.20 16.90
CA ASN B 199 51.67 21.43 17.27
C ASN B 199 50.70 20.85 16.26
N THR B 200 51.21 20.16 15.26
CA THR B 200 50.36 19.61 14.22
C THR B 200 49.75 18.35 14.75
N ILE B 201 48.43 18.36 14.90
CA ILE B 201 47.78 17.24 15.54
C ILE B 201 47.50 16.12 14.55
N CYS B 202 47.43 16.41 13.25
CA CYS B 202 47.24 15.38 12.23
C CYS B 202 47.20 16.02 10.85
N VAL B 203 47.36 15.18 9.84
CA VAL B 203 47.19 15.55 8.44
C VAL B 203 46.01 14.79 7.83
N VAL B 204 45.23 15.47 6.99
CA VAL B 204 43.96 14.95 6.45
C VAL B 204 44.02 14.84 4.93
N PRO B 205 44.48 13.73 4.38
CA PRO B 205 44.28 13.49 2.96
C PRO B 205 42.82 13.14 2.72
N ILE B 206 42.35 13.41 1.50
CA ILE B 206 40.96 13.27 1.15
C ILE B 206 40.87 12.27 0.00
N GLN B 207 40.00 11.25 0.15
CA GLN B 207 39.68 10.33 -0.92
C GLN B 207 38.29 10.68 -1.47
N GLY B 208 38.23 11.24 -2.66
CA GLY B 208 37.01 11.77 -3.19
C GLY B 208 36.81 13.23 -2.86
N VAL B 209 37.75 14.07 -3.32
CA VAL B 209 37.71 15.51 -3.11
C VAL B 209 36.46 16.10 -3.77
N THR B 210 35.66 16.82 -2.99
CA THR B 210 34.38 17.28 -3.55
C THR B 210 34.57 18.26 -4.70
N TRP B 211 35.63 19.06 -4.68
CA TRP B 211 35.82 20.07 -5.73
C TRP B 211 36.23 19.47 -7.07
N THR B 212 37.01 18.39 -7.03
CA THR B 212 37.67 17.85 -8.21
C THR B 212 37.30 16.42 -8.52
N GLY B 213 36.96 15.63 -7.51
CA GLY B 213 36.69 14.23 -7.68
C GLY B 213 37.91 13.34 -7.62
N LEU B 214 39.04 13.84 -7.16
CA LEU B 214 40.26 13.04 -7.17
C LEU B 214 40.61 12.59 -5.77
N ASN B 215 41.64 11.76 -5.68
CA ASN B 215 42.08 11.22 -4.41
C ASN B 215 43.47 11.74 -4.11
N ASP B 216 43.61 12.38 -2.96
CA ASP B 216 44.94 12.67 -2.44
C ASP B 216 45.70 11.37 -2.31
N ASP B 217 46.96 11.40 -2.73
CA ASP B 217 47.87 10.25 -2.63
C ASP B 217 48.27 10.10 -1.17
N VAL B 218 47.68 9.12 -0.50
CA VAL B 218 47.96 8.90 0.92
C VAL B 218 49.25 8.11 1.11
N GLU B 219 49.61 7.21 0.19
CA GLU B 219 50.85 6.47 0.37
C GLU B 219 52.07 7.38 0.33
N ALA B 220 52.11 8.30 -0.62
CA ALA B 220 53.20 9.26 -0.67
C ALA B 220 53.23 10.10 0.60
N LEU B 221 52.05 10.48 1.11
CA LEU B 221 51.97 11.24 2.35
C LEU B 221 52.46 10.42 3.55
N ASP B 222 52.07 9.15 3.64
CA ASP B 222 52.51 8.33 4.77
C ASP B 222 54.03 8.14 4.80
N LYS B 223 54.64 7.91 3.63
CA LYS B 223 56.08 7.67 3.56
C LYS B 223 56.88 8.90 4.00
N ALA B 224 56.44 10.11 3.63
CA ALA B 224 57.15 11.32 4.02
C ALA B 224 56.95 11.63 5.50
N LEU B 225 55.71 11.48 5.98
CA LEU B 225 55.40 11.68 7.39
C LEU B 225 56.16 10.70 8.26
N ASP B 226 56.40 9.49 7.74
CA ASP B 226 57.21 8.51 8.44
C ASP B 226 58.62 9.04 8.61
N ALA B 227 59.18 9.56 7.53
CA ALA B 227 60.53 10.11 7.59
C ALA B 227 60.56 11.34 8.47
N TYR B 228 59.54 12.17 8.40
CA TYR B 228 59.52 13.37 9.24
C TYR B 228 59.34 13.01 10.70
N ASN B 229 58.49 12.02 11.00
CA ASN B 229 58.34 11.60 12.40
C ASN B 229 59.66 11.02 12.91
N ALA B 230 60.37 10.27 12.06
CA ALA B 230 61.69 9.78 12.41
C ALA B 230 62.69 10.92 12.63
N LYS B 231 62.50 12.04 11.94
CA LYS B 231 63.38 13.16 12.14
C LYS B 231 63.09 13.81 13.48
N THR B 232 61.82 14.04 13.78
CA THR B 232 61.45 14.80 14.97
C THR B 232 61.00 13.96 16.12
N GLY B 233 60.42 12.79 15.86
CA GLY B 233 59.68 12.09 16.89
C GLY B 233 58.37 12.76 17.26
N TYR B 234 57.94 13.77 16.49
CA TYR B 234 56.69 14.47 16.79
C TYR B 234 55.50 13.55 16.65
N ASP B 235 55.67 12.43 15.94
CA ASP B 235 54.68 11.36 15.88
C ASP B 235 53.33 11.86 15.35
N ILE B 236 53.37 12.55 14.21
CA ILE B 236 52.16 13.20 13.68
C ILE B 236 51.37 12.18 12.85
N PRO B 237 50.09 12.09 13.03
CA PRO B 237 49.31 11.04 12.38
C PRO B 237 48.50 11.51 11.18
N ILE B 238 47.83 10.54 10.57
CA ILE B 238 46.96 10.76 9.43
C ILE B 238 45.53 10.35 9.79
N HIS B 239 44.58 11.25 9.56
CA HIS B 239 43.16 10.90 9.53
C HIS B 239 42.71 10.99 8.07
N VAL B 240 42.23 9.88 7.52
CA VAL B 240 41.83 9.88 6.12
C VAL B 240 40.36 10.31 6.07
N ASP B 241 40.12 11.47 5.46
CA ASP B 241 38.76 11.88 5.12
C ASP B 241 38.43 11.24 3.79
N ALA B 242 37.78 10.08 3.86
CA ALA B 242 37.44 9.30 2.69
C ALA B 242 35.93 9.35 2.44
N ALA B 243 35.33 10.53 2.61
CA ALA B 243 33.88 10.70 2.56
C ALA B 243 33.24 9.92 1.41
N SER B 244 33.85 9.98 0.23
CA SER B 244 33.36 9.23 -0.92
C SER B 244 34.21 8.00 -1.20
N GLY B 245 35.52 8.17 -1.28
CA GLY B 245 36.43 7.11 -1.71
C GLY B 245 36.44 5.87 -0.83
N GLY B 246 36.00 5.99 0.42
CA GLY B 246 36.04 4.85 1.33
C GLY B 246 35.15 3.68 0.93
N PHE B 247 34.12 3.92 0.12
CA PHE B 247 33.27 2.87 -0.39
C PHE B 247 33.52 2.57 -1.87
N ILE B 248 34.56 3.16 -2.44
CA ILE B 248 34.99 2.96 -3.82
C ILE B 248 36.24 2.10 -3.86
N LEU B 249 37.28 2.56 -3.16
CA LEU B 249 38.60 1.95 -3.19
C LEU B 249 38.61 0.47 -2.85
N PRO B 250 37.98 0.00 -1.77
CA PRO B 250 38.13 -1.42 -1.45
C PRO B 250 37.68 -2.31 -2.57
N PHE B 251 36.69 -1.87 -3.35
CA PHE B 251 36.08 -2.68 -4.39
C PHE B 251 36.74 -2.45 -5.75
N LEU B 252 36.90 -1.21 -6.17
CA LEU B 252 37.44 -1.03 -7.50
C LEU B 252 38.95 -0.98 -7.52
N TYR B 253 39.57 -0.52 -6.44
CA TYR B 253 41.02 -0.36 -6.36
C TYR B 253 41.54 -1.02 -5.08
N PRO B 254 41.40 -2.33 -4.96
CA PRO B 254 41.86 -3.00 -3.74
C PRO B 254 43.36 -2.89 -3.54
N ASP B 255 44.13 -2.86 -4.63
CA ASP B 255 45.58 -2.79 -4.56
C ASP B 255 46.11 -1.41 -4.23
N THR B 256 45.24 -0.42 -4.21
CA THR B 256 45.67 0.93 -3.86
C THR B 256 45.89 1.02 -2.35
N LYS B 257 47.13 1.33 -1.93
CA LYS B 257 47.47 1.39 -0.51
C LYS B 257 47.06 2.77 0.00
N TRP B 258 45.96 2.82 0.76
CA TRP B 258 45.42 4.07 1.26
C TRP B 258 44.85 3.99 2.68
N ASP B 259 44.77 2.81 3.31
CA ASP B 259 43.92 2.63 4.48
C ASP B 259 44.67 2.28 5.75
N PHE B 260 44.11 1.39 6.58
CA PHE B 260 44.81 0.94 7.78
C PHE B 260 46.03 0.06 7.48
N ARG B 261 46.31 -0.28 6.22
CA ARG B 261 47.59 -0.90 5.88
C ARG B 261 48.76 0.07 6.09
N LEU B 262 48.48 1.37 6.11
CA LEU B 262 49.55 2.35 6.21
C LEU B 262 49.81 2.66 7.68
N LYS B 263 51.10 2.81 7.99
CA LYS B 263 51.56 2.88 9.38
C LYS B 263 50.91 4.03 10.15
N TRP B 264 50.84 5.20 9.54
CA TRP B 264 50.45 6.41 10.25
C TRP B 264 48.99 6.73 10.06
N VAL B 265 48.26 5.94 9.27
CA VAL B 265 46.81 6.10 9.13
C VAL B 265 46.20 5.44 10.35
N LEU B 266 45.80 6.25 11.31
CA LEU B 266 45.25 5.77 12.57
C LEU B 266 43.73 5.89 12.64
N SER B 267 43.12 6.60 11.70
CA SER B 267 41.67 6.68 11.72
C SER B 267 41.17 7.05 10.33
N ILE B 268 40.00 6.57 10.00
CA ILE B 268 39.39 6.81 8.70
C ILE B 268 37.94 7.19 8.94
N SER B 269 37.45 8.11 8.12
CA SER B 269 36.06 8.53 8.14
C SER B 269 35.49 8.44 6.73
N VAL B 270 34.20 8.09 6.64
CA VAL B 270 33.47 7.89 5.39
C VAL B 270 32.00 8.22 5.62
N SER B 271 31.32 8.61 4.56
CA SER B 271 29.86 8.86 4.59
C SER B 271 29.13 7.63 4.07
N GLY B 272 28.43 6.93 4.96
CA GLY B 272 27.59 5.85 4.48
C GLY B 272 26.51 6.34 3.53
N HIS B 273 26.00 7.55 3.75
CA HIS B 273 24.93 8.04 2.90
C HIS B 273 25.43 8.59 1.57
N LYS B 274 26.68 8.37 1.19
CA LYS B 274 27.10 8.83 -0.12
C LYS B 274 27.20 7.67 -1.10
N PHE B 275 28.27 6.91 -1.00
CA PHE B 275 28.52 5.71 -1.80
C PHE B 275 28.48 4.43 -0.98
N GLY B 276 28.16 4.52 0.31
CA GLY B 276 27.78 3.35 1.07
C GLY B 276 26.40 2.84 0.74
N LEU B 277 25.67 3.62 -0.05
CA LEU B 277 24.42 3.25 -0.70
C LEU B 277 23.25 3.32 0.28
N VAL B 278 23.33 4.21 1.26
CA VAL B 278 22.27 4.37 2.25
C VAL B 278 21.69 5.77 2.15
N TYR B 279 20.36 5.87 2.29
CA TYR B 279 19.68 7.15 2.32
C TYR B 279 20.28 8.05 3.40
N PRO B 280 20.15 9.39 3.26
CA PRO B 280 20.79 10.34 4.18
C PRO B 280 20.70 10.01 5.68
N GLY B 281 21.83 10.20 6.37
CA GLY B 281 21.84 10.03 7.81
C GLY B 281 22.83 9.00 8.34
N LEU B 282 23.90 8.75 7.59
CA LEU B 282 24.90 7.76 7.98
C LEU B 282 26.30 8.23 7.66
N GLY B 283 27.18 8.12 8.65
CA GLY B 283 28.60 8.26 8.44
C GLY B 283 29.29 7.22 9.31
N TRP B 284 30.57 7.00 9.05
CA TRP B 284 31.33 6.06 9.87
C TRP B 284 32.72 6.60 10.12
N VAL B 285 33.26 6.36 11.32
CA VAL B 285 34.67 6.57 11.64
C VAL B 285 35.19 5.32 12.34
N CYS B 286 36.41 4.93 12.00
CA CYS B 286 37.08 3.78 12.58
C CYS B 286 38.50 4.21 12.94
N TRP B 287 39.01 3.64 14.02
CA TRP B 287 40.41 3.80 14.37
C TRP B 287 41.13 2.48 14.14
N LYS B 288 42.45 2.55 14.00
CA LYS B 288 43.22 1.34 13.73
C LYS B 288 43.16 0.34 14.89
N GLY B 289 42.94 0.82 16.11
CA GLY B 289 42.88 -0.01 17.30
C GLY B 289 42.35 0.79 18.48
N LYS B 290 42.12 0.06 19.59
CA LYS B 290 41.57 0.70 20.80
C LYS B 290 42.50 1.78 21.34
N GLU B 291 43.81 1.64 21.17
CA GLU B 291 44.74 2.58 21.79
C GLU B 291 44.69 3.96 21.16
N TYR B 292 44.07 4.12 19.99
CA TYR B 292 44.02 5.41 19.32
C TYR B 292 42.72 6.16 19.58
N LEU B 293 41.81 5.56 20.36
CA LEU B 293 40.63 6.26 20.81
C LEU B 293 40.82 6.61 22.28
N PRO B 294 40.88 7.89 22.62
CA PRO B 294 41.10 8.27 24.02
C PRO B 294 39.89 7.92 24.87
N GLU B 295 40.16 7.46 26.09
CA GLU B 295 39.10 7.17 27.05
C GLU B 295 38.25 8.41 27.31
N GLU B 296 38.84 9.58 27.15
CA GLU B 296 38.15 10.84 27.44
C GLU B 296 36.96 11.07 26.52
N MET B 297 36.88 10.38 25.38
CA MET B 297 35.73 10.72 24.50
C MET B 297 34.92 9.45 24.20
N SER B 298 34.98 8.44 25.07
CA SER B 298 34.32 7.20 24.73
C SER B 298 34.19 6.34 25.97
N PHE B 299 33.15 5.52 25.98
CA PHE B 299 33.09 4.41 26.91
C PHE B 299 32.45 3.23 26.20
N SER B 300 32.58 2.06 26.80
CA SER B 300 32.07 0.84 26.23
C SER B 300 30.95 0.32 27.11
N VAL B 301 29.90 -0.22 26.48
CA VAL B 301 28.85 -0.96 27.16
C VAL B 301 28.71 -2.30 26.44
N ASN B 302 28.55 -3.38 27.21
CA ASN B 302 28.39 -4.71 26.65
C ASN B 302 26.90 -4.98 26.48
N TYR B 303 26.43 -5.03 25.23
CA TYR B 303 25.05 -5.37 24.93
C TYR B 303 25.07 -6.74 24.28
N LEU B 304 24.48 -7.73 24.97
CA LEU B 304 24.34 -9.13 24.58
C LEU B 304 25.67 -9.83 24.34
N GLY B 305 26.79 -9.19 24.66
CA GLY B 305 28.12 -9.70 24.38
C GLY B 305 29.02 -8.70 23.66
N ALA B 306 28.43 -7.82 22.86
CA ALA B 306 29.21 -6.91 22.02
C ALA B 306 29.73 -5.75 22.87
N ASN B 307 31.04 -5.58 22.89
CA ASN B 307 31.59 -4.39 23.53
C ASN B 307 31.35 -3.21 22.59
N ILE B 308 30.41 -2.34 22.96
CA ILE B 308 29.89 -1.29 22.09
C ILE B 308 30.46 0.05 22.55
N THR B 309 31.13 0.74 21.63
CA THR B 309 31.72 2.05 21.90
C THR B 309 30.65 3.14 21.96
N GLN B 310 30.75 4.01 22.97
CA GLN B 310 29.73 5.01 23.29
C GLN B 310 30.13 6.42 22.90
N VAL B 311 30.85 6.58 21.80
CA VAL B 311 31.33 7.90 21.36
C VAL B 311 30.41 8.49 20.28
N GLY B 312 30.16 9.81 20.38
CA GLY B 312 29.43 10.55 19.38
C GLY B 312 29.05 11.98 19.78
N LEU B 313 28.96 12.90 18.82
CA LEU B 313 28.46 14.24 19.11
C LEU B 313 26.94 14.26 19.25
N ASN B 314 26.24 13.50 18.42
CA ASN B 314 24.78 13.41 18.52
C ASN B 314 24.37 12.39 19.59
N PHE B 315 23.12 12.46 20.03
CA PHE B 315 22.63 11.49 21.00
C PHE B 315 21.50 10.70 20.37
N SER B 316 20.23 10.99 20.68
CA SER B 316 19.10 10.33 20.01
C SER B 316 19.10 10.65 18.52
N ARG B 317 18.69 9.68 17.71
CA ARG B 317 18.85 9.82 16.27
C ARG B 317 18.08 8.68 15.59
N PRO B 318 17.81 8.79 14.29
CA PRO B 318 17.15 7.67 13.59
C PRO B 318 18.05 6.45 13.56
N ALA B 319 17.43 5.29 13.73
CA ALA B 319 18.14 4.03 13.63
C ALA B 319 18.03 3.39 12.26
N ALA B 320 17.07 3.83 11.45
CA ALA B 320 16.78 3.17 10.18
C ALA B 320 18.00 2.98 9.30
N GLN B 321 18.92 3.95 9.30
CA GLN B 321 20.05 3.90 8.38
C GLN B 321 21.01 2.79 8.71
N ILE B 322 21.01 2.33 9.96
CA ILE B 322 21.82 1.18 10.34
C ILE B 322 21.25 -0.08 9.73
N LEU B 323 19.93 -0.22 9.74
CA LEU B 323 19.28 -1.32 9.05
C LEU B 323 19.62 -1.29 7.58
N GLY B 324 19.61 -0.09 6.99
CA GLY B 324 19.88 0.05 5.57
C GLY B 324 21.29 -0.38 5.23
N GLN B 325 22.27 0.07 6.00
CA GLN B 325 23.65 -0.32 5.72
C GLN B 325 23.79 -1.83 5.79
N TYR B 326 23.33 -2.42 6.89
CA TYR B 326 23.46 -3.86 7.07
C TYR B 326 22.67 -4.61 5.98
N TYR B 327 21.50 -4.12 5.62
CA TYR B 327 20.83 -4.71 4.46
C TYR B 327 21.73 -4.63 3.23
N GLN B 328 22.34 -3.46 2.99
CA GLN B 328 23.17 -3.29 1.80
C GLN B 328 24.35 -4.25 1.81
N PHE B 329 24.99 -4.42 2.95
CA PHE B 329 26.08 -5.38 3.05
C PHE B 329 25.58 -6.79 2.73
N ILE B 330 24.44 -7.17 3.27
CA ILE B 330 24.00 -8.54 3.07
C ILE B 330 23.44 -8.73 1.67
N ARG B 331 22.58 -7.80 1.22
CA ARG B 331 21.92 -7.94 -0.07
C ARG B 331 22.92 -7.97 -1.21
N LEU B 332 24.01 -7.20 -1.09
CA LEU B 332 25.03 -7.07 -2.15
C LEU B 332 26.29 -7.90 -1.88
N GLY B 333 26.83 -7.81 -0.69
CA GLY B 333 28.10 -8.43 -0.53
C GLY B 333 29.15 -7.68 -1.34
N PHE B 334 30.35 -8.27 -1.38
CA PHE B 334 31.46 -7.64 -2.07
C PHE B 334 31.23 -7.59 -3.56
N GLN B 335 30.95 -8.74 -4.16
CA GLN B 335 30.66 -8.78 -5.58
C GLN B 335 29.57 -7.79 -5.94
N GLY B 336 28.51 -7.77 -5.13
CA GLY B 336 27.38 -6.90 -5.42
C GLY B 336 27.77 -5.44 -5.40
N TYR B 337 28.47 -5.02 -4.34
CA TYR B 337 28.96 -3.66 -4.25
C TYR B 337 29.89 -3.31 -5.41
N LYS B 338 30.79 -4.23 -5.77
CA LYS B 338 31.72 -3.99 -6.86
C LYS B 338 30.99 -3.68 -8.16
N GLU B 339 29.96 -4.44 -8.48
CA GLU B 339 29.29 -4.25 -9.76
C GLU B 339 28.43 -2.99 -9.76
N VAL B 340 27.90 -2.58 -8.62
CA VAL B 340 27.17 -1.31 -8.56
C VAL B 340 28.12 -0.14 -8.74
N GLN B 341 29.21 -0.13 -8.00
CA GLN B 341 30.15 0.98 -8.18
C GLN B 341 30.76 0.96 -9.56
N TYR B 342 30.96 -0.23 -10.17
CA TYR B 342 31.50 -0.29 -11.53
C TYR B 342 30.58 0.42 -12.51
N ASN B 343 29.28 0.21 -12.36
CA ASN B 343 28.32 0.89 -13.20
C ASN B 343 28.47 2.39 -13.10
N SER B 344 28.49 2.93 -11.89
CA SER B 344 28.57 4.37 -11.74
C SER B 344 29.88 4.92 -12.27
N LEU B 345 30.96 4.15 -12.15
CA LEU B 345 32.23 4.63 -12.66
C LEU B 345 32.23 4.56 -14.17
N GLN B 346 31.76 3.45 -14.72
CA GLN B 346 31.65 3.33 -16.17
C GLN B 346 30.79 4.44 -16.75
N ILE B 347 29.65 4.72 -16.12
CA ILE B 347 28.79 5.79 -16.63
C ILE B 347 29.50 7.13 -16.47
N ALA B 348 30.15 7.36 -15.33
CA ALA B 348 30.88 8.61 -15.16
C ALA B 348 31.99 8.75 -16.18
N LYS B 349 32.71 7.65 -16.47
CA LYS B 349 33.74 7.70 -17.50
C LYS B 349 33.15 8.01 -18.86
N TYR B 350 31.98 7.44 -19.16
CA TYR B 350 31.32 7.68 -20.44
C TYR B 350 31.09 9.18 -20.65
N ILE B 351 30.53 9.85 -19.63
CA ILE B 351 30.28 11.29 -19.75
C ILE B 351 31.59 12.06 -19.90
N HIS B 352 32.56 11.79 -19.03
CA HIS B 352 33.89 12.40 -19.11
C HIS B 352 34.42 12.34 -20.54
N GLY B 353 34.37 11.15 -21.15
CA GLY B 353 34.86 11.00 -22.50
C GLY B 353 34.06 11.78 -23.53
N GLU B 354 32.77 11.91 -23.30
CA GLU B 354 31.93 12.64 -24.23
C GLU B 354 32.08 14.13 -24.09
N ILE B 355 32.35 14.61 -22.89
CA ILE B 355 32.51 16.05 -22.69
C ILE B 355 33.75 16.56 -23.41
N ALA B 356 34.82 15.78 -23.41
CA ALA B 356 36.08 16.22 -23.99
C ALA B 356 35.99 16.39 -25.49
N LYS B 357 35.10 15.64 -26.14
CA LYS B 357 34.93 15.77 -27.58
C LYS B 357 34.28 17.08 -27.96
N MET B 358 33.63 17.77 -27.03
CA MET B 358 32.93 19.00 -27.36
C MET B 358 33.93 20.14 -27.42
N ALA B 359 33.77 21.00 -28.42
CA ALA B 359 34.74 22.06 -28.64
C ALA B 359 34.94 23.00 -27.45
N PRO B 360 33.93 23.39 -26.66
CA PRO B 360 34.19 24.41 -25.63
C PRO B 360 34.90 23.87 -24.40
N PHE B 361 35.02 22.57 -24.23
CA PHE B 361 35.34 22.00 -22.92
C PHE B 361 36.70 21.32 -22.89
N VAL B 362 37.31 21.37 -21.73
CA VAL B 362 38.50 20.59 -21.42
C VAL B 362 38.35 20.03 -20.02
N ASN B 363 38.66 18.73 -19.85
CA ASN B 363 38.47 18.06 -18.57
C ASN B 363 39.61 18.39 -17.64
N TYR B 364 39.26 18.64 -16.39
CA TYR B 364 40.31 18.98 -15.44
C TYR B 364 41.32 17.85 -15.35
N SER B 365 40.90 16.61 -15.58
CA SER B 365 41.74 15.45 -15.36
C SER B 365 41.42 14.37 -16.36
N GLU B 366 42.43 13.58 -16.72
CA GLU B 366 42.19 12.46 -17.61
C GLU B 366 41.83 11.18 -16.88
N ASN B 367 41.89 11.18 -15.56
CA ASN B 367 41.62 10.00 -14.75
C ASN B 367 40.33 10.17 -13.98
N VAL B 368 39.46 9.17 -14.08
CA VAL B 368 38.25 9.13 -13.28
C VAL B 368 38.43 7.98 -12.30
N VAL B 369 38.66 8.33 -11.04
CA VAL B 369 38.90 7.37 -9.97
C VAL B 369 37.73 7.27 -9.00
N ASN B 370 36.80 8.22 -9.07
CA ASN B 370 35.53 8.24 -8.35
C ASN B 370 34.44 8.57 -9.35
N PRO B 371 33.17 8.22 -9.05
CA PRO B 371 32.08 8.51 -10.01
C PRO B 371 31.70 9.97 -10.05
N LEU B 372 32.70 10.82 -10.26
CA LEU B 372 32.45 12.24 -10.42
C LEU B 372 33.71 12.84 -11.04
N PHE B 373 33.53 13.92 -11.79
CA PHE B 373 34.63 14.64 -12.40
C PHE B 373 34.17 16.06 -12.62
N ILE B 374 35.15 16.93 -12.92
CA ILE B 374 34.88 18.31 -13.27
C ILE B 374 35.59 18.63 -14.58
N TRP B 375 35.07 19.64 -15.27
CA TRP B 375 35.68 20.16 -16.49
C TRP B 375 35.42 21.66 -16.55
N TYR B 376 36.01 22.31 -17.55
CA TYR B 376 35.84 23.73 -17.71
C TYR B 376 36.05 24.11 -19.17
N LEU B 377 35.80 25.39 -19.47
CA LEU B 377 35.90 25.88 -20.83
C LEU B 377 37.34 25.91 -21.28
N LYS B 378 37.58 25.50 -22.52
CA LYS B 378 38.90 25.68 -23.12
C LYS B 378 39.26 27.16 -23.04
N PRO B 379 40.43 27.51 -22.47
CA PRO B 379 40.76 28.94 -22.32
C PRO B 379 40.69 29.73 -23.61
N GLU B 380 41.20 29.17 -24.70
CA GLU B 380 41.08 29.85 -25.99
C GLU B 380 39.62 30.08 -26.32
N TYR B 381 38.79 29.05 -26.14
CA TYR B 381 37.36 29.20 -26.43
C TYR B 381 36.69 30.19 -25.50
N ALA B 382 37.06 30.18 -24.22
CA ALA B 382 36.37 31.07 -23.30
C ALA B 382 36.67 32.52 -23.63
N LYS B 383 37.82 32.77 -24.27
CA LYS B 383 38.21 34.14 -24.56
C LYS B 383 37.19 34.84 -25.45
N SER B 384 36.70 34.16 -26.48
CA SER B 384 35.78 34.78 -27.43
C SER B 384 34.32 34.46 -27.16
N ALA B 385 34.01 33.48 -26.33
CA ALA B 385 32.62 33.14 -26.04
C ALA B 385 31.98 34.23 -25.21
N LYS B 386 30.68 34.40 -25.37
CA LYS B 386 29.95 35.38 -24.60
C LYS B 386 29.29 34.81 -23.37
N TRP B 387 29.52 33.52 -23.06
CA TRP B 387 28.82 32.83 -22.00
C TRP B 387 29.82 32.11 -21.10
N THR B 388 29.39 31.81 -19.88
CA THR B 388 30.21 31.05 -18.95
C THR B 388 29.48 29.77 -18.56
N LEU B 389 30.20 28.95 -17.79
CA LEU B 389 29.62 27.70 -17.30
C LEU B 389 28.49 27.97 -16.33
N TYR B 390 28.49 29.13 -15.68
CA TYR B 390 27.32 29.53 -14.91
C TYR B 390 26.10 29.65 -15.81
N ASP B 391 26.30 30.12 -17.04
CA ASP B 391 25.19 30.17 -17.98
C ASP B 391 24.76 28.75 -18.35
N LEU B 392 25.72 27.86 -18.55
CA LEU B 392 25.37 26.48 -18.83
C LEU B 392 24.56 25.88 -17.68
N GLN B 393 24.92 26.19 -16.44
CA GLN B 393 24.13 25.70 -15.31
C GLN B 393 22.67 26.15 -15.42
N ASP B 394 22.45 27.43 -15.73
CA ASP B 394 21.07 27.91 -15.80
C ASP B 394 20.31 27.21 -16.90
N LYS B 395 20.98 26.98 -18.04
CA LYS B 395 20.34 26.31 -19.16
C LYS B 395 19.86 24.92 -18.75
N LEU B 396 20.69 24.18 -18.03
CA LEU B 396 20.32 22.84 -17.61
C LEU B 396 19.30 22.84 -16.48
N SER B 397 19.18 23.96 -15.76
CA SER B 397 18.15 24.10 -14.73
C SER B 397 16.74 24.13 -15.32
N GLN B 398 16.59 24.66 -16.53
CA GLN B 398 15.29 24.77 -17.19
C GLN B 398 14.76 23.43 -17.71
N HIS B 399 15.60 22.41 -17.76
CA HIS B 399 15.17 21.05 -18.05
C HIS B 399 15.17 20.21 -16.79
N GLY B 400 15.34 20.84 -15.63
CA GLY B 400 15.26 20.16 -14.36
C GLY B 400 16.57 19.67 -13.78
N TRP B 401 17.68 19.82 -14.49
CA TRP B 401 18.93 19.35 -13.93
C TRP B 401 19.43 20.35 -12.90
N MET B 402 20.25 19.85 -11.98
CA MET B 402 21.15 20.69 -11.20
C MET B 402 22.55 20.14 -11.43
N VAL B 403 23.36 20.89 -12.17
CA VAL B 403 24.76 20.57 -12.43
C VAL B 403 25.55 21.81 -12.02
N PRO B 404 26.33 21.77 -10.95
CA PRO B 404 26.86 23.02 -10.39
C PRO B 404 28.11 23.50 -11.09
N ALA B 405 28.14 24.80 -11.34
CA ALA B 405 29.33 25.53 -11.75
C ALA B 405 29.85 26.37 -10.61
N TYR B 406 31.18 26.37 -10.45
CA TYR B 406 31.81 27.03 -9.32
C TYR B 406 33.29 27.23 -9.60
N THR B 407 33.87 28.19 -8.88
CA THR B 407 35.31 28.37 -8.89
C THR B 407 35.98 27.44 -7.90
N LEU B 408 37.14 26.93 -8.30
CA LEU B 408 37.97 26.01 -7.51
C LEU B 408 38.65 26.73 -6.34
N PRO B 409 39.17 25.97 -5.34
CA PRO B 409 39.88 26.61 -4.22
C PRO B 409 41.30 27.01 -4.57
N SER B 410 42.08 27.35 -3.55
CA SER B 410 43.16 28.31 -3.70
C SER B 410 44.13 27.97 -4.82
N LYS B 411 44.57 29.05 -5.47
CA LYS B 411 45.47 29.17 -6.60
C LYS B 411 44.89 28.64 -7.89
N LEU B 412 43.66 28.10 -7.85
CA LEU B 412 42.87 27.81 -9.04
C LEU B 412 41.52 28.54 -8.99
N GLU B 413 41.41 29.59 -8.18
CA GLU B 413 40.16 30.32 -8.03
C GLU B 413 39.75 31.01 -9.31
N ASP B 414 40.65 31.13 -10.28
CA ASP B 414 40.29 31.64 -11.58
C ASP B 414 39.59 30.63 -12.47
N TYR B 415 39.47 29.38 -12.04
CA TYR B 415 38.85 28.35 -12.89
C TYR B 415 37.41 28.15 -12.47
N VAL B 416 36.49 28.49 -13.37
CA VAL B 416 35.08 28.14 -13.26
C VAL B 416 34.93 26.74 -13.85
N VAL B 417 34.56 25.79 -13.01
CA VAL B 417 34.44 24.40 -13.41
C VAL B 417 32.99 23.98 -13.24
N MET B 418 32.66 22.85 -13.82
CA MET B 418 31.36 22.23 -13.63
C MET B 418 31.60 20.79 -13.22
N ARG B 419 30.77 20.28 -12.32
CA ARG B 419 30.95 18.94 -11.80
C ARG B 419 29.72 18.09 -12.09
N VAL B 420 29.95 16.79 -12.31
CA VAL B 420 28.88 15.81 -12.44
C VAL B 420 29.16 14.62 -11.51
N VAL B 421 28.18 14.30 -10.66
CA VAL B 421 28.25 13.15 -9.75
C VAL B 421 27.31 12.09 -10.28
N VAL B 422 27.82 10.86 -10.45
CA VAL B 422 27.04 9.72 -10.95
C VAL B 422 26.75 8.78 -9.79
N ARG B 423 25.54 8.83 -9.26
CA ARG B 423 25.17 7.93 -8.17
C ARG B 423 24.43 6.72 -8.69
N GLN B 424 24.27 5.75 -7.80
CA GLN B 424 23.42 4.61 -8.10
C GLN B 424 22.01 5.10 -8.30
N GLY B 425 21.39 4.65 -9.38
CA GLY B 425 20.11 5.15 -9.79
C GLY B 425 20.18 6.13 -10.91
N PHE B 426 21.38 6.47 -11.37
CA PHE B 426 21.59 7.33 -12.52
C PHE B 426 22.22 6.50 -13.62
N SER B 427 21.45 6.22 -14.67
CA SER B 427 21.79 5.21 -15.67
C SER B 427 22.48 5.81 -16.90
N ARG B 428 22.93 4.89 -17.78
CA ARG B 428 23.41 5.26 -19.11
C ARG B 428 22.36 6.02 -19.90
N ASP B 429 21.10 5.63 -19.78
CA ASP B 429 20.03 6.32 -20.48
C ASP B 429 19.92 7.77 -19.99
N MET B 430 20.13 8.00 -18.69
CA MET B 430 20.09 9.35 -18.16
C MET B 430 21.32 10.16 -18.55
N ALA B 431 22.46 9.50 -18.71
CA ALA B 431 23.62 10.20 -19.23
C ALA B 431 23.31 10.76 -20.60
N ASP B 432 22.70 9.95 -21.46
CA ASP B 432 22.35 10.41 -22.80
C ASP B 432 21.36 11.55 -22.74
N MET B 433 20.39 11.46 -21.83
CA MET B 433 19.43 12.55 -21.65
C MET B 433 20.13 13.83 -21.28
N LEU B 434 21.03 13.76 -20.29
CA LEU B 434 21.80 14.93 -19.87
C LEU B 434 22.70 15.39 -21.01
N LEU B 435 23.38 14.45 -21.65
CA LEU B 435 24.24 14.80 -22.77
C LEU B 435 23.47 15.52 -23.86
N GLY B 436 22.28 15.03 -24.21
CA GLY B 436 21.49 15.73 -25.19
C GLY B 436 21.19 17.15 -24.76
N ASP B 437 20.79 17.32 -23.50
CA ASP B 437 20.43 18.65 -23.01
C ASP B 437 21.62 19.60 -23.06
N ILE B 438 22.83 19.09 -22.89
CA ILE B 438 24.03 19.94 -22.99
C ILE B 438 24.29 20.34 -24.44
N LYS B 439 24.35 19.36 -25.34
CA LYS B 439 24.56 19.69 -26.73
C LYS B 439 23.59 20.78 -27.14
N ASN B 440 22.33 20.64 -26.72
CA ASN B 440 21.32 21.66 -27.00
C ASN B 440 21.66 22.99 -26.36
N ALA B 441 22.07 22.97 -25.09
CA ALA B 441 22.24 24.23 -24.39
C ALA B 441 23.43 25.02 -24.93
N ILE B 442 24.51 24.33 -25.31
CA ILE B 442 25.67 24.98 -25.90
C ILE B 442 25.29 25.73 -27.18
N ALA B 443 24.49 25.10 -28.02
CA ALA B 443 24.09 25.75 -29.26
C ALA B 443 23.27 27.00 -29.00
N GLU B 444 22.35 26.96 -28.03
CA GLU B 444 21.59 28.18 -27.75
C GLU B 444 22.52 29.26 -27.23
N LEU B 445 23.50 28.88 -26.42
CA LEU B 445 24.41 29.86 -25.88
C LEU B 445 25.32 30.43 -26.95
N GLU B 446 25.74 29.60 -27.91
CA GLU B 446 26.65 30.12 -28.94
C GLU B 446 25.97 31.09 -29.91
N LYS B 447 24.64 31.18 -29.90
CA LYS B 447 23.97 32.20 -30.69
C LYS B 447 23.99 33.59 -30.06
N LEU B 448 24.49 33.73 -28.85
CA LEU B 448 24.40 35.02 -28.19
C LEU B 448 25.21 36.06 -28.95
N ASP B 449 24.63 37.26 -29.09
CA ASP B 449 25.32 38.38 -29.72
C ASP B 449 25.95 39.35 -28.71
N PHE B 450 25.57 39.25 -27.44
CA PHE B 450 26.11 40.05 -26.36
C PHE B 450 26.56 39.16 -25.21
N PRO B 451 27.51 39.63 -24.41
CA PRO B 451 28.00 38.81 -23.30
C PRO B 451 26.95 38.69 -22.20
N THR B 452 26.93 37.51 -21.56
CA THR B 452 26.04 37.26 -20.46
C THR B 452 26.53 38.04 -19.25
N PRO B 453 25.71 38.20 -18.22
CA PRO B 453 26.19 38.94 -17.04
C PRO B 453 27.45 38.36 -16.39
N THR B 454 27.52 37.04 -16.23
CA THR B 454 28.71 36.41 -15.65
C THR B 454 29.95 36.60 -16.52
N ARG B 455 29.79 36.60 -17.85
CA ARG B 455 30.93 36.82 -18.73
C ARG B 455 31.49 38.23 -18.61
N MET B 456 30.65 39.24 -18.34
CA MET B 456 31.19 40.58 -18.21
C MET B 456 32.09 40.72 -16.98
N ALA B 457 31.68 40.11 -15.86
CA ALA B 457 32.50 40.15 -14.66
C ALA B 457 33.84 39.47 -14.87
N GLN B 458 33.94 38.53 -15.83
CA GLN B 458 35.20 37.84 -16.04
C GLN B 458 36.19 38.72 -16.79
N GLU B 459 35.72 39.79 -17.43
CA GLU B 459 36.58 40.70 -18.17
C GLU B 459 37.07 41.79 -17.23
N MET C 1 -8.95 30.85 16.53
CA MET C 1 -9.32 29.79 15.57
C MET C 1 -9.61 28.43 16.26
N GLU C 2 -10.17 28.49 17.47
CA GLU C 2 -10.46 27.26 18.21
C GLU C 2 -11.50 26.42 17.52
N ASP C 3 -11.19 25.13 17.41
CA ASP C 3 -12.15 24.11 17.01
C ASP C 3 -12.73 23.54 18.30
N LEU C 4 -13.96 23.92 18.61
CA LEU C 4 -14.51 23.56 19.91
C LEU C 4 -14.86 22.08 20.03
N ASN C 5 -14.93 21.35 18.92
CA ASN C 5 -15.17 19.92 18.99
C ASN C 5 -13.92 19.11 18.73
N PHE C 6 -12.75 19.72 18.89
CA PHE C 6 -11.50 19.01 18.66
C PHE C 6 -11.38 17.81 19.57
N ARG C 7 -11.67 17.99 20.86
CA ARG C 7 -11.50 16.90 21.81
C ARG C 7 -12.64 15.91 21.75
N LYS C 8 -13.75 16.29 21.13
CA LYS C 8 -14.95 15.47 21.13
C LYS C 8 -15.02 14.50 19.96
N GLY C 9 -14.13 14.64 18.98
CA GLY C 9 -14.04 13.71 17.87
C GLY C 9 -14.57 14.20 16.53
N ASP C 10 -13.96 15.24 15.99
CA ASP C 10 -14.34 15.70 14.67
C ASP C 10 -13.22 15.44 13.68
N ALA C 11 -13.31 16.07 12.51
CA ALA C 11 -12.37 15.80 11.43
C ALA C 11 -10.97 16.33 11.72
N LYS C 12 -10.85 17.24 12.69
CA LYS C 12 -9.56 17.76 13.06
C LYS C 12 -8.98 17.04 14.27
N THR C 13 -9.79 16.26 14.98
CA THR C 13 -9.33 15.61 16.22
C THR C 13 -8.08 14.77 16.01
N ASP C 14 -7.09 14.97 16.88
CA ASP C 14 -5.97 14.06 17.01
C ASP C 14 -6.32 12.98 18.01
N VAL C 15 -5.95 11.72 17.69
CA VAL C 15 -6.36 10.58 18.50
C VAL C 15 -5.97 10.78 19.95
N PHE C 16 -4.74 11.19 20.18
CA PHE C 16 -4.20 11.31 21.53
C PHE C 16 -4.25 12.75 22.03
N GLY C 17 -5.22 13.52 21.51
CA GLY C 17 -5.63 14.79 22.07
C GLY C 17 -7.13 14.82 22.24
N SER C 18 -7.71 13.63 22.28
CA SER C 18 -9.15 13.41 22.38
C SER C 18 -9.54 13.05 23.81
N ASP C 19 -10.81 13.30 24.15
CA ASP C 19 -11.33 12.89 25.45
C ASP C 19 -11.36 11.38 25.61
N ARG C 20 -11.53 10.65 24.51
CA ARG C 20 -11.65 9.20 24.59
C ARG C 20 -10.34 8.55 25.04
N MET C 21 -9.22 9.01 24.52
CA MET C 21 -7.96 8.41 24.92
C MET C 21 -7.53 8.86 26.31
N LEU C 22 -8.40 9.61 26.98
CA LEU C 22 -8.31 9.84 28.40
C LEU C 22 -9.23 8.90 29.16
N GLN C 23 -9.84 7.95 28.46
CA GLN C 23 -10.77 7.05 29.09
C GLN C 23 -10.35 5.60 28.89
N PRO C 24 -10.68 4.72 29.82
CA PRO C 24 -10.28 3.32 29.69
C PRO C 24 -11.17 2.60 28.69
N SER C 25 -10.65 1.46 28.23
CA SER C 25 -11.40 0.60 27.32
C SER C 25 -12.56 -0.04 28.07
N PRO C 26 -13.64 -0.39 27.36
CA PRO C 26 -14.81 -1.00 28.01
C PRO C 26 -14.55 -2.43 28.44
N VAL C 27 -14.96 -2.75 29.66
CA VAL C 27 -14.74 -4.05 30.26
C VAL C 27 -16.04 -4.85 30.42
N GLU C 28 -17.08 -4.21 30.92
CA GLU C 28 -18.35 -4.86 31.25
C GLU C 28 -19.43 -4.58 30.21
N ARG C 29 -19.66 -3.30 29.90
CA ARG C 29 -20.76 -2.91 29.05
C ARG C 29 -20.24 -2.23 27.79
N ILE C 30 -21.04 -2.30 26.75
CA ILE C 30 -20.68 -1.66 25.48
C ILE C 30 -20.75 -0.15 25.66
N PRO C 31 -19.87 0.62 25.02
CA PRO C 31 -19.94 2.09 25.15
C PRO C 31 -21.25 2.65 24.62
N ASP C 32 -21.72 3.74 25.24
CA ASP C 32 -23.00 4.32 24.86
C ASP C 32 -22.98 4.87 23.44
N GLY C 33 -21.89 5.53 23.06
CA GLY C 33 -21.83 6.16 21.76
C GLY C 33 -20.61 5.76 20.98
N PRO C 34 -20.45 6.36 19.81
CA PRO C 34 -19.35 5.99 18.92
C PRO C 34 -18.12 6.87 19.13
N THR C 35 -17.04 6.47 18.47
CA THR C 35 -15.85 7.26 18.23
C THR C 35 -15.52 7.20 16.74
N THR C 36 -14.44 7.85 16.36
CA THR C 36 -13.93 7.77 15.01
C THR C 36 -13.15 6.48 14.81
N PRO C 37 -12.97 6.05 13.56
CA PRO C 37 -12.23 4.80 13.35
C PRO C 37 -10.80 4.82 13.86
N GLU C 38 -10.12 5.96 13.78
CA GLU C 38 -8.72 6.05 14.19
C GLU C 38 -8.56 5.79 15.69
N VAL C 39 -9.38 6.46 16.50
CA VAL C 39 -9.35 6.23 17.94
C VAL C 39 -9.63 4.77 18.23
N ALA C 40 -10.66 4.21 17.61
CA ALA C 40 -11.01 2.81 17.85
C ALA C 40 -9.92 1.86 17.36
N TYR C 41 -9.27 2.18 16.25
CA TYR C 41 -8.17 1.33 15.79
C TYR C 41 -7.02 1.34 16.78
N GLN C 42 -6.63 2.53 17.25
CA GLN C 42 -5.54 2.59 18.22
C GLN C 42 -5.88 1.84 19.51
N MET C 43 -7.08 2.04 20.04
CA MET C 43 -7.39 1.45 21.34
C MET C 43 -7.20 -0.07 21.32
N VAL C 44 -7.60 -0.74 20.24
CA VAL C 44 -7.45 -2.18 20.18
C VAL C 44 -6.02 -2.57 19.82
N LYS C 45 -5.44 -1.91 18.82
CA LYS C 45 -4.10 -2.32 18.38
C LYS C 45 -3.13 -2.19 19.53
N ASP C 46 -3.23 -1.09 20.26
CA ASP C 46 -2.28 -0.83 21.33
C ASP C 46 -2.40 -1.88 22.40
N GLU C 47 -3.56 -2.49 22.57
CA GLU C 47 -3.60 -3.54 23.56
C GLU C 47 -2.84 -4.78 23.13
N THR C 48 -2.54 -4.95 21.85
CA THR C 48 -1.86 -6.15 21.42
C THR C 48 -0.35 -6.05 21.54
N PHE C 49 0.18 -4.86 21.86
CA PHE C 49 1.63 -4.67 21.90
C PHE C 49 2.28 -5.42 23.05
N ALA C 50 1.61 -5.48 24.22
CA ALA C 50 2.19 -5.98 25.47
C ALA C 50 2.06 -7.50 25.57
N GLN C 51 2.72 -8.19 24.64
CA GLN C 51 2.69 -9.65 24.60
C GLN C 51 3.76 -10.11 23.62
N THR C 52 3.97 -11.42 23.54
CA THR C 52 5.02 -11.96 22.70
C THR C 52 4.77 -11.66 21.24
N GLN C 53 5.85 -11.31 20.52
CA GLN C 53 5.77 -11.29 19.07
C GLN C 53 5.72 -12.71 18.53
N PRO C 54 4.87 -12.97 17.55
CA PRO C 54 4.72 -14.33 17.03
C PRO C 54 6.02 -14.93 16.56
N ARG C 55 6.89 -14.15 15.89
CA ARG C 55 8.12 -14.76 15.40
C ARG C 55 9.01 -15.23 16.56
N LEU C 56 8.83 -14.66 17.76
CA LEU C 56 9.62 -15.04 18.93
C LEU C 56 8.91 -16.03 19.82
N ASN C 57 7.67 -16.38 19.46
CA ASN C 57 6.88 -17.38 20.16
C ASN C 57 7.32 -18.78 19.73
N LEU C 58 8.16 -19.41 20.54
CA LEU C 58 8.68 -20.76 20.30
C LEU C 58 7.88 -21.83 21.01
N ALA C 59 6.88 -21.42 21.78
CA ALA C 59 6.01 -22.39 22.39
C ALA C 59 5.14 -23.05 21.33
N THR C 60 4.71 -22.24 20.37
CA THR C 60 3.65 -22.61 19.47
C THR C 60 4.17 -23.43 18.29
N PHE C 61 3.32 -24.31 17.79
CA PHE C 61 3.58 -25.04 16.56
C PHE C 61 2.95 -24.38 15.35
N VAL C 62 2.12 -23.38 15.56
CA VAL C 62 1.24 -22.85 14.53
C VAL C 62 1.93 -21.71 13.77
N THR C 63 1.72 -21.71 12.46
CA THR C 63 2.44 -20.85 11.52
C THR C 63 2.38 -19.40 11.92
N THR C 64 3.54 -18.75 11.88
CA THR C 64 3.63 -17.32 12.10
C THR C 64 4.21 -16.60 10.90
N TYR C 65 4.60 -17.30 9.84
CA TYR C 65 5.18 -16.69 8.66
C TYR C 65 4.62 -17.28 7.37
N MET C 66 4.24 -16.39 6.46
CA MET C 66 4.01 -16.74 5.06
C MET C 66 4.54 -15.60 4.20
N ASP C 67 4.85 -15.90 2.95
CA ASP C 67 5.42 -14.86 2.11
C ASP C 67 4.35 -13.82 1.78
N ASP C 68 4.78 -12.82 1.03
CA ASP C 68 3.94 -11.65 0.79
C ASP C 68 2.73 -11.99 -0.07
N TYR C 69 2.91 -12.94 -1.00
CA TYR C 69 1.82 -13.30 -1.89
C TYR C 69 0.75 -14.10 -1.19
N ALA C 70 1.16 -15.09 -0.39
CA ALA C 70 0.22 -15.87 0.40
C ALA C 70 -0.52 -14.96 1.38
N THR C 71 0.19 -14.00 1.95
CA THR C 71 -0.44 -13.06 2.85
C THR C 71 -1.46 -12.19 2.12
N LYS C 72 -1.08 -11.67 0.94
CA LYS C 72 -1.98 -10.84 0.14
C LYS C 72 -3.22 -11.61 -0.30
N LEU C 73 -3.00 -12.79 -0.90
CA LEU C 73 -4.09 -13.69 -1.31
C LEU C 73 -5.14 -13.88 -0.22
N MET C 74 -4.69 -14.27 0.97
CA MET C 74 -5.64 -14.58 2.02
C MET C 74 -6.37 -13.34 2.51
N ASN C 75 -5.62 -12.24 2.65
CA ASN C 75 -6.20 -10.97 3.09
C ASN C 75 -7.30 -10.52 2.15
N GLU C 76 -7.12 -10.75 0.85
CA GLU C 76 -8.18 -10.41 -0.08
C GLU C 76 -9.40 -11.30 0.14
N ALA C 77 -9.19 -12.51 0.68
CA ALA C 77 -10.26 -13.48 0.92
C ALA C 77 -10.87 -13.36 2.30
N ILE C 78 -10.65 -12.24 2.99
CA ILE C 78 -11.08 -12.13 4.38
C ILE C 78 -12.61 -12.21 4.52
N ASN C 79 -13.35 -11.84 3.47
CA ASN C 79 -14.81 -11.73 3.56
C ASN C 79 -15.53 -12.86 2.83
N ILE C 80 -14.88 -14.01 2.67
CA ILE C 80 -15.41 -15.12 1.92
C ILE C 80 -15.72 -16.26 2.88
N ASN C 81 -17.00 -16.58 3.02
CA ASN C 81 -17.48 -17.67 3.85
C ASN C 81 -17.45 -18.97 3.05
N TYR C 82 -16.56 -19.88 3.42
CA TYR C 82 -16.42 -21.13 2.69
C TYR C 82 -17.75 -21.85 2.55
N ILE C 83 -18.52 -21.94 3.64
CA ILE C 83 -19.66 -22.84 3.62
C ILE C 83 -20.65 -22.48 2.51
N ASP C 84 -20.62 -21.24 2.01
CA ASP C 84 -21.50 -20.87 0.91
C ASP C 84 -21.00 -21.47 -0.40
N GLU C 85 -21.00 -22.79 -0.49
CA GLU C 85 -20.31 -23.44 -1.59
C GLU C 85 -21.02 -23.23 -2.91
N THR C 86 -22.35 -23.12 -2.88
CA THR C 86 -23.07 -22.79 -4.11
C THR C 86 -22.60 -21.45 -4.65
N GLU C 87 -22.31 -20.50 -3.76
CA GLU C 87 -21.91 -19.17 -4.20
C GLU C 87 -20.45 -19.13 -4.61
N TYR C 88 -19.60 -19.92 -3.95
CA TYR C 88 -18.17 -19.98 -4.25
C TYR C 88 -17.83 -21.43 -4.56
N PRO C 89 -18.29 -21.94 -5.70
CA PRO C 89 -18.06 -23.34 -6.02
C PRO C 89 -16.64 -23.62 -6.48
N ARG C 90 -15.91 -22.60 -6.92
CA ARG C 90 -14.52 -22.82 -7.28
C ARG C 90 -13.68 -23.10 -6.05
N ILE C 91 -14.05 -22.53 -4.90
CA ILE C 91 -13.34 -22.80 -3.65
C ILE C 91 -13.67 -24.18 -3.11
N ALA C 92 -14.93 -24.57 -3.19
CA ALA C 92 -15.29 -25.94 -2.80
C ALA C 92 -14.49 -26.95 -3.60
N VAL C 93 -14.28 -26.70 -4.89
CA VAL C 93 -13.46 -27.60 -5.70
C VAL C 93 -12.01 -27.52 -5.27
N MET C 94 -11.51 -26.31 -5.03
CA MET C 94 -10.17 -26.15 -4.48
C MET C 94 -10.02 -26.93 -3.20
N ASN C 95 -11.02 -26.83 -2.31
CA ASN C 95 -11.05 -27.61 -1.09
C ASN C 95 -10.93 -29.11 -1.38
N GLY C 96 -11.70 -29.60 -2.33
CA GLY C 96 -11.56 -31.00 -2.69
C GLY C 96 -10.19 -31.32 -3.25
N LYS C 97 -9.58 -30.36 -3.95
CA LYS C 97 -8.26 -30.66 -4.51
C LYS C 97 -7.22 -30.74 -3.40
N CYS C 98 -7.35 -29.91 -2.37
CA CYS C 98 -6.44 -30.01 -1.25
C CYS C 98 -6.55 -31.36 -0.59
N ILE C 99 -7.77 -31.84 -0.39
CA ILE C 99 -7.96 -33.13 0.26
C ILE C 99 -7.32 -34.23 -0.55
N ASN C 100 -7.47 -34.20 -1.86
CA ASN C 100 -6.85 -35.21 -2.70
C ASN C 100 -5.34 -35.22 -2.51
N ILE C 101 -4.73 -34.06 -2.51
CA ILE C 101 -3.28 -33.97 -2.45
C ILE C 101 -2.77 -34.49 -1.11
N VAL C 102 -3.46 -34.15 -0.03
CA VAL C 102 -3.09 -34.64 1.29
C VAL C 102 -3.17 -36.16 1.33
N ALA C 103 -4.28 -36.72 0.85
CA ALA C 103 -4.46 -38.16 0.87
C ALA C 103 -3.43 -38.88 0.00
N ASN C 104 -3.08 -38.31 -1.16
CA ASN C 104 -2.04 -38.91 -1.99
C ASN C 104 -0.69 -38.76 -1.33
N LEU C 105 -0.51 -37.66 -0.63
CA LEU C 105 0.69 -37.49 0.18
C LEU C 105 0.81 -38.61 1.21
N TRP C 106 -0.31 -39.11 1.69
CA TRP C 106 -0.32 -40.19 2.64
C TRP C 106 -0.52 -41.53 1.97
N ASN C 107 -0.30 -41.57 0.65
CA ASN C 107 -0.36 -42.83 -0.06
C ASN C 107 -1.71 -43.51 0.15
N SER C 108 -2.78 -42.74 -0.02
CA SER C 108 -4.12 -43.33 -0.01
C SER C 108 -4.25 -44.29 -1.18
N PRO C 109 -4.77 -45.50 -0.97
CA PRO C 109 -5.06 -46.40 -2.08
C PRO C 109 -6.46 -46.23 -2.63
N GLU C 110 -7.24 -45.34 -2.03
CA GLU C 110 -8.57 -45.04 -2.56
C GLU C 110 -8.45 -44.61 -4.02
N LYS C 111 -9.30 -45.19 -4.86
CA LYS C 111 -9.26 -44.97 -6.31
C LYS C 111 -10.28 -43.96 -6.81
N ASP C 112 -11.14 -43.44 -5.94
CA ASP C 112 -12.01 -42.33 -6.29
C ASP C 112 -11.15 -41.14 -6.68
N THR C 113 -11.65 -40.33 -7.61
CA THR C 113 -10.94 -39.09 -7.93
C THR C 113 -11.00 -38.12 -6.77
N TRP C 114 -12.17 -37.97 -6.14
CA TRP C 114 -12.37 -37.06 -5.02
C TRP C 114 -12.24 -37.89 -3.75
N LYS C 115 -11.07 -37.76 -3.12
CA LYS C 115 -10.72 -38.59 -1.99
C LYS C 115 -11.59 -38.24 -0.78
N THR C 116 -11.69 -39.19 0.14
CA THR C 116 -12.60 -39.08 1.28
C THR C 116 -11.88 -38.41 2.44
N GLY C 117 -12.29 -37.17 2.74
CA GLY C 117 -11.64 -36.39 3.77
C GLY C 117 -12.50 -35.19 4.10
N ALA C 118 -11.99 -34.37 5.02
CA ALA C 118 -12.76 -33.21 5.43
C ALA C 118 -11.83 -32.07 5.87
N LEU C 119 -12.27 -30.85 5.59
CA LEU C 119 -11.64 -29.64 6.10
C LEU C 119 -11.95 -29.45 7.58
N ALA C 120 -10.98 -28.84 8.29
CA ALA C 120 -11.09 -28.57 9.71
C ALA C 120 -10.45 -27.22 10.01
N ILE C 121 -10.82 -26.66 11.17
CA ILE C 121 -10.13 -25.45 11.63
C ILE C 121 -8.74 -25.82 12.14
N GLY C 122 -8.55 -27.06 12.59
CA GLY C 122 -7.24 -27.50 13.01
C GLY C 122 -7.25 -28.98 13.35
N SER C 123 -6.16 -29.43 13.98
CA SER C 123 -6.11 -30.81 14.42
C SER C 123 -7.15 -31.11 15.48
N SER C 124 -7.63 -30.11 16.22
CA SER C 124 -8.72 -30.36 17.16
C SER C 124 -9.97 -30.85 16.43
N GLU C 125 -10.45 -30.10 15.43
CA GLU C 125 -11.64 -30.55 14.72
C GLU C 125 -11.37 -31.82 13.94
N ALA C 126 -10.22 -31.90 13.25
CA ALA C 126 -9.87 -33.10 12.50
C ALA C 126 -9.82 -34.33 13.41
N CYS C 127 -9.25 -34.20 14.61
CA CYS C 127 -9.22 -35.34 15.54
C CYS C 127 -10.61 -35.77 15.98
N MET C 128 -11.43 -34.80 16.39
CA MET C 128 -12.79 -35.11 16.85
C MET C 128 -13.59 -35.78 15.74
N LEU C 129 -13.38 -35.37 14.49
CA LEU C 129 -14.09 -35.98 13.39
C LEU C 129 -13.60 -37.42 13.18
N GLY C 130 -12.30 -37.66 13.33
CA GLY C 130 -11.79 -39.02 13.25
C GLY C 130 -12.27 -39.89 14.40
N GLY C 131 -12.28 -39.33 15.62
CA GLY C 131 -12.70 -40.11 16.77
C GLY C 131 -14.17 -40.47 16.72
N VAL C 132 -14.99 -39.55 16.25
CA VAL C 132 -16.42 -39.85 16.14
C VAL C 132 -16.66 -40.90 15.05
N ALA C 133 -15.93 -40.82 13.94
CA ALA C 133 -16.08 -41.81 12.88
C ALA C 133 -15.73 -43.19 13.40
N ALA C 134 -14.62 -43.32 14.12
CA ALA C 134 -14.26 -44.61 14.68
C ALA C 134 -15.27 -45.07 15.71
N TRP C 135 -15.86 -44.12 16.43
CA TRP C 135 -16.90 -44.43 17.41
C TRP C 135 -18.12 -45.04 16.77
N LEU C 136 -18.65 -44.39 15.73
CA LEU C 136 -19.85 -44.90 15.10
C LEU C 136 -19.57 -46.17 14.32
N ARG C 137 -18.39 -46.30 13.70
CA ARG C 137 -18.08 -47.56 13.04
C ARG C 137 -18.15 -48.71 14.03
N TRP C 138 -17.64 -48.48 15.22
CA TRP C 138 -17.67 -49.51 16.25
C TRP C 138 -19.10 -49.78 16.70
N ARG C 139 -19.89 -48.72 16.92
CA ARG C 139 -21.29 -48.91 17.32
C ARG C 139 -22.05 -49.79 16.34
N LYS C 140 -21.86 -49.57 15.04
CA LYS C 140 -22.59 -50.32 14.04
C LYS C 140 -22.07 -51.76 13.94
N LYS C 141 -20.75 -51.96 14.06
CA LYS C 141 -20.20 -53.32 14.06
C LYS C 141 -20.81 -54.12 15.19
N ARG C 142 -20.78 -53.55 16.40
CA ARG C 142 -21.28 -54.26 17.58
C ARG C 142 -22.78 -54.55 17.46
N GLN C 143 -23.54 -53.59 16.92
CA GLN C 143 -24.97 -53.81 16.74
C GLN C 143 -25.24 -55.04 15.87
N ALA C 144 -24.54 -55.15 14.73
CA ALA C 144 -24.74 -56.27 13.83
C ALA C 144 -24.42 -57.61 14.47
N GLN C 145 -23.53 -57.64 15.46
CA GLN C 145 -23.17 -58.88 16.11
C GLN C 145 -23.97 -59.10 17.37
N GLY C 146 -24.89 -58.19 17.70
CA GLY C 146 -25.63 -58.31 18.93
C GLY C 146 -24.82 -58.02 20.16
N LYS C 147 -23.59 -57.60 20.00
CA LYS C 147 -22.73 -57.20 21.10
C LYS C 147 -23.14 -55.79 21.54
N PRO C 148 -22.80 -55.39 22.76
CA PRO C 148 -23.19 -54.06 23.22
C PRO C 148 -22.30 -52.95 22.64
N PHE C 149 -22.77 -51.72 22.79
CA PHE C 149 -22.05 -50.60 22.23
C PHE C 149 -22.31 -49.34 23.05
N ASP C 150 -22.38 -49.48 24.36
CA ASP C 150 -22.65 -48.33 25.20
C ASP C 150 -21.48 -47.91 26.09
N LYS C 151 -20.35 -48.62 26.05
CA LYS C 151 -19.21 -48.28 26.90
C LYS C 151 -17.93 -48.25 26.07
N PRO C 152 -17.80 -47.29 25.17
CA PRO C 152 -16.60 -47.24 24.33
C PRO C 152 -15.42 -46.64 25.07
N ASN C 153 -14.23 -47.04 24.63
CA ASN C 153 -12.99 -46.46 25.13
C ASN C 153 -12.05 -46.30 23.95
N PHE C 154 -10.99 -45.53 24.16
CA PHE C 154 -9.87 -45.47 23.23
C PHE C 154 -8.58 -45.39 24.01
N VAL C 155 -7.48 -45.68 23.33
CA VAL C 155 -6.16 -45.78 23.94
C VAL C 155 -5.24 -44.76 23.32
N ILE C 156 -4.45 -44.09 24.16
CA ILE C 156 -3.58 -43.01 23.72
C ILE C 156 -2.43 -42.90 24.72
N SER C 157 -1.31 -42.32 24.28
CA SER C 157 -0.18 -42.06 25.15
C SER C 157 -0.51 -40.95 26.12
N THR C 158 0.15 -40.96 27.27
CA THR C 158 0.00 -39.82 28.17
C THR C 158 0.41 -38.52 27.49
N GLY C 159 1.17 -38.62 26.41
CA GLY C 159 1.56 -37.43 25.71
C GLY C 159 0.47 -36.89 24.83
N PHE C 160 -0.78 -36.95 25.29
CA PHE C 160 -1.89 -36.47 24.45
C PHE C 160 -1.99 -34.94 24.48
N GLN C 161 -2.48 -34.40 23.37
CA GLN C 161 -2.93 -33.02 23.30
C GLN C 161 -4.34 -32.94 23.82
N VAL C 162 -4.66 -31.84 24.50
CA VAL C 162 -5.89 -31.74 25.27
C VAL C 162 -7.16 -32.02 24.48
N VAL C 163 -7.09 -32.02 23.15
CA VAL C 163 -8.30 -32.22 22.36
C VAL C 163 -8.89 -33.60 22.63
N TRP C 164 -8.05 -34.59 22.95
CA TRP C 164 -8.55 -35.93 23.28
C TRP C 164 -9.18 -35.97 24.66
N GLU C 165 -8.79 -35.06 25.55
CA GLU C 165 -9.48 -34.88 26.82
C GLU C 165 -10.85 -34.25 26.60
N LYS C 166 -10.95 -33.30 25.66
CA LYS C 166 -12.25 -32.80 25.22
C LYS C 166 -13.08 -33.95 24.66
N PHE C 167 -12.49 -34.71 23.74
CA PHE C 167 -13.20 -35.80 23.10
C PHE C 167 -13.78 -36.72 24.15
N ALA C 168 -12.94 -37.13 25.11
CA ALA C 168 -13.38 -38.05 26.14
C ALA C 168 -14.51 -37.46 26.97
N GLN C 169 -14.36 -36.22 27.43
CA GLN C 169 -15.39 -35.63 28.28
C GLN C 169 -16.64 -35.21 27.48
N LEU C 170 -16.47 -34.64 26.29
CA LEU C 170 -17.63 -34.08 25.59
C LEU C 170 -18.52 -35.13 24.92
N TRP C 171 -18.01 -36.35 24.73
CA TRP C 171 -18.84 -37.44 24.22
C TRP C 171 -19.06 -38.53 25.25
N GLN C 172 -18.57 -38.34 26.48
CA GLN C 172 -18.65 -39.36 27.54
C GLN C 172 -18.04 -40.68 27.09
N ILE C 173 -16.83 -40.61 26.52
CA ILE C 173 -16.08 -41.76 26.05
C ILE C 173 -14.83 -41.88 26.91
N GLU C 174 -14.49 -43.11 27.32
CA GLU C 174 -13.38 -43.33 28.25
C GLU C 174 -12.02 -43.19 27.58
N MET C 175 -11.11 -42.43 28.20
CA MET C 175 -9.74 -42.28 27.73
C MET C 175 -8.81 -43.16 28.56
N ARG C 176 -8.07 -44.04 27.89
CA ARG C 176 -7.10 -44.91 28.54
C ARG C 176 -5.71 -44.50 28.11
N GLU C 177 -4.88 -44.07 29.07
CA GLU C 177 -3.59 -43.43 28.79
C GLU C 177 -2.45 -44.39 29.11
N VAL C 178 -1.54 -44.53 28.16
CA VAL C 178 -0.34 -45.36 28.32
C VAL C 178 0.81 -44.45 28.76
N PRO C 179 1.41 -44.67 29.92
CA PRO C 179 2.34 -43.69 30.46
C PRO C 179 3.65 -43.60 29.69
N LEU C 180 4.38 -42.53 29.96
CA LEU C 180 5.74 -42.37 29.46
C LEU C 180 6.72 -42.71 30.56
N THR C 181 7.83 -43.37 30.20
CA THR C 181 8.95 -43.62 31.09
C THR C 181 10.25 -43.35 30.32
N LEU C 182 11.39 -43.40 31.02
CA LEU C 182 12.64 -43.24 30.29
C LEU C 182 12.95 -44.46 29.45
N GLU C 183 12.48 -45.63 29.85
CA GLU C 183 12.68 -46.80 29.00
C GLU C 183 11.82 -46.68 27.74
N LYS C 184 10.63 -46.11 27.87
CA LYS C 184 9.72 -45.95 26.74
C LYS C 184 9.38 -44.47 26.60
N THR C 185 10.10 -43.82 25.71
CA THR C 185 9.95 -42.39 25.50
C THR C 185 8.80 -42.06 24.56
N THR C 186 8.25 -43.05 23.87
CA THR C 186 7.05 -42.93 23.05
C THR C 186 6.10 -44.08 23.39
N LEU C 187 4.98 -44.15 22.70
CA LEU C 187 4.00 -45.19 22.96
C LEU C 187 4.56 -46.57 22.67
N ASP C 188 4.59 -47.43 23.70
CA ASP C 188 4.94 -48.84 23.50
C ASP C 188 3.70 -49.61 23.02
N PRO C 189 3.73 -50.26 21.86
CA PRO C 189 2.51 -50.95 21.39
C PRO C 189 2.04 -52.03 22.36
N GLU C 190 2.95 -52.85 22.90
CA GLU C 190 2.54 -53.92 23.80
C GLU C 190 1.80 -53.40 25.04
N GLU C 191 2.26 -52.31 25.61
CA GLU C 191 1.56 -51.76 26.75
C GLU C 191 0.18 -51.23 26.35
N ALA C 192 0.10 -50.58 25.18
CA ALA C 192 -1.16 -50.03 24.68
C ALA C 192 -2.18 -51.13 24.42
N LEU C 193 -1.73 -52.25 23.86
CA LEU C 193 -2.63 -53.34 23.54
C LEU C 193 -3.23 -53.92 24.80
N LYS C 194 -2.47 -53.90 25.89
CA LYS C 194 -2.94 -54.37 27.17
C LYS C 194 -4.13 -53.58 27.70
N MET C 195 -4.39 -52.40 27.17
CA MET C 195 -5.54 -51.65 27.65
C MET C 195 -6.75 -51.79 26.75
N CYS C 196 -6.65 -52.60 25.70
CA CYS C 196 -7.71 -52.75 24.73
C CYS C 196 -8.62 -53.91 25.14
N ASP C 197 -9.89 -53.80 24.74
CA ASP C 197 -10.86 -54.85 24.98
C ASP C 197 -11.95 -54.77 23.91
N GLU C 198 -13.07 -55.48 24.15
CA GLU C 198 -14.19 -55.52 23.23
C GLU C 198 -14.80 -54.15 22.97
N ASN C 199 -14.49 -53.14 23.78
CA ASN C 199 -15.09 -51.82 23.65
C ASN C 199 -14.16 -50.73 23.11
N THR C 200 -12.94 -51.06 22.72
CA THR C 200 -12.00 -50.06 22.28
C THR C 200 -12.29 -49.70 20.82
N ILE C 201 -12.56 -48.42 20.58
CA ILE C 201 -12.94 -47.97 19.24
C ILE C 201 -11.75 -47.65 18.35
N CYS C 202 -10.57 -47.37 18.93
CA CYS C 202 -9.36 -47.12 18.14
C CYS C 202 -8.18 -46.86 19.08
N VAL C 203 -6.98 -46.91 18.50
CA VAL C 203 -5.74 -46.51 19.16
C VAL C 203 -5.15 -45.32 18.39
N VAL C 204 -4.58 -44.37 19.12
CA VAL C 204 -4.16 -43.09 18.55
C VAL C 204 -2.66 -42.86 18.69
N PRO C 205 -1.84 -43.30 17.73
CA PRO C 205 -0.44 -42.86 17.72
C PRO C 205 -0.30 -41.41 17.32
N ILE C 206 0.76 -40.76 17.82
CA ILE C 206 0.96 -39.34 17.63
C ILE C 206 2.27 -39.14 16.90
N GLN C 207 2.22 -38.39 15.81
CA GLN C 207 3.42 -38.02 15.08
C GLN C 207 3.77 -36.58 15.46
N GLY C 208 4.85 -36.42 16.23
CA GLY C 208 5.20 -35.12 16.75
C GLY C 208 4.52 -34.87 18.07
N VAL C 209 4.85 -35.67 19.08
CA VAL C 209 4.22 -35.52 20.40
C VAL C 209 4.52 -34.14 20.93
N THR C 210 3.48 -33.41 21.30
CA THR C 210 3.65 -32.01 21.70
C THR C 210 4.54 -31.89 22.94
N TRP C 211 4.48 -32.87 23.83
CA TRP C 211 5.31 -32.77 25.02
C TRP C 211 6.77 -32.99 24.69
N THR C 212 7.06 -33.84 23.69
CA THR C 212 8.41 -34.35 23.47
C THR C 212 9.00 -34.07 22.12
N GLY C 213 8.19 -33.99 21.06
CA GLY C 213 8.67 -33.82 19.71
C GLY C 213 9.02 -35.08 18.95
N LEU C 214 8.61 -36.25 19.43
CA LEU C 214 8.94 -37.53 18.82
C LEU C 214 7.71 -38.12 18.15
N ASN C 215 7.91 -39.26 17.51
CA ASN C 215 6.86 -39.97 16.77
C ASN C 215 6.59 -41.30 17.42
N ASP C 216 5.33 -41.58 17.73
CA ASP C 216 4.94 -42.95 18.02
C ASP C 216 5.27 -43.84 16.82
N ASP C 217 5.88 -45.00 17.06
CA ASP C 217 6.18 -45.93 15.97
C ASP C 217 4.87 -46.59 15.53
N VAL C 218 4.30 -46.11 14.42
CA VAL C 218 3.00 -46.58 13.95
C VAL C 218 3.14 -47.94 13.28
N GLU C 219 4.25 -48.16 12.58
CA GLU C 219 4.43 -49.46 11.95
C GLU C 219 4.54 -50.57 12.99
N ALA C 220 5.24 -50.32 14.09
CA ALA C 220 5.24 -51.27 15.18
C ALA C 220 3.84 -51.43 15.76
N LEU C 221 3.08 -50.35 15.83
CA LEU C 221 1.73 -50.44 16.37
C LEU C 221 0.83 -51.31 15.50
N ASP C 222 0.89 -51.08 14.18
CA ASP C 222 0.08 -51.83 13.21
C ASP C 222 0.42 -53.32 13.23
N LYS C 223 1.71 -53.64 13.33
CA LYS C 223 2.15 -55.02 13.31
C LYS C 223 1.64 -55.79 14.52
N ALA C 224 1.66 -55.15 15.69
CA ALA C 224 1.15 -55.76 16.90
C ALA C 224 -0.37 -55.83 16.89
N LEU C 225 -1.00 -54.76 16.41
CA LEU C 225 -2.45 -54.73 16.24
C LEU C 225 -2.92 -55.78 15.26
N ASP C 226 -2.10 -56.11 14.27
CA ASP C 226 -2.49 -57.12 13.32
C ASP C 226 -2.62 -58.47 14.00
N ALA C 227 -1.64 -58.83 14.83
CA ALA C 227 -1.75 -60.08 15.59
C ALA C 227 -2.83 -60.00 16.66
N TYR C 228 -3.00 -58.83 17.29
CA TYR C 228 -4.01 -58.71 18.34
C TYR C 228 -5.40 -58.76 17.76
N ASN C 229 -5.62 -58.10 16.63
CA ASN C 229 -6.91 -58.22 15.98
C ASN C 229 -7.14 -59.66 15.51
N ALA C 230 -6.09 -60.36 15.08
CA ALA C 230 -6.24 -61.78 14.75
C ALA C 230 -6.64 -62.62 15.95
N LYS C 231 -6.26 -62.22 17.16
CA LYS C 231 -6.66 -63.02 18.32
C LYS C 231 -8.09 -62.72 18.76
N THR C 232 -8.44 -61.45 18.86
CA THR C 232 -9.68 -61.09 19.54
C THR C 232 -10.89 -60.95 18.62
N GLY C 233 -10.67 -60.61 17.34
CA GLY C 233 -11.73 -60.17 16.44
C GLY C 233 -12.28 -58.79 16.74
N TYR C 234 -11.61 -58.04 17.62
CA TYR C 234 -12.09 -56.73 18.04
C TYR C 234 -12.08 -55.71 16.91
N ASP C 235 -11.30 -55.96 15.85
CA ASP C 235 -11.31 -55.14 14.65
C ASP C 235 -10.98 -53.69 15.00
N ILE C 236 -9.94 -53.51 15.81
CA ILE C 236 -9.60 -52.19 16.34
C ILE C 236 -8.74 -51.45 15.33
N PRO C 237 -9.02 -50.19 15.10
CA PRO C 237 -8.25 -49.44 14.09
C PRO C 237 -7.22 -48.47 14.64
N ILE C 238 -6.48 -47.92 13.72
CA ILE C 238 -5.47 -46.92 14.02
C ILE C 238 -5.96 -45.61 13.41
N HIS C 239 -6.05 -44.56 14.24
CA HIS C 239 -6.17 -43.18 13.77
C HIS C 239 -4.90 -42.45 14.18
N VAL C 240 -4.17 -41.90 13.20
CA VAL C 240 -2.93 -41.20 13.50
C VAL C 240 -3.29 -39.76 13.82
N ASP C 241 -3.00 -39.33 15.04
CA ASP C 241 -3.02 -37.91 15.30
C ASP C 241 -1.66 -37.41 14.85
N ALA C 242 -1.57 -36.96 13.60
CA ALA C 242 -0.31 -36.55 13.00
C ALA C 242 -0.26 -35.03 12.81
N ALA C 243 -0.77 -34.29 13.81
CA ALA C 243 -0.94 -32.84 13.72
C ALA C 243 0.25 -32.16 13.07
N SER C 244 1.46 -32.59 13.46
CA SER C 244 2.71 -32.02 12.97
C SER C 244 3.45 -32.89 11.97
N GLY C 245 3.72 -34.16 12.32
CA GLY C 245 4.56 -35.00 11.50
C GLY C 245 3.98 -35.27 10.13
N GLY C 246 2.66 -35.11 9.98
CA GLY C 246 2.00 -35.37 8.72
C GLY C 246 2.48 -34.49 7.60
N PHE C 247 3.12 -33.36 7.91
CA PHE C 247 3.72 -32.52 6.88
C PHE C 247 5.23 -32.56 6.91
N ILE C 248 5.80 -33.44 7.73
CA ILE C 248 7.24 -33.68 7.75
C ILE C 248 7.55 -35.03 7.14
N LEU C 249 6.92 -36.09 7.65
CA LEU C 249 7.23 -37.46 7.24
C LEU C 249 7.14 -37.68 5.73
N PRO C 250 6.11 -37.22 5.03
CA PRO C 250 6.08 -37.51 3.59
C PRO C 250 7.27 -36.95 2.85
N PHE C 251 7.85 -35.82 3.29
CA PHE C 251 8.90 -35.16 2.53
C PHE C 251 10.28 -35.61 2.98
N LEU C 252 10.51 -35.62 4.29
CA LEU C 252 11.84 -35.97 4.82
C LEU C 252 12.01 -37.45 5.11
N TYR C 253 10.92 -38.16 5.40
CA TYR C 253 10.98 -39.59 5.65
C TYR C 253 9.97 -40.27 4.77
N PRO C 254 10.18 -40.25 3.44
CA PRO C 254 9.19 -40.86 2.56
C PRO C 254 9.08 -42.37 2.71
N ASP C 255 10.19 -43.09 2.94
CA ASP C 255 10.16 -44.55 3.00
C ASP C 255 9.65 -45.09 4.32
N THR C 256 9.46 -44.21 5.29
CA THR C 256 8.95 -44.63 6.58
C THR C 256 7.47 -44.94 6.48
N LYS C 257 7.10 -46.18 6.73
CA LYS C 257 5.72 -46.59 6.58
C LYS C 257 4.96 -46.18 7.84
N TRP C 258 4.15 -45.13 7.72
CA TRP C 258 3.40 -44.61 8.85
C TRP C 258 1.95 -44.29 8.54
N ASP C 259 1.52 -44.43 7.28
CA ASP C 259 0.27 -43.89 6.78
C ASP C 259 -0.72 -44.94 6.30
N PHE C 260 -1.46 -44.58 5.26
CA PHE C 260 -2.43 -45.47 4.65
C PHE C 260 -1.77 -46.65 3.97
N ARG C 261 -0.44 -46.67 3.86
CA ARG C 261 0.23 -47.90 3.44
C ARG C 261 0.01 -48.99 4.46
N LEU C 262 -0.37 -48.63 5.66
CA LEU C 262 -0.50 -49.59 6.72
C LEU C 262 -1.91 -50.12 6.78
N LYS C 263 -2.01 -51.43 7.00
CA LYS C 263 -3.29 -52.10 6.91
C LYS C 263 -4.32 -51.46 7.80
N TRP C 264 -3.92 -51.07 9.00
CA TRP C 264 -4.87 -50.66 10.00
C TRP C 264 -5.02 -49.15 10.09
N VAL C 265 -4.27 -48.40 9.31
CA VAL C 265 -4.42 -46.95 9.32
C VAL C 265 -5.67 -46.63 8.52
N LEU C 266 -6.77 -46.33 9.21
CA LEU C 266 -8.02 -46.04 8.51
C LEU C 266 -8.32 -44.55 8.42
N SER C 267 -7.62 -43.72 9.20
CA SER C 267 -7.83 -42.28 9.12
C SER C 267 -6.62 -41.55 9.71
N ILE C 268 -6.33 -40.37 9.17
CA ILE C 268 -5.18 -39.56 9.57
C ILE C 268 -5.62 -38.10 9.68
N SER C 269 -5.10 -37.39 10.70
CA SER C 269 -5.38 -35.96 10.85
C SER C 269 -4.08 -35.15 11.06
N VAL C 270 -4.10 -33.89 10.61
CA VAL C 270 -2.92 -33.04 10.61
C VAL C 270 -3.36 -31.59 10.74
N SER C 271 -2.46 -30.74 11.23
CA SER C 271 -2.67 -29.29 11.24
C SER C 271 -2.04 -28.68 9.99
N GLY C 272 -2.88 -28.21 9.08
CA GLY C 272 -2.34 -27.42 7.99
C GLY C 272 -1.66 -26.17 8.50
N HIS C 273 -2.14 -25.59 9.60
CA HIS C 273 -1.57 -24.38 10.12
C HIS C 273 -0.33 -24.62 10.98
N LYS C 274 0.23 -25.81 10.95
CA LYS C 274 1.46 -26.01 11.70
C LYS C 274 2.65 -26.11 10.77
N PHE C 275 2.80 -27.27 10.14
CA PHE C 275 3.85 -27.51 9.17
C PHE C 275 3.32 -27.67 7.77
N GLY C 276 2.01 -27.55 7.59
CA GLY C 276 1.48 -27.29 6.28
C GLY C 276 1.74 -25.89 5.79
N LEU C 277 2.31 -25.02 6.66
CA LEU C 277 2.87 -23.73 6.28
C LEU C 277 1.77 -22.70 6.05
N VAL C 278 0.64 -22.85 6.74
CA VAL C 278 -0.51 -21.98 6.52
C VAL C 278 -0.86 -21.25 7.81
N TYR C 279 -1.25 -19.99 7.70
CA TYR C 279 -1.65 -19.17 8.84
C TYR C 279 -2.76 -19.81 9.68
N PRO C 280 -2.91 -19.41 10.97
CA PRO C 280 -3.86 -20.07 11.87
C PRO C 280 -5.20 -20.36 11.23
N GLY C 281 -5.73 -21.57 11.40
CA GLY C 281 -7.06 -21.89 10.92
C GLY C 281 -7.24 -23.00 9.88
N LEU C 282 -6.35 -24.00 9.85
CA LEU C 282 -6.47 -25.05 8.86
C LEU C 282 -6.07 -26.38 9.47
N GLY C 283 -6.94 -27.39 9.30
CA GLY C 283 -6.59 -28.76 9.59
C GLY C 283 -7.26 -29.67 8.59
N TRP C 284 -6.78 -30.91 8.51
CA TRP C 284 -7.32 -31.89 7.57
C TRP C 284 -7.43 -33.26 8.24
N VAL C 285 -8.47 -34.02 7.85
CA VAL C 285 -8.59 -35.44 8.20
C VAL C 285 -8.90 -36.20 6.92
N CYS C 286 -8.32 -37.40 6.78
CA CYS C 286 -8.53 -38.25 5.62
C CYS C 286 -8.79 -39.66 6.11
N TRP C 287 -9.66 -40.38 5.40
CA TRP C 287 -9.89 -41.80 5.61
C TRP C 287 -9.28 -42.61 4.48
N LYS C 288 -9.03 -43.89 4.77
CA LYS C 288 -8.37 -44.76 3.82
C LYS C 288 -9.24 -45.03 2.60
N GLY C 289 -10.55 -44.97 2.76
CA GLY C 289 -11.51 -45.21 1.71
C GLY C 289 -12.87 -44.70 2.13
N LYS C 290 -13.77 -44.65 1.15
CA LYS C 290 -15.08 -44.08 1.38
C LYS C 290 -15.86 -44.81 2.49
N GLU C 291 -15.66 -46.13 2.60
CA GLU C 291 -16.49 -46.91 3.50
C GLU C 291 -16.19 -46.65 4.97
N TYR C 292 -15.08 -45.97 5.25
CA TYR C 292 -14.67 -45.70 6.62
C TYR C 292 -15.21 -44.38 7.10
N LEU C 293 -15.93 -43.65 6.25
CA LEU C 293 -16.68 -42.50 6.71
C LEU C 293 -18.14 -42.91 6.72
N PRO C 294 -18.75 -42.95 7.88
CA PRO C 294 -20.13 -43.41 7.98
C PRO C 294 -21.09 -42.44 7.35
N GLU C 295 -22.10 -43.00 6.67
CA GLU C 295 -23.12 -42.16 6.07
C GLU C 295 -23.82 -41.29 7.11
N GLU C 296 -23.83 -41.70 8.38
CA GLU C 296 -24.57 -40.97 9.42
C GLU C 296 -24.02 -39.58 9.67
N MET C 297 -22.76 -39.35 9.34
CA MET C 297 -22.08 -38.09 9.56
C MET C 297 -21.67 -37.42 8.25
N SER C 298 -22.28 -37.82 7.13
CA SER C 298 -21.71 -37.34 5.87
C SER C 298 -22.71 -37.40 4.75
N PHE C 299 -22.59 -36.43 3.85
CA PHE C 299 -23.24 -36.42 2.55
C PHE C 299 -22.29 -35.72 1.58
N SER C 300 -22.39 -36.03 0.30
CA SER C 300 -21.54 -35.47 -0.75
C SER C 300 -22.38 -34.64 -1.70
N VAL C 301 -21.83 -33.52 -2.16
CA VAL C 301 -22.48 -32.66 -3.12
C VAL C 301 -21.56 -32.48 -4.31
N ASN C 302 -22.13 -32.49 -5.52
CA ASN C 302 -21.38 -32.31 -6.76
C ASN C 302 -21.36 -30.83 -7.11
N TYR C 303 -20.18 -30.19 -7.01
CA TYR C 303 -19.96 -28.81 -7.43
C TYR C 303 -19.07 -28.82 -8.66
N LEU C 304 -19.64 -28.41 -9.80
CA LEU C 304 -18.97 -28.36 -11.10
C LEU C 304 -18.39 -29.71 -11.51
N GLY C 305 -18.71 -30.78 -10.76
CA GLY C 305 -18.17 -32.10 -11.01
C GLY C 305 -17.57 -32.77 -9.79
N ALA C 306 -17.03 -31.99 -8.84
CA ALA C 306 -16.28 -32.55 -7.69
C ALA C 306 -17.23 -33.03 -6.59
N ASN C 307 -17.14 -34.32 -6.26
CA ASN C 307 -17.89 -34.84 -5.11
C ASN C 307 -17.21 -34.37 -3.85
N ILE C 308 -17.81 -33.40 -3.17
CA ILE C 308 -17.22 -32.78 -2.00
C ILE C 308 -18.02 -33.21 -0.79
N THR C 309 -17.35 -33.82 0.17
CA THR C 309 -18.06 -34.24 1.38
C THR C 309 -18.32 -33.06 2.30
N GLN C 310 -19.53 -33.03 2.89
CA GLN C 310 -19.99 -31.89 3.66
C GLN C 310 -19.92 -32.12 5.16
N VAL C 311 -18.88 -32.87 5.64
CA VAL C 311 -18.73 -33.21 7.05
C VAL C 311 -17.86 -32.18 7.77
N GLY C 312 -18.28 -31.80 8.98
CA GLY C 312 -17.51 -30.90 9.80
C GLY C 312 -18.28 -30.45 11.02
N LEU C 313 -17.58 -30.10 12.08
CA LEU C 313 -18.28 -29.58 13.25
C LEU C 313 -18.73 -28.14 13.03
N ASN C 314 -17.87 -27.34 12.41
CA ASN C 314 -18.18 -25.96 12.10
C ASN C 314 -18.97 -25.84 10.81
N PHE C 315 -19.58 -24.67 10.65
CA PHE C 315 -20.36 -24.36 9.47
C PHE C 315 -19.70 -23.19 8.76
N SER C 316 -20.21 -21.97 8.95
CA SER C 316 -19.57 -20.80 8.36
C SER C 316 -18.17 -20.62 8.95
N ARG C 317 -17.25 -20.18 8.11
CA ARG C 317 -15.85 -20.11 8.50
C ARG C 317 -15.07 -19.36 7.41
N PRO C 318 -13.88 -18.89 7.72
CA PRO C 318 -13.03 -18.27 6.68
C PRO C 318 -12.64 -19.25 5.59
N ALA C 319 -12.57 -18.76 4.36
CA ALA C 319 -12.10 -19.56 3.24
C ALA C 319 -10.61 -19.35 2.96
N ALA C 320 -10.03 -18.28 3.52
CA ALA C 320 -8.67 -17.87 3.21
C ALA C 320 -7.65 -18.99 3.35
N GLN C 321 -7.81 -19.83 4.37
CA GLN C 321 -6.79 -20.84 4.63
C GLN C 321 -6.74 -21.90 3.54
N ILE C 322 -7.84 -22.09 2.80
CA ILE C 322 -7.84 -23.00 1.67
C ILE C 322 -7.05 -22.41 0.51
N LEU C 323 -7.15 -21.09 0.32
CA LEU C 323 -6.33 -20.41 -0.66
C LEU C 323 -4.86 -20.56 -0.32
N GLY C 324 -4.52 -20.35 0.96
CA GLY C 324 -3.13 -20.46 1.35
C GLY C 324 -2.58 -21.86 1.12
N GLN C 325 -3.39 -22.87 1.45
CA GLN C 325 -2.97 -24.26 1.29
C GLN C 325 -2.68 -24.59 -0.17
N TYR C 326 -3.64 -24.31 -1.05
CA TYR C 326 -3.45 -24.63 -2.46
C TYR C 326 -2.28 -23.82 -3.05
N TYR C 327 -2.15 -22.54 -2.66
CA TYR C 327 -0.99 -21.76 -3.08
C TYR C 327 0.31 -22.46 -2.72
N GLN C 328 0.43 -22.89 -1.46
CA GLN C 328 1.67 -23.51 -0.99
C GLN C 328 1.97 -24.79 -1.76
N PHE C 329 0.93 -25.60 -2.04
CA PHE C 329 1.15 -26.78 -2.85
C PHE C 329 1.73 -26.40 -4.21
N ILE C 330 1.21 -25.31 -4.79
CA ILE C 330 1.63 -24.89 -6.13
C ILE C 330 2.92 -24.08 -6.07
N ARG C 331 2.99 -23.12 -5.14
CA ARG C 331 4.17 -22.27 -5.05
C ARG C 331 5.41 -23.09 -4.75
N LEU C 332 5.28 -24.13 -3.91
CA LEU C 332 6.39 -24.97 -3.50
C LEU C 332 6.46 -26.32 -4.21
N GLY C 333 5.35 -27.04 -4.30
CA GLY C 333 5.48 -28.38 -4.83
C GLY C 333 6.22 -29.27 -3.84
N PHE C 334 6.56 -30.48 -4.28
CA PHE C 334 7.23 -31.39 -3.36
C PHE C 334 8.62 -30.89 -2.99
N GLN C 335 9.45 -30.58 -3.99
CA GLN C 335 10.80 -30.09 -3.71
C GLN C 335 10.78 -28.88 -2.78
N GLY C 336 9.90 -27.92 -3.03
CA GLY C 336 9.85 -26.74 -2.18
C GLY C 336 9.54 -27.06 -0.73
N TYR C 337 8.54 -27.92 -0.49
CA TYR C 337 8.26 -28.37 0.89
C TYR C 337 9.45 -29.09 1.50
N LYS C 338 10.10 -29.97 0.73
CA LYS C 338 11.24 -30.71 1.26
C LYS C 338 12.32 -29.75 1.78
N GLU C 339 12.60 -28.67 1.03
CA GLU C 339 13.70 -27.79 1.43
C GLU C 339 13.33 -26.93 2.63
N VAL C 340 12.05 -26.55 2.77
CA VAL C 340 11.63 -25.74 3.91
C VAL C 340 11.67 -26.56 5.19
N GLN C 341 11.05 -27.75 5.17
CA GLN C 341 11.11 -28.61 6.35
C GLN C 341 12.54 -29.09 6.59
N TYR C 342 13.30 -29.34 5.52
CA TYR C 342 14.69 -29.68 5.70
C TYR C 342 15.40 -28.54 6.43
N ASN C 343 15.10 -27.32 6.02
CA ASN C 343 15.62 -26.17 6.73
C ASN C 343 15.22 -26.19 8.19
N SER C 344 13.92 -26.36 8.47
CA SER C 344 13.47 -26.23 9.85
C SER C 344 14.07 -27.33 10.72
N LEU C 345 14.26 -28.54 10.17
CA LEU C 345 14.82 -29.63 10.97
C LEU C 345 16.31 -29.42 11.21
N GLN C 346 17.08 -29.04 10.19
CA GLN C 346 18.51 -28.78 10.41
C GLN C 346 18.74 -27.72 11.48
N ILE C 347 17.97 -26.64 11.45
CA ILE C 347 18.16 -25.62 12.48
C ILE C 347 17.80 -26.20 13.84
N ALA C 348 16.70 -26.96 13.91
CA ALA C 348 16.30 -27.62 15.14
C ALA C 348 17.36 -28.62 15.62
N LYS C 349 17.96 -29.39 14.69
CA LYS C 349 19.04 -30.29 15.07
C LYS C 349 20.24 -29.50 15.62
N TYR C 350 20.51 -28.33 15.01
CA TYR C 350 21.62 -27.46 15.42
C TYR C 350 21.48 -27.05 16.87
N ILE C 351 20.33 -26.52 17.25
CA ILE C 351 20.09 -26.13 18.64
C ILE C 351 20.15 -27.34 19.56
N HIS C 352 19.49 -28.43 19.16
CA HIS C 352 19.59 -29.67 19.92
C HIS C 352 21.06 -29.97 20.23
N GLY C 353 21.91 -29.93 19.21
CA GLY C 353 23.32 -30.20 19.42
C GLY C 353 24.04 -29.13 20.23
N GLU C 354 23.67 -27.85 20.06
CA GLU C 354 24.33 -26.83 20.87
C GLU C 354 23.81 -26.81 22.30
N ILE C 355 22.53 -27.14 22.52
CA ILE C 355 21.99 -27.20 23.87
C ILE C 355 22.70 -28.30 24.64
N ALA C 356 22.98 -29.41 23.96
CA ALA C 356 23.57 -30.57 24.58
C ALA C 356 24.98 -30.27 25.06
N LYS C 357 25.69 -29.34 24.40
CA LYS C 357 27.05 -28.99 24.80
C LYS C 357 27.11 -28.24 26.12
N MET C 358 26.00 -27.66 26.57
CA MET C 358 26.03 -26.84 27.78
C MET C 358 25.93 -27.70 29.03
N ALA C 359 26.71 -27.31 30.04
CA ALA C 359 26.80 -28.12 31.24
C ALA C 359 25.47 -28.41 31.91
N PRO C 360 24.54 -27.47 32.08
CA PRO C 360 23.37 -27.79 32.89
C PRO C 360 22.35 -28.68 32.20
N PHE C 361 22.53 -28.99 30.92
CA PHE C 361 21.46 -29.53 30.08
C PHE C 361 21.73 -30.97 29.63
N VAL C 362 20.65 -31.74 29.51
CA VAL C 362 20.68 -33.04 28.85
C VAL C 362 19.41 -33.16 28.02
N ASN C 363 19.55 -33.59 26.77
CA ASN C 363 18.40 -33.66 25.88
C ASN C 363 17.61 -34.92 26.18
N TYR C 364 16.29 -34.81 26.08
CA TYR C 364 15.39 -35.94 26.30
C TYR C 364 15.68 -37.08 25.34
N SER C 365 16.21 -36.75 24.16
CA SER C 365 16.47 -37.71 23.11
C SER C 365 17.67 -37.24 22.32
N GLU C 366 18.43 -38.21 21.80
CA GLU C 366 19.51 -37.91 20.90
C GLU C 366 19.08 -37.89 19.45
N ASN C 367 17.83 -38.25 19.14
CA ASN C 367 17.33 -38.25 17.77
C ASN C 367 16.25 -37.19 17.56
N VAL C 368 16.44 -36.35 16.55
CA VAL C 368 15.49 -35.30 16.21
C VAL C 368 14.76 -35.68 14.92
N VAL C 369 13.48 -35.97 15.05
CA VAL C 369 12.66 -36.39 13.93
C VAL C 369 11.67 -35.31 13.49
N ASN C 370 11.47 -34.27 14.29
CA ASN C 370 10.63 -33.14 13.94
C ASN C 370 11.36 -31.86 14.32
N PRO C 371 10.98 -30.73 13.71
CA PRO C 371 11.71 -29.47 13.99
C PRO C 371 11.39 -28.90 15.37
N LEU C 372 11.53 -29.71 16.41
CA LEU C 372 11.32 -29.24 17.77
C LEU C 372 11.89 -30.32 18.68
N PHE C 373 12.34 -29.91 19.88
CA PHE C 373 12.89 -30.86 20.84
C PHE C 373 12.76 -30.30 22.25
N ILE C 374 12.99 -31.17 23.22
CA ILE C 374 12.95 -30.79 24.63
C ILE C 374 14.23 -31.28 25.29
N TRP C 375 14.55 -30.64 26.42
CA TRP C 375 15.67 -31.01 27.26
C TRP C 375 15.30 -30.69 28.71
N TYR C 376 16.21 -31.01 29.63
CA TYR C 376 15.98 -30.76 31.05
C TYR C 376 17.34 -30.61 31.72
N LEU C 377 17.33 -30.24 33.00
CA LEU C 377 18.58 -30.07 33.71
C LEU C 377 19.20 -31.43 33.98
N LYS C 378 20.54 -31.49 33.82
CA LYS C 378 21.25 -32.73 34.19
C LYS C 378 20.95 -32.96 35.67
N PRO C 379 20.37 -34.12 36.05
CA PRO C 379 19.95 -34.34 37.44
C PRO C 379 21.01 -34.02 38.46
N GLU C 380 22.26 -34.38 38.19
CA GLU C 380 23.35 -33.99 39.09
C GLU C 380 23.42 -32.48 39.20
N TYR C 381 23.37 -31.78 38.07
CA TYR C 381 23.45 -30.32 38.09
C TYR C 381 22.23 -29.71 38.77
N ALA C 382 21.05 -30.28 38.55
CA ALA C 382 19.85 -29.69 39.13
C ALA C 382 19.82 -29.82 40.64
N LYS C 383 20.50 -30.83 41.19
CA LYS C 383 20.46 -31.10 42.63
C LYS C 383 21.06 -29.96 43.45
N SER C 384 22.18 -29.42 43.01
CA SER C 384 22.84 -28.33 43.72
C SER C 384 22.55 -26.96 43.11
N ALA C 385 21.88 -26.89 41.95
CA ALA C 385 21.55 -25.61 41.33
C ALA C 385 20.48 -24.89 42.13
N LYS C 386 20.57 -23.56 42.16
CA LYS C 386 19.65 -22.73 42.91
C LYS C 386 18.51 -22.21 42.06
N TRP C 387 18.42 -22.67 40.81
CA TRP C 387 17.42 -22.21 39.85
C TRP C 387 16.82 -23.41 39.14
N THR C 388 15.67 -23.17 38.50
CA THR C 388 14.99 -24.14 37.66
C THR C 388 14.80 -23.55 36.26
N LEU C 389 14.31 -24.40 35.34
CA LEU C 389 14.07 -23.99 33.96
C LEU C 389 12.97 -22.94 33.84
N TYR C 390 12.03 -22.89 34.81
CA TYR C 390 11.05 -21.81 34.85
C TYR C 390 11.73 -20.45 35.00
N ASP C 391 12.85 -20.41 35.74
CA ASP C 391 13.59 -19.17 35.90
C ASP C 391 14.22 -18.74 34.57
N LEU C 392 14.83 -19.68 33.87
CA LEU C 392 15.38 -19.40 32.55
C LEU C 392 14.30 -18.87 31.61
N GLN C 393 13.09 -19.43 31.69
CA GLN C 393 12.00 -18.97 30.85
C GLN C 393 11.74 -17.48 31.05
N ASP C 394 11.72 -17.03 32.32
CA ASP C 394 11.46 -15.61 32.60
C ASP C 394 12.60 -14.73 32.11
N LYS C 395 13.85 -15.17 32.29
CA LYS C 395 14.98 -14.42 31.80
C LYS C 395 14.89 -14.26 30.30
N LEU C 396 14.49 -15.31 29.60
CA LEU C 396 14.37 -15.20 28.16
C LEU C 396 13.18 -14.34 27.79
N SER C 397 12.18 -14.26 28.67
CA SER C 397 11.04 -13.39 28.43
C SER C 397 11.43 -11.91 28.47
N GLN C 398 12.44 -11.55 29.26
CA GLN C 398 12.86 -10.16 29.27
C GLN C 398 13.52 -9.73 27.96
N HIS C 399 13.82 -10.67 27.08
CA HIS C 399 14.31 -10.37 25.74
C HIS C 399 13.28 -10.63 24.64
N GLY C 400 12.04 -10.85 25.02
CA GLY C 400 11.01 -11.02 24.05
C GLY C 400 10.74 -12.44 23.61
N TRP C 401 11.55 -13.40 24.05
CA TRP C 401 11.38 -14.80 23.67
C TRP C 401 10.33 -15.41 24.58
N MET C 402 9.60 -16.40 24.06
CA MET C 402 8.83 -17.32 24.88
C MET C 402 9.31 -18.72 24.57
N VAL C 403 9.95 -19.33 25.55
CA VAL C 403 10.41 -20.70 25.47
C VAL C 403 9.80 -21.38 26.69
N PRO C 404 8.87 -22.30 26.52
CA PRO C 404 8.08 -22.80 27.64
C PRO C 404 8.76 -23.91 28.43
N ALA C 405 8.66 -23.79 29.76
CA ALA C 405 9.00 -24.84 30.72
C ALA C 405 7.72 -25.48 31.27
N TYR C 406 7.75 -26.79 31.46
CA TYR C 406 6.60 -27.53 31.95
C TYR C 406 7.05 -28.92 32.40
N THR C 407 6.27 -29.50 33.29
CA THR C 407 6.53 -30.87 33.75
C THR C 407 5.96 -31.88 32.75
N LEU C 408 6.71 -32.96 32.54
CA LEU C 408 6.26 -33.98 31.61
C LEU C 408 5.03 -34.71 32.15
N PRO C 409 4.29 -35.43 31.27
CA PRO C 409 3.12 -36.19 31.72
C PRO C 409 3.50 -37.52 32.35
N SER C 410 2.46 -38.31 32.60
CA SER C 410 2.46 -39.28 33.69
C SER C 410 3.66 -40.21 33.65
N LYS C 411 4.16 -40.49 34.86
CA LYS C 411 5.37 -41.20 35.24
C LYS C 411 6.61 -40.41 34.88
N LEU C 412 6.47 -39.24 34.26
CA LEU C 412 7.57 -38.31 34.11
C LEU C 412 7.21 -36.92 34.64
N GLU C 413 6.18 -36.81 35.48
CA GLU C 413 5.76 -35.49 35.93
C GLU C 413 6.76 -34.83 36.88
N ASP C 414 7.75 -35.55 37.39
CA ASP C 414 8.82 -34.94 38.18
C ASP C 414 9.84 -34.21 37.32
N TYR C 415 9.73 -34.31 35.99
CA TYR C 415 10.68 -33.73 35.05
C TYR C 415 10.15 -32.41 34.49
N VAL C 416 10.83 -31.30 34.84
CA VAL C 416 10.59 -30.02 34.23
C VAL C 416 11.44 -29.95 32.98
N VAL C 417 10.78 -29.86 31.83
CA VAL C 417 11.47 -29.83 30.54
C VAL C 417 11.19 -28.49 29.88
N MET C 418 12.01 -28.17 28.87
CA MET C 418 11.83 -26.96 28.10
C MET C 418 11.77 -27.34 26.63
N ARG C 419 10.91 -26.66 25.88
CA ARG C 419 10.73 -27.00 24.48
C ARG C 419 11.05 -25.80 23.61
N VAL C 420 11.59 -26.09 22.43
CA VAL C 420 11.81 -25.13 21.37
C VAL C 420 11.19 -25.69 20.09
N VAL C 421 10.32 -24.90 19.45
CA VAL C 421 9.70 -25.24 18.18
C VAL C 421 10.35 -24.39 17.10
N VAL C 422 10.85 -25.04 16.06
CA VAL C 422 11.46 -24.36 14.92
C VAL C 422 10.46 -24.39 13.77
N ARG C 423 9.81 -23.26 13.50
CA ARG C 423 8.85 -23.13 12.42
C ARG C 423 9.50 -22.49 11.21
N GLN C 424 8.78 -22.53 10.09
CA GLN C 424 9.24 -21.76 8.95
C GLN C 424 9.22 -20.29 9.31
N GLY C 425 10.30 -19.59 9.02
CA GLY C 425 10.45 -18.23 9.46
C GLY C 425 11.34 -18.08 10.65
N PHE C 426 11.90 -19.17 11.17
CA PHE C 426 12.89 -19.14 12.23
C PHE C 426 14.20 -19.61 11.62
N SER C 427 15.14 -18.68 11.47
CA SER C 427 16.36 -18.91 10.72
C SER C 427 17.52 -19.35 11.63
N ARG C 428 18.62 -19.76 10.98
CA ARG C 428 19.87 -19.98 11.70
C ARG C 428 20.34 -18.74 12.45
N ASP C 429 20.22 -17.57 11.85
CA ASP C 429 20.61 -16.32 12.50
C ASP C 429 19.80 -16.07 13.76
N MET C 430 18.52 -16.45 13.73
CA MET C 430 17.68 -16.33 14.91
C MET C 430 18.03 -17.37 15.96
N ALA C 431 18.50 -18.54 15.53
CA ALA C 431 18.94 -19.55 16.49
C ALA C 431 20.10 -19.05 17.33
N ASP C 432 21.07 -18.42 16.69
CA ASP C 432 22.24 -17.95 17.41
C ASP C 432 21.89 -16.89 18.44
N MET C 433 20.96 -16.00 18.11
CA MET C 433 20.49 -15.00 19.05
C MET C 433 19.89 -15.66 20.29
N LEU C 434 19.05 -16.67 20.08
CA LEU C 434 18.46 -17.40 21.19
C LEU C 434 19.52 -18.17 22.00
N LEU C 435 20.45 -18.84 21.32
CA LEU C 435 21.52 -19.55 22.04
C LEU C 435 22.33 -18.59 22.89
N GLY C 436 22.73 -17.46 22.29
CA GLY C 436 23.47 -16.46 23.04
C GLY C 436 22.69 -15.95 24.24
N ASP C 437 21.40 -15.66 24.07
CA ASP C 437 20.62 -15.20 25.21
C ASP C 437 20.53 -16.28 26.26
N ILE C 438 20.54 -17.54 25.83
CA ILE C 438 20.55 -18.61 26.78
C ILE C 438 21.84 -18.59 27.56
N LYS C 439 22.97 -18.55 26.84
CA LYS C 439 24.26 -18.46 27.51
C LYS C 439 24.29 -17.30 28.50
N ASN C 440 23.74 -16.15 28.10
CA ASN C 440 23.72 -15.00 29.00
C ASN C 440 22.91 -15.29 30.26
N ALA C 441 21.77 -15.96 30.12
CA ALA C 441 20.88 -16.16 31.26
C ALA C 441 21.45 -17.19 32.25
N ILE C 442 22.15 -18.21 31.77
CA ILE C 442 22.75 -19.20 32.66
C ILE C 442 23.77 -18.54 33.56
N ALA C 443 24.60 -17.68 32.98
CA ALA C 443 25.62 -17.00 33.74
C ALA C 443 25.02 -16.15 34.84
N GLU C 444 23.92 -15.47 34.54
CA GLU C 444 23.25 -14.68 35.57
C GLU C 444 22.61 -15.55 36.62
N LEU C 445 22.03 -16.67 36.21
CA LEU C 445 21.40 -17.54 37.18
C LEU C 445 22.44 -18.23 38.05
N GLU C 446 23.59 -18.56 37.49
CA GLU C 446 24.60 -19.20 38.30
C GLU C 446 25.18 -18.26 39.34
N LYS C 447 24.93 -16.95 39.23
CA LYS C 447 25.36 -16.03 40.28
C LYS C 447 24.47 -16.02 41.52
N LEU C 448 23.33 -16.71 41.51
CA LEU C 448 22.41 -16.63 42.63
C LEU C 448 23.02 -17.23 43.87
N ASP C 449 22.83 -16.57 45.02
CA ASP C 449 23.27 -17.08 46.32
C ASP C 449 22.18 -17.84 47.06
N PHE C 450 20.93 -17.67 46.66
CA PHE C 450 19.73 -18.24 47.26
C PHE C 450 18.90 -18.94 46.21
N PRO C 451 18.05 -19.90 46.61
CA PRO C 451 17.20 -20.60 45.64
C PRO C 451 16.02 -19.76 45.16
N THR C 452 15.62 -20.01 43.92
CA THR C 452 14.45 -19.35 43.37
C THR C 452 13.19 -19.93 44.01
N PRO C 453 12.07 -19.22 43.91
CA PRO C 453 10.82 -19.79 44.46
C PRO C 453 10.47 -21.13 43.86
N THR C 454 10.61 -21.28 42.54
CA THR C 454 10.36 -22.56 41.89
C THR C 454 11.35 -23.61 42.36
N ARG C 455 12.60 -23.20 42.60
CA ARG C 455 13.61 -24.13 43.09
C ARG C 455 13.25 -24.62 44.47
N MET C 456 12.66 -23.75 45.28
CA MET C 456 12.23 -24.14 46.62
C MET C 456 11.06 -25.10 46.56
N ALA C 457 10.12 -24.85 45.65
CA ALA C 457 8.96 -25.74 45.52
C ALA C 457 9.37 -27.16 45.12
N GLN C 458 10.49 -27.32 44.42
CA GLN C 458 10.92 -28.63 43.98
C GLN C 458 11.54 -29.45 45.09
N GLU C 459 11.76 -28.83 46.25
CA GLU C 459 12.38 -29.48 47.41
C GLU C 459 11.35 -30.19 48.32
N MET D 1 -22.52 9.14 25.44
CA MET D 1 -21.50 9.41 24.42
C MET D 1 -22.13 9.59 23.02
N GLU D 2 -23.34 10.12 23.02
CA GLU D 2 -24.09 10.27 21.78
C GLU D 2 -23.44 11.29 20.84
N ASP D 3 -23.25 10.87 19.58
CA ASP D 3 -22.84 11.74 18.49
C ASP D 3 -24.07 12.16 17.70
N LEU D 4 -24.41 13.44 17.76
CA LEU D 4 -25.66 13.96 17.21
C LEU D 4 -25.69 14.02 15.70
N ASN D 5 -24.53 14.02 15.04
CA ASN D 5 -24.41 14.07 13.60
C ASN D 5 -23.99 12.76 13.00
N PHE D 6 -24.18 11.65 13.73
CA PHE D 6 -23.69 10.36 13.24
C PHE D 6 -24.29 10.04 11.88
N ARG D 7 -25.58 10.27 11.71
CA ARG D 7 -26.23 9.95 10.45
C ARG D 7 -26.05 11.04 9.40
N LYS D 8 -25.62 12.24 9.79
CA LYS D 8 -25.56 13.37 8.85
C LYS D 8 -24.22 13.47 8.11
N GLY D 9 -23.21 12.69 8.52
CA GLY D 9 -21.92 12.66 7.86
C GLY D 9 -20.82 13.41 8.60
N ASP D 10 -20.45 12.96 9.80
CA ASP D 10 -19.34 13.59 10.48
C ASP D 10 -18.17 12.62 10.54
N ALA D 11 -17.20 12.90 11.41
CA ALA D 11 -16.01 12.05 11.47
C ALA D 11 -16.32 10.69 12.09
N LYS D 12 -17.42 10.55 12.82
CA LYS D 12 -17.72 9.27 13.42
C LYS D 12 -18.65 8.42 12.55
N THR D 13 -19.26 9.02 11.54
CA THR D 13 -20.27 8.35 10.73
C THR D 13 -19.77 7.06 10.12
N ASP D 14 -20.60 6.02 10.22
CA ASP D 14 -20.44 4.82 9.40
C ASP D 14 -21.20 4.97 8.10
N VAL D 15 -20.56 4.56 6.99
CA VAL D 15 -21.18 4.73 5.67
C VAL D 15 -22.55 4.09 5.65
N PHE D 16 -22.66 2.87 6.16
CA PHE D 16 -23.90 2.13 6.10
C PHE D 16 -24.68 2.23 7.41
N GLY D 17 -24.49 3.32 8.14
CA GLY D 17 -25.39 3.71 9.20
C GLY D 17 -25.79 5.15 8.97
N SER D 18 -25.62 5.61 7.72
CA SER D 18 -25.89 6.97 7.32
C SER D 18 -27.26 7.11 6.64
N ASP D 19 -27.82 8.32 6.72
CA ASP D 19 -29.05 8.63 6.01
C ASP D 19 -28.87 8.59 4.51
N ARG D 20 -27.67 8.93 4.04
CA ARG D 20 -27.39 8.99 2.61
C ARG D 20 -27.45 7.62 1.95
N MET D 21 -26.94 6.60 2.63
CA MET D 21 -26.99 5.24 2.10
C MET D 21 -28.37 4.61 2.25
N LEU D 22 -29.35 5.37 2.70
CA LEU D 22 -30.76 5.01 2.58
C LEU D 22 -31.38 5.69 1.38
N GLN D 23 -30.58 6.35 0.55
CA GLN D 23 -31.04 7.13 -0.58
C GLN D 23 -30.46 6.60 -1.89
N PRO D 24 -31.18 6.77 -3.00
CA PRO D 24 -30.67 6.29 -4.29
C PRO D 24 -29.66 7.26 -4.90
N SER D 25 -28.89 6.72 -5.85
CA SER D 25 -27.89 7.52 -6.52
C SER D 25 -28.55 8.58 -7.41
N PRO D 26 -27.86 9.70 -7.67
CA PRO D 26 -28.43 10.75 -8.52
C PRO D 26 -28.53 10.29 -9.97
N VAL D 27 -29.68 10.50 -10.58
CA VAL D 27 -29.91 10.05 -11.95
C VAL D 27 -29.96 11.22 -12.91
N GLU D 28 -30.68 12.27 -12.54
CA GLU D 28 -30.92 13.42 -13.39
C GLU D 28 -30.06 14.62 -13.01
N ARG D 29 -30.11 15.04 -11.75
CA ARG D 29 -29.50 16.30 -11.38
C ARG D 29 -28.38 16.05 -10.38
N ILE D 30 -27.43 16.98 -10.35
CA ILE D 30 -26.33 16.93 -9.40
C ILE D 30 -26.88 17.18 -7.99
N PRO D 31 -26.36 16.53 -6.96
CA PRO D 31 -26.88 16.81 -5.62
C PRO D 31 -26.60 18.25 -5.22
N ASP D 32 -27.49 18.81 -4.40
CA ASP D 32 -27.31 20.20 -3.96
C ASP D 32 -26.03 20.37 -3.15
N GLY D 33 -25.72 19.39 -2.29
CA GLY D 33 -24.60 19.46 -1.38
C GLY D 33 -23.71 18.23 -1.40
N PRO D 34 -22.71 18.21 -0.52
CA PRO D 34 -21.73 17.11 -0.53
C PRO D 34 -22.02 15.95 0.43
N THR D 35 -21.23 14.89 0.28
CA THR D 35 -21.11 13.82 1.27
C THR D 35 -19.63 13.63 1.60
N THR D 36 -19.35 12.67 2.46
CA THR D 36 -17.97 12.33 2.78
C THR D 36 -17.36 11.48 1.68
N PRO D 37 -16.03 11.44 1.60
CA PRO D 37 -15.42 10.60 0.56
C PRO D 37 -15.73 9.12 0.71
N GLU D 38 -15.86 8.61 1.93
CA GLU D 38 -16.16 7.19 2.09
C GLU D 38 -17.52 6.83 1.49
N VAL D 39 -18.55 7.62 1.83
CA VAL D 39 -19.88 7.40 1.26
C VAL D 39 -19.85 7.48 -0.26
N ALA D 40 -19.27 8.55 -0.80
CA ALA D 40 -19.25 8.73 -2.24
C ALA D 40 -18.46 7.63 -2.93
N TYR D 41 -17.36 7.16 -2.32
CA TYR D 41 -16.59 6.09 -2.94
C TYR D 41 -17.41 4.81 -2.99
N GLN D 42 -18.06 4.47 -1.87
CA GLN D 42 -18.88 3.27 -1.84
C GLN D 42 -20.05 3.36 -2.82
N MET D 43 -20.74 4.49 -2.88
CA MET D 43 -21.87 4.59 -3.77
C MET D 43 -21.48 4.27 -5.20
N VAL D 44 -20.36 4.80 -5.66
CA VAL D 44 -19.95 4.57 -7.04
C VAL D 44 -19.38 3.17 -7.19
N LYS D 45 -18.56 2.73 -6.24
CA LYS D 45 -17.93 1.42 -6.34
C LYS D 45 -18.96 0.31 -6.34
N ASP D 46 -19.96 0.40 -5.45
CA ASP D 46 -20.89 -0.72 -5.26
C ASP D 46 -21.70 -1.01 -6.52
N GLU D 47 -21.92 0.00 -7.37
CA GLU D 47 -22.61 -0.22 -8.63
C GLU D 47 -21.78 -1.06 -9.61
N THR D 48 -20.47 -1.15 -9.42
CA THR D 48 -19.66 -1.88 -10.39
C THR D 48 -19.58 -3.38 -10.10
N PHE D 49 -20.13 -3.83 -8.98
CA PHE D 49 -20.04 -5.24 -8.64
C PHE D 49 -20.93 -6.08 -9.55
N ALA D 50 -22.13 -5.57 -9.90
CA ALA D 50 -23.18 -6.33 -10.58
C ALA D 50 -23.04 -6.27 -12.10
N GLN D 51 -21.94 -6.81 -12.59
CA GLN D 51 -21.66 -6.94 -14.01
C GLN D 51 -20.45 -7.87 -14.14
N THR D 52 -20.08 -8.19 -15.37
CA THR D 52 -19.03 -9.16 -15.60
C THR D 52 -17.69 -8.69 -15.02
N GLN D 53 -16.98 -9.60 -14.38
CA GLN D 53 -15.62 -9.30 -13.99
C GLN D 53 -14.76 -9.27 -15.25
N PRO D 54 -13.89 -8.27 -15.43
CA PRO D 54 -13.14 -8.17 -16.69
C PRO D 54 -12.37 -9.43 -17.07
N ARG D 55 -11.75 -10.13 -16.12
CA ARG D 55 -10.96 -11.30 -16.49
C ARG D 55 -11.83 -12.41 -17.07
N LEU D 56 -13.13 -12.38 -16.82
CA LEU D 56 -14.06 -13.39 -17.33
C LEU D 56 -14.82 -12.91 -18.56
N ASN D 57 -14.58 -11.68 -19.00
CA ASN D 57 -15.16 -11.17 -20.24
C ASN D 57 -14.37 -11.73 -21.41
N LEU D 58 -14.89 -12.77 -22.04
CA LEU D 58 -14.24 -13.35 -23.21
C LEU D 58 -14.76 -12.76 -24.52
N ALA D 59 -15.71 -11.83 -24.43
CA ALA D 59 -16.13 -11.12 -25.63
C ALA D 59 -15.04 -10.15 -26.08
N THR D 60 -14.35 -9.52 -25.14
CA THR D 60 -13.49 -8.41 -25.49
C THR D 60 -12.14 -8.92 -25.94
N PHE D 61 -11.50 -8.13 -26.80
CA PHE D 61 -10.13 -8.34 -27.24
C PHE D 61 -9.16 -7.48 -26.45
N VAL D 62 -9.68 -6.57 -25.64
CA VAL D 62 -8.95 -5.47 -25.02
C VAL D 62 -8.42 -5.90 -23.66
N THR D 63 -7.20 -5.43 -23.35
CA THR D 63 -6.41 -5.86 -22.20
C THR D 63 -7.12 -5.68 -20.86
N THR D 64 -7.11 -6.77 -20.08
CA THR D 64 -7.64 -6.81 -18.73
C THR D 64 -6.59 -7.23 -17.69
N TYR D 65 -5.37 -7.55 -18.10
CA TYR D 65 -4.26 -7.90 -17.22
C TYR D 65 -2.96 -7.25 -17.69
N MET D 66 -2.24 -6.61 -16.76
CA MET D 66 -0.83 -6.22 -16.91
C MET D 66 -0.12 -6.52 -15.60
N ASP D 67 1.20 -6.69 -15.65
CA ASP D 67 1.89 -7.08 -14.42
C ASP D 67 1.87 -5.91 -13.43
N ASP D 68 2.40 -6.15 -12.23
CA ASP D 68 2.27 -5.18 -11.15
C ASP D 68 3.11 -3.95 -11.40
N TYR D 69 4.23 -4.10 -12.10
CA TYR D 69 5.07 -2.94 -12.40
C TYR D 69 4.45 -2.08 -13.48
N ALA D 70 3.92 -2.69 -14.54
CA ALA D 70 3.26 -1.92 -15.58
C ALA D 70 2.06 -1.18 -15.02
N THR D 71 1.31 -1.83 -14.13
CA THR D 71 0.15 -1.19 -13.53
C THR D 71 0.54 -0.02 -12.66
N LYS D 72 1.58 -0.19 -11.81
CA LYS D 72 2.02 0.87 -10.92
C LYS D 72 2.44 2.11 -11.69
N LEU D 73 3.31 1.90 -12.68
CA LEU D 73 3.76 2.95 -13.58
C LEU D 73 2.58 3.73 -14.12
N MET D 74 1.59 3.00 -14.64
CA MET D 74 0.46 3.64 -15.28
C MET D 74 -0.42 4.35 -14.24
N ASN D 75 -0.66 3.71 -13.10
CA ASN D 75 -1.38 4.38 -12.03
C ASN D 75 -0.67 5.65 -11.58
N GLU D 76 0.66 5.61 -11.53
CA GLU D 76 1.41 6.81 -11.17
C GLU D 76 1.31 7.91 -12.21
N ALA D 77 1.00 7.59 -13.47
CA ALA D 77 0.90 8.62 -14.49
C ALA D 77 -0.52 9.14 -14.64
N ILE D 78 -1.38 8.90 -13.65
CA ILE D 78 -2.81 9.14 -13.84
C ILE D 78 -3.08 10.60 -14.16
N ASN D 79 -2.23 11.51 -13.70
CA ASN D 79 -2.49 12.93 -13.86
C ASN D 79 -1.58 13.55 -14.92
N ILE D 80 -1.17 12.77 -15.92
CA ILE D 80 -0.24 13.21 -16.95
C ILE D 80 -0.99 13.38 -18.27
N ASN D 81 -1.12 14.61 -18.74
CA ASN D 81 -1.79 14.95 -19.98
C ASN D 81 -0.79 14.79 -21.11
N TYR D 82 -0.98 13.79 -21.99
CA TYR D 82 0.02 13.55 -23.03
C TYR D 82 0.34 14.81 -23.83
N ILE D 83 -0.69 15.56 -24.22
CA ILE D 83 -0.53 16.60 -25.22
C ILE D 83 0.38 17.73 -24.76
N ASP D 84 0.60 17.88 -23.46
CA ASP D 84 1.49 18.94 -22.98
C ASP D 84 2.94 18.59 -23.27
N GLU D 85 3.31 18.55 -24.55
CA GLU D 85 4.62 18.09 -24.97
C GLU D 85 5.74 19.08 -24.63
N THR D 86 5.47 20.38 -24.66
CA THR D 86 6.49 21.30 -24.17
C THR D 86 6.77 21.04 -22.70
N GLU D 87 5.73 20.78 -21.93
CA GLU D 87 5.92 20.53 -20.51
C GLU D 87 6.45 19.13 -20.23
N TYR D 88 6.05 18.12 -21.00
CA TYR D 88 6.54 16.76 -20.80
C TYR D 88 7.21 16.25 -22.08
N PRO D 89 8.37 16.80 -22.43
CA PRO D 89 8.98 16.40 -23.69
C PRO D 89 9.59 15.00 -23.64
N ARG D 90 9.86 14.43 -22.47
CA ARG D 90 10.40 13.08 -22.45
C ARG D 90 9.36 12.05 -22.84
N ILE D 91 8.11 12.26 -22.44
CA ILE D 91 7.04 11.36 -22.86
C ILE D 91 6.74 11.54 -24.34
N ALA D 92 6.82 12.78 -24.83
CA ALA D 92 6.68 13.03 -26.27
C ALA D 92 7.75 12.26 -27.06
N VAL D 93 8.99 12.25 -26.58
CA VAL D 93 10.04 11.48 -27.25
C VAL D 93 9.75 10.00 -27.15
N MET D 94 9.37 9.55 -25.96
CA MET D 94 9.01 8.17 -25.74
C MET D 94 7.95 7.75 -26.75
N ASN D 95 6.94 8.60 -26.93
CA ASN D 95 5.90 8.34 -27.90
C ASN D 95 6.48 8.09 -29.30
N GLY D 96 7.41 8.95 -29.72
CA GLY D 96 8.03 8.77 -31.02
C GLY D 96 8.83 7.48 -31.12
N LYS D 97 9.43 7.05 -30.02
CA LYS D 97 10.20 5.82 -30.05
C LYS D 97 9.30 4.60 -30.20
N CYS D 98 8.10 4.63 -29.60
CA CYS D 98 7.16 3.54 -29.80
C CYS D 98 6.72 3.47 -31.25
N ILE D 99 6.48 4.62 -31.86
CA ILE D 99 6.12 4.61 -33.27
C ILE D 99 7.26 4.05 -34.10
N ASN D 100 8.50 4.41 -33.80
CA ASN D 100 9.59 3.82 -34.56
C ASN D 100 9.56 2.30 -34.40
N ILE D 101 9.42 1.84 -33.16
CA ILE D 101 9.52 0.41 -32.86
C ILE D 101 8.41 -0.37 -33.56
N VAL D 102 7.19 0.17 -33.52
CA VAL D 102 6.05 -0.44 -34.21
C VAL D 102 6.27 -0.45 -35.71
N ALA D 103 6.62 0.71 -36.27
CA ALA D 103 6.80 0.81 -37.72
C ALA D 103 7.88 -0.13 -38.21
N ASN D 104 8.92 -0.35 -37.40
CA ASN D 104 9.91 -1.35 -37.76
C ASN D 104 9.37 -2.75 -37.60
N LEU D 105 8.49 -2.96 -36.62
CA LEU D 105 7.83 -4.26 -36.50
C LEU D 105 7.05 -4.61 -37.76
N TRP D 106 6.53 -3.59 -38.45
CA TRP D 106 5.77 -3.77 -39.67
C TRP D 106 6.62 -3.63 -40.92
N ASN D 107 7.93 -3.74 -40.79
CA ASN D 107 8.86 -3.70 -41.91
C ASN D 107 8.73 -2.39 -42.72
N SER D 108 8.63 -1.27 -42.03
CA SER D 108 8.62 0.00 -42.72
C SER D 108 9.95 0.24 -43.42
N PRO D 109 9.95 0.68 -44.67
CA PRO D 109 11.20 1.01 -45.37
C PRO D 109 11.64 2.45 -45.21
N GLU D 110 10.85 3.27 -44.49
CA GLU D 110 11.20 4.66 -44.26
C GLU D 110 12.60 4.78 -43.66
N LYS D 111 13.35 5.74 -44.17
CA LYS D 111 14.75 5.87 -43.79
C LYS D 111 14.95 6.85 -42.65
N ASP D 112 13.91 7.58 -42.27
CA ASP D 112 13.99 8.45 -41.12
C ASP D 112 14.26 7.65 -39.87
N THR D 113 15.01 8.25 -38.97
CA THR D 113 15.09 7.67 -37.65
C THR D 113 13.74 7.82 -36.96
N TRP D 114 13.06 8.95 -37.18
CA TRP D 114 11.73 9.19 -36.61
C TRP D 114 10.66 8.78 -37.62
N LYS D 115 10.12 7.58 -37.43
CA LYS D 115 9.20 7.01 -38.39
C LYS D 115 7.86 7.73 -38.37
N THR D 116 7.14 7.64 -39.49
CA THR D 116 5.92 8.41 -39.70
C THR D 116 4.72 7.59 -39.19
N GLY D 117 4.09 8.08 -38.13
CA GLY D 117 2.97 7.40 -37.50
C GLY D 117 2.29 8.33 -36.53
N ALA D 118 1.26 7.83 -35.86
CA ALA D 118 0.53 8.66 -34.90
C ALA D 118 -0.05 7.79 -33.78
N LEU D 119 -0.06 8.38 -32.59
CA LEU D 119 -0.70 7.83 -31.42
C LEU D 119 -2.23 7.92 -31.53
N ALA D 120 -2.91 6.92 -30.98
CA ALA D 120 -4.36 6.83 -31.00
C ALA D 120 -4.85 6.29 -29.66
N ILE D 121 -6.14 6.50 -29.40
CA ILE D 121 -6.80 5.88 -28.26
C ILE D 121 -7.09 4.39 -28.52
N GLY D 122 -7.27 4.01 -29.78
CA GLY D 122 -7.51 2.62 -30.17
C GLY D 122 -7.49 2.50 -31.68
N SER D 123 -7.95 1.36 -32.19
CA SER D 123 -8.06 1.22 -33.65
C SER D 123 -9.08 2.18 -34.25
N SER D 124 -10.05 2.62 -33.46
CA SER D 124 -11.07 3.54 -33.95
C SER D 124 -10.43 4.80 -34.53
N GLU D 125 -9.65 5.52 -33.72
CA GLU D 125 -8.93 6.71 -34.21
C GLU D 125 -7.87 6.33 -35.24
N ALA D 126 -7.13 5.25 -34.98
CA ALA D 126 -6.07 4.84 -35.89
C ALA D 126 -6.61 4.64 -37.30
N CYS D 127 -7.76 3.95 -37.41
CA CYS D 127 -8.39 3.68 -38.70
C CYS D 127 -8.84 4.97 -39.38
N MET D 128 -9.57 5.81 -38.64
CA MET D 128 -10.09 7.05 -39.20
C MET D 128 -8.99 7.93 -39.78
N LEU D 129 -7.84 7.98 -39.10
CA LEU D 129 -6.72 8.82 -39.55
C LEU D 129 -6.10 8.28 -40.84
N GLY D 130 -5.96 6.95 -40.94
CA GLY D 130 -5.55 6.37 -42.21
C GLY D 130 -6.58 6.60 -43.30
N GLY D 131 -7.87 6.52 -42.94
CA GLY D 131 -8.92 6.73 -43.91
C GLY D 131 -8.96 8.15 -44.42
N VAL D 132 -8.71 9.12 -43.54
CA VAL D 132 -8.68 10.50 -43.99
C VAL D 132 -7.45 10.77 -44.83
N ALA D 133 -6.31 10.21 -44.45
CA ALA D 133 -5.12 10.38 -45.26
C ALA D 133 -5.34 9.81 -46.65
N ALA D 134 -5.94 8.62 -46.72
CA ALA D 134 -6.26 8.03 -48.02
C ALA D 134 -7.27 8.88 -48.77
N TRP D 135 -8.21 9.46 -48.04
CA TRP D 135 -9.19 10.33 -48.67
C TRP D 135 -8.51 11.54 -49.27
N LEU D 136 -7.62 12.18 -48.53
CA LEU D 136 -6.97 13.40 -49.05
C LEU D 136 -6.04 13.09 -50.22
N ARG D 137 -5.34 11.95 -50.16
CA ARG D 137 -4.47 11.56 -51.27
C ARG D 137 -5.26 11.43 -52.57
N TRP D 138 -6.47 10.90 -52.48
CA TRP D 138 -7.33 10.71 -53.65
C TRP D 138 -7.85 12.04 -54.18
N ARG D 139 -8.31 12.92 -53.30
CA ARG D 139 -8.81 14.23 -53.73
C ARG D 139 -7.77 14.97 -54.54
N LYS D 140 -6.51 14.96 -54.11
CA LYS D 140 -5.47 15.71 -54.80
C LYS D 140 -5.08 15.04 -56.11
N LYS D 141 -5.08 13.71 -56.15
CA LYS D 141 -4.83 13.03 -57.41
C LYS D 141 -5.87 13.44 -58.44
N ARG D 142 -7.13 13.33 -58.06
CA ARG D 142 -8.24 13.59 -58.97
C ARG D 142 -8.29 15.05 -59.41
N GLN D 143 -8.03 16.00 -58.49
CA GLN D 143 -7.94 17.40 -58.91
C GLN D 143 -6.86 17.55 -59.97
N ALA D 144 -5.68 17.00 -59.69
CA ALA D 144 -4.57 17.10 -60.61
C ALA D 144 -4.91 16.48 -61.95
N GLN D 145 -5.84 15.53 -61.98
CA GLN D 145 -6.20 14.94 -63.24
C GLN D 145 -7.46 15.54 -63.86
N GLY D 146 -8.06 16.55 -63.23
CA GLY D 146 -9.30 17.09 -63.75
C GLY D 146 -10.51 16.21 -63.55
N LYS D 147 -10.37 15.11 -62.83
CA LYS D 147 -11.45 14.20 -62.47
C LYS D 147 -12.26 14.76 -61.30
N PRO D 148 -13.50 14.33 -61.13
CA PRO D 148 -14.29 14.81 -59.99
C PRO D 148 -13.90 14.07 -58.72
N PHE D 149 -14.32 14.63 -57.60
CA PHE D 149 -13.93 14.05 -56.31
C PHE D 149 -14.98 14.37 -55.25
N ASP D 150 -16.25 14.30 -55.63
CA ASP D 150 -17.32 14.63 -54.70
C ASP D 150 -18.18 13.44 -54.27
N LYS D 151 -17.92 12.25 -54.81
CA LYS D 151 -18.68 11.05 -54.44
C LYS D 151 -17.70 9.91 -54.17
N PRO D 152 -16.91 10.01 -53.10
CA PRO D 152 -15.90 8.99 -52.79
C PRO D 152 -16.49 7.78 -52.07
N ASN D 153 -15.81 6.65 -52.21
CA ASN D 153 -16.18 5.43 -51.49
C ASN D 153 -14.93 4.69 -51.01
N PHE D 154 -15.16 3.67 -50.17
CA PHE D 154 -14.13 2.72 -49.78
C PHE D 154 -14.75 1.32 -49.72
N VAL D 155 -13.88 0.30 -49.75
CA VAL D 155 -14.26 -1.11 -49.86
C VAL D 155 -13.75 -1.91 -48.65
N ILE D 156 -14.60 -2.78 -48.11
CA ILE D 156 -14.27 -3.52 -46.90
C ILE D 156 -15.15 -4.77 -46.81
N SER D 157 -14.69 -5.78 -46.06
CA SER D 157 -15.52 -6.97 -45.83
C SER D 157 -16.68 -6.67 -44.88
N THR D 158 -17.77 -7.43 -45.05
CA THR D 158 -18.95 -7.29 -44.20
C THR D 158 -18.62 -7.55 -42.74
N GLY D 159 -17.55 -8.29 -42.49
CA GLY D 159 -17.11 -8.51 -41.14
C GLY D 159 -16.39 -7.30 -40.61
N PHE D 160 -16.86 -6.11 -40.96
CA PHE D 160 -16.17 -4.91 -40.53
C PHE D 160 -16.48 -4.66 -39.08
N GLN D 161 -15.51 -4.08 -38.39
CA GLN D 161 -15.72 -3.58 -37.06
C GLN D 161 -16.38 -2.21 -37.20
N VAL D 162 -17.27 -1.90 -36.26
CA VAL D 162 -18.19 -0.78 -36.43
C VAL D 162 -17.48 0.56 -36.65
N VAL D 163 -16.17 0.66 -36.43
CA VAL D 163 -15.52 1.96 -36.60
C VAL D 163 -15.60 2.42 -38.06
N TRP D 164 -15.63 1.51 -39.02
CA TRP D 164 -15.70 1.94 -40.39
C TRP D 164 -17.06 2.48 -40.77
N GLU D 165 -18.13 2.01 -40.12
CA GLU D 165 -19.42 2.66 -40.35
C GLU D 165 -19.44 4.02 -39.71
N LYS D 166 -18.82 4.15 -38.54
CA LYS D 166 -18.62 5.46 -37.94
C LYS D 166 -17.92 6.39 -38.92
N PHE D 167 -16.81 5.92 -39.50
CA PHE D 167 -16.06 6.69 -40.48
C PHE D 167 -16.93 7.09 -41.67
N ALA D 168 -17.62 6.11 -42.25
CA ALA D 168 -18.51 6.37 -43.37
C ALA D 168 -19.58 7.38 -42.97
N GLN D 169 -20.14 7.22 -41.78
CA GLN D 169 -21.19 8.12 -41.36
C GLN D 169 -20.64 9.51 -41.06
N LEU D 170 -19.47 9.59 -40.42
CA LEU D 170 -18.97 10.87 -39.96
C LEU D 170 -18.25 11.69 -41.03
N TRP D 171 -17.80 11.07 -42.11
CA TRP D 171 -17.26 11.82 -43.23
C TRP D 171 -18.12 11.78 -44.47
N GLN D 172 -19.29 11.15 -44.42
CA GLN D 172 -20.13 10.98 -45.59
C GLN D 172 -19.36 10.31 -46.72
N ILE D 173 -18.74 9.18 -46.42
CA ILE D 173 -18.02 8.40 -47.41
C ILE D 173 -18.74 7.08 -47.61
N GLU D 174 -18.92 6.69 -48.86
CA GLU D 174 -19.73 5.52 -49.17
C GLU D 174 -18.96 4.28 -48.76
N MET D 175 -19.61 3.38 -48.02
CA MET D 175 -19.00 2.13 -47.60
C MET D 175 -19.53 0.99 -48.43
N ARG D 176 -18.62 0.25 -49.07
CA ARG D 176 -18.96 -0.90 -49.88
C ARG D 176 -18.48 -2.17 -49.20
N GLU D 177 -19.40 -3.08 -48.88
CA GLU D 177 -19.10 -4.24 -48.08
C GLU D 177 -19.07 -5.48 -48.95
N VAL D 178 -18.02 -6.28 -48.81
CA VAL D 178 -17.89 -7.55 -49.52
C VAL D 178 -18.40 -8.66 -48.61
N PRO D 179 -19.43 -9.38 -49.00
CA PRO D 179 -20.07 -10.31 -48.06
C PRO D 179 -19.17 -11.49 -47.75
N LEU D 180 -19.55 -12.20 -46.70
CA LEU D 180 -18.86 -13.43 -46.41
C LEU D 180 -19.69 -14.49 -47.08
N THR D 181 -19.02 -15.46 -47.68
CA THR D 181 -19.74 -16.56 -48.33
C THR D 181 -19.10 -17.87 -47.92
N LEU D 182 -19.71 -18.96 -48.39
CA LEU D 182 -19.20 -20.30 -48.15
C LEU D 182 -17.94 -20.61 -48.95
N GLU D 183 -17.70 -19.92 -50.07
CA GLU D 183 -16.47 -20.17 -50.83
C GLU D 183 -15.24 -19.71 -50.05
N LYS D 184 -15.28 -18.51 -49.52
CA LYS D 184 -14.13 -18.01 -48.80
C LYS D 184 -14.57 -17.52 -47.44
N THR D 185 -13.81 -17.93 -46.43
CA THR D 185 -14.14 -17.55 -45.08
C THR D 185 -13.70 -16.13 -44.78
N THR D 186 -12.91 -15.53 -45.67
CA THR D 186 -12.50 -14.15 -45.51
C THR D 186 -12.75 -13.36 -46.79
N LEU D 187 -12.25 -12.13 -46.79
CA LEU D 187 -12.37 -11.25 -47.94
C LEU D 187 -11.74 -11.89 -49.17
N ASP D 188 -12.54 -12.05 -50.22
CA ASP D 188 -12.03 -12.45 -51.52
C ASP D 188 -11.52 -11.22 -52.28
N PRO D 189 -10.25 -11.20 -52.71
CA PRO D 189 -9.76 -10.01 -53.43
C PRO D 189 -10.52 -9.70 -54.69
N GLU D 190 -10.81 -10.71 -55.51
CA GLU D 190 -11.47 -10.46 -56.78
C GLU D 190 -12.84 -9.82 -56.57
N GLU D 191 -13.63 -10.33 -55.61
CA GLU D 191 -14.92 -9.71 -55.33
C GLU D 191 -14.77 -8.30 -54.81
N ALA D 192 -13.74 -8.06 -54.00
CA ALA D 192 -13.50 -6.71 -53.52
C ALA D 192 -13.26 -5.75 -54.68
N LEU D 193 -12.55 -6.20 -55.72
CA LEU D 193 -12.22 -5.33 -56.86
C LEU D 193 -13.45 -4.96 -57.67
N LYS D 194 -14.42 -5.87 -57.77
CA LYS D 194 -15.65 -5.55 -58.47
C LYS D 194 -16.39 -4.38 -57.86
N MET D 195 -16.07 -4.02 -56.62
CA MET D 195 -16.76 -2.94 -55.97
C MET D 195 -16.00 -1.64 -56.05
N CYS D 196 -14.88 -1.62 -56.75
CA CYS D 196 -14.04 -0.45 -56.92
C CYS D 196 -14.41 0.33 -58.17
N ASP D 197 -14.14 1.63 -58.14
CA ASP D 197 -14.25 2.49 -59.31
C ASP D 197 -13.28 3.64 -59.12
N GLU D 198 -13.40 4.66 -59.96
CA GLU D 198 -12.56 5.84 -59.86
C GLU D 198 -12.76 6.59 -58.55
N ASN D 199 -13.76 6.26 -57.75
CA ASN D 199 -14.04 6.99 -56.52
C ASN D 199 -13.58 6.26 -55.27
N THR D 200 -12.93 5.10 -55.43
CA THR D 200 -12.52 4.27 -54.29
C THR D 200 -11.20 4.78 -53.72
N ILE D 201 -11.21 5.19 -52.44
CA ILE D 201 -10.05 5.81 -51.79
C ILE D 201 -9.04 4.82 -51.20
N CYS D 202 -9.46 3.59 -50.91
CA CYS D 202 -8.60 2.54 -50.37
C CYS D 202 -9.45 1.29 -50.22
N VAL D 203 -8.77 0.15 -50.07
CA VAL D 203 -9.39 -1.11 -49.69
C VAL D 203 -8.79 -1.54 -48.36
N VAL D 204 -9.62 -2.09 -47.47
CA VAL D 204 -9.24 -2.36 -46.08
C VAL D 204 -9.37 -3.85 -45.74
N PRO D 205 -8.32 -4.66 -45.90
CA PRO D 205 -8.36 -6.02 -45.37
C PRO D 205 -8.19 -5.98 -43.87
N ILE D 206 -8.65 -7.04 -43.19
CA ILE D 206 -8.64 -7.09 -41.73
C ILE D 206 -7.79 -8.25 -41.24
N GLN D 207 -6.83 -7.94 -40.35
CA GLN D 207 -6.04 -8.94 -39.66
C GLN D 207 -6.58 -9.09 -38.25
N GLY D 208 -7.26 -10.23 -37.99
CA GLY D 208 -7.97 -10.52 -36.76
C GLY D 208 -9.41 -10.05 -36.82
N VAL D 209 -10.17 -10.57 -37.78
CA VAL D 209 -11.55 -10.17 -37.98
C VAL D 209 -12.37 -10.49 -36.74
N THR D 210 -13.09 -9.51 -36.22
CA THR D 210 -13.78 -9.71 -34.94
C THR D 210 -14.85 -10.78 -35.03
N TRP D 211 -15.55 -10.88 -36.15
CA TRP D 211 -16.64 -11.84 -36.22
C TRP D 211 -16.12 -13.28 -36.30
N THR D 212 -14.97 -13.50 -36.92
CA THR D 212 -14.48 -14.85 -37.19
C THR D 212 -13.11 -15.17 -36.61
N GLY D 213 -12.23 -14.18 -36.44
CA GLY D 213 -10.88 -14.38 -35.93
C GLY D 213 -9.79 -14.69 -36.94
N LEU D 214 -10.04 -14.49 -38.23
CA LEU D 214 -9.14 -14.85 -39.32
C LEU D 214 -8.54 -13.60 -39.95
N ASN D 215 -7.66 -13.84 -40.92
CA ASN D 215 -6.91 -12.79 -41.61
C ASN D 215 -7.27 -12.78 -43.08
N ASP D 216 -7.72 -11.63 -43.58
CA ASP D 216 -7.77 -11.43 -45.01
C ASP D 216 -6.38 -11.60 -45.60
N ASP D 217 -6.29 -12.29 -46.74
CA ASP D 217 -5.00 -12.50 -47.39
C ASP D 217 -4.61 -11.19 -48.05
N VAL D 218 -3.67 -10.46 -47.45
CA VAL D 218 -3.35 -9.15 -47.97
C VAL D 218 -2.42 -9.26 -49.18
N GLU D 219 -1.46 -10.19 -49.15
CA GLU D 219 -0.58 -10.34 -50.30
C GLU D 219 -1.37 -10.76 -51.51
N ALA D 220 -2.33 -11.66 -51.32
CA ALA D 220 -3.23 -12.01 -52.39
C ALA D 220 -4.02 -10.79 -52.85
N LEU D 221 -4.48 -9.98 -51.90
CA LEU D 221 -5.11 -8.71 -52.26
C LEU D 221 -4.11 -7.80 -52.95
N ASP D 222 -2.90 -7.71 -52.40
CA ASP D 222 -1.91 -6.82 -52.98
C ASP D 222 -1.59 -7.22 -54.41
N LYS D 223 -1.50 -8.53 -54.68
CA LYS D 223 -1.15 -8.98 -56.03
C LYS D 223 -2.25 -8.62 -57.05
N ALA D 224 -3.52 -8.69 -56.64
CA ALA D 224 -4.62 -8.37 -57.55
C ALA D 224 -4.74 -6.87 -57.77
N LEU D 225 -4.63 -6.07 -56.70
CA LEU D 225 -4.70 -4.62 -56.85
C LEU D 225 -3.65 -4.10 -57.80
N ASP D 226 -2.51 -4.79 -57.84
CA ASP D 226 -1.44 -4.38 -58.75
C ASP D 226 -1.88 -4.54 -60.19
N ALA D 227 -2.52 -5.66 -60.53
CA ALA D 227 -3.05 -5.86 -61.88
C ALA D 227 -4.25 -4.95 -62.19
N TYR D 228 -5.09 -4.67 -61.20
CA TYR D 228 -6.25 -3.80 -61.39
C TYR D 228 -5.86 -2.33 -61.57
N ASN D 229 -4.89 -1.82 -60.77
CA ASN D 229 -4.43 -0.44 -60.90
C ASN D 229 -3.73 -0.18 -62.22
N ALA D 230 -2.90 -1.12 -62.67
CA ALA D 230 -2.30 -1.03 -63.99
C ALA D 230 -3.36 -1.03 -65.07
N LYS D 231 -4.48 -1.71 -64.84
CA LYS D 231 -5.53 -1.64 -65.83
C LYS D 231 -6.23 -0.28 -65.77
N THR D 232 -6.54 0.21 -64.57
CA THR D 232 -7.41 1.36 -64.45
C THR D 232 -6.67 2.69 -64.34
N GLY D 233 -5.47 2.68 -63.79
CA GLY D 233 -4.86 3.93 -63.36
C GLY D 233 -5.53 4.55 -62.15
N TYR D 234 -6.43 3.81 -61.47
CA TYR D 234 -7.14 4.36 -60.32
C TYR D 234 -6.23 4.53 -59.12
N ASP D 235 -5.12 3.81 -59.09
CA ASP D 235 -4.06 4.00 -58.10
C ASP D 235 -4.60 3.90 -56.68
N ILE D 236 -5.28 2.79 -56.42
CA ILE D 236 -6.00 2.58 -55.19
C ILE D 236 -5.07 1.94 -54.17
N PRO D 237 -5.05 2.43 -52.93
CA PRO D 237 -4.10 1.90 -51.96
C PRO D 237 -4.76 0.94 -50.99
N ILE D 238 -3.94 0.29 -50.18
CA ILE D 238 -4.40 -0.64 -49.17
C ILE D 238 -4.12 0.04 -47.84
N HIS D 239 -5.14 0.08 -46.99
CA HIS D 239 -4.92 0.32 -45.57
C HIS D 239 -5.29 -0.95 -44.81
N VAL D 240 -4.34 -1.51 -44.07
CA VAL D 240 -4.58 -2.73 -43.30
C VAL D 240 -5.09 -2.38 -41.91
N ASP D 241 -6.31 -2.81 -41.59
CA ASP D 241 -6.84 -2.77 -40.23
C ASP D 241 -6.35 -4.01 -39.48
N ALA D 242 -5.25 -3.87 -38.73
CA ALA D 242 -4.63 -4.96 -37.99
C ALA D 242 -4.83 -4.81 -36.47
N ALA D 243 -6.04 -4.40 -36.06
CA ALA D 243 -6.32 -4.07 -34.66
C ALA D 243 -5.71 -5.09 -33.72
N SER D 244 -5.85 -6.38 -34.05
CA SER D 244 -5.28 -7.48 -33.28
C SER D 244 -4.05 -8.09 -33.94
N GLY D 245 -4.16 -8.49 -35.21
CA GLY D 245 -3.08 -9.19 -35.86
C GLY D 245 -1.82 -8.37 -35.97
N GLY D 246 -1.92 -7.04 -35.88
CA GLY D 246 -0.73 -6.23 -35.99
C GLY D 246 0.27 -6.49 -34.90
N PHE D 247 -0.18 -7.06 -33.78
CA PHE D 247 0.68 -7.51 -32.70
C PHE D 247 0.79 -9.02 -32.60
N ILE D 248 0.23 -9.77 -33.55
CA ILE D 248 0.38 -11.21 -33.58
C ILE D 248 1.35 -11.61 -34.68
N LEU D 249 1.03 -11.18 -35.90
CA LEU D 249 1.79 -11.57 -37.08
C LEU D 249 3.28 -11.35 -36.95
N PRO D 250 3.77 -10.18 -36.52
CA PRO D 250 5.21 -9.97 -36.57
C PRO D 250 5.97 -10.98 -35.74
N PHE D 251 5.36 -11.54 -34.71
CA PHE D 251 6.04 -12.47 -33.81
C PHE D 251 5.82 -13.93 -34.20
N LEU D 252 4.58 -14.34 -34.46
CA LEU D 252 4.34 -15.76 -34.70
C LEU D 252 4.46 -16.13 -36.18
N TYR D 253 4.20 -15.17 -37.08
CA TYR D 253 4.23 -15.39 -38.53
C TYR D 253 5.10 -14.35 -39.21
N PRO D 254 6.39 -14.31 -38.90
CA PRO D 254 7.25 -13.30 -39.52
C PRO D 254 7.41 -13.45 -41.03
N ASP D 255 7.33 -14.66 -41.59
CA ASP D 255 7.51 -14.83 -43.03
C ASP D 255 6.30 -14.42 -43.86
N THR D 256 5.17 -14.14 -43.20
CA THR D 256 3.97 -13.73 -43.90
C THR D 256 4.03 -12.27 -44.30
N LYS D 257 3.97 -12.03 -45.63
CA LYS D 257 4.06 -10.69 -46.21
C LYS D 257 2.71 -10.01 -46.15
N TRP D 258 2.50 -9.15 -45.17
CA TRP D 258 1.21 -8.50 -44.97
C TRP D 258 1.34 -7.02 -44.65
N ASP D 259 2.54 -6.50 -44.45
CA ASP D 259 2.78 -5.21 -43.86
C ASP D 259 3.39 -4.29 -44.91
N PHE D 260 4.26 -3.38 -44.48
CA PHE D 260 4.89 -2.44 -45.41
C PHE D 260 5.83 -3.10 -46.38
N ARG D 261 6.05 -4.41 -46.28
CA ARG D 261 6.71 -5.15 -47.35
C ARG D 261 5.89 -5.17 -48.64
N LEU D 262 4.59 -4.88 -48.58
CA LEU D 262 3.74 -4.97 -49.75
C LEU D 262 3.63 -3.62 -50.44
N LYS D 263 3.63 -3.67 -51.76
CA LYS D 263 3.73 -2.46 -52.57
C LYS D 263 2.59 -1.51 -52.27
N TRP D 264 1.37 -2.02 -52.14
CA TRP D 264 0.20 -1.14 -52.07
C TRP D 264 -0.21 -0.87 -50.64
N VAL D 265 0.47 -1.47 -49.68
CA VAL D 265 0.19 -1.24 -48.26
C VAL D 265 0.86 0.08 -47.89
N LEU D 266 0.06 1.15 -47.85
CA LEU D 266 0.60 2.45 -47.51
C LEU D 266 0.33 2.85 -46.08
N SER D 267 -0.56 2.14 -45.38
CA SER D 267 -0.77 2.44 -43.97
C SER D 267 -1.42 1.23 -43.30
N ILE D 268 -1.08 1.09 -42.01
CA ILE D 268 -1.52 -0.01 -41.15
C ILE D 268 -1.93 0.62 -39.82
N SER D 269 -2.96 0.07 -39.18
CA SER D 269 -3.38 0.53 -37.86
C SER D 269 -3.55 -0.66 -36.92
N VAL D 270 -3.37 -0.41 -35.63
CA VAL D 270 -3.40 -1.46 -34.61
C VAL D 270 -3.95 -0.90 -33.30
N SER D 271 -4.54 -1.79 -32.52
CA SER D 271 -4.98 -1.48 -31.17
C SER D 271 -3.86 -1.92 -30.24
N GLY D 272 -3.14 -0.94 -29.67
CA GLY D 272 -2.15 -1.27 -28.67
C GLY D 272 -2.76 -1.94 -27.47
N HIS D 273 -3.98 -1.56 -27.11
CA HIS D 273 -4.64 -2.14 -25.93
C HIS D 273 -5.32 -3.47 -26.20
N LYS D 274 -5.08 -4.13 -27.30
CA LYS D 274 -5.67 -5.45 -27.44
C LYS D 274 -4.62 -6.51 -27.21
N PHE D 275 -3.77 -6.71 -28.20
CA PHE D 275 -2.66 -7.64 -28.11
C PHE D 275 -1.31 -6.93 -28.07
N GLY D 276 -1.30 -5.59 -28.06
CA GLY D 276 -0.10 -4.89 -27.67
C GLY D 276 0.18 -4.92 -26.19
N LEU D 277 -0.78 -5.47 -25.43
CA LEU D 277 -0.69 -5.88 -24.02
C LEU D 277 -0.80 -4.73 -23.03
N VAL D 278 -1.53 -3.67 -23.39
CA VAL D 278 -1.64 -2.45 -22.60
C VAL D 278 -3.08 -2.18 -22.20
N TYR D 279 -3.28 -1.70 -20.98
CA TYR D 279 -4.61 -1.36 -20.50
C TYR D 279 -5.32 -0.39 -21.43
N PRO D 280 -6.69 -0.40 -21.43
CA PRO D 280 -7.48 0.44 -22.36
C PRO D 280 -7.01 1.88 -22.56
N GLY D 281 -7.01 2.31 -23.81
CA GLY D 281 -6.69 3.68 -24.17
C GLY D 281 -5.51 3.87 -25.10
N LEU D 282 -5.21 2.87 -25.96
CA LEU D 282 -4.05 2.96 -26.83
C LEU D 282 -4.32 2.36 -28.21
N GLY D 283 -3.98 3.13 -29.25
CA GLY D 283 -3.94 2.62 -30.61
C GLY D 283 -2.77 3.25 -31.34
N TRP D 284 -2.40 2.64 -32.47
CA TRP D 284 -1.31 3.17 -33.28
C TRP D 284 -1.70 3.04 -34.74
N VAL D 285 -1.30 4.03 -35.55
CA VAL D 285 -1.38 3.99 -37.00
C VAL D 285 -0.04 4.41 -37.56
N CYS D 286 0.38 3.78 -38.67
CA CYS D 286 1.64 4.09 -39.34
C CYS D 286 1.42 4.20 -40.84
N TRP D 287 2.18 5.11 -41.47
CA TRP D 287 2.22 5.26 -42.91
C TRP D 287 3.54 4.72 -43.47
N LYS D 288 3.50 4.32 -44.74
CA LYS D 288 4.65 3.67 -45.34
C LYS D 288 5.83 4.61 -45.44
N GLY D 289 5.54 5.91 -45.51
CA GLY D 289 6.59 6.90 -45.66
C GLY D 289 6.01 8.27 -45.41
N LYS D 290 6.90 9.26 -45.37
CA LYS D 290 6.43 10.62 -45.10
C LYS D 290 5.46 11.09 -46.18
N GLU D 291 5.67 10.69 -47.42
CA GLU D 291 4.87 11.25 -48.51
C GLU D 291 3.43 10.75 -48.51
N TYR D 292 3.09 9.75 -47.73
CA TYR D 292 1.73 9.26 -47.70
C TYR D 292 0.91 9.89 -46.60
N LEU D 293 1.51 10.80 -45.85
CA LEU D 293 0.76 11.58 -44.90
C LEU D 293 0.53 12.93 -45.52
N PRO D 294 -0.71 13.34 -45.77
CA PRO D 294 -0.93 14.62 -46.48
C PRO D 294 -0.48 15.80 -45.63
N GLU D 295 0.13 16.79 -46.29
CA GLU D 295 0.57 17.98 -45.57
C GLU D 295 -0.59 18.65 -44.84
N GLU D 296 -1.80 18.46 -45.32
CA GLU D 296 -2.99 19.10 -44.78
C GLU D 296 -3.38 18.62 -43.40
N MET D 297 -2.94 17.43 -42.98
CA MET D 297 -3.42 16.84 -41.73
C MET D 297 -2.39 16.70 -40.64
N SER D 298 -1.23 17.31 -40.81
CA SER D 298 -0.19 16.98 -39.86
C SER D 298 0.87 18.04 -39.94
N PHE D 299 1.51 18.29 -38.82
CA PHE D 299 2.71 19.09 -38.77
C PHE D 299 3.66 18.41 -37.81
N SER D 300 4.92 18.83 -37.88
CA SER D 300 5.96 18.25 -37.05
C SER D 300 6.39 19.28 -36.04
N VAL D 301 6.66 18.83 -34.83
CA VAL D 301 7.30 19.65 -33.81
C VAL D 301 8.51 18.86 -33.33
N ASN D 302 9.66 19.55 -33.23
CA ASN D 302 10.91 18.94 -32.79
C ASN D 302 11.01 19.12 -31.28
N TYR D 303 10.89 18.01 -30.56
CA TYR D 303 11.10 18.00 -29.13
C TYR D 303 12.37 17.21 -28.85
N LEU D 304 13.38 17.89 -28.29
CA LEU D 304 14.65 17.31 -27.86
C LEU D 304 15.40 16.58 -28.98
N GLY D 305 14.99 16.75 -30.23
CA GLY D 305 15.65 16.08 -31.33
C GLY D 305 14.70 15.28 -32.19
N ALA D 306 13.63 14.78 -31.59
CA ALA D 306 12.68 13.88 -32.23
C ALA D 306 11.67 14.65 -33.07
N ASN D 307 11.56 14.29 -34.36
CA ASN D 307 10.47 14.81 -35.20
C ASN D 307 9.18 14.11 -34.77
N ILE D 308 8.31 14.84 -34.08
CA ILE D 308 7.07 14.27 -33.56
C ILE D 308 5.90 14.85 -34.33
N THR D 309 5.13 13.97 -34.94
CA THR D 309 3.97 14.38 -35.71
C THR D 309 2.82 14.74 -34.78
N GLN D 310 2.11 15.82 -35.12
CA GLN D 310 1.08 16.37 -34.27
C GLN D 310 -0.32 16.12 -34.80
N VAL D 311 -0.52 14.97 -35.45
CA VAL D 311 -1.81 14.61 -36.03
C VAL D 311 -2.60 13.80 -35.00
N GLY D 312 -3.90 14.04 -34.94
CA GLY D 312 -4.74 13.27 -34.06
C GLY D 312 -6.15 13.79 -33.97
N LEU D 313 -7.11 12.93 -33.70
CA LEU D 313 -8.46 13.42 -33.46
C LEU D 313 -8.60 14.00 -32.07
N ASN D 314 -8.03 13.32 -31.08
CA ASN D 314 -8.08 13.75 -29.70
C ASN D 314 -6.98 14.77 -29.45
N PHE D 315 -7.11 15.49 -28.33
CA PHE D 315 -6.07 16.43 -27.94
C PHE D 315 -5.56 16.00 -26.58
N SER D 316 -6.02 16.65 -25.49
CA SER D 316 -5.64 16.21 -24.14
C SER D 316 -6.15 14.80 -23.88
N ARG D 317 -5.34 14.02 -23.17
CA ARG D 317 -5.58 12.60 -23.02
C ARG D 317 -4.61 12.00 -22.01
N PRO D 318 -4.86 10.77 -21.52
CA PRO D 318 -3.89 10.10 -20.65
C PRO D 318 -2.61 9.75 -21.39
N ALA D 319 -1.49 9.93 -20.70
CA ALA D 319 -0.19 9.50 -21.22
C ALA D 319 0.24 8.15 -20.67
N ALA D 320 -0.41 7.67 -19.61
CA ALA D 320 -0.02 6.43 -18.96
C ALA D 320 0.12 5.27 -19.95
N GLN D 321 -0.74 5.23 -20.98
CA GLN D 321 -0.69 4.11 -21.90
C GLN D 321 0.60 4.14 -22.71
N ILE D 322 1.18 5.32 -22.87
CA ILE D 322 2.48 5.41 -23.53
C ILE D 322 3.55 4.83 -22.65
N LEU D 323 3.49 5.16 -21.37
CA LEU D 323 4.43 4.57 -20.43
C LEU D 323 4.29 3.05 -20.40
N GLY D 324 3.04 2.56 -20.45
CA GLY D 324 2.84 1.12 -20.46
C GLY D 324 3.39 0.46 -21.70
N GLN D 325 3.14 1.05 -22.87
CA GLN D 325 3.61 0.45 -24.11
C GLN D 325 5.12 0.34 -24.14
N TYR D 326 5.81 1.43 -23.79
CA TYR D 326 7.26 1.40 -23.81
C TYR D 326 7.80 0.40 -22.78
N TYR D 327 7.15 0.33 -21.63
CA TYR D 327 7.51 -0.69 -20.65
C TYR D 327 7.46 -2.09 -21.24
N GLN D 328 6.36 -2.45 -21.90
CA GLN D 328 6.23 -3.81 -22.39
C GLN D 328 7.32 -4.13 -23.41
N PHE D 329 7.61 -3.17 -24.30
CA PHE D 329 8.66 -3.35 -25.29
C PHE D 329 9.98 -3.69 -24.62
N ILE D 330 10.29 -2.98 -23.54
CA ILE D 330 11.57 -3.19 -22.87
C ILE D 330 11.51 -4.42 -21.99
N ARG D 331 10.44 -4.56 -21.22
CA ARG D 331 10.30 -5.68 -20.28
C ARG D 331 10.23 -7.01 -21.03
N LEU D 332 9.60 -7.03 -22.19
CA LEU D 332 9.42 -8.26 -22.97
C LEU D 332 10.42 -8.39 -24.11
N GLY D 333 10.61 -7.35 -24.91
CA GLY D 333 11.39 -7.52 -26.11
C GLY D 333 10.63 -8.40 -27.09
N PHE D 334 11.33 -8.78 -28.16
CA PHE D 334 10.72 -9.63 -29.16
C PHE D 334 10.44 -11.01 -28.60
N GLN D 335 11.46 -11.64 -28.00
CA GLN D 335 11.25 -12.94 -27.39
C GLN D 335 10.12 -12.89 -26.38
N GLY D 336 10.14 -11.87 -25.53
CA GLY D 336 9.12 -11.77 -24.50
C GLY D 336 7.73 -11.70 -25.09
N TYR D 337 7.56 -10.83 -26.08
CA TYR D 337 6.28 -10.78 -26.77
C TYR D 337 5.97 -12.12 -27.41
N LYS D 338 6.97 -12.74 -28.03
CA LYS D 338 6.75 -13.97 -28.75
C LYS D 338 6.19 -15.06 -27.85
N GLU D 339 6.75 -15.21 -26.65
CA GLU D 339 6.31 -16.32 -25.83
C GLU D 339 4.94 -16.06 -25.22
N VAL D 340 4.60 -14.79 -24.95
CA VAL D 340 3.28 -14.48 -24.41
C VAL D 340 2.20 -14.75 -25.46
N GLN D 341 2.42 -14.28 -26.69
CA GLN D 341 1.47 -14.60 -27.76
C GLN D 341 1.42 -16.09 -28.05
N TYR D 342 2.55 -16.79 -27.86
CA TYR D 342 2.53 -18.24 -28.01
C TYR D 342 1.58 -18.90 -27.01
N ASN D 343 1.64 -18.48 -25.74
CA ASN D 343 0.71 -18.97 -24.73
C ASN D 343 -0.73 -18.69 -25.15
N SER D 344 -1.03 -17.46 -25.56
CA SER D 344 -2.42 -17.13 -25.90
C SER D 344 -2.92 -17.94 -27.07
N LEU D 345 -2.08 -18.19 -28.06
CA LEU D 345 -2.54 -18.94 -29.23
C LEU D 345 -2.72 -20.43 -28.90
N GLN D 346 -1.79 -21.01 -28.14
CA GLN D 346 -1.94 -22.40 -27.71
C GLN D 346 -3.22 -22.61 -26.95
N ILE D 347 -3.52 -21.74 -25.99
CA ILE D 347 -4.72 -21.94 -25.18
C ILE D 347 -5.95 -21.84 -26.06
N ALA D 348 -5.96 -20.87 -26.97
CA ALA D 348 -7.07 -20.82 -27.92
C ALA D 348 -7.10 -22.07 -28.77
N LYS D 349 -5.94 -22.51 -29.27
CA LYS D 349 -5.92 -23.75 -30.07
C LYS D 349 -6.39 -24.93 -29.24
N TYR D 350 -6.02 -24.96 -27.96
CA TYR D 350 -6.45 -26.03 -27.08
C TYR D 350 -7.97 -26.08 -26.97
N ILE D 351 -8.57 -24.94 -26.65
CA ILE D 351 -10.01 -24.87 -26.48
C ILE D 351 -10.70 -25.28 -27.77
N HIS D 352 -10.22 -24.73 -28.89
CA HIS D 352 -10.67 -25.12 -30.22
C HIS D 352 -10.73 -26.62 -30.36
N GLY D 353 -9.65 -27.31 -29.99
CA GLY D 353 -9.62 -28.76 -30.11
C GLY D 353 -10.62 -29.46 -29.22
N GLU D 354 -10.88 -28.90 -28.05
CA GLU D 354 -11.81 -29.51 -27.13
C GLU D 354 -13.25 -29.28 -27.56
N ILE D 355 -13.53 -28.14 -28.17
CA ILE D 355 -14.89 -27.84 -28.61
C ILE D 355 -15.33 -28.79 -29.71
N ALA D 356 -14.40 -29.14 -30.61
CA ALA D 356 -14.77 -29.99 -31.75
C ALA D 356 -15.16 -31.39 -31.30
N LYS D 357 -14.60 -31.85 -30.17
CA LYS D 357 -14.95 -33.17 -29.64
C LYS D 357 -16.36 -33.26 -29.10
N MET D 358 -16.98 -32.13 -28.73
CA MET D 358 -18.29 -32.19 -28.09
C MET D 358 -19.35 -32.36 -29.15
N ALA D 359 -20.34 -33.18 -28.83
CA ALA D 359 -21.35 -33.55 -29.82
C ALA D 359 -22.03 -32.37 -30.49
N PRO D 360 -22.43 -31.31 -29.80
CA PRO D 360 -23.24 -30.30 -30.48
C PRO D 360 -22.47 -29.32 -31.37
N PHE D 361 -21.13 -29.27 -31.31
CA PHE D 361 -20.39 -28.13 -31.82
C PHE D 361 -19.51 -28.52 -33.01
N VAL D 362 -19.34 -27.58 -33.93
CA VAL D 362 -18.36 -27.71 -35.00
C VAL D 362 -17.77 -26.34 -35.29
N ASN D 363 -16.48 -26.30 -35.56
CA ASN D 363 -15.77 -25.03 -35.71
C ASN D 363 -15.97 -24.41 -37.08
N TYR D 364 -16.02 -23.08 -37.10
CA TYR D 364 -16.07 -22.30 -38.35
C TYR D 364 -14.85 -22.53 -39.21
N SER D 365 -13.71 -22.77 -38.58
CA SER D 365 -12.45 -22.87 -39.27
C SER D 365 -11.55 -23.84 -38.53
N GLU D 366 -10.71 -24.52 -39.29
CA GLU D 366 -9.70 -25.42 -38.77
C GLU D 366 -8.35 -24.75 -38.56
N ASN D 367 -8.18 -23.50 -38.96
CA ASN D 367 -6.91 -22.80 -38.81
C ASN D 367 -7.12 -21.70 -37.80
N VAL D 368 -6.32 -21.71 -36.74
CA VAL D 368 -6.38 -20.67 -35.72
C VAL D 368 -5.11 -19.86 -35.81
N VAL D 369 -5.24 -18.62 -36.28
CA VAL D 369 -4.11 -17.74 -36.52
C VAL D 369 -4.02 -16.58 -35.54
N ASN D 370 -5.07 -16.30 -34.79
CA ASN D 370 -5.10 -15.29 -33.75
C ASN D 370 -5.67 -15.93 -32.51
N PRO D 371 -5.42 -15.37 -31.30
CA PRO D 371 -5.90 -16.02 -30.08
C PRO D 371 -7.42 -15.93 -29.86
N LEU D 372 -8.18 -16.39 -30.84
CA LEU D 372 -9.63 -16.45 -30.74
C LEU D 372 -10.14 -17.29 -31.90
N PHE D 373 -11.34 -17.85 -31.71
CA PHE D 373 -11.97 -18.66 -32.74
C PHE D 373 -13.46 -18.64 -32.49
N ILE D 374 -14.23 -19.09 -33.50
CA ILE D 374 -15.67 -19.21 -33.35
C ILE D 374 -16.11 -20.61 -33.78
N TRP D 375 -17.25 -21.04 -33.24
CA TRP D 375 -17.84 -22.32 -33.60
C TRP D 375 -19.36 -22.19 -33.58
N TYR D 376 -20.05 -23.26 -33.99
CA TYR D 376 -21.52 -23.29 -34.07
C TYR D 376 -22.01 -24.73 -33.90
N LEU D 377 -23.34 -24.87 -33.90
CA LEU D 377 -23.99 -26.16 -33.73
C LEU D 377 -23.92 -27.00 -35.01
N LYS D 378 -23.63 -28.28 -34.85
CA LYS D 378 -23.75 -29.19 -35.99
C LYS D 378 -25.19 -29.12 -36.50
N PRO D 379 -25.40 -28.90 -37.81
CA PRO D 379 -26.78 -28.75 -38.30
C PRO D 379 -27.69 -29.93 -37.97
N GLU D 380 -27.19 -31.16 -38.08
CA GLU D 380 -28.00 -32.31 -37.69
C GLU D 380 -28.42 -32.19 -36.24
N TYR D 381 -27.46 -31.86 -35.37
CA TYR D 381 -27.76 -31.72 -33.96
C TYR D 381 -28.73 -30.57 -33.73
N ALA D 382 -28.53 -29.47 -34.44
CA ALA D 382 -29.37 -28.31 -34.23
C ALA D 382 -30.81 -28.57 -34.68
N LYS D 383 -31.00 -29.46 -35.66
CA LYS D 383 -32.34 -29.74 -36.16
C LYS D 383 -33.23 -30.33 -35.07
N SER D 384 -32.70 -31.24 -34.27
CA SER D 384 -33.46 -31.84 -33.19
C SER D 384 -33.16 -31.22 -31.82
N ALA D 385 -32.21 -30.29 -31.72
CA ALA D 385 -31.92 -29.67 -30.44
C ALA D 385 -33.04 -28.74 -30.02
N LYS D 386 -33.33 -28.72 -28.73
CA LYS D 386 -34.39 -27.86 -28.22
C LYS D 386 -33.88 -26.52 -27.74
N TRP D 387 -32.58 -26.25 -27.92
CA TRP D 387 -31.88 -25.08 -27.40
C TRP D 387 -30.97 -24.49 -28.49
N THR D 388 -30.53 -23.25 -28.28
CA THR D 388 -29.55 -22.57 -29.15
C THR D 388 -28.33 -22.11 -28.34
N LEU D 389 -27.32 -21.57 -29.05
CA LEU D 389 -26.12 -21.04 -28.41
C LEU D 389 -26.38 -19.79 -27.59
N TYR D 390 -27.46 -19.06 -27.86
CA TYR D 390 -27.83 -17.98 -26.96
C TYR D 390 -28.17 -18.52 -25.58
N ASP D 391 -28.74 -19.72 -25.52
CA ASP D 391 -29.05 -20.37 -24.26
C ASP D 391 -27.78 -20.78 -23.52
N LEU D 392 -26.81 -21.34 -24.23
CA LEU D 392 -25.53 -21.64 -23.63
C LEU D 392 -24.87 -20.38 -23.09
N GLN D 393 -24.92 -19.29 -23.86
CA GLN D 393 -24.39 -18.03 -23.36
C GLN D 393 -25.06 -17.64 -22.05
N ASP D 394 -26.38 -17.81 -21.97
CA ASP D 394 -27.06 -17.49 -20.71
C ASP D 394 -26.66 -18.44 -19.60
N LYS D 395 -26.54 -19.73 -19.91
CA LYS D 395 -26.16 -20.72 -18.91
C LYS D 395 -24.82 -20.37 -18.29
N LEU D 396 -23.90 -19.89 -19.13
CA LEU D 396 -22.56 -19.47 -18.70
C LEU D 396 -22.55 -18.11 -18.01
N SER D 397 -23.52 -17.23 -18.30
CA SER D 397 -23.56 -15.94 -17.60
C SER D 397 -23.81 -16.13 -16.12
N GLN D 398 -24.51 -17.21 -15.76
CA GLN D 398 -24.84 -17.60 -14.40
C GLN D 398 -23.61 -18.05 -13.62
N HIS D 399 -22.49 -18.29 -14.29
CA HIS D 399 -21.23 -18.56 -13.61
C HIS D 399 -20.26 -17.41 -13.70
N GLY D 400 -20.72 -16.25 -14.16
CA GLY D 400 -19.90 -15.06 -14.24
C GLY D 400 -19.16 -14.89 -15.55
N TRP D 401 -19.22 -15.86 -16.45
CA TRP D 401 -18.57 -15.71 -17.74
C TRP D 401 -19.45 -14.86 -18.64
N MET D 402 -18.81 -14.16 -19.58
CA MET D 402 -19.51 -13.62 -20.74
C MET D 402 -18.80 -14.16 -21.98
N VAL D 403 -19.46 -15.07 -22.68
CA VAL D 403 -19.01 -15.66 -23.94
C VAL D 403 -20.13 -15.45 -24.95
N PRO D 404 -19.93 -14.58 -25.93
CA PRO D 404 -21.05 -14.07 -26.72
C PRO D 404 -21.45 -15.00 -27.86
N ALA D 405 -22.76 -15.12 -28.05
CA ALA D 405 -23.36 -15.73 -29.23
C ALA D 405 -23.96 -14.64 -30.13
N TYR D 406 -23.79 -14.80 -31.44
CA TYR D 406 -24.22 -13.77 -32.39
C TYR D 406 -24.32 -14.38 -33.79
N THR D 407 -25.12 -13.75 -34.65
CA THR D 407 -25.17 -14.18 -36.04
C THR D 407 -24.05 -13.55 -36.85
N LEU D 408 -23.54 -14.31 -37.82
CA LEU D 408 -22.48 -13.84 -38.70
C LEU D 408 -22.99 -12.73 -39.64
N PRO D 409 -22.06 -11.98 -40.26
CA PRO D 409 -22.47 -10.96 -41.20
C PRO D 409 -22.75 -11.53 -42.57
N SER D 410 -22.94 -10.61 -43.50
CA SER D 410 -23.77 -10.88 -44.66
C SER D 410 -23.30 -12.07 -45.44
N LYS D 411 -24.31 -12.79 -45.94
CA LYS D 411 -24.39 -14.07 -46.62
C LYS D 411 -24.09 -15.21 -45.65
N LEU D 412 -23.79 -14.94 -44.40
CA LEU D 412 -23.74 -15.96 -43.37
C LEU D 412 -24.64 -15.62 -42.20
N GLU D 413 -25.65 -14.78 -42.39
CA GLU D 413 -26.47 -14.37 -41.24
C GLU D 413 -27.27 -15.52 -40.66
N ASP D 414 -27.38 -16.63 -41.38
CA ASP D 414 -28.07 -17.77 -40.81
C ASP D 414 -27.26 -18.52 -39.79
N TYR D 415 -26.00 -18.20 -39.65
CA TYR D 415 -25.15 -18.91 -38.74
C TYR D 415 -25.09 -18.13 -37.43
N VAL D 416 -25.64 -18.74 -36.38
CA VAL D 416 -25.45 -18.28 -35.00
C VAL D 416 -24.20 -18.96 -34.47
N VAL D 417 -23.18 -18.18 -34.16
CA VAL D 417 -21.92 -18.69 -33.67
C VAL D 417 -21.69 -18.15 -32.28
N MET D 418 -20.69 -18.75 -31.63
CA MET D 418 -20.18 -18.33 -30.34
C MET D 418 -18.68 -18.16 -30.47
N ARG D 419 -18.17 -17.14 -29.80
CA ARG D 419 -16.77 -16.76 -29.90
C ARG D 419 -16.09 -16.81 -28.55
N VAL D 420 -14.83 -17.20 -28.57
CA VAL D 420 -13.96 -17.14 -27.40
C VAL D 420 -12.68 -16.42 -27.82
N VAL D 421 -12.33 -15.38 -27.07
CA VAL D 421 -11.08 -14.64 -27.24
C VAL D 421 -10.16 -15.01 -26.09
N VAL D 422 -8.93 -15.37 -26.42
CA VAL D 422 -7.92 -15.76 -25.43
C VAL D 422 -6.92 -14.60 -25.28
N ARG D 423 -7.08 -13.83 -24.22
CA ARG D 423 -6.15 -12.74 -23.92
C ARG D 423 -5.12 -13.17 -22.87
N GLN D 424 -4.11 -12.32 -22.67
CA GLN D 424 -3.13 -12.56 -21.62
C GLN D 424 -3.78 -12.48 -20.24
N GLY D 425 -3.51 -13.47 -19.40
CA GLY D 425 -4.19 -13.60 -18.13
C GLY D 425 -5.25 -14.65 -18.12
N PHE D 426 -5.44 -15.33 -19.22
CA PHE D 426 -6.33 -16.46 -19.31
C PHE D 426 -5.44 -17.68 -19.51
N SER D 427 -5.36 -18.50 -18.48
CA SER D 427 -4.40 -19.57 -18.50
C SER D 427 -5.04 -20.85 -19.00
N ARG D 428 -4.20 -21.85 -19.24
CA ARG D 428 -4.72 -23.18 -19.47
C ARG D 428 -5.64 -23.61 -18.34
N ASP D 429 -5.27 -23.30 -17.09
CA ASP D 429 -6.13 -23.63 -15.97
C ASP D 429 -7.49 -22.93 -16.08
N MET D 430 -7.51 -21.70 -16.61
CA MET D 430 -8.79 -21.06 -16.83
C MET D 430 -9.53 -21.66 -18.03
N ALA D 431 -8.80 -22.13 -19.04
CA ALA D 431 -9.45 -22.82 -20.15
C ALA D 431 -10.20 -24.05 -19.65
N ASP D 432 -9.57 -24.84 -18.78
CA ASP D 432 -10.22 -26.02 -18.24
C ASP D 432 -11.43 -25.65 -17.38
N MET D 433 -11.37 -24.53 -16.67
CA MET D 433 -12.54 -24.09 -15.91
C MET D 433 -13.72 -23.79 -16.83
N LEU D 434 -13.47 -23.06 -17.91
CA LEU D 434 -14.55 -22.73 -18.84
C LEU D 434 -15.13 -23.98 -19.48
N LEU D 435 -14.25 -24.88 -19.98
CA LEU D 435 -14.72 -26.09 -20.64
C LEU D 435 -15.60 -26.95 -19.75
N GLY D 436 -15.20 -27.12 -18.48
CA GLY D 436 -16.03 -27.87 -17.56
C GLY D 436 -17.42 -27.29 -17.48
N ASP D 437 -17.51 -25.96 -17.49
CA ASP D 437 -18.81 -25.29 -17.47
C ASP D 437 -19.60 -25.54 -18.76
N ILE D 438 -18.92 -25.73 -19.89
CA ILE D 438 -19.63 -26.03 -21.13
C ILE D 438 -20.24 -27.43 -21.07
N LYS D 439 -19.43 -28.46 -20.71
CA LYS D 439 -19.98 -29.81 -20.58
C LYS D 439 -21.16 -29.83 -19.63
N ASN D 440 -21.04 -29.15 -18.49
CA ASN D 440 -22.17 -29.11 -17.57
C ASN D 440 -23.37 -28.45 -18.20
N ALA D 441 -23.15 -27.34 -18.91
CA ALA D 441 -24.28 -26.60 -19.48
C ALA D 441 -24.94 -27.36 -20.61
N ILE D 442 -24.14 -28.08 -21.40
CA ILE D 442 -24.68 -28.93 -22.47
C ILE D 442 -25.59 -29.99 -21.89
N ALA D 443 -25.15 -30.63 -20.80
CA ALA D 443 -25.96 -31.67 -20.18
C ALA D 443 -27.28 -31.13 -19.64
N GLU D 444 -27.24 -29.94 -19.03
CA GLU D 444 -28.49 -29.38 -18.51
C GLU D 444 -29.47 -29.06 -19.63
N LEU D 445 -28.95 -28.55 -20.76
CA LEU D 445 -29.81 -28.15 -21.87
C LEU D 445 -30.43 -29.34 -22.59
N GLU D 446 -29.71 -30.47 -22.66
CA GLU D 446 -30.24 -31.66 -23.32
C GLU D 446 -31.36 -32.33 -22.53
N LYS D 447 -31.58 -31.93 -21.28
CA LYS D 447 -32.73 -32.45 -20.56
C LYS D 447 -34.03 -31.78 -20.96
N LEU D 448 -33.95 -30.68 -21.71
CA LEU D 448 -35.13 -29.87 -22.01
C LEU D 448 -36.14 -30.62 -22.84
N ASP D 449 -37.40 -30.46 -22.45
CA ASP D 449 -38.49 -31.06 -23.19
C ASP D 449 -39.13 -30.09 -24.16
N PHE D 450 -38.94 -28.79 -23.97
CA PHE D 450 -39.58 -27.82 -24.84
C PHE D 450 -38.56 -26.85 -25.43
N PRO D 451 -38.86 -26.27 -26.58
CA PRO D 451 -37.89 -25.39 -27.22
C PRO D 451 -37.72 -24.08 -26.46
N THR D 452 -36.49 -23.58 -26.48
CA THR D 452 -36.27 -22.28 -25.91
C THR D 452 -36.88 -21.23 -26.84
N PRO D 453 -37.16 -20.04 -26.32
CA PRO D 453 -37.71 -19.00 -27.20
C PRO D 453 -36.81 -18.67 -28.37
N THR D 454 -35.50 -18.56 -28.13
CA THR D 454 -34.58 -18.39 -29.25
C THR D 454 -34.64 -19.59 -30.17
N ARG D 455 -34.86 -20.79 -29.60
CA ARG D 455 -35.06 -21.97 -30.44
C ARG D 455 -36.32 -21.82 -31.27
N MET D 456 -37.37 -21.22 -30.68
CA MET D 456 -38.58 -20.97 -31.43
C MET D 456 -38.34 -19.93 -32.50
N ALA D 457 -37.57 -18.89 -32.18
CA ALA D 457 -37.25 -17.90 -33.18
C ALA D 457 -36.56 -18.53 -34.38
N GLN D 458 -35.88 -19.67 -34.21
CA GLN D 458 -35.19 -20.29 -35.32
C GLN D 458 -36.08 -21.16 -36.22
N GLU D 459 -37.30 -21.49 -35.79
CA GLU D 459 -38.16 -22.36 -36.62
C GLU D 459 -39.03 -21.56 -37.58
N MET E 1 31.11 -17.27 -3.02
CA MET E 1 29.69 -16.93 -3.07
C MET E 1 29.36 -15.99 -4.25
N GLU E 2 30.10 -16.13 -5.33
CA GLU E 2 29.90 -15.34 -6.53
C GLU E 2 28.63 -15.74 -7.29
N ASP E 3 27.79 -14.77 -7.66
CA ASP E 3 26.67 -15.01 -8.57
C ASP E 3 27.10 -14.65 -9.99
N LEU E 4 27.25 -15.66 -10.83
CA LEU E 4 27.83 -15.45 -12.14
C LEU E 4 26.90 -14.72 -13.09
N ASN E 5 25.59 -14.69 -12.82
CA ASN E 5 24.63 -14.01 -13.68
C ASN E 5 24.10 -12.73 -13.04
N PHE E 6 24.83 -12.17 -12.07
CA PHE E 6 24.38 -10.96 -11.30
C PHE E 6 24.23 -9.72 -12.18
N ARG E 7 24.98 -9.62 -13.28
CA ARG E 7 24.87 -8.49 -14.19
C ARG E 7 23.86 -8.76 -15.29
N LYS E 8 23.50 -10.03 -15.49
CA LYS E 8 22.66 -10.48 -16.60
C LYS E 8 21.17 -10.47 -16.29
N GLY E 9 20.79 -10.29 -15.03
CA GLY E 9 19.38 -10.17 -14.70
C GLY E 9 18.78 -11.42 -14.08
N ASP E 10 19.26 -11.83 -12.90
CA ASP E 10 18.69 -12.95 -12.20
C ASP E 10 18.00 -12.47 -10.92
N ALA E 11 17.71 -13.40 -10.01
CA ALA E 11 16.90 -13.02 -8.85
C ALA E 11 17.65 -12.12 -7.89
N LYS E 12 18.97 -12.06 -8.03
CA LYS E 12 19.80 -11.23 -7.16
C LYS E 12 20.21 -9.90 -7.79
N THR E 13 20.08 -9.77 -9.10
CA THR E 13 20.59 -8.57 -9.79
C THR E 13 20.03 -7.30 -9.18
N ASP E 14 20.92 -6.34 -8.95
CA ASP E 14 20.55 -4.97 -8.63
C ASP E 14 20.38 -4.22 -9.93
N VAL E 15 19.33 -3.40 -9.99
CA VAL E 15 19.01 -2.68 -11.22
C VAL E 15 20.24 -1.93 -11.72
N PHE E 16 20.91 -1.21 -10.82
CA PHE E 16 22.01 -0.34 -11.20
C PHE E 16 23.37 -0.97 -10.94
N GLY E 17 23.44 -2.31 -10.98
CA GLY E 17 24.68 -3.05 -11.07
C GLY E 17 24.59 -4.07 -12.18
N SER E 18 23.63 -3.86 -13.08
CA SER E 18 23.36 -4.76 -14.19
C SER E 18 23.89 -4.19 -15.49
N ASP E 19 24.13 -5.08 -16.46
CA ASP E 19 24.59 -4.64 -17.77
C ASP E 19 23.53 -3.83 -18.52
N ARG E 20 22.25 -4.07 -18.23
CA ARG E 20 21.21 -3.39 -18.97
C ARG E 20 21.22 -1.89 -18.71
N MET E 21 21.42 -1.48 -17.46
CA MET E 21 21.47 -0.08 -17.08
C MET E 21 22.79 0.59 -17.49
N LEU E 22 23.64 -0.11 -18.26
CA LEU E 22 24.76 0.48 -18.98
C LEU E 22 24.44 0.75 -20.44
N GLN E 23 23.19 0.54 -20.86
CA GLN E 23 22.82 0.68 -22.25
C GLN E 23 21.69 1.68 -22.44
N PRO E 24 21.60 2.26 -23.62
CA PRO E 24 20.52 3.21 -23.88
C PRO E 24 19.20 2.50 -24.15
N SER E 25 18.16 3.23 -23.96
CA SER E 25 16.84 2.74 -24.24
C SER E 25 16.65 2.58 -25.75
N PRO E 26 15.71 1.68 -26.17
CA PRO E 26 15.43 1.48 -27.58
C PRO E 26 14.78 2.70 -28.24
N VAL E 27 15.35 3.12 -29.34
CA VAL E 27 14.81 4.27 -30.06
C VAL E 27 14.10 3.84 -31.35
N GLU E 28 14.71 2.89 -32.08
CA GLU E 28 14.27 2.48 -33.43
C GLU E 28 13.50 1.15 -33.42
N ARG E 29 14.11 0.08 -32.90
CA ARG E 29 13.60 -1.28 -33.00
C ARG E 29 13.34 -1.88 -31.61
N ILE E 30 12.46 -2.88 -31.55
CA ILE E 30 12.20 -3.55 -30.27
C ILE E 30 13.41 -4.38 -29.89
N PRO E 31 13.79 -4.45 -28.59
CA PRO E 31 14.91 -5.30 -28.17
C PRO E 31 14.63 -6.77 -28.44
N ASP E 32 15.71 -7.55 -28.59
CA ASP E 32 15.58 -8.98 -28.87
C ASP E 32 14.95 -9.75 -27.72
N GLY E 33 15.36 -9.48 -26.49
CA GLY E 33 14.88 -10.24 -25.37
C GLY E 33 14.35 -9.39 -24.25
N PRO E 34 13.97 -10.03 -23.14
CA PRO E 34 13.37 -9.31 -22.01
C PRO E 34 14.43 -8.89 -20.99
N THR E 35 13.98 -8.13 -20.00
CA THR E 35 14.74 -7.90 -18.77
C THR E 35 13.85 -8.22 -17.58
N THR E 36 14.35 -7.97 -16.39
CA THR E 36 13.53 -8.11 -15.21
C THR E 36 12.57 -6.94 -15.16
N PRO E 37 11.47 -7.07 -14.43
CA PRO E 37 10.52 -5.95 -14.37
C PRO E 37 11.08 -4.71 -13.72
N GLU E 38 11.96 -4.87 -12.72
CA GLU E 38 12.52 -3.71 -12.03
C GLU E 38 13.35 -2.85 -12.97
N VAL E 39 14.24 -3.49 -13.75
CA VAL E 39 15.06 -2.77 -14.73
C VAL E 39 14.17 -2.00 -15.68
N ALA E 40 13.15 -2.67 -16.22
CA ALA E 40 12.29 -2.01 -17.17
C ALA E 40 11.50 -0.88 -16.52
N TYR E 41 11.04 -1.07 -15.29
CA TYR E 41 10.26 -0.02 -14.63
C TYR E 41 11.11 1.23 -14.44
N GLN E 42 12.32 1.05 -13.95
CA GLN E 42 13.19 2.21 -13.75
C GLN E 42 13.47 2.90 -15.06
N MET E 43 13.81 2.13 -16.08
CA MET E 43 14.17 2.72 -17.35
C MET E 43 13.05 3.62 -17.87
N VAL E 44 11.82 3.19 -17.75
CA VAL E 44 10.74 4.07 -18.19
C VAL E 44 10.50 5.15 -17.15
N LYS E 45 10.50 4.80 -15.86
CA LYS E 45 10.20 5.81 -14.85
C LYS E 45 11.20 6.95 -14.91
N ASP E 46 12.48 6.62 -15.03
CA ASP E 46 13.53 7.61 -14.94
C ASP E 46 13.47 8.61 -16.09
N GLU E 47 12.92 8.22 -17.23
CA GLU E 47 12.76 9.21 -18.28
C GLU E 47 11.70 10.23 -17.93
N THR E 48 10.81 9.94 -16.98
CA THR E 48 9.77 10.90 -16.68
C THR E 48 10.19 11.97 -15.70
N PHE E 49 11.38 11.84 -15.10
CA PHE E 49 11.81 12.81 -14.09
C PHE E 49 12.14 14.15 -14.73
N ALA E 50 12.76 14.12 -15.91
CA ALA E 50 13.37 15.30 -16.53
C ALA E 50 12.35 16.08 -17.35
N GLN E 51 11.31 16.55 -16.66
CA GLN E 51 10.28 17.37 -17.28
C GLN E 51 9.44 17.97 -16.17
N THR E 52 8.54 18.87 -16.57
CA THR E 52 7.80 19.67 -15.60
C THR E 52 7.02 18.80 -14.64
N GLN E 53 7.04 19.20 -13.40
CA GLN E 53 6.19 18.58 -12.42
C GLN E 53 4.76 18.99 -12.70
N PRO E 54 3.83 18.04 -12.73
CA PRO E 54 2.47 18.34 -13.15
C PRO E 54 1.80 19.41 -12.32
N ARG E 55 1.94 19.37 -11.01
CA ARG E 55 1.27 20.34 -10.19
C ARG E 55 1.80 21.75 -10.42
N LEU E 56 2.99 21.87 -10.99
CA LEU E 56 3.59 23.16 -11.28
C LEU E 56 3.39 23.57 -12.73
N ASN E 57 2.69 22.77 -13.51
CA ASN E 57 2.36 23.08 -14.90
C ASN E 57 1.20 24.08 -14.92
N LEU E 58 1.51 25.36 -15.05
CA LEU E 58 0.46 26.37 -15.08
C LEU E 58 0.01 26.70 -16.49
N ALA E 59 0.61 26.04 -17.49
CA ALA E 59 0.16 26.19 -18.87
C ALA E 59 -1.12 25.41 -19.09
N THR E 60 -1.25 24.26 -18.44
CA THR E 60 -2.30 23.33 -18.80
C THR E 60 -3.60 23.71 -18.10
N PHE E 61 -4.71 23.39 -18.75
CA PHE E 61 -6.02 23.56 -18.15
C PHE E 61 -6.53 22.26 -17.56
N VAL E 62 -5.82 21.16 -17.81
CA VAL E 62 -6.31 19.82 -17.55
C VAL E 62 -5.92 19.44 -16.14
N THR E 63 -6.85 18.75 -15.47
CA THR E 63 -6.72 18.42 -14.05
C THR E 63 -5.42 17.71 -13.73
N THR E 64 -4.74 18.16 -12.67
CA THR E 64 -3.56 17.51 -12.14
C THR E 64 -3.70 17.05 -10.69
N TYR E 65 -4.87 17.25 -10.07
CA TYR E 65 -5.14 16.78 -8.71
C TYR E 65 -6.53 16.19 -8.57
N MET E 66 -6.63 15.03 -7.93
CA MET E 66 -7.88 14.49 -7.42
C MET E 66 -7.62 13.92 -6.03
N ASP E 67 -8.66 13.82 -5.22
CA ASP E 67 -8.42 13.32 -3.87
C ASP E 67 -8.15 11.81 -3.92
N ASP E 68 -7.89 11.25 -2.75
CA ASP E 68 -7.38 9.88 -2.67
C ASP E 68 -8.45 8.85 -3.02
N TYR E 69 -9.71 9.11 -2.67
CA TYR E 69 -10.71 8.12 -3.00
C TYR E 69 -10.97 8.09 -4.49
N ALA E 70 -11.04 9.28 -5.11
CA ALA E 70 -11.24 9.32 -6.56
C ALA E 70 -10.07 8.66 -7.27
N THR E 71 -8.85 8.90 -6.80
CA THR E 71 -7.69 8.28 -7.41
C THR E 71 -7.69 6.77 -7.17
N LYS E 72 -8.04 6.33 -5.97
CA LYS E 72 -8.15 4.90 -5.73
C LYS E 72 -9.23 4.30 -6.62
N LEU E 73 -10.40 4.91 -6.62
CA LEU E 73 -11.50 4.51 -7.47
C LEU E 73 -11.06 4.32 -8.92
N MET E 74 -10.39 5.33 -9.48
CA MET E 74 -10.04 5.28 -10.90
C MET E 74 -8.94 4.27 -11.18
N ASN E 75 -7.94 4.19 -10.29
CA ASN E 75 -6.86 3.23 -10.46
C ASN E 75 -7.40 1.81 -10.52
N GLU E 76 -8.41 1.53 -9.69
CA GLU E 76 -9.00 0.21 -9.70
C GLU E 76 -9.69 -0.12 -11.00
N ALA E 77 -10.09 0.90 -11.76
CA ALA E 77 -10.79 0.67 -13.01
C ALA E 77 -9.87 0.58 -14.19
N ILE E 78 -8.56 0.40 -13.95
CA ILE E 78 -7.60 0.57 -15.04
C ILE E 78 -7.85 -0.44 -16.16
N ASN E 79 -8.45 -1.60 -15.85
CA ASN E 79 -8.58 -2.68 -16.83
C ASN E 79 -10.01 -2.85 -17.37
N ILE E 80 -10.81 -1.80 -17.32
CA ILE E 80 -12.22 -1.81 -17.69
C ILE E 80 -12.44 -0.99 -18.96
N ASN E 81 -12.87 -1.68 -20.03
CA ASN E 81 -13.16 -1.08 -21.33
C ASN E 81 -14.62 -0.61 -21.39
N TYR E 82 -14.84 0.71 -21.39
CA TYR E 82 -16.21 1.23 -21.34
C TYR E 82 -17.07 0.64 -22.43
N ILE E 83 -16.52 0.54 -23.64
CA ILE E 83 -17.31 0.19 -24.79
C ILE E 83 -17.90 -1.19 -24.65
N ASP E 84 -17.36 -2.04 -23.77
CA ASP E 84 -18.01 -3.33 -23.49
C ASP E 84 -19.21 -3.09 -22.55
N GLU E 85 -20.20 -2.39 -23.10
CA GLU E 85 -21.32 -1.95 -22.28
C GLU E 85 -22.22 -3.12 -21.88
N THR E 86 -22.40 -4.10 -22.77
CA THR E 86 -23.16 -5.29 -22.38
C THR E 86 -22.51 -6.01 -21.21
N GLU E 87 -21.18 -6.01 -21.16
CA GLU E 87 -20.55 -6.68 -20.04
C GLU E 87 -20.61 -5.80 -18.80
N TYR E 88 -20.52 -4.48 -18.97
CA TYR E 88 -20.52 -3.54 -17.85
C TYR E 88 -21.66 -2.55 -18.03
N PRO E 89 -22.90 -3.00 -17.90
CA PRO E 89 -24.01 -2.09 -18.14
C PRO E 89 -24.25 -1.07 -17.03
N ARG E 90 -23.70 -1.29 -15.82
CA ARG E 90 -23.86 -0.29 -14.77
C ARG E 90 -23.04 0.94 -15.06
N ILE E 91 -21.90 0.76 -15.71
CA ILE E 91 -21.09 1.89 -16.14
C ILE E 91 -21.74 2.61 -17.29
N ALA E 92 -22.35 1.84 -18.21
CA ALA E 92 -23.13 2.43 -19.28
C ALA E 92 -24.26 3.28 -18.72
N VAL E 93 -24.92 2.79 -17.67
CA VAL E 93 -25.98 3.57 -17.03
C VAL E 93 -25.40 4.79 -16.32
N MET E 94 -24.29 4.59 -15.63
CA MET E 94 -23.61 5.70 -14.99
C MET E 94 -23.30 6.78 -16.00
N ASN E 95 -22.78 6.37 -17.17
CA ASN E 95 -22.46 7.31 -18.23
C ASN E 95 -23.67 8.15 -18.61
N GLY E 96 -24.81 7.52 -18.80
CA GLY E 96 -26.01 8.29 -19.08
C GLY E 96 -26.43 9.20 -17.95
N LYS E 97 -26.20 8.77 -16.70
CA LYS E 97 -26.62 9.62 -15.60
C LYS E 97 -25.75 10.86 -15.55
N CYS E 98 -24.48 10.72 -15.90
CA CYS E 98 -23.60 11.87 -15.97
C CYS E 98 -24.06 12.82 -17.05
N ILE E 99 -24.43 12.28 -18.21
CA ILE E 99 -24.92 13.10 -19.30
C ILE E 99 -26.18 13.85 -18.87
N ASN E 100 -27.07 13.17 -18.16
CA ASN E 100 -28.27 13.83 -17.65
C ASN E 100 -27.90 15.02 -16.78
N ILE E 101 -26.98 14.79 -15.85
CA ILE E 101 -26.62 15.81 -14.87
C ILE E 101 -25.96 17.00 -15.54
N VAL E 102 -25.05 16.73 -16.47
CA VAL E 102 -24.38 17.79 -17.19
C VAL E 102 -25.40 18.59 -17.98
N ALA E 103 -26.25 17.88 -18.72
CA ALA E 103 -27.23 18.56 -19.54
C ALA E 103 -28.15 19.42 -18.69
N ASN E 104 -28.45 18.97 -17.48
CA ASN E 104 -29.28 19.81 -16.64
C ASN E 104 -28.49 21.00 -16.12
N LEU E 105 -27.20 20.83 -15.93
CA LEU E 105 -26.38 21.96 -15.58
C LEU E 105 -26.48 23.06 -16.61
N TRP E 106 -26.67 22.71 -17.88
CA TRP E 106 -26.73 23.71 -18.92
C TRP E 106 -28.13 24.16 -19.24
N ASN E 107 -29.09 23.89 -18.36
CA ASN E 107 -30.48 24.32 -18.51
C ASN E 107 -31.11 23.75 -19.79
N SER E 108 -30.83 22.47 -20.07
CA SER E 108 -31.43 21.79 -21.22
C SER E 108 -32.94 21.69 -21.03
N PRO E 109 -33.75 21.98 -22.06
CA PRO E 109 -35.20 21.83 -21.96
C PRO E 109 -35.72 20.47 -22.36
N GLU E 110 -34.83 19.58 -22.82
CA GLU E 110 -35.23 18.24 -23.21
C GLU E 110 -35.99 17.55 -22.10
N LYS E 111 -37.08 16.90 -22.45
CA LYS E 111 -37.91 16.27 -21.44
C LYS E 111 -37.72 14.77 -21.36
N ASP E 112 -36.98 14.18 -22.28
CA ASP E 112 -36.63 12.77 -22.14
C ASP E 112 -35.83 12.61 -20.87
N THR E 113 -36.02 11.48 -20.20
CA THR E 113 -35.17 11.19 -19.04
C THR E 113 -33.73 10.98 -19.47
N TRP E 114 -33.53 10.24 -20.55
CA TRP E 114 -32.17 9.97 -21.00
C TRP E 114 -31.87 11.02 -22.05
N LYS E 115 -31.14 12.04 -21.60
CA LYS E 115 -30.84 13.24 -22.36
C LYS E 115 -29.90 12.93 -23.51
N THR E 116 -29.92 13.80 -24.51
CA THR E 116 -29.19 13.56 -25.74
C THR E 116 -27.78 14.11 -25.58
N GLY E 117 -26.81 13.21 -25.46
CA GLY E 117 -25.42 13.59 -25.23
C GLY E 117 -24.53 12.40 -25.48
N ALA E 118 -23.23 12.62 -25.30
CA ALA E 118 -22.25 11.57 -25.51
C ALA E 118 -20.98 11.82 -24.70
N LEU E 119 -20.34 10.71 -24.28
CA LEU E 119 -19.02 10.72 -23.65
C LEU E 119 -17.90 10.99 -24.66
N ALA E 120 -16.85 11.69 -24.22
CA ALA E 120 -15.71 12.02 -25.07
C ALA E 120 -14.41 11.95 -24.28
N ILE E 121 -13.30 11.86 -25.02
CA ILE E 121 -11.95 11.90 -24.45
C ILE E 121 -11.59 13.33 -24.01
N GLY E 122 -12.16 14.33 -24.66
CA GLY E 122 -11.92 15.71 -24.26
C GLY E 122 -12.81 16.62 -25.09
N SER E 123 -12.55 17.92 -25.00
CA SER E 123 -13.30 18.83 -25.85
C SER E 123 -12.99 18.61 -27.32
N SER E 124 -11.82 18.06 -27.63
CA SER E 124 -11.47 17.74 -29.00
C SER E 124 -12.50 16.81 -29.62
N GLU E 125 -12.73 15.65 -29.00
CA GLU E 125 -13.77 14.79 -29.54
C GLU E 125 -15.15 15.44 -29.37
N ALA E 126 -15.43 15.96 -28.18
CA ALA E 126 -16.73 16.59 -27.94
C ALA E 126 -17.01 17.71 -28.94
N CYS E 127 -16.02 18.57 -29.21
CA CYS E 127 -16.22 19.62 -30.20
C CYS E 127 -16.49 19.04 -31.58
N MET E 128 -15.65 18.08 -32.00
CA MET E 128 -15.77 17.48 -33.34
C MET E 128 -17.12 16.81 -33.54
N LEU E 129 -17.69 16.18 -32.50
CA LEU E 129 -18.98 15.55 -32.71
C LEU E 129 -20.08 16.57 -32.91
N GLY E 130 -20.09 17.64 -32.13
CA GLY E 130 -21.05 18.70 -32.37
C GLY E 130 -20.86 19.35 -33.72
N GLY E 131 -19.60 19.50 -34.15
CA GLY E 131 -19.34 20.11 -35.44
C GLY E 131 -19.87 19.25 -36.56
N VAL E 132 -19.68 17.94 -36.46
CA VAL E 132 -20.20 17.06 -37.50
C VAL E 132 -21.72 17.03 -37.48
N ALA E 133 -22.33 17.06 -36.29
CA ALA E 133 -23.80 17.09 -36.23
C ALA E 133 -24.34 18.34 -36.94
N ALA E 134 -23.77 19.51 -36.66
CA ALA E 134 -24.20 20.73 -37.34
C ALA E 134 -23.90 20.62 -38.83
N TRP E 135 -22.77 19.98 -39.18
CA TRP E 135 -22.44 19.74 -40.58
C TRP E 135 -23.51 18.90 -41.24
N LEU E 136 -23.93 17.81 -40.59
CA LEU E 136 -24.97 16.96 -41.17
C LEU E 136 -26.32 17.65 -41.15
N ARG E 137 -26.61 18.42 -40.10
CA ARG E 137 -27.88 19.15 -40.11
C ARG E 137 -27.95 20.16 -41.27
N TRP E 138 -26.84 20.86 -41.54
CA TRP E 138 -26.84 21.85 -42.63
C TRP E 138 -26.93 21.16 -43.99
N ARG E 139 -26.17 20.09 -44.20
CA ARG E 139 -26.25 19.32 -45.44
C ARG E 139 -27.68 18.88 -45.71
N LYS E 140 -28.40 18.47 -44.67
CA LYS E 140 -29.73 17.93 -44.87
C LYS E 140 -30.74 19.04 -45.18
N LYS E 141 -30.60 20.20 -44.55
CA LYS E 141 -31.43 21.35 -44.91
C LYS E 141 -31.21 21.77 -46.36
N ARG E 142 -29.94 21.90 -46.78
CA ARG E 142 -29.64 22.40 -48.11
C ARG E 142 -30.20 21.47 -49.19
N GLN E 143 -30.09 20.16 -49.00
CA GLN E 143 -30.64 19.19 -49.96
C GLN E 143 -32.16 19.24 -50.08
N ALA E 144 -32.86 19.27 -48.95
CA ALA E 144 -34.32 19.33 -49.02
C ALA E 144 -34.77 20.54 -49.80
N GLN E 145 -33.93 21.58 -49.82
CA GLN E 145 -34.18 22.78 -50.60
C GLN E 145 -33.53 22.72 -51.97
N GLY E 146 -32.82 21.63 -52.28
CA GLY E 146 -32.11 21.58 -53.54
C GLY E 146 -30.89 22.47 -53.64
N LYS E 147 -30.46 23.13 -52.55
CA LYS E 147 -29.25 23.94 -52.59
C LYS E 147 -28.01 23.06 -52.51
N PRO E 148 -26.88 23.54 -53.00
CA PRO E 148 -25.66 22.75 -52.92
C PRO E 148 -25.08 22.80 -51.52
N PHE E 149 -24.18 21.88 -51.25
CA PHE E 149 -23.64 21.76 -49.91
C PHE E 149 -22.22 21.22 -50.00
N ASP E 150 -21.47 21.66 -50.99
CA ASP E 150 -20.13 21.17 -51.22
C ASP E 150 -19.05 22.17 -50.84
N LYS E 151 -19.44 23.33 -50.30
CA LYS E 151 -18.48 24.31 -49.82
C LYS E 151 -18.92 24.80 -48.45
N PRO E 152 -18.93 23.93 -47.42
CA PRO E 152 -19.35 24.36 -46.09
C PRO E 152 -18.24 25.10 -45.34
N ASN E 153 -18.66 26.05 -44.50
CA ASN E 153 -17.74 26.83 -43.68
C ASN E 153 -18.33 27.05 -42.30
N PHE E 154 -17.48 27.48 -41.37
CA PHE E 154 -17.96 27.90 -40.06
C PHE E 154 -17.14 29.09 -39.59
N VAL E 155 -17.68 29.78 -38.60
CA VAL E 155 -17.13 31.03 -38.10
C VAL E 155 -16.71 30.83 -36.66
N ILE E 156 -15.55 31.37 -36.31
CA ILE E 156 -14.96 31.26 -34.98
C ILE E 156 -14.05 32.46 -34.79
N SER E 157 -13.77 32.79 -33.52
CA SER E 157 -12.80 33.83 -33.21
C SER E 157 -11.40 33.31 -33.50
N THR E 158 -10.49 34.22 -33.86
CA THR E 158 -9.11 33.80 -34.09
C THR E 158 -8.51 33.14 -32.87
N GLY E 159 -9.04 33.45 -31.69
CA GLY E 159 -8.59 32.84 -30.47
C GLY E 159 -9.16 31.44 -30.27
N PHE E 160 -9.27 30.68 -31.36
CA PHE E 160 -9.79 29.32 -31.32
C PHE E 160 -8.73 28.35 -30.77
N GLN E 161 -9.22 27.23 -30.21
CA GLN E 161 -8.38 26.10 -29.82
C GLN E 161 -8.13 25.22 -31.02
N VAL E 162 -6.93 24.65 -31.08
CA VAL E 162 -6.42 24.00 -32.29
C VAL E 162 -7.34 22.91 -32.83
N VAL E 163 -8.33 22.45 -32.06
CA VAL E 163 -9.25 21.42 -32.56
C VAL E 163 -10.03 21.93 -33.76
N TRP E 164 -10.35 23.23 -33.78
CA TRP E 164 -11.12 23.76 -34.88
C TRP E 164 -10.31 23.87 -36.16
N GLU E 165 -8.98 23.96 -36.05
CA GLU E 165 -8.15 23.89 -37.25
C GLU E 165 -8.05 22.44 -37.76
N LYS E 166 -8.02 21.46 -36.84
CA LYS E 166 -8.13 20.06 -37.25
C LYS E 166 -9.46 19.76 -37.93
N PHE E 167 -10.55 20.19 -37.31
CA PHE E 167 -11.87 19.93 -37.87
C PHE E 167 -11.93 20.40 -39.32
N ALA E 168 -11.53 21.65 -39.54
CA ALA E 168 -11.48 22.22 -40.88
C ALA E 168 -10.57 21.41 -41.79
N GLN E 169 -9.39 21.03 -41.30
CA GLN E 169 -8.43 20.30 -42.12
C GLN E 169 -8.88 18.88 -42.40
N LEU E 170 -9.47 18.21 -41.39
CA LEU E 170 -9.82 16.80 -41.51
C LEU E 170 -11.15 16.55 -42.20
N TRP E 171 -12.05 17.54 -42.24
CA TRP E 171 -13.31 17.40 -42.98
C TRP E 171 -13.35 18.28 -44.21
N GLN E 172 -12.28 19.01 -44.50
CA GLN E 172 -12.26 19.94 -45.59
C GLN E 172 -13.41 20.92 -45.46
N ILE E 173 -13.55 21.50 -44.28
CA ILE E 173 -14.59 22.50 -44.02
C ILE E 173 -13.88 23.83 -43.79
N GLU E 174 -14.39 24.91 -44.39
CA GLU E 174 -13.69 26.17 -44.36
C GLU E 174 -13.86 26.87 -43.02
N MET E 175 -12.75 27.31 -42.43
CA MET E 175 -12.76 28.07 -41.17
C MET E 175 -12.62 29.55 -41.46
N ARG E 176 -13.56 30.32 -40.96
CA ARG E 176 -13.55 31.77 -41.09
C ARG E 176 -13.33 32.38 -39.72
N GLU E 177 -12.24 33.14 -39.56
CA GLU E 177 -11.79 33.61 -38.24
C GLU E 177 -12.05 35.11 -38.05
N VAL E 178 -12.61 35.45 -36.90
CA VAL E 178 -12.86 36.84 -36.52
C VAL E 178 -11.67 37.31 -35.68
N PRO E 179 -10.96 38.35 -36.12
CA PRO E 179 -9.73 38.72 -35.44
C PRO E 179 -10.00 39.41 -34.12
N LEU E 180 -8.98 39.45 -33.29
CA LEU E 180 -9.04 40.13 -32.01
C LEU E 180 -8.36 41.47 -32.14
N THR E 181 -8.90 42.45 -31.43
CA THR E 181 -8.30 43.78 -31.32
C THR E 181 -8.36 44.21 -29.86
N LEU E 182 -7.74 45.34 -29.54
CA LEU E 182 -7.83 45.82 -28.17
C LEU E 182 -9.22 46.33 -27.84
N GLU E 183 -9.92 46.86 -28.85
CA GLU E 183 -11.30 47.27 -28.66
C GLU E 183 -12.23 46.07 -28.56
N LYS E 184 -11.94 45.00 -29.31
CA LYS E 184 -12.78 43.80 -29.29
C LYS E 184 -11.94 42.63 -28.80
N THR E 185 -12.05 42.36 -27.51
CA THR E 185 -11.26 41.34 -26.83
C THR E 185 -11.88 39.96 -26.90
N THR E 186 -13.14 39.86 -27.30
CA THR E 186 -13.79 38.58 -27.49
C THR E 186 -14.47 38.61 -28.85
N LEU E 187 -15.14 37.52 -29.20
CA LEU E 187 -15.82 37.46 -30.49
C LEU E 187 -16.81 38.60 -30.57
N ASP E 188 -16.60 39.49 -31.54
CA ASP E 188 -17.57 40.55 -31.76
C ASP E 188 -18.70 39.99 -32.61
N PRO E 189 -19.93 39.97 -32.11
CA PRO E 189 -21.02 39.33 -32.87
C PRO E 189 -21.21 39.97 -34.24
N GLU E 190 -21.10 41.30 -34.32
CA GLU E 190 -21.31 41.97 -35.61
C GLU E 190 -20.26 41.53 -36.62
N GLU E 191 -18.99 41.46 -36.20
CA GLU E 191 -17.94 41.01 -37.11
C GLU E 191 -18.13 39.54 -37.55
N ALA E 192 -18.62 38.68 -36.67
CA ALA E 192 -18.83 37.29 -37.07
C ALA E 192 -19.86 37.17 -38.18
N LEU E 193 -20.96 37.93 -38.09
CA LEU E 193 -22.08 37.76 -39.03
C LEU E 193 -21.69 38.19 -40.44
N LYS E 194 -20.85 39.22 -40.56
CA LYS E 194 -20.37 39.66 -41.86
C LYS E 194 -19.62 38.57 -42.61
N MET E 195 -19.18 37.53 -41.91
CA MET E 195 -18.45 36.43 -42.53
C MET E 195 -19.34 35.22 -42.85
N CYS E 196 -20.63 35.32 -42.57
CA CYS E 196 -21.56 34.22 -42.76
C CYS E 196 -22.19 34.25 -44.15
N ASP E 197 -22.61 33.09 -44.64
CA ASP E 197 -23.38 33.02 -45.88
C ASP E 197 -24.26 31.78 -45.83
N GLU E 198 -24.85 31.42 -46.97
CA GLU E 198 -25.73 30.26 -47.05
C GLU E 198 -25.00 28.95 -46.74
N ASN E 199 -23.68 29.00 -46.68
CA ASN E 199 -22.87 27.81 -46.48
C ASN E 199 -22.33 27.69 -45.07
N THR E 200 -22.68 28.60 -44.17
CA THR E 200 -22.14 28.59 -42.81
C THR E 200 -22.92 27.59 -41.94
N ILE E 201 -22.22 26.56 -41.45
CA ILE E 201 -22.88 25.49 -40.72
C ILE E 201 -23.10 25.79 -39.24
N CYS E 202 -22.33 26.71 -38.66
CA CYS E 202 -22.49 27.15 -37.28
C CYS E 202 -21.46 28.23 -36.97
N VAL E 203 -21.70 28.95 -35.86
CA VAL E 203 -20.75 29.88 -35.26
C VAL E 203 -20.39 29.38 -33.87
N VAL E 204 -19.10 29.48 -33.52
CA VAL E 204 -18.53 28.84 -32.35
C VAL E 204 -18.02 29.86 -31.33
N PRO E 205 -18.87 30.34 -30.43
CA PRO E 205 -18.37 31.10 -29.30
C PRO E 205 -17.67 30.21 -28.31
N ILE E 206 -16.72 30.79 -27.59
CA ILE E 206 -15.86 30.05 -26.70
C ILE E 206 -16.06 30.61 -25.32
N GLN E 207 -16.32 29.76 -24.37
CA GLN E 207 -16.36 30.14 -22.97
C GLN E 207 -15.08 29.63 -22.30
N GLY E 208 -14.21 30.57 -21.90
CA GLY E 208 -12.89 30.25 -21.41
C GLY E 208 -11.85 30.23 -22.52
N VAL E 209 -11.65 31.37 -23.17
CA VAL E 209 -10.71 31.41 -24.29
C VAL E 209 -9.31 31.09 -23.82
N THR E 210 -8.69 30.09 -24.45
CA THR E 210 -7.40 29.64 -23.97
C THR E 210 -6.33 30.72 -24.08
N TRP E 211 -6.39 31.55 -25.13
CA TRP E 211 -5.33 32.54 -25.30
C TRP E 211 -5.43 33.64 -24.25
N THR E 212 -6.64 33.96 -23.84
CA THR E 212 -6.91 35.15 -23.06
C THR E 212 -7.57 34.90 -21.73
N GLY E 213 -8.33 33.80 -21.60
CA GLY E 213 -9.00 33.50 -20.35
C GLY E 213 -10.36 34.13 -20.23
N LEU E 214 -10.91 34.63 -21.30
CA LEU E 214 -12.17 35.34 -21.28
C LEU E 214 -13.26 34.51 -21.95
N ASN E 215 -14.47 35.04 -21.93
CA ASN E 215 -15.64 34.39 -22.50
C ASN E 215 -16.18 35.21 -23.65
N ASP E 216 -16.36 34.61 -24.82
CA ASP E 216 -17.19 35.20 -25.84
C ASP E 216 -18.60 35.41 -25.30
N ASP E 217 -19.18 36.58 -25.55
CA ASP E 217 -20.57 36.87 -25.18
C ASP E 217 -21.52 36.10 -26.08
N VAL E 218 -22.06 35.01 -25.55
CA VAL E 218 -22.94 34.15 -26.32
C VAL E 218 -24.33 34.76 -26.41
N GLU E 219 -24.79 35.41 -25.35
CA GLU E 219 -26.13 36.00 -25.39
C GLU E 219 -26.22 37.10 -26.44
N ALA E 220 -25.21 37.96 -26.54
CA ALA E 220 -25.23 38.96 -27.60
C ALA E 220 -25.24 38.32 -28.98
N LEU E 221 -24.48 37.23 -29.15
CA LEU E 221 -24.44 36.54 -30.44
C LEU E 221 -25.80 35.92 -30.76
N ASP E 222 -26.41 35.26 -29.77
CA ASP E 222 -27.73 34.66 -29.99
C ASP E 222 -28.74 35.71 -30.37
N LYS E 223 -28.73 36.85 -29.67
CA LYS E 223 -29.65 37.92 -30.01
C LYS E 223 -29.34 38.46 -31.39
N ALA E 224 -28.05 38.55 -31.71
CA ALA E 224 -27.64 39.03 -33.03
C ALA E 224 -27.89 38.00 -34.12
N LEU E 225 -27.60 36.71 -33.84
CA LEU E 225 -27.88 35.70 -34.83
C LEU E 225 -29.35 35.63 -35.20
N ASP E 226 -30.22 35.91 -34.23
CA ASP E 226 -31.66 35.78 -34.48
C ASP E 226 -32.14 36.73 -35.56
N ALA E 227 -31.75 38.00 -35.47
CA ALA E 227 -32.17 38.95 -36.49
C ALA E 227 -31.57 38.60 -37.84
N TYR E 228 -30.34 38.09 -37.85
CA TYR E 228 -29.67 37.78 -39.10
C TYR E 228 -30.29 36.55 -39.76
N ASN E 229 -30.63 35.51 -38.98
CA ASN E 229 -31.30 34.34 -39.56
C ASN E 229 -32.69 34.71 -40.04
N ALA E 230 -33.38 35.59 -39.32
CA ALA E 230 -34.64 36.14 -39.83
C ALA E 230 -34.40 36.93 -41.11
N LYS E 231 -33.22 37.53 -41.23
CA LYS E 231 -32.88 38.27 -42.45
C LYS E 231 -32.51 37.34 -43.60
N THR E 232 -31.76 36.28 -43.32
CA THR E 232 -31.25 35.44 -44.40
C THR E 232 -32.04 34.16 -44.63
N GLY E 233 -32.66 33.59 -43.60
CA GLY E 233 -33.16 32.24 -43.72
C GLY E 233 -32.08 31.17 -43.77
N TYR E 234 -30.83 31.54 -43.51
CA TYR E 234 -29.76 30.56 -43.54
C TYR E 234 -29.87 29.57 -42.39
N ASP E 235 -30.62 29.92 -41.34
CA ASP E 235 -30.87 29.04 -40.21
C ASP E 235 -29.55 28.57 -39.59
N ILE E 236 -28.69 29.54 -39.30
CA ILE E 236 -27.34 29.27 -38.83
C ILE E 236 -27.39 29.09 -37.31
N PRO E 237 -26.76 28.06 -36.78
CA PRO E 237 -26.84 27.80 -35.34
C PRO E 237 -25.57 28.18 -34.58
N ILE E 238 -25.64 28.01 -33.26
CA ILE E 238 -24.54 28.24 -32.34
C ILE E 238 -24.11 26.91 -31.75
N HIS E 239 -22.82 26.62 -31.84
CA HIS E 239 -22.20 25.59 -31.02
C HIS E 239 -21.24 26.28 -30.08
N VAL E 240 -21.46 26.13 -28.78
CA VAL E 240 -20.64 26.77 -27.77
C VAL E 240 -19.51 25.83 -27.42
N ASP E 241 -18.28 26.26 -27.70
CA ASP E 241 -17.09 25.60 -27.20
C ASP E 241 -16.84 26.12 -25.79
N ALA E 242 -17.30 25.36 -24.80
CA ALA E 242 -17.19 25.72 -23.39
C ALA E 242 -16.15 24.85 -22.69
N ALA E 243 -15.02 24.58 -23.37
CA ALA E 243 -14.01 23.63 -22.88
C ALA E 243 -13.74 23.77 -21.40
N SER E 244 -13.59 25.02 -20.93
CA SER E 244 -13.35 25.35 -19.53
C SER E 244 -14.56 25.89 -18.79
N GLY E 245 -15.18 26.96 -19.33
CA GLY E 245 -16.23 27.67 -18.61
C GLY E 245 -17.46 26.84 -18.29
N GLY E 246 -17.69 25.74 -19.00
CA GLY E 246 -18.85 24.91 -18.79
C GLY E 246 -18.91 24.32 -17.39
N PHE E 247 -17.79 24.29 -16.69
CA PHE E 247 -17.78 23.90 -15.30
C PHE E 247 -17.52 25.08 -14.38
N ILE E 248 -17.52 26.29 -14.92
CA ILE E 248 -17.38 27.51 -14.14
C ILE E 248 -18.70 28.26 -14.06
N LEU E 249 -19.27 28.60 -15.21
CA LEU E 249 -20.47 29.42 -15.27
C LEU E 249 -21.61 28.90 -14.41
N PRO E 250 -21.93 27.60 -14.43
CA PRO E 250 -23.11 27.17 -13.66
C PRO E 250 -23.01 27.45 -12.17
N PHE E 251 -21.82 27.47 -11.59
CA PHE E 251 -21.71 27.60 -10.14
C PHE E 251 -21.52 29.03 -9.69
N LEU E 252 -20.59 29.73 -10.33
CA LEU E 252 -20.18 31.06 -9.91
C LEU E 252 -21.00 32.15 -10.56
N TYR E 253 -21.48 31.89 -11.76
CA TYR E 253 -22.20 32.83 -12.60
C TYR E 253 -23.52 32.21 -13.04
N PRO E 254 -24.42 31.95 -12.09
CA PRO E 254 -25.67 31.24 -12.46
C PRO E 254 -26.60 32.00 -13.41
N ASP E 255 -26.65 33.32 -13.29
CA ASP E 255 -27.60 34.16 -14.03
C ASP E 255 -27.15 34.56 -15.43
N THR E 256 -25.92 34.24 -15.81
CA THR E 256 -25.42 34.58 -17.13
C THR E 256 -26.06 33.67 -18.18
N LYS E 257 -26.76 34.26 -19.15
CA LYS E 257 -27.43 33.48 -20.20
C LYS E 257 -26.40 33.09 -21.27
N TRP E 258 -25.95 31.83 -21.23
CA TRP E 258 -24.96 31.35 -22.19
C TRP E 258 -25.26 29.96 -22.72
N ASP E 259 -26.30 29.28 -22.23
CA ASP E 259 -26.48 27.86 -22.50
C ASP E 259 -27.73 27.51 -23.31
N PHE E 260 -28.33 26.35 -22.99
CA PHE E 260 -29.55 25.89 -23.64
C PHE E 260 -30.76 26.73 -23.28
N ARG E 261 -30.62 27.71 -22.36
CA ARG E 261 -31.65 28.73 -22.18
C ARG E 261 -31.81 29.56 -23.44
N LEU E 262 -30.79 29.58 -24.29
CA LEU E 262 -30.77 30.41 -25.48
C LEU E 262 -31.32 29.68 -26.68
N LYS E 263 -32.01 30.44 -27.53
CA LYS E 263 -32.73 29.87 -28.65
C LYS E 263 -31.78 29.14 -29.60
N TRP E 264 -30.62 29.71 -29.90
CA TRP E 264 -29.78 29.20 -30.98
C TRP E 264 -28.65 28.31 -30.50
N VAL E 265 -28.52 28.13 -29.18
CA VAL E 265 -27.54 27.21 -28.63
C VAL E 265 -28.14 25.82 -28.74
N LEU E 266 -27.69 25.05 -29.71
CA LEU E 266 -28.23 23.72 -29.92
C LEU E 266 -27.33 22.63 -29.38
N SER E 267 -26.08 22.97 -29.06
CA SER E 267 -25.17 22.01 -28.49
C SER E 267 -24.01 22.74 -27.84
N ILE E 268 -23.45 22.12 -26.81
CA ILE E 268 -22.34 22.64 -26.01
C ILE E 268 -21.36 21.50 -25.79
N SER E 269 -20.06 21.81 -25.77
CA SER E 269 -19.04 20.81 -25.48
C SER E 269 -18.17 21.33 -24.34
N VAL E 270 -17.60 20.40 -23.58
CA VAL E 270 -16.84 20.74 -22.37
C VAL E 270 -15.76 19.69 -22.14
N SER E 271 -14.69 20.11 -21.46
CA SER E 271 -13.63 19.22 -20.99
C SER E 271 -13.89 18.90 -19.52
N GLY E 272 -14.34 17.67 -19.24
CA GLY E 272 -14.44 17.24 -17.85
C GLY E 272 -13.09 17.24 -17.15
N HIS E 273 -12.03 16.97 -17.88
CA HIS E 273 -10.73 16.91 -17.25
C HIS E 273 -10.11 18.27 -17.10
N LYS E 274 -10.85 19.35 -17.27
CA LYS E 274 -10.23 20.64 -17.02
C LYS E 274 -10.72 21.17 -15.69
N PHE E 275 -11.94 21.66 -15.69
CA PHE E 275 -12.58 22.14 -14.49
C PHE E 275 -13.75 21.26 -14.11
N GLY E 276 -14.00 20.19 -14.88
CA GLY E 276 -14.85 19.13 -14.41
C GLY E 276 -14.21 18.26 -13.37
N LEU E 277 -12.89 18.45 -13.14
CA LEU E 277 -12.14 17.95 -11.98
C LEU E 277 -11.78 16.46 -12.04
N VAL E 278 -11.58 15.90 -13.23
CA VAL E 278 -11.26 14.50 -13.41
C VAL E 278 -9.93 14.41 -14.14
N TYR E 279 -9.10 13.45 -13.79
CA TYR E 279 -7.82 13.23 -14.45
C TYR E 279 -7.99 13.09 -15.97
N PRO E 280 -6.90 13.35 -16.78
CA PRO E 280 -7.02 13.30 -18.26
C PRO E 280 -7.83 12.13 -18.80
N GLY E 281 -8.63 12.43 -19.82
CA GLY E 281 -9.39 11.42 -20.54
C GLY E 281 -10.89 11.58 -20.53
N LEU E 282 -11.40 12.80 -20.37
CA LEU E 282 -12.84 13.01 -20.23
C LEU E 282 -13.29 14.25 -20.99
N GLY E 283 -14.33 14.10 -21.80
CA GLY E 283 -15.02 15.24 -22.37
C GLY E 283 -16.51 14.93 -22.46
N TRP E 284 -17.28 15.99 -22.66
CA TRP E 284 -18.73 15.84 -22.85
C TRP E 284 -19.26 16.80 -23.92
N VAL E 285 -20.26 16.32 -24.66
CA VAL E 285 -21.05 17.13 -25.57
C VAL E 285 -22.53 16.81 -25.35
N CYS E 286 -23.39 17.83 -25.40
CA CYS E 286 -24.83 17.67 -25.23
C CYS E 286 -25.55 18.43 -26.33
N TRP E 287 -26.67 17.87 -26.78
CA TRP E 287 -27.55 18.56 -27.69
C TRP E 287 -28.80 18.98 -26.94
N LYS E 288 -29.45 20.02 -27.46
CA LYS E 288 -30.60 20.61 -26.77
C LYS E 288 -31.78 19.64 -26.72
N GLY E 289 -31.85 18.72 -27.65
CA GLY E 289 -32.91 17.73 -27.70
C GLY E 289 -32.55 16.66 -28.70
N LYS E 290 -33.34 15.59 -28.70
CA LYS E 290 -33.02 14.46 -29.57
C LYS E 290 -32.99 14.87 -31.03
N GLU E 291 -33.78 15.87 -31.40
CA GLU E 291 -33.97 16.34 -32.76
C GLU E 291 -32.74 17.03 -33.35
N TYR E 292 -31.77 17.41 -32.52
CA TYR E 292 -30.55 18.04 -33.00
C TYR E 292 -29.41 17.06 -33.17
N LEU E 293 -29.64 15.78 -32.89
CA LEU E 293 -28.67 14.74 -33.14
C LEU E 293 -29.13 13.96 -34.36
N PRO E 294 -28.38 14.02 -35.46
CA PRO E 294 -28.80 13.31 -36.66
C PRO E 294 -28.72 11.79 -36.50
N GLU E 295 -29.73 11.12 -37.06
CA GLU E 295 -29.74 9.67 -37.04
C GLU E 295 -28.52 9.11 -37.72
N GLU E 296 -27.99 9.80 -38.73
CA GLU E 296 -26.86 9.27 -39.47
C GLU E 296 -25.62 9.11 -38.61
N MET E 297 -25.55 9.81 -37.48
CA MET E 297 -24.38 9.68 -36.62
C MET E 297 -24.70 9.09 -35.27
N SER E 298 -25.87 8.49 -35.11
CA SER E 298 -26.19 8.13 -33.73
C SER E 298 -27.27 7.08 -33.68
N PHE E 299 -27.15 6.20 -32.69
CA PHE E 299 -28.21 5.31 -32.28
C PHE E 299 -28.15 5.22 -30.77
N SER E 300 -29.25 4.78 -30.18
CA SER E 300 -29.42 4.66 -28.75
C SER E 300 -29.61 3.19 -28.43
N VAL E 301 -29.06 2.73 -27.31
CA VAL E 301 -29.26 1.35 -26.84
C VAL E 301 -29.79 1.38 -25.42
N ASN E 302 -30.80 0.54 -25.14
CA ASN E 302 -31.44 0.46 -23.82
C ASN E 302 -30.71 -0.58 -22.98
N TYR E 303 -29.99 -0.11 -21.94
CA TYR E 303 -29.31 -0.93 -20.93
C TYR E 303 -30.02 -0.73 -19.60
N LEU E 304 -30.68 -1.80 -19.10
CA LEU E 304 -31.35 -1.83 -17.80
C LEU E 304 -32.40 -0.73 -17.61
N GLY E 305 -32.74 0.00 -18.68
CA GLY E 305 -33.67 1.11 -18.62
C GLY E 305 -33.19 2.42 -19.24
N ALA E 306 -31.89 2.68 -19.21
CA ALA E 306 -31.34 3.94 -19.69
C ALA E 306 -31.16 3.92 -21.20
N ASN E 307 -31.75 4.89 -21.90
CA ASN E 307 -31.44 5.07 -23.32
C ASN E 307 -30.08 5.74 -23.44
N ILE E 308 -29.08 4.97 -23.88
CA ILE E 308 -27.67 5.40 -23.94
C ILE E 308 -27.34 5.70 -25.39
N THR E 309 -26.92 6.94 -25.66
CA THR E 309 -26.58 7.31 -27.03
C THR E 309 -25.21 6.74 -27.41
N GLN E 310 -25.12 6.26 -28.66
CA GLN E 310 -23.95 5.55 -29.16
C GLN E 310 -23.12 6.35 -30.17
N VAL E 311 -23.06 7.64 -30.04
CA VAL E 311 -22.24 8.41 -30.95
C VAL E 311 -20.86 8.61 -30.33
N GLY E 312 -19.82 8.52 -31.16
CA GLY E 312 -18.49 8.84 -30.69
C GLY E 312 -17.45 8.51 -31.74
N LEU E 313 -16.34 9.24 -31.78
CA LEU E 313 -15.26 8.88 -32.70
C LEU E 313 -14.45 7.71 -32.18
N ASN E 314 -14.18 7.69 -30.88
CA ASN E 314 -13.41 6.61 -30.30
C ASN E 314 -14.31 5.41 -30.06
N PHE E 315 -13.67 4.25 -29.89
CA PHE E 315 -14.44 3.07 -29.60
C PHE E 315 -14.02 2.59 -28.23
N SER E 316 -13.18 1.54 -28.14
CA SER E 316 -12.70 1.09 -26.84
C SER E 316 -11.88 2.19 -26.17
N ARG E 317 -11.98 2.29 -24.84
CA ARG E 317 -11.45 3.45 -24.15
C ARG E 317 -11.47 3.17 -22.64
N PRO E 318 -10.71 3.95 -21.84
CA PRO E 318 -10.72 3.79 -20.38
C PRO E 318 -12.07 4.13 -19.78
N ALA E 319 -12.47 3.36 -18.77
CA ALA E 319 -13.72 3.65 -18.09
C ALA E 319 -13.55 4.43 -16.81
N ALA E 320 -12.35 4.45 -16.25
CA ALA E 320 -12.13 5.04 -14.94
C ALA E 320 -12.70 6.44 -14.89
N GLN E 321 -12.59 7.19 -15.99
CA GLN E 321 -12.97 8.58 -15.98
C GLN E 321 -14.46 8.75 -15.71
N ILE E 322 -15.27 7.74 -16.04
CA ILE E 322 -16.68 7.84 -15.69
C ILE E 322 -16.85 7.64 -14.19
N LEU E 323 -16.13 6.69 -13.62
CA LEU E 323 -16.15 6.55 -12.18
C LEU E 323 -15.74 7.85 -11.53
N GLY E 324 -14.72 8.48 -12.08
CA GLY E 324 -14.28 9.73 -11.53
C GLY E 324 -15.33 10.82 -11.65
N GLN E 325 -15.98 10.93 -12.82
CA GLN E 325 -16.97 11.99 -12.96
C GLN E 325 -18.13 11.79 -12.00
N TYR E 326 -18.66 10.58 -11.91
CA TYR E 326 -19.80 10.34 -11.03
C TYR E 326 -19.42 10.53 -9.56
N TYR E 327 -18.24 10.05 -9.15
CA TYR E 327 -17.78 10.28 -7.78
C TYR E 327 -17.82 11.77 -7.42
N GLN E 328 -17.31 12.62 -8.32
CA GLN E 328 -17.19 14.06 -8.05
C GLN E 328 -18.55 14.71 -7.83
N PHE E 329 -19.54 14.29 -8.62
CA PHE E 329 -20.91 14.77 -8.46
C PHE E 329 -21.47 14.42 -7.11
N ILE E 330 -21.17 13.22 -6.63
CA ILE E 330 -21.70 12.76 -5.37
C ILE E 330 -20.87 13.33 -4.22
N ARG E 331 -19.54 13.24 -4.33
CA ARG E 331 -18.70 13.67 -3.22
C ARG E 331 -18.85 15.17 -2.93
N LEU E 332 -18.96 16.01 -3.97
CA LEU E 332 -19.00 17.46 -3.84
C LEU E 332 -20.41 18.06 -3.98
N GLY E 333 -21.17 17.64 -4.99
CA GLY E 333 -22.42 18.30 -5.26
C GLY E 333 -22.23 19.72 -5.78
N PHE E 334 -23.33 20.44 -5.85
CA PHE E 334 -23.27 21.81 -6.37
C PHE E 334 -22.50 22.72 -5.42
N GLN E 335 -22.86 22.70 -4.14
CA GLN E 335 -22.13 23.52 -3.18
C GLN E 335 -20.65 23.20 -3.22
N GLY E 336 -20.32 21.91 -3.21
CA GLY E 336 -18.92 21.52 -3.20
C GLY E 336 -18.20 22.01 -4.43
N TYR E 337 -18.83 21.87 -5.60
CA TYR E 337 -18.27 22.43 -6.83
C TYR E 337 -18.11 23.94 -6.74
N LYS E 338 -19.11 24.62 -6.19
CA LYS E 338 -19.04 26.07 -6.09
C LYS E 338 -17.81 26.52 -5.31
N GLU E 339 -17.49 25.81 -4.22
CA GLU E 339 -16.41 26.28 -3.35
C GLU E 339 -15.04 26.04 -3.95
N VAL E 340 -14.84 24.91 -4.64
CA VAL E 340 -13.54 24.65 -5.25
C VAL E 340 -13.29 25.63 -6.38
N GLN E 341 -14.27 25.81 -7.27
CA GLN E 341 -14.10 26.80 -8.32
C GLN E 341 -13.97 28.18 -7.71
N TYR E 342 -14.66 28.42 -6.59
CA TYR E 342 -14.52 29.68 -5.89
C TYR E 342 -13.08 29.90 -5.46
N ASN E 343 -12.51 28.86 -4.87
CA ASN E 343 -11.11 28.93 -4.50
C ASN E 343 -10.26 29.26 -5.71
N SER E 344 -10.49 28.56 -6.81
CA SER E 344 -9.58 28.75 -7.94
C SER E 344 -9.67 30.17 -8.47
N LEU E 345 -10.87 30.74 -8.52
CA LEU E 345 -11.01 32.07 -9.08
C LEU E 345 -10.44 33.11 -8.15
N GLN E 346 -10.73 33.02 -6.85
CA GLN E 346 -10.13 33.92 -5.88
C GLN E 346 -8.60 33.91 -5.99
N ILE E 347 -8.01 32.74 -6.17
CA ILE E 347 -6.56 32.68 -6.28
C ILE E 347 -6.11 33.36 -7.56
N ALA E 348 -6.81 33.08 -8.67
CA ALA E 348 -6.49 33.75 -9.91
C ALA E 348 -6.69 35.26 -9.77
N LYS E 349 -7.74 35.67 -9.05
CA LYS E 349 -7.94 37.08 -8.74
C LYS E 349 -6.81 37.64 -7.89
N TYR E 350 -6.36 36.87 -6.90
CA TYR E 350 -5.26 37.32 -6.06
C TYR E 350 -4.01 37.57 -6.90
N ILE E 351 -3.64 36.60 -7.72
CA ILE E 351 -2.43 36.73 -8.53
C ILE E 351 -2.57 37.87 -9.52
N HIS E 352 -3.70 37.89 -10.21
CA HIS E 352 -4.01 39.00 -11.10
C HIS E 352 -3.80 40.33 -10.39
N GLY E 353 -4.38 40.48 -9.21
CA GLY E 353 -4.28 41.77 -8.53
C GLY E 353 -2.87 42.12 -8.12
N GLU E 354 -2.07 41.13 -7.75
CA GLU E 354 -0.70 41.42 -7.34
C GLU E 354 0.21 41.65 -8.53
N ILE E 355 -0.07 41.00 -9.66
CA ILE E 355 0.76 41.16 -10.84
C ILE E 355 0.70 42.59 -11.35
N ALA E 356 -0.49 43.20 -11.33
CA ALA E 356 -0.66 44.54 -11.85
C ALA E 356 0.10 45.55 -11.01
N LYS E 357 0.32 45.24 -9.75
CA LYS E 357 1.10 46.14 -8.90
C LYS E 357 2.57 46.19 -9.32
N MET E 358 3.04 45.20 -10.08
CA MET E 358 4.45 45.16 -10.46
C MET E 358 4.71 46.08 -11.65
N ALA E 359 5.87 46.74 -11.61
CA ALA E 359 6.22 47.74 -12.62
C ALA E 359 6.18 47.29 -14.08
N PRO E 360 6.68 46.12 -14.47
CA PRO E 360 6.73 45.76 -15.90
C PRO E 360 5.40 45.36 -16.53
N PHE E 361 4.35 45.16 -15.76
CA PHE E 361 3.17 44.39 -16.16
C PHE E 361 1.92 45.24 -16.28
N VAL E 362 1.08 44.87 -17.24
CA VAL E 362 -0.27 45.40 -17.37
C VAL E 362 -1.17 44.23 -17.75
N ASN E 363 -2.32 44.15 -17.12
CA ASN E 363 -3.19 43.03 -17.42
C ASN E 363 -3.96 43.23 -18.71
N TYR E 364 -4.13 42.14 -19.43
CA TYR E 364 -4.92 42.15 -20.64
C TYR E 364 -6.34 42.57 -20.36
N SER E 365 -6.83 42.33 -19.14
CA SER E 365 -8.22 42.56 -18.82
C SER E 365 -8.33 42.97 -17.37
N GLU E 366 -9.37 43.73 -17.05
CA GLU E 366 -9.62 44.04 -15.66
C GLU E 366 -10.52 43.02 -14.98
N ASN E 367 -11.10 42.11 -15.74
CA ASN E 367 -11.99 41.11 -15.18
C ASN E 367 -11.44 39.71 -15.38
N VAL E 368 -11.43 38.94 -14.31
CA VAL E 368 -11.09 37.53 -14.33
C VAL E 368 -12.40 36.79 -14.13
N VAL E 369 -12.87 36.13 -15.21
CA VAL E 369 -14.11 35.36 -15.18
C VAL E 369 -13.84 33.88 -15.21
N ASN E 370 -12.61 33.48 -15.45
CA ASN E 370 -12.18 32.09 -15.39
C ASN E 370 -10.92 32.04 -14.55
N PRO E 371 -10.61 30.89 -13.92
CA PRO E 371 -9.40 30.83 -13.08
C PRO E 371 -8.10 30.85 -13.91
N LEU E 372 -7.97 31.86 -14.75
CA LEU E 372 -6.76 32.12 -15.50
C LEU E 372 -6.86 33.52 -16.09
N PHE E 373 -5.72 34.11 -16.41
CA PHE E 373 -5.70 35.42 -17.02
C PHE E 373 -4.36 35.58 -17.73
N ILE E 374 -4.27 36.59 -18.59
CA ILE E 374 -3.03 36.89 -19.29
C ILE E 374 -2.65 38.35 -19.07
N TRP E 375 -1.36 38.63 -19.23
CA TRP E 375 -0.84 39.99 -19.10
C TRP E 375 0.34 40.17 -20.03
N TYR E 376 0.86 41.39 -20.12
CA TYR E 376 2.02 41.66 -20.96
C TYR E 376 2.79 42.86 -20.45
N LEU E 377 3.95 43.12 -21.07
CA LEU E 377 4.81 44.21 -20.62
C LEU E 377 4.19 45.55 -20.96
N LYS E 378 4.26 46.47 -20.01
CA LYS E 378 3.81 47.82 -20.30
C LYS E 378 4.51 48.30 -21.56
N PRO E 379 3.76 48.77 -22.56
CA PRO E 379 4.40 49.17 -23.83
C PRO E 379 5.55 50.14 -23.61
N GLU E 380 5.37 51.06 -22.67
CA GLU E 380 6.44 51.97 -22.28
C GLU E 380 7.63 51.20 -21.74
N TYR E 381 7.38 50.24 -20.86
CA TYR E 381 8.45 49.47 -20.24
C TYR E 381 9.20 48.62 -21.25
N ALA E 382 8.47 47.98 -22.17
CA ALA E 382 9.13 47.08 -23.09
C ALA E 382 10.06 47.82 -24.03
N LYS E 383 9.77 49.09 -24.31
CA LYS E 383 10.60 49.85 -25.24
C LYS E 383 12.04 49.94 -24.74
N SER E 384 12.25 50.21 -23.45
CA SER E 384 13.61 50.29 -22.93
C SER E 384 14.07 49.02 -22.22
N ALA E 385 13.19 48.05 -22.00
CA ALA E 385 13.58 46.81 -21.34
C ALA E 385 14.45 45.97 -22.25
N LYS E 386 15.38 45.25 -21.64
CA LYS E 386 16.28 44.35 -22.36
C LYS E 386 15.80 42.90 -22.41
N TRP E 387 14.60 42.61 -21.89
CA TRP E 387 14.08 41.25 -21.76
C TRP E 387 12.63 41.20 -22.21
N THR E 388 12.17 40.00 -22.52
CA THR E 388 10.77 39.80 -22.91
C THR E 388 10.13 38.81 -21.94
N LEU E 389 8.83 38.60 -22.11
CA LEU E 389 8.15 37.60 -21.29
C LEU E 389 8.63 36.19 -21.58
N TYR E 390 9.21 35.96 -22.76
CA TYR E 390 9.88 34.71 -23.01
C TYR E 390 11.06 34.52 -22.07
N ASP E 391 11.76 35.60 -21.73
CA ASP E 391 12.90 35.52 -20.82
C ASP E 391 12.47 35.19 -19.39
N LEU E 392 11.43 35.86 -18.87
CA LEU E 392 10.92 35.54 -17.54
C LEU E 392 10.48 34.10 -17.46
N GLN E 393 9.83 33.60 -18.50
CA GLN E 393 9.44 32.21 -18.54
C GLN E 393 10.63 31.30 -18.29
N ASP E 394 11.79 31.62 -18.87
CA ASP E 394 12.97 30.80 -18.62
C ASP E 394 13.41 30.89 -17.16
N LYS E 395 13.40 32.11 -16.61
CA LYS E 395 13.80 32.30 -15.22
C LYS E 395 12.92 31.45 -14.32
N LEU E 396 11.63 31.40 -14.65
CA LEU E 396 10.70 30.60 -13.86
C LEU E 396 10.90 29.11 -14.10
N SER E 397 11.45 28.74 -15.26
CA SER E 397 11.72 27.33 -15.52
C SER E 397 12.83 26.80 -14.62
N GLN E 398 13.77 27.65 -14.22
CA GLN E 398 14.85 27.21 -13.35
C GLN E 398 14.37 26.83 -11.96
N HIS E 399 13.11 27.13 -11.63
CA HIS E 399 12.53 26.74 -10.35
C HIS E 399 11.42 25.70 -10.47
N GLY E 400 11.27 25.08 -11.64
CA GLY E 400 10.31 24.00 -11.83
C GLY E 400 8.94 24.40 -12.35
N TRP E 401 8.67 25.71 -12.49
CA TRP E 401 7.39 26.16 -13.00
C TRP E 401 7.37 26.08 -14.53
N MET E 402 6.17 25.98 -15.09
CA MET E 402 5.95 26.30 -16.50
C MET E 402 4.84 27.34 -16.61
N VAL E 403 5.20 28.56 -17.01
CA VAL E 403 4.26 29.65 -17.24
C VAL E 403 4.48 30.14 -18.66
N PRO E 404 3.56 29.91 -19.59
CA PRO E 404 3.86 30.10 -21.01
C PRO E 404 3.75 31.55 -21.45
N ALA E 405 4.75 31.97 -22.24
CA ALA E 405 4.71 33.22 -22.99
C ALA E 405 4.51 32.91 -24.47
N TYR E 406 3.67 33.70 -25.14
CA TYR E 406 3.30 33.45 -26.52
C TYR E 406 2.69 34.71 -27.11
N THR E 407 2.77 34.82 -28.44
CA THR E 407 2.12 35.93 -29.13
C THR E 407 0.66 35.60 -29.36
N LEU E 408 -0.17 36.63 -29.21
CA LEU E 408 -1.60 36.50 -29.38
C LEU E 408 -1.95 36.26 -30.85
N PRO E 409 -3.18 35.81 -31.12
CA PRO E 409 -3.65 35.64 -32.50
C PRO E 409 -4.10 36.94 -33.16
N SER E 410 -4.80 36.81 -34.30
CA SER E 410 -4.80 37.85 -35.33
C SER E 410 -5.24 39.21 -34.82
N LYS E 411 -4.53 40.22 -35.33
CA LYS E 411 -4.55 41.67 -35.12
C LYS E 411 -4.04 42.08 -33.74
N LEU E 412 -3.65 41.14 -32.88
CA LEU E 412 -2.89 41.43 -31.67
C LEU E 412 -1.59 40.65 -31.63
N GLU E 413 -1.14 40.15 -32.79
CA GLU E 413 0.00 39.26 -32.86
C GLU E 413 1.30 39.91 -32.41
N ASP E 414 1.35 41.22 -32.30
CA ASP E 414 2.50 41.91 -31.77
C ASP E 414 2.56 41.85 -30.25
N TYR E 415 1.57 41.25 -29.59
CA TYR E 415 1.54 41.18 -28.15
C TYR E 415 2.06 39.82 -27.68
N VAL E 416 3.20 39.85 -26.97
CA VAL E 416 3.70 38.69 -26.24
C VAL E 416 3.11 38.76 -24.84
N VAL E 417 2.30 37.76 -24.49
CA VAL E 417 1.59 37.71 -23.22
C VAL E 417 2.07 36.50 -22.45
N MET E 418 1.69 36.45 -21.18
CA MET E 418 1.96 35.31 -20.32
C MET E 418 0.65 34.90 -19.66
N ARG E 419 0.44 33.60 -19.52
CA ARG E 419 -0.81 33.07 -19.01
C ARG E 419 -0.56 32.27 -17.74
N VAL E 420 -1.49 32.35 -16.80
CA VAL E 420 -1.45 31.53 -15.59
C VAL E 420 -2.79 30.84 -15.45
N VAL E 421 -2.76 29.52 -15.28
CA VAL E 421 -3.96 28.73 -15.04
C VAL E 421 -3.94 28.23 -13.58
N VAL E 422 -5.04 28.47 -12.85
CA VAL E 422 -5.20 28.04 -11.46
C VAL E 422 -6.17 26.85 -11.43
N ARG E 423 -5.65 25.65 -11.27
CA ARG E 423 -6.48 24.46 -11.20
C ARG E 423 -6.76 24.07 -9.76
N GLN E 424 -7.66 23.11 -9.57
CA GLN E 424 -7.84 22.56 -8.23
C GLN E 424 -6.54 21.89 -7.80
N GLY E 425 -6.04 22.25 -6.61
CA GLY E 425 -4.74 21.80 -6.19
C GLY E 425 -3.61 22.81 -6.24
N PHE E 426 -3.89 24.04 -6.64
CA PHE E 426 -2.95 25.16 -6.62
C PHE E 426 -3.44 26.13 -5.55
N SER E 427 -2.72 26.22 -4.42
CA SER E 427 -3.23 26.93 -3.26
C SER E 427 -2.79 28.38 -3.22
N ARG E 428 -3.40 29.13 -2.31
CA ARG E 428 -2.91 30.48 -2.05
C ARG E 428 -1.44 30.44 -1.73
N ASP E 429 -1.04 29.45 -0.94
CA ASP E 429 0.35 29.32 -0.56
C ASP E 429 1.23 29.09 -1.78
N MET E 430 0.73 28.34 -2.76
CA MET E 430 1.53 28.14 -3.96
C MET E 430 1.55 29.39 -4.83
N ALA E 431 0.47 30.16 -4.80
CA ALA E 431 0.46 31.45 -5.47
C ALA E 431 1.57 32.34 -4.93
N ASP E 432 1.72 32.36 -3.59
CA ASP E 432 2.77 33.16 -2.96
C ASP E 432 4.14 32.68 -3.38
N MET E 433 4.34 31.37 -3.55
CA MET E 433 5.60 30.88 -4.07
C MET E 433 5.89 31.42 -5.46
N LEU E 434 4.89 31.38 -6.35
CA LEU E 434 5.11 31.82 -7.72
C LEU E 434 5.40 33.32 -7.81
N LEU E 435 4.62 34.12 -7.10
CA LEU E 435 4.82 35.57 -7.10
C LEU E 435 6.21 35.93 -6.59
N GLY E 436 6.65 35.27 -5.52
CA GLY E 436 8.00 35.49 -5.04
C GLY E 436 9.03 35.21 -6.10
N ASP E 437 8.87 34.09 -6.82
CA ASP E 437 9.82 33.70 -7.85
C ASP E 437 9.83 34.70 -9.01
N ILE E 438 8.69 35.33 -9.26
CA ILE E 438 8.59 36.32 -10.31
C ILE E 438 9.32 37.60 -9.94
N LYS E 439 9.03 38.14 -8.75
CA LYS E 439 9.72 39.34 -8.33
C LYS E 439 11.22 39.18 -8.42
N ASN E 440 11.74 38.02 -8.00
CA ASN E 440 13.18 37.81 -8.06
C ASN E 440 13.69 37.89 -9.50
N ALA E 441 12.98 37.27 -10.45
CA ALA E 441 13.48 37.20 -11.82
C ALA E 441 13.49 38.58 -12.48
N ILE E 442 12.51 39.42 -12.16
CA ILE E 442 12.50 40.79 -12.65
C ILE E 442 13.73 41.51 -12.17
N ALA E 443 14.09 41.31 -10.90
CA ALA E 443 15.29 41.94 -10.38
C ALA E 443 16.53 41.46 -11.14
N GLU E 444 16.65 40.15 -11.37
CA GLU E 444 17.81 39.66 -12.11
C GLU E 444 17.83 40.22 -13.51
N LEU E 445 16.66 40.25 -14.14
CA LEU E 445 16.56 40.70 -15.51
C LEU E 445 16.77 42.20 -15.61
N GLU E 446 16.32 42.96 -14.61
CA GLU E 446 16.54 44.40 -14.63
C GLU E 446 18.01 44.76 -14.44
N LYS E 447 18.84 43.79 -14.09
CA LYS E 447 20.28 43.98 -13.97
C LYS E 447 20.98 43.92 -15.32
N LEU E 448 20.28 43.50 -16.38
CA LEU E 448 20.91 43.27 -17.66
C LEU E 448 21.38 44.58 -18.30
N ASP E 449 22.60 44.56 -18.83
CA ASP E 449 23.13 45.67 -19.59
C ASP E 449 22.98 45.47 -21.09
N PHE E 450 22.70 44.25 -21.52
CA PHE E 450 22.56 43.92 -22.93
C PHE E 450 21.21 43.25 -23.16
N PRO E 451 20.65 43.37 -24.36
CA PRO E 451 19.34 42.75 -24.63
C PRO E 451 19.43 41.25 -24.85
N THR E 452 18.38 40.57 -24.40
CA THR E 452 18.28 39.15 -24.60
C THR E 452 17.95 38.85 -26.05
N PRO E 453 18.18 37.61 -26.49
CA PRO E 453 17.86 37.27 -27.89
C PRO E 453 16.41 37.56 -28.27
N THR E 454 15.44 37.26 -27.41
CA THR E 454 14.07 37.62 -27.74
C THR E 454 13.89 39.13 -27.83
N ARG E 455 14.52 39.88 -26.94
CA ARG E 455 14.37 41.33 -27.01
C ARG E 455 14.96 41.90 -28.28
N MET E 456 16.07 41.34 -28.74
CA MET E 456 16.67 41.80 -29.99
C MET E 456 15.80 41.47 -31.19
N ALA E 457 15.18 40.28 -31.20
CA ALA E 457 14.29 39.95 -32.28
C ALA E 457 13.11 40.91 -32.35
N GLN E 458 12.72 41.50 -31.23
CA GLN E 458 11.59 42.41 -31.22
C GLN E 458 11.94 43.79 -31.74
N GLU E 459 13.22 44.09 -31.93
CA GLU E 459 13.64 45.41 -32.39
C GLU E 459 13.61 45.53 -33.92
N MET F 1 20.35 -11.57 -27.41
CA MET F 1 20.02 -11.22 -26.03
C MET F 1 18.94 -12.17 -25.50
N GLU F 2 19.00 -13.41 -25.98
CA GLU F 2 18.04 -14.43 -25.59
C GLU F 2 18.24 -14.89 -24.14
N ASP F 3 17.14 -14.89 -23.39
CA ASP F 3 17.08 -15.51 -22.09
C ASP F 3 16.47 -16.89 -22.26
N LEU F 4 17.28 -17.93 -22.08
CA LEU F 4 16.88 -19.29 -22.44
C LEU F 4 15.89 -19.90 -21.48
N ASN F 5 15.78 -19.38 -20.25
CA ASN F 5 14.86 -19.94 -19.28
C ASN F 5 13.64 -19.05 -19.03
N PHE F 6 13.30 -18.16 -19.96
CA PHE F 6 12.16 -17.29 -19.75
C PHE F 6 10.90 -18.09 -19.48
N ARG F 7 10.68 -19.15 -20.24
CA ARG F 7 9.46 -19.94 -20.14
C ARG F 7 9.47 -20.89 -18.96
N LYS F 8 10.65 -21.17 -18.40
CA LYS F 8 10.87 -22.14 -17.35
C LYS F 8 10.79 -21.54 -15.94
N GLY F 9 10.71 -20.22 -15.81
CA GLY F 9 10.53 -19.63 -14.50
C GLY F 9 11.78 -18.97 -13.91
N ASP F 10 12.27 -17.91 -14.55
CA ASP F 10 13.39 -17.21 -13.98
C ASP F 10 12.93 -15.82 -13.56
N ALA F 11 13.89 -14.93 -13.33
CA ALA F 11 13.57 -13.57 -12.90
C ALA F 11 12.96 -12.73 -14.03
N LYS F 12 13.08 -13.17 -15.28
CA LYS F 12 12.52 -12.43 -16.41
C LYS F 12 11.16 -12.96 -16.87
N THR F 13 10.74 -14.13 -16.41
CA THR F 13 9.51 -14.76 -16.87
C THR F 13 8.27 -13.88 -16.70
N ASP F 14 7.46 -13.79 -17.76
CA ASP F 14 6.10 -13.28 -17.63
C ASP F 14 5.19 -14.43 -17.27
N VAL F 15 4.30 -14.20 -16.32
CA VAL F 15 3.43 -15.25 -15.78
C VAL F 15 2.72 -15.99 -16.90
N PHE F 16 2.12 -15.25 -17.83
CA PHE F 16 1.34 -15.84 -18.90
C PHE F 16 2.12 -15.98 -20.21
N GLY F 17 3.43 -16.13 -20.10
CA GLY F 17 4.27 -16.60 -21.19
C GLY F 17 5.09 -17.77 -20.69
N SER F 18 4.61 -18.40 -19.63
CA SER F 18 5.30 -19.51 -18.98
C SER F 18 4.65 -20.84 -19.37
N ASP F 19 5.45 -21.90 -19.25
CA ASP F 19 4.95 -23.24 -19.51
C ASP F 19 3.91 -23.63 -18.46
N ARG F 20 4.03 -23.11 -17.26
CA ARG F 20 3.12 -23.49 -16.19
C ARG F 20 1.72 -23.02 -16.50
N MET F 21 1.59 -21.81 -17.03
CA MET F 21 0.27 -21.31 -17.35
C MET F 21 -0.26 -21.89 -18.65
N LEU F 22 0.48 -22.83 -19.23
CA LEU F 22 -0.04 -23.71 -20.28
C LEU F 22 -0.47 -25.06 -19.71
N GLN F 23 -0.42 -25.21 -18.39
CA GLN F 23 -0.70 -26.46 -17.72
C GLN F 23 -1.84 -26.25 -16.74
N PRO F 24 -2.64 -27.29 -16.46
CA PRO F 24 -3.77 -27.15 -15.54
C PRO F 24 -3.36 -27.24 -14.07
N SER F 25 -4.22 -26.68 -13.20
CA SER F 25 -3.91 -26.71 -11.78
C SER F 25 -3.98 -28.14 -11.25
N PRO F 26 -3.21 -28.46 -10.21
CA PRO F 26 -3.18 -29.85 -9.73
C PRO F 26 -4.48 -30.28 -9.08
N VAL F 27 -4.94 -31.47 -9.45
CA VAL F 27 -6.19 -32.02 -8.96
C VAL F 27 -5.97 -33.16 -7.97
N GLU F 28 -5.05 -34.07 -8.28
CA GLU F 28 -4.88 -35.27 -7.48
C GLU F 28 -3.65 -35.24 -6.58
N ARG F 29 -2.46 -35.03 -7.13
CA ARG F 29 -1.20 -35.13 -6.41
C ARG F 29 -0.48 -33.78 -6.43
N ILE F 30 0.39 -33.57 -5.44
CA ILE F 30 1.17 -32.32 -5.30
C ILE F 30 2.26 -32.26 -6.38
N PRO F 31 2.53 -31.07 -6.93
CA PRO F 31 3.57 -30.95 -7.96
C PRO F 31 4.92 -31.34 -7.43
N ASP F 32 5.75 -31.85 -8.35
CA ASP F 32 7.08 -32.34 -7.97
C ASP F 32 7.97 -31.20 -7.45
N GLY F 33 7.91 -30.04 -8.09
CA GLY F 33 8.75 -28.92 -7.78
C GLY F 33 7.96 -27.63 -7.67
N PRO F 34 8.66 -26.50 -7.49
CA PRO F 34 7.99 -25.21 -7.34
C PRO F 34 7.85 -24.40 -8.62
N THR F 35 7.10 -23.31 -8.51
CA THR F 35 7.09 -22.21 -9.46
C THR F 35 7.33 -20.93 -8.67
N THR F 36 7.26 -19.81 -9.34
CA THR F 36 7.39 -18.52 -8.69
C THR F 36 6.10 -18.13 -7.96
N PRO F 37 6.19 -17.19 -7.00
CA PRO F 37 4.97 -16.76 -6.29
C PRO F 37 3.99 -16.07 -7.21
N GLU F 38 4.50 -15.37 -8.24
CA GLU F 38 3.61 -14.68 -9.15
C GLU F 38 2.71 -15.68 -9.82
N VAL F 39 3.30 -16.72 -10.40
CA VAL F 39 2.56 -17.79 -11.06
C VAL F 39 1.60 -18.45 -10.08
N ALA F 40 2.11 -18.84 -8.91
CA ALA F 40 1.26 -19.52 -7.95
C ALA F 40 0.13 -18.63 -7.47
N TYR F 41 0.37 -17.33 -7.33
CA TYR F 41 -0.69 -16.43 -6.90
C TYR F 41 -1.79 -16.33 -7.95
N GLN F 42 -1.42 -16.17 -9.23
CA GLN F 42 -2.43 -16.08 -10.28
C GLN F 42 -3.23 -17.39 -10.40
N MET F 43 -2.55 -18.54 -10.39
CA MET F 43 -3.24 -19.81 -10.52
C MET F 43 -4.30 -19.97 -9.43
N VAL F 44 -3.98 -19.62 -8.20
CA VAL F 44 -4.99 -19.77 -7.15
C VAL F 44 -6.02 -18.64 -7.24
N LYS F 45 -5.57 -17.40 -7.46
CA LYS F 45 -6.48 -16.25 -7.52
C LYS F 45 -7.45 -16.34 -8.69
N ASP F 46 -6.96 -16.75 -9.87
CA ASP F 46 -7.80 -16.70 -11.05
C ASP F 46 -8.98 -17.65 -10.96
N GLU F 47 -8.84 -18.74 -10.21
CA GLU F 47 -9.96 -19.65 -10.00
C GLU F 47 -11.06 -19.02 -9.14
N THR F 48 -10.78 -17.96 -8.40
CA THR F 48 -11.78 -17.40 -7.50
C THR F 48 -12.71 -16.42 -8.20
N PHE F 49 -12.35 -16.05 -9.43
CA PHE F 49 -13.15 -15.06 -10.16
C PHE F 49 -14.51 -15.61 -10.52
N ALA F 50 -14.56 -16.88 -10.91
CA ALA F 50 -15.76 -17.45 -11.50
C ALA F 50 -16.75 -17.89 -10.41
N GLN F 51 -17.23 -16.92 -9.64
CA GLN F 51 -18.21 -17.23 -8.60
C GLN F 51 -18.82 -15.93 -8.09
N THR F 52 -19.78 -16.07 -7.20
CA THR F 52 -20.54 -14.92 -6.73
C THR F 52 -19.59 -13.93 -6.08
N GLN F 53 -19.81 -12.68 -6.37
CA GLN F 53 -19.14 -11.67 -5.59
C GLN F 53 -19.81 -11.58 -4.23
N PRO F 54 -19.05 -11.54 -3.15
CA PRO F 54 -19.68 -11.57 -1.83
C PRO F 54 -20.69 -10.46 -1.61
N ARG F 55 -20.41 -9.23 -2.06
CA ARG F 55 -21.33 -8.14 -1.75
C ARG F 55 -22.70 -8.33 -2.38
N LEU F 56 -22.80 -9.13 -3.43
CA LEU F 56 -24.06 -9.36 -4.13
C LEU F 56 -24.73 -10.69 -3.73
N ASN F 57 -24.07 -11.48 -2.89
CA ASN F 57 -24.58 -12.74 -2.37
C ASN F 57 -25.61 -12.47 -1.29
N LEU F 58 -26.86 -12.56 -1.67
CA LEU F 58 -27.95 -12.31 -0.74
C LEU F 58 -28.43 -13.59 -0.08
N ALA F 59 -27.82 -14.72 -0.39
CA ALA F 59 -28.14 -15.93 0.36
C ALA F 59 -27.57 -15.88 1.77
N THR F 60 -26.37 -15.31 1.93
CA THR F 60 -25.59 -15.49 3.16
C THR F 60 -25.99 -14.52 4.27
N PHE F 61 -25.85 -14.99 5.51
CA PHE F 61 -26.06 -14.16 6.70
C PHE F 61 -24.76 -13.60 7.25
N VAL F 62 -23.63 -14.04 6.70
CA VAL F 62 -22.30 -13.77 7.24
C VAL F 62 -21.75 -12.50 6.63
N THR F 63 -21.09 -11.68 7.46
CA THR F 63 -20.60 -10.37 7.06
C THR F 63 -19.67 -10.45 5.85
N THR F 64 -19.91 -9.55 4.89
CA THR F 64 -19.05 -9.36 3.74
C THR F 64 -18.47 -7.96 3.65
N TYR F 65 -18.76 -7.10 4.62
CA TYR F 65 -18.18 -5.77 4.63
C TYR F 65 -17.73 -5.39 6.04
N MET F 66 -16.50 -4.85 6.13
CA MET F 66 -16.06 -4.11 7.31
C MET F 66 -15.27 -2.90 6.83
N ASP F 67 -15.18 -1.89 7.68
CA ASP F 67 -14.51 -0.66 7.25
C ASP F 67 -13.01 -0.93 7.10
N ASP F 68 -12.30 0.10 6.61
CA ASP F 68 -10.90 -0.10 6.23
C ASP F 68 -9.99 -0.28 7.42
N TYR F 69 -10.31 0.34 8.55
CA TYR F 69 -9.48 0.19 9.74
C TYR F 69 -9.68 -1.17 10.38
N ALA F 70 -10.93 -1.62 10.51
CA ALA F 70 -11.17 -2.96 11.03
C ALA F 70 -10.56 -4.01 10.13
N THR F 71 -10.63 -3.80 8.81
CA THR F 71 -10.05 -4.73 7.85
C THR F 71 -8.53 -4.78 8.01
N LYS F 72 -7.91 -3.61 8.14
CA LYS F 72 -6.47 -3.48 8.36
C LYS F 72 -6.05 -4.10 9.68
N LEU F 73 -6.79 -3.78 10.74
CA LEU F 73 -6.56 -4.35 12.06
C LEU F 73 -6.45 -5.86 11.97
N MET F 74 -7.46 -6.49 11.37
CA MET F 74 -7.55 -7.94 11.32
C MET F 74 -6.51 -8.54 10.40
N ASN F 75 -6.28 -7.90 9.25
CA ASN F 75 -5.22 -8.36 8.35
C ASN F 75 -3.89 -8.36 9.05
N GLU F 76 -3.64 -7.34 9.88
CA GLU F 76 -2.41 -7.34 10.63
C GLU F 76 -2.37 -8.48 11.63
N ALA F 77 -3.55 -9.02 12.00
CA ALA F 77 -3.65 -10.07 12.99
C ALA F 77 -3.66 -11.48 12.40
N ILE F 78 -3.32 -11.63 11.12
CA ILE F 78 -3.48 -12.91 10.43
C ILE F 78 -2.60 -14.02 11.02
N ASN F 79 -1.49 -13.68 11.68
CA ASN F 79 -0.52 -14.67 12.15
C ASN F 79 -0.57 -14.88 13.65
N ILE F 80 -1.70 -14.59 14.27
CA ILE F 80 -1.88 -14.65 15.72
C ILE F 80 -2.83 -15.79 16.06
N ASN F 81 -2.28 -16.79 16.73
CA ASN F 81 -3.02 -17.94 17.22
C ASN F 81 -3.62 -17.60 18.58
N TYR F 82 -4.95 -17.48 18.64
CA TYR F 82 -5.61 -17.08 19.88
C TYR F 82 -5.26 -18.01 21.02
N ILE F 83 -5.25 -19.32 20.77
CA ILE F 83 -5.17 -20.28 21.85
C ILE F 83 -3.89 -20.14 22.66
N ASP F 84 -2.87 -19.48 22.11
CA ASP F 84 -1.64 -19.21 22.87
C ASP F 84 -1.89 -18.08 23.85
N GLU F 85 -2.72 -18.36 24.87
CA GLU F 85 -3.15 -17.30 25.77
C GLU F 85 -2.02 -16.84 26.69
N THR F 86 -1.13 -17.73 27.11
CA THR F 86 0.03 -17.29 27.87
C THR F 86 0.91 -16.31 27.10
N GLU F 87 1.11 -16.57 25.79
CA GLU F 87 1.99 -15.73 24.98
C GLU F 87 1.30 -14.44 24.53
N TYR F 88 -0.01 -14.48 24.31
CA TYR F 88 -0.76 -13.30 23.90
C TYR F 88 -1.88 -13.07 24.91
N PRO F 89 -1.54 -12.70 26.15
CA PRO F 89 -2.59 -12.57 27.18
C PRO F 89 -3.44 -11.33 27.06
N ARG F 90 -2.99 -10.29 26.36
CA ARG F 90 -3.84 -9.11 26.20
C ARG F 90 -5.03 -9.41 25.32
N ILE F 91 -4.85 -10.30 24.35
CA ILE F 91 -5.95 -10.75 23.51
C ILE F 91 -6.88 -11.65 24.31
N ALA F 92 -6.31 -12.50 25.14
CA ALA F 92 -7.13 -13.36 26.01
C ALA F 92 -8.04 -12.53 26.91
N VAL F 93 -7.55 -11.40 27.42
CA VAL F 93 -8.42 -10.52 28.21
C VAL F 93 -9.44 -9.83 27.31
N MET F 94 -9.02 -9.40 26.12
CA MET F 94 -9.96 -8.79 25.19
C MET F 94 -11.11 -9.74 24.91
N ASN F 95 -10.80 -11.00 24.61
CA ASN F 95 -11.82 -12.00 24.40
C ASN F 95 -12.78 -12.05 25.59
N GLY F 96 -12.24 -12.11 26.81
CA GLY F 96 -13.09 -12.12 27.98
C GLY F 96 -13.93 -10.87 28.10
N LYS F 97 -13.42 -9.73 27.63
CA LYS F 97 -14.17 -8.47 27.70
C LYS F 97 -15.34 -8.45 26.72
N CYS F 98 -15.18 -9.08 25.55
CA CYS F 98 -16.30 -9.19 24.62
C CYS F 98 -17.41 -10.03 25.22
N ILE F 99 -17.03 -11.13 25.86
CA ILE F 99 -18.01 -12.00 26.49
C ILE F 99 -18.81 -11.22 27.52
N ASN F 100 -18.14 -10.39 28.30
CA ASN F 100 -18.85 -9.57 29.27
C ASN F 100 -19.84 -8.66 28.55
N ILE F 101 -19.37 -7.99 27.51
CA ILE F 101 -20.17 -7.00 26.80
C ILE F 101 -21.36 -7.67 26.16
N VAL F 102 -21.14 -8.85 25.61
CA VAL F 102 -22.19 -9.64 24.99
C VAL F 102 -23.21 -10.08 26.04
N ALA F 103 -22.75 -10.67 27.14
CA ALA F 103 -23.66 -11.14 28.16
C ALA F 103 -24.49 -10.01 28.73
N ASN F 104 -23.93 -8.80 28.83
CA ASN F 104 -24.70 -7.65 29.33
C ASN F 104 -25.72 -7.18 28.31
N LEU F 105 -25.41 -7.30 27.02
CA LEU F 105 -26.40 -7.07 25.98
C LEU F 105 -27.62 -7.96 26.15
N TRP F 106 -27.43 -9.17 26.68
CA TRP F 106 -28.50 -10.12 26.92
C TRP F 106 -29.02 -10.04 28.34
N ASN F 107 -28.70 -8.95 29.04
CA ASN F 107 -29.23 -8.69 30.37
C ASN F 107 -28.92 -9.86 31.30
N SER F 108 -27.67 -10.31 31.25
CA SER F 108 -27.26 -11.37 32.15
C SER F 108 -27.38 -10.86 33.58
N PRO F 109 -27.93 -11.67 34.48
CA PRO F 109 -27.96 -11.29 35.90
C PRO F 109 -26.71 -11.72 36.67
N GLU F 110 -25.81 -12.43 36.01
CA GLU F 110 -24.56 -12.85 36.65
C GLU F 110 -23.84 -11.62 37.20
N LYS F 111 -23.34 -11.73 38.43
CA LYS F 111 -22.72 -10.60 39.09
C LYS F 111 -21.21 -10.63 39.03
N ASP F 112 -20.62 -11.74 38.59
CA ASP F 112 -19.17 -11.79 38.43
C ASP F 112 -18.76 -10.77 37.37
N THR F 113 -17.58 -10.17 37.54
CA THR F 113 -17.09 -9.30 36.49
C THR F 113 -16.77 -10.12 35.24
N TRP F 114 -16.17 -11.30 35.40
CA TRP F 114 -15.82 -12.10 34.25
C TRP F 114 -16.97 -13.09 34.00
N LYS F 115 -17.84 -12.73 33.05
CA LYS F 115 -19.07 -13.42 32.76
C LYS F 115 -18.81 -14.80 32.15
N THR F 116 -19.81 -15.68 32.28
CA THR F 116 -19.65 -17.09 31.92
C THR F 116 -20.01 -17.29 30.45
N GLY F 117 -19.01 -17.53 29.62
CA GLY F 117 -19.22 -17.66 28.19
C GLY F 117 -17.98 -18.22 27.54
N ALA F 118 -18.03 -18.36 26.21
CA ALA F 118 -16.90 -18.91 25.47
C ALA F 118 -16.86 -18.38 24.05
N LEU F 119 -15.62 -18.25 23.55
CA LEU F 119 -15.38 -17.91 22.15
C LEU F 119 -15.71 -19.11 21.26
N ALA F 120 -16.22 -18.81 20.05
CA ALA F 120 -16.57 -19.81 19.07
C ALA F 120 -16.24 -19.33 17.65
N ILE F 121 -16.11 -20.28 16.74
CA ILE F 121 -15.96 -19.93 15.33
C ILE F 121 -17.27 -19.46 14.74
N GLY F 122 -18.41 -19.90 15.26
CA GLY F 122 -19.68 -19.44 14.76
C GLY F 122 -20.83 -19.99 15.59
N SER F 123 -22.06 -19.84 15.06
CA SER F 123 -23.18 -20.42 15.76
C SER F 123 -23.09 -21.93 15.80
N SER F 124 -22.37 -22.52 14.85
CA SER F 124 -22.16 -23.97 14.88
C SER F 124 -21.54 -24.38 16.19
N GLU F 125 -20.36 -23.84 16.47
CA GLU F 125 -19.69 -24.19 17.72
C GLU F 125 -20.46 -23.68 18.93
N ALA F 126 -20.97 -22.46 18.86
CA ALA F 126 -21.72 -21.89 19.99
C ALA F 126 -22.90 -22.79 20.37
N CYS F 127 -23.66 -23.25 19.38
CA CYS F 127 -24.81 -24.10 19.66
C CYS F 127 -24.40 -25.43 20.29
N MET F 128 -23.40 -26.10 19.71
CA MET F 128 -22.98 -27.40 20.23
C MET F 128 -22.52 -27.31 21.67
N LEU F 129 -21.79 -26.24 22.03
CA LEU F 129 -21.34 -26.11 23.42
C LEU F 129 -22.50 -25.90 24.36
N GLY F 130 -23.48 -25.08 23.96
CA GLY F 130 -24.68 -24.96 24.77
C GLY F 130 -25.40 -26.28 24.84
N GLY F 131 -25.47 -26.99 23.71
CA GLY F 131 -26.17 -28.26 23.68
C GLY F 131 -25.51 -29.35 24.51
N VAL F 132 -24.17 -29.41 24.50
CA VAL F 132 -23.55 -30.42 25.32
C VAL F 132 -23.78 -30.08 26.79
N ALA F 133 -23.71 -28.80 27.10
CA ALA F 133 -23.90 -28.36 28.48
C ALA F 133 -25.27 -28.80 29.02
N ALA F 134 -26.32 -28.59 28.23
CA ALA F 134 -27.65 -29.02 28.69
C ALA F 134 -27.73 -30.53 28.80
N TRP F 135 -27.07 -31.24 27.88
CA TRP F 135 -27.04 -32.69 27.97
C TRP F 135 -26.40 -33.13 29.27
N LEU F 136 -25.28 -32.50 29.62
CA LEU F 136 -24.56 -32.87 30.82
C LEU F 136 -25.28 -32.40 32.06
N ARG F 137 -25.91 -31.22 32.03
CA ARG F 137 -26.70 -30.77 33.17
C ARG F 137 -27.86 -31.71 33.42
N TRP F 138 -28.48 -32.21 32.35
CA TRP F 138 -29.60 -33.13 32.49
C TRP F 138 -29.12 -34.49 33.01
N ARG F 139 -28.02 -35.01 32.47
CA ARG F 139 -27.49 -36.29 32.94
C ARG F 139 -27.27 -36.31 34.44
N LYS F 140 -26.76 -35.21 35.01
CA LYS F 140 -26.44 -35.17 36.44
C LYS F 140 -27.70 -35.15 37.31
N LYS F 141 -28.74 -34.46 36.86
CA LYS F 141 -30.00 -34.50 37.59
C LYS F 141 -30.52 -35.92 37.68
N ARG F 142 -30.61 -36.60 36.53
CA ARG F 142 -31.22 -37.92 36.48
C ARG F 142 -30.44 -38.92 37.31
N GLN F 143 -29.12 -38.87 37.26
CA GLN F 143 -28.31 -39.72 38.12
C GLN F 143 -28.62 -39.45 39.57
N ALA F 144 -28.65 -38.18 39.94
CA ALA F 144 -28.95 -37.80 41.31
C ALA F 144 -30.33 -38.29 41.72
N GLN F 145 -31.23 -38.46 40.77
CA GLN F 145 -32.59 -38.92 41.03
C GLN F 145 -32.78 -40.42 40.79
N GLY F 146 -31.71 -41.14 40.48
CA GLY F 146 -31.88 -42.54 40.17
C GLY F 146 -32.61 -42.79 38.88
N LYS F 147 -32.95 -41.74 38.15
CA LYS F 147 -33.60 -41.90 36.87
C LYS F 147 -32.54 -42.29 35.84
N PRO F 148 -32.96 -42.89 34.74
CA PRO F 148 -32.00 -43.21 33.67
C PRO F 148 -31.63 -41.98 32.85
N PHE F 149 -30.57 -42.11 32.06
CA PHE F 149 -30.09 -41.00 31.24
C PHE F 149 -29.43 -41.53 29.98
N ASP F 150 -30.02 -42.55 29.36
CA ASP F 150 -29.44 -43.13 28.16
C ASP F 150 -30.23 -42.84 26.89
N LYS F 151 -31.35 -42.12 26.98
CA LYS F 151 -32.18 -41.80 25.82
C LYS F 151 -32.61 -40.33 25.84
N PRO F 152 -31.67 -39.42 25.71
CA PRO F 152 -32.01 -37.99 25.77
C PRO F 152 -32.56 -37.50 24.45
N ASN F 153 -33.38 -36.44 24.53
CA ASN F 153 -33.90 -35.77 23.34
C ASN F 153 -33.91 -34.27 23.56
N PHE F 154 -34.13 -33.52 22.48
CA PHE F 154 -34.41 -32.10 22.59
C PHE F 154 -35.44 -31.70 21.55
N VAL F 155 -36.05 -30.53 21.78
CA VAL F 155 -37.19 -30.08 20.99
C VAL F 155 -36.81 -28.79 20.28
N ILE F 156 -37.19 -28.70 18.99
CA ILE F 156 -36.81 -27.57 18.13
C ILE F 156 -37.82 -27.47 17.00
N SER F 157 -37.92 -26.29 16.41
CA SER F 157 -38.78 -26.14 15.23
C SER F 157 -38.15 -26.79 14.02
N THR F 158 -39.00 -27.15 13.06
CA THR F 158 -38.47 -27.68 11.81
C THR F 158 -37.58 -26.69 11.11
N GLY F 159 -37.72 -25.41 11.44
CA GLY F 159 -36.87 -24.39 10.88
C GLY F 159 -35.51 -24.35 11.55
N PHE F 160 -34.97 -25.52 11.88
CA PHE F 160 -33.65 -25.59 12.52
C PHE F 160 -32.55 -25.41 11.48
N GLN F 161 -31.42 -24.88 11.93
CA GLN F 161 -30.20 -24.90 11.13
C GLN F 161 -29.47 -26.22 11.28
N VAL F 162 -28.79 -26.64 10.20
CA VAL F 162 -28.25 -27.98 10.10
C VAL F 162 -27.34 -28.34 11.27
N VAL F 163 -26.90 -27.33 12.02
CA VAL F 163 -26.01 -27.54 13.15
C VAL F 163 -26.69 -28.42 14.21
N TRP F 164 -28.02 -28.30 14.33
CA TRP F 164 -28.75 -29.10 15.30
C TRP F 164 -28.93 -30.55 14.85
N GLU F 165 -28.89 -30.80 13.53
CA GLU F 165 -28.85 -32.16 12.98
C GLU F 165 -27.51 -32.83 13.20
N LYS F 166 -26.42 -32.07 13.03
CA LYS F 166 -25.09 -32.54 13.42
C LYS F 166 -25.08 -32.90 14.88
N PHE F 167 -25.62 -32.03 15.71
CA PHE F 167 -25.65 -32.25 17.15
C PHE F 167 -26.31 -33.58 17.47
N ALA F 168 -27.55 -33.76 17.01
CA ALA F 168 -28.28 -34.99 17.26
C ALA F 168 -27.54 -36.20 16.68
N GLN F 169 -27.07 -36.08 15.44
CA GLN F 169 -26.48 -37.23 14.76
C GLN F 169 -25.14 -37.59 15.36
N LEU F 170 -24.31 -36.60 15.67
CA LEU F 170 -22.96 -36.85 16.16
C LEU F 170 -22.90 -37.17 17.64
N TRP F 171 -23.95 -36.89 18.41
CA TRP F 171 -23.98 -37.30 19.81
C TRP F 171 -25.01 -38.38 20.11
N GLN F 172 -25.70 -38.90 19.09
CA GLN F 172 -26.76 -39.88 19.28
C GLN F 172 -27.81 -39.38 20.26
N ILE F 173 -28.28 -38.16 20.04
CA ILE F 173 -29.35 -37.55 20.83
C ILE F 173 -30.55 -37.38 19.92
N GLU F 174 -31.75 -37.71 20.42
CA GLU F 174 -32.94 -37.70 19.59
C GLU F 174 -33.39 -36.27 19.34
N MET F 175 -33.63 -35.92 18.07
CA MET F 175 -34.15 -34.58 17.78
C MET F 175 -35.64 -34.68 17.50
N ARG F 176 -36.42 -33.87 18.22
CA ARG F 176 -37.87 -33.79 18.06
C ARG F 176 -38.21 -32.44 17.44
N GLU F 177 -38.85 -32.46 16.27
CA GLU F 177 -39.06 -31.26 15.47
C GLU F 177 -40.52 -30.85 15.51
N VAL F 178 -40.75 -29.55 15.73
CA VAL F 178 -42.10 -28.98 15.69
C VAL F 178 -42.32 -28.42 14.29
N PRO F 179 -43.31 -28.94 13.55
CA PRO F 179 -43.48 -28.55 12.14
C PRO F 179 -44.07 -27.16 11.95
N LEU F 180 -43.91 -26.66 10.74
CA LEU F 180 -44.43 -25.37 10.33
C LEU F 180 -45.72 -25.51 9.52
N THR F 181 -46.66 -24.58 9.75
CA THR F 181 -47.85 -24.44 8.92
C THR F 181 -48.03 -22.95 8.65
N LEU F 182 -49.02 -22.59 7.82
CA LEU F 182 -49.30 -21.17 7.62
C LEU F 182 -50.03 -20.56 8.83
N GLU F 183 -50.77 -21.37 9.60
CA GLU F 183 -51.35 -20.87 10.83
C GLU F 183 -50.27 -20.65 11.90
N LYS F 184 -49.28 -21.55 11.96
CA LYS F 184 -48.20 -21.43 12.95
C LYS F 184 -46.89 -21.34 12.17
N THR F 185 -46.45 -20.10 11.95
CA THR F 185 -45.26 -19.82 11.17
C THR F 185 -43.97 -19.89 11.98
N THR F 186 -44.06 -19.98 13.31
CA THR F 186 -42.91 -20.23 14.16
C THR F 186 -43.24 -21.35 15.14
N LEU F 187 -42.29 -21.59 16.03
CA LEU F 187 -42.45 -22.64 17.02
C LEU F 187 -43.65 -22.36 17.91
N ASP F 188 -44.65 -23.26 17.87
CA ASP F 188 -45.79 -23.14 18.76
C ASP F 188 -45.42 -23.73 20.11
N PRO F 189 -45.50 -22.96 21.21
CA PRO F 189 -45.10 -23.50 22.51
C PRO F 189 -45.91 -24.72 22.89
N GLU F 190 -47.23 -24.69 22.70
CA GLU F 190 -48.04 -25.83 23.09
C GLU F 190 -47.60 -27.10 22.37
N GLU F 191 -47.38 -26.99 21.07
CA GLU F 191 -46.98 -28.17 20.30
C GLU F 191 -45.60 -28.65 20.71
N ALA F 192 -44.70 -27.70 20.98
CA ALA F 192 -43.34 -28.05 21.40
C ALA F 192 -43.35 -28.78 22.74
N LEU F 193 -44.14 -28.28 23.69
CA LEU F 193 -44.20 -28.90 25.01
C LEU F 193 -44.82 -30.29 24.93
N LYS F 194 -45.73 -30.51 23.98
CA LYS F 194 -46.27 -31.85 23.79
C LYS F 194 -45.21 -32.87 23.43
N MET F 195 -44.04 -32.42 22.97
CA MET F 195 -42.98 -33.33 22.60
C MET F 195 -41.94 -33.51 23.71
N CYS F 196 -42.18 -32.93 24.88
CA CYS F 196 -41.26 -33.03 26.02
C CYS F 196 -41.61 -34.19 26.96
N ASP F 197 -40.59 -34.71 27.64
CA ASP F 197 -40.76 -35.73 28.69
C ASP F 197 -39.59 -35.63 29.67
N GLU F 198 -39.45 -36.63 30.54
CA GLU F 198 -38.36 -36.64 31.50
C GLU F 198 -36.98 -36.73 30.84
N ASN F 199 -36.91 -37.01 29.54
CA ASN F 199 -35.62 -37.16 28.87
C ASN F 199 -35.25 -35.99 27.98
N THR F 200 -36.05 -34.93 27.94
CA THR F 200 -35.76 -33.80 27.07
C THR F 200 -34.74 -32.89 27.75
N ILE F 201 -33.59 -32.67 27.10
CA ILE F 201 -32.54 -31.91 27.74
C ILE F 201 -32.73 -30.40 27.64
N CYS F 202 -33.48 -29.92 26.64
CA CYS F 202 -33.76 -28.49 26.49
C CYS F 202 -34.67 -28.28 25.29
N VAL F 203 -35.23 -27.08 25.22
CA VAL F 203 -35.98 -26.61 24.05
C VAL F 203 -35.24 -25.42 23.45
N VAL F 204 -35.21 -25.36 22.12
CA VAL F 204 -34.38 -24.41 21.38
C VAL F 204 -35.23 -23.44 20.56
N PRO F 205 -35.67 -22.31 21.11
CA PRO F 205 -36.25 -21.25 20.28
C PRO F 205 -35.16 -20.54 19.47
N ILE F 206 -35.56 -20.01 18.31
CA ILE F 206 -34.63 -19.42 17.36
C ILE F 206 -35.00 -17.96 17.13
N GLN F 207 -34.02 -17.07 17.27
CA GLN F 207 -34.20 -15.67 16.92
C GLN F 207 -33.51 -15.46 15.58
N GLY F 208 -34.31 -15.24 14.54
CA GLY F 208 -33.84 -15.15 13.16
C GLY F 208 -33.81 -16.44 12.38
N VAL F 209 -34.98 -17.07 12.16
CA VAL F 209 -35.01 -18.34 11.46
C VAL F 209 -34.46 -18.18 10.05
N THR F 210 -33.47 -19.02 9.71
CA THR F 210 -32.80 -18.87 8.42
C THR F 210 -33.78 -19.08 7.27
N TRP F 211 -34.81 -19.90 7.49
CA TRP F 211 -35.75 -20.20 6.41
C TRP F 211 -36.68 -19.01 6.15
N THR F 212 -37.06 -18.29 7.19
CA THR F 212 -38.12 -17.31 7.11
C THR F 212 -37.72 -15.92 7.56
N GLY F 213 -36.75 -15.80 8.47
CA GLY F 213 -36.33 -14.52 8.97
C GLY F 213 -37.08 -14.01 10.20
N LEU F 214 -37.82 -14.87 10.89
CA LEU F 214 -38.66 -14.48 12.01
C LEU F 214 -38.07 -15.01 13.33
N ASN F 215 -38.71 -14.62 14.43
CA ASN F 215 -38.29 -14.95 15.79
C ASN F 215 -39.35 -15.85 16.42
N ASP F 216 -38.95 -17.02 16.88
CA ASP F 216 -39.79 -17.77 17.81
C ASP F 216 -40.06 -16.89 19.02
N ASP F 217 -41.30 -16.86 19.49
CA ASP F 217 -41.60 -16.04 20.67
C ASP F 217 -40.96 -16.71 21.87
N VAL F 218 -39.85 -16.16 22.36
CA VAL F 218 -39.16 -16.82 23.46
C VAL F 218 -39.86 -16.56 24.78
N GLU F 219 -40.45 -15.38 24.95
CA GLU F 219 -41.14 -15.09 26.20
C GLU F 219 -42.32 -16.01 26.40
N ALA F 220 -43.09 -16.24 25.33
CA ALA F 220 -44.22 -17.16 25.42
C ALA F 220 -43.76 -18.56 25.79
N LEU F 221 -42.62 -18.99 25.23
CA LEU F 221 -42.09 -20.31 25.57
C LEU F 221 -41.74 -20.40 27.04
N ASP F 222 -41.09 -19.36 27.57
CA ASP F 222 -40.69 -19.38 28.97
C ASP F 222 -41.90 -19.52 29.88
N LYS F 223 -42.98 -18.79 29.57
CA LYS F 223 -44.17 -18.86 30.41
C LYS F 223 -44.82 -20.24 30.34
N ALA F 224 -44.78 -20.88 29.18
CA ALA F 224 -45.35 -22.23 29.08
C ALA F 224 -44.44 -23.26 29.75
N LEU F 225 -43.11 -23.19 29.51
CA LEU F 225 -42.18 -24.13 30.13
C LEU F 225 -42.20 -24.04 31.65
N ASP F 226 -42.46 -22.86 32.20
CA ASP F 226 -42.50 -22.75 33.65
C ASP F 226 -43.65 -23.56 34.24
N ALA F 227 -44.83 -23.48 33.62
CA ALA F 227 -45.93 -24.26 34.14
C ALA F 227 -45.68 -25.76 34.00
N TYR F 228 -45.07 -26.18 32.88
CA TYR F 228 -44.84 -27.61 32.69
C TYR F 228 -43.80 -28.13 33.67
N ASN F 229 -42.74 -27.39 33.88
CA ASN F 229 -41.77 -27.81 34.86
C ASN F 229 -42.36 -27.81 36.25
N ALA F 230 -43.19 -26.79 36.55
CA ALA F 230 -43.89 -26.78 37.83
C ALA F 230 -44.79 -27.99 37.95
N LYS F 231 -45.30 -28.48 36.84
CA LYS F 231 -46.12 -29.67 36.89
C LYS F 231 -45.27 -30.92 37.03
N THR F 232 -44.20 -31.02 36.25
CA THR F 232 -43.43 -32.26 36.14
C THR F 232 -42.20 -32.30 37.02
N GLY F 233 -41.63 -31.15 37.38
CA GLY F 233 -40.31 -31.13 37.98
C GLY F 233 -39.20 -31.53 37.04
N TYR F 234 -39.48 -31.67 35.75
CA TYR F 234 -38.47 -32.15 34.81
C TYR F 234 -37.31 -31.19 34.68
N ASP F 235 -37.47 -29.94 35.10
CA ASP F 235 -36.39 -28.99 35.16
C ASP F 235 -35.82 -28.75 33.75
N ILE F 236 -36.71 -28.50 32.79
CA ILE F 236 -36.32 -28.40 31.38
C ILE F 236 -35.95 -26.96 31.05
N PRO F 237 -34.80 -26.73 30.39
CA PRO F 237 -34.36 -25.37 30.09
C PRO F 237 -34.52 -24.94 28.64
N ILE F 238 -34.22 -23.67 28.39
CA ILE F 238 -34.24 -23.05 27.08
C ILE F 238 -32.82 -22.70 26.70
N HIS F 239 -32.40 -23.15 25.53
CA HIS F 239 -31.18 -22.65 24.87
C HIS F 239 -31.65 -21.84 23.68
N VAL F 240 -31.36 -20.55 23.66
CA VAL F 240 -31.78 -19.69 22.57
C VAL F 240 -30.72 -19.71 21.49
N ASP F 241 -31.08 -20.24 20.31
CA ASP F 241 -30.26 -20.07 19.11
C ASP F 241 -30.61 -18.72 18.51
N ALA F 242 -29.82 -17.71 18.85
CA ALA F 242 -30.04 -16.33 18.40
C ALA F 242 -28.96 -15.91 17.40
N ALA F 243 -28.59 -16.84 16.51
CA ALA F 243 -27.49 -16.66 15.55
C ALA F 243 -27.50 -15.29 14.90
N SER F 244 -28.68 -14.85 14.46
CA SER F 244 -28.85 -13.54 13.84
C SER F 244 -29.50 -12.53 14.78
N GLY F 245 -30.63 -12.89 15.40
CA GLY F 245 -31.38 -11.94 16.19
C GLY F 245 -30.62 -11.40 17.37
N GLY F 246 -29.59 -12.11 17.82
CA GLY F 246 -28.85 -11.71 19.01
C GLY F 246 -28.14 -10.37 18.90
N PHE F 247 -27.86 -9.90 17.69
CA PHE F 247 -27.27 -8.59 17.48
C PHE F 247 -28.27 -7.61 16.88
N ILE F 248 -29.53 -8.02 16.78
CA ILE F 248 -30.63 -7.15 16.34
C ILE F 248 -31.51 -6.79 17.53
N LEU F 249 -32.02 -7.79 18.24
CA LEU F 249 -32.94 -7.56 19.34
C LEU F 249 -32.44 -6.55 20.36
N PRO F 250 -31.18 -6.60 20.82
CA PRO F 250 -30.75 -5.64 21.84
C PRO F 250 -30.87 -4.20 21.42
N PHE F 251 -30.72 -3.89 20.14
CA PHE F 251 -30.65 -2.51 19.70
C PHE F 251 -31.99 -1.96 19.23
N LEU F 252 -32.69 -2.73 18.41
CA LEU F 252 -33.94 -2.28 17.82
C LEU F 252 -35.14 -2.63 18.67
N TYR F 253 -35.04 -3.73 19.44
CA TYR F 253 -36.13 -4.20 20.30
C TYR F 253 -35.60 -4.42 21.72
N PRO F 254 -35.20 -3.35 22.37
CA PRO F 254 -34.69 -3.52 23.74
C PRO F 254 -35.73 -4.04 24.71
N ASP F 255 -36.99 -3.62 24.58
CA ASP F 255 -37.99 -3.97 25.59
C ASP F 255 -38.51 -5.40 25.49
N THR F 256 -38.17 -6.12 24.41
CA THR F 256 -38.63 -7.50 24.24
C THR F 256 -37.81 -8.45 25.10
N LYS F 257 -38.47 -9.18 26.00
CA LYS F 257 -37.80 -10.12 26.89
C LYS F 257 -37.60 -11.44 26.17
N TRP F 258 -36.37 -11.70 25.74
CA TRP F 258 -36.04 -12.91 25.02
C TRP F 258 -34.80 -13.57 25.56
N ASP F 259 -34.12 -12.91 26.50
CA ASP F 259 -32.75 -13.19 26.90
C ASP F 259 -32.68 -13.65 28.35
N PHE F 260 -31.62 -13.27 29.08
CA PHE F 260 -31.46 -13.69 30.47
C PHE F 260 -32.44 -13.02 31.44
N ARG F 261 -33.30 -12.11 30.97
CA ARG F 261 -34.44 -11.68 31.77
C ARG F 261 -35.44 -12.82 31.98
N LEU F 262 -35.38 -13.86 31.15
CA LEU F 262 -36.35 -14.93 31.22
C LEU F 262 -35.80 -16.03 32.11
N LYS F 263 -36.69 -16.59 32.93
CA LYS F 263 -36.31 -17.50 34.00
C LYS F 263 -35.58 -18.73 33.48
N TRP F 264 -36.08 -19.33 32.41
CA TRP F 264 -35.55 -20.61 31.98
C TRP F 264 -34.51 -20.47 30.87
N VAL F 265 -34.27 -19.26 30.38
CA VAL F 265 -33.29 -19.02 29.33
C VAL F 265 -31.92 -19.07 29.99
N LEU F 266 -31.28 -20.23 29.94
CA LEU F 266 -30.02 -20.45 30.65
C LEU F 266 -28.81 -20.34 29.74
N SER F 267 -29.02 -20.24 28.43
CA SER F 267 -27.90 -20.00 27.53
C SER F 267 -28.43 -19.44 26.22
N ILE F 268 -27.59 -18.60 25.59
CA ILE F 268 -27.90 -17.93 24.33
C ILE F 268 -26.67 -18.05 23.45
N SER F 269 -26.86 -18.32 22.16
CA SER F 269 -25.74 -18.37 21.24
C SER F 269 -26.05 -17.51 20.03
N VAL F 270 -25.00 -16.92 19.47
CA VAL F 270 -25.14 -15.90 18.45
C VAL F 270 -23.98 -16.05 17.49
N SER F 271 -24.17 -15.57 16.27
CA SER F 271 -23.10 -15.49 15.30
C SER F 271 -22.55 -14.06 15.31
N GLY F 272 -21.34 -13.90 15.86
CA GLY F 272 -20.69 -12.61 15.77
C GLY F 272 -20.44 -12.21 14.34
N HIS F 273 -20.16 -13.19 13.49
CA HIS F 273 -19.88 -12.89 12.10
C HIS F 273 -21.14 -12.76 11.23
N LYS F 274 -22.33 -12.69 11.80
CA LYS F 274 -23.47 -12.49 10.92
C LYS F 274 -23.92 -11.04 11.04
N PHE F 275 -24.59 -10.73 12.14
CA PHE F 275 -24.98 -9.36 12.43
C PHE F 275 -24.23 -8.78 13.58
N GLY F 276 -23.25 -9.52 14.11
CA GLY F 276 -22.26 -8.87 14.93
C GLY F 276 -21.31 -8.01 14.11
N LEU F 277 -21.39 -8.10 12.78
CA LEU F 277 -20.75 -7.21 11.81
C LEU F 277 -19.25 -7.50 11.69
N VAL F 278 -18.87 -8.76 11.89
CA VAL F 278 -17.49 -9.21 11.86
C VAL F 278 -17.31 -10.18 10.71
N TYR F 279 -16.17 -10.07 10.02
CA TYR F 279 -15.79 -10.93 8.90
C TYR F 279 -15.86 -12.38 9.35
N PRO F 280 -16.04 -13.32 8.40
CA PRO F 280 -16.22 -14.74 8.73
C PRO F 280 -15.33 -15.28 9.84
N GLY F 281 -15.92 -16.06 10.74
CA GLY F 281 -15.17 -16.79 11.74
C GLY F 281 -15.42 -16.45 13.21
N LEU F 282 -16.60 -15.95 13.58
CA LEU F 282 -16.79 -15.57 14.98
C LEU F 282 -18.19 -15.93 15.47
N GLY F 283 -18.25 -16.60 16.62
CA GLY F 283 -19.50 -16.82 17.32
C GLY F 283 -19.29 -16.72 18.82
N TRP F 284 -20.40 -16.59 19.55
CA TRP F 284 -20.32 -16.47 20.99
C TRP F 284 -21.42 -17.29 21.65
N VAL F 285 -21.11 -17.81 22.84
CA VAL F 285 -22.12 -18.41 23.71
C VAL F 285 -21.93 -17.89 25.13
N CYS F 286 -23.05 -17.66 25.82
CA CYS F 286 -23.07 -17.16 27.19
C CYS F 286 -24.03 -17.99 28.03
N TRP F 287 -23.68 -18.16 29.29
CA TRP F 287 -24.56 -18.78 30.26
C TRP F 287 -25.07 -17.75 31.25
N LYS F 288 -26.20 -18.12 31.87
CA LYS F 288 -26.85 -17.22 32.81
C LYS F 288 -25.99 -16.99 34.03
N GLY F 289 -25.17 -17.96 34.39
CA GLY F 289 -24.30 -17.89 35.54
C GLY F 289 -23.32 -19.03 35.45
N LYS F 290 -22.37 -19.03 36.38
CA LYS F 290 -21.35 -20.07 36.42
C LYS F 290 -21.96 -21.45 36.65
N GLU F 291 -23.06 -21.52 37.40
CA GLU F 291 -23.56 -22.82 37.86
C GLU F 291 -24.16 -23.65 36.74
N TYR F 292 -24.46 -23.04 35.59
CA TYR F 292 -25.07 -23.70 34.44
C TYR F 292 -24.05 -24.17 33.42
N LEU F 293 -22.76 -23.96 33.68
CA LEU F 293 -21.71 -24.55 32.89
C LEU F 293 -21.06 -25.67 33.70
N PRO F 294 -21.15 -26.91 33.25
CA PRO F 294 -20.59 -28.02 34.04
C PRO F 294 -19.08 -27.94 34.11
N GLU F 295 -18.54 -28.24 35.30
CA GLU F 295 -17.09 -28.26 35.45
C GLU F 295 -16.45 -29.24 34.49
N GLU F 296 -17.17 -30.27 34.08
CA GLU F 296 -16.64 -31.27 33.17
C GLU F 296 -16.31 -30.69 31.79
N MET F 297 -16.88 -29.54 31.44
CA MET F 297 -16.73 -28.93 30.12
C MET F 297 -15.87 -27.69 30.14
N SER F 298 -15.20 -27.46 31.24
CA SER F 298 -14.61 -26.14 31.39
C SER F 298 -13.62 -26.17 32.52
N PHE F 299 -12.60 -25.35 32.39
CA PHE F 299 -11.75 -24.96 33.49
C PHE F 299 -11.43 -23.49 33.30
N SER F 300 -10.96 -22.85 34.37
CA SER F 300 -10.71 -21.42 34.36
C SER F 300 -9.22 -21.18 34.46
N VAL F 301 -8.75 -20.19 33.72
CA VAL F 301 -7.38 -19.69 33.82
C VAL F 301 -7.46 -18.18 34.02
N ASN F 302 -6.67 -17.66 34.96
CA ASN F 302 -6.59 -16.24 35.24
C ASN F 302 -5.48 -15.66 34.38
N TYR F 303 -5.83 -14.81 33.42
CA TYR F 303 -4.84 -14.09 32.62
C TYR F 303 -4.92 -12.63 33.02
N LEU F 304 -3.84 -12.13 33.64
CA LEU F 304 -3.65 -10.74 34.09
C LEU F 304 -4.75 -10.26 35.04
N GLY F 305 -5.61 -11.16 35.52
CA GLY F 305 -6.73 -10.81 36.36
C GLY F 305 -8.05 -11.39 35.90
N ALA F 306 -8.22 -11.59 34.60
CA ALA F 306 -9.47 -12.10 34.06
C ALA F 306 -9.52 -13.61 34.19
N ASN F 307 -10.54 -14.10 34.88
CA ASN F 307 -10.83 -15.53 34.85
C ASN F 307 -11.46 -15.81 33.49
N ILE F 308 -10.72 -16.49 32.62
CA ILE F 308 -11.11 -16.75 31.22
C ILE F 308 -11.50 -18.23 31.10
N THR F 309 -12.72 -18.49 30.64
CA THR F 309 -13.21 -19.86 30.50
C THR F 309 -12.60 -20.54 29.28
N GLN F 310 -12.24 -21.82 29.46
CA GLN F 310 -11.48 -22.62 28.50
C GLN F 310 -12.37 -23.57 27.73
N VAL F 311 -13.58 -23.16 27.40
CA VAL F 311 -14.54 -24.02 26.73
C VAL F 311 -14.34 -23.91 25.24
N GLY F 312 -14.37 -25.05 24.56
CA GLY F 312 -14.33 -25.03 23.12
C GLY F 312 -14.10 -26.37 22.46
N LEU F 313 -14.68 -26.53 21.27
CA LEU F 313 -14.39 -27.70 20.46
C LEU F 313 -13.07 -27.55 19.73
N ASN F 314 -12.85 -26.37 19.17
CA ASN F 314 -11.61 -26.11 18.47
C ASN F 314 -10.52 -25.78 19.46
N PHE F 315 -9.29 -25.82 18.97
CA PHE F 315 -8.14 -25.43 19.76
C PHE F 315 -7.49 -24.22 19.09
N SER F 316 -6.41 -24.41 18.35
CA SER F 316 -5.79 -23.29 17.66
C SER F 316 -6.72 -22.68 16.60
N ARG F 317 -6.66 -21.36 16.45
CA ARG F 317 -7.59 -20.61 15.61
C ARG F 317 -7.06 -19.18 15.43
N PRO F 318 -7.59 -18.46 14.43
CA PRO F 318 -7.24 -17.05 14.24
C PRO F 318 -7.71 -16.16 15.38
N ALA F 319 -6.91 -15.16 15.69
CA ALA F 319 -7.34 -14.17 16.66
C ALA F 319 -7.95 -12.94 16.01
N ALA F 320 -7.77 -12.76 14.70
CA ALA F 320 -8.18 -11.52 14.07
C ALA F 320 -9.62 -11.17 14.42
N GLN F 321 -10.50 -12.17 14.54
CA GLN F 321 -11.92 -11.91 14.71
C GLN F 321 -12.24 -11.28 16.04
N ILE F 322 -11.43 -11.58 17.04
CA ILE F 322 -11.63 -11.02 18.35
C ILE F 322 -11.32 -9.54 18.33
N LEU F 323 -10.23 -9.17 17.65
CA LEU F 323 -9.93 -7.77 17.44
C LEU F 323 -11.07 -7.12 16.68
N GLY F 324 -11.61 -7.84 15.69
CA GLY F 324 -12.70 -7.31 14.89
C GLY F 324 -13.93 -7.03 15.70
N GLN F 325 -14.28 -7.95 16.59
CA GLN F 325 -15.42 -7.76 17.47
C GLN F 325 -15.26 -6.53 18.37
N TYR F 326 -14.09 -6.42 19.02
CA TYR F 326 -13.87 -5.35 19.99
C TYR F 326 -13.81 -3.99 19.31
N TYR F 327 -13.15 -3.91 18.15
CA TYR F 327 -13.13 -2.67 17.39
C TYR F 327 -14.54 -2.15 17.16
N GLN F 328 -15.45 -3.04 16.73
CA GLN F 328 -16.80 -2.62 16.42
C GLN F 328 -17.53 -2.13 17.65
N PHE F 329 -17.32 -2.80 18.79
CA PHE F 329 -17.90 -2.32 20.02
C PHE F 329 -17.44 -0.90 20.30
N ILE F 330 -16.17 -0.63 20.04
CA ILE F 330 -15.62 0.69 20.30
C ILE F 330 -16.01 1.65 19.18
N ARG F 331 -15.81 1.24 17.93
CA ARG F 331 -16.01 2.14 16.79
C ARG F 331 -17.45 2.65 16.72
N LEU F 332 -18.41 1.82 17.06
CA LEU F 332 -19.82 2.15 16.94
C LEU F 332 -20.46 2.52 18.26
N GLY F 333 -20.21 1.73 19.32
CA GLY F 333 -20.96 1.86 20.54
C GLY F 333 -22.39 1.37 20.31
N PHE F 334 -23.23 1.64 21.32
CA PHE F 334 -24.62 1.18 21.23
C PHE F 334 -25.36 1.90 20.10
N GLN F 335 -25.27 3.24 20.09
CA GLN F 335 -25.91 4.00 19.02
C GLN F 335 -25.46 3.52 17.66
N GLY F 336 -24.16 3.28 17.51
CA GLY F 336 -23.66 2.89 16.20
C GLY F 336 -24.30 1.63 15.70
N TYR F 337 -24.34 0.59 16.55
CA TYR F 337 -25.02 -0.64 16.16
C TYR F 337 -26.49 -0.39 15.85
N LYS F 338 -27.17 0.38 16.70
CA LYS F 338 -28.58 0.66 16.48
C LYS F 338 -28.81 1.27 15.11
N GLU F 339 -27.99 2.26 14.75
CA GLU F 339 -28.16 2.98 13.50
C GLU F 339 -27.70 2.15 12.31
N VAL F 340 -26.69 1.29 12.48
CA VAL F 340 -26.28 0.41 11.40
C VAL F 340 -27.34 -0.65 11.14
N GLN F 341 -27.83 -1.29 12.21
CA GLN F 341 -28.91 -2.27 12.04
C GLN F 341 -30.20 -1.62 11.54
N TYR F 342 -30.45 -0.36 11.91
CA TYR F 342 -31.63 0.34 11.39
C TYR F 342 -31.61 0.46 9.87
N ASN F 343 -30.46 0.84 9.30
CA ASN F 343 -30.34 0.89 7.85
C ASN F 343 -30.71 -0.45 7.24
N SER F 344 -30.11 -1.52 7.73
CA SER F 344 -30.32 -2.82 7.10
C SER F 344 -31.78 -3.22 7.19
N LEU F 345 -32.44 -2.90 8.31
CA LEU F 345 -33.85 -3.27 8.42
C LEU F 345 -34.71 -2.34 7.56
N GLN F 346 -34.44 -1.04 7.57
CA GLN F 346 -35.16 -0.14 6.68
C GLN F 346 -34.99 -0.57 5.23
N ILE F 347 -33.78 -0.92 4.84
CA ILE F 347 -33.53 -1.36 3.47
C ILE F 347 -34.26 -2.68 3.19
N ALA F 348 -34.25 -3.60 4.16
CA ALA F 348 -35.00 -4.84 3.98
C ALA F 348 -36.51 -4.58 3.89
N LYS F 349 -37.05 -3.70 4.73
CA LYS F 349 -38.47 -3.39 4.69
C LYS F 349 -38.85 -2.80 3.34
N TYR F 350 -37.98 -1.95 2.78
CA TYR F 350 -38.26 -1.32 1.49
C TYR F 350 -38.46 -2.38 0.40
N ILE F 351 -37.53 -3.33 0.32
CA ILE F 351 -37.63 -4.40 -0.66
C ILE F 351 -38.88 -5.24 -0.41
N HIS F 352 -39.11 -5.60 0.85
CA HIS F 352 -40.33 -6.28 1.24
C HIS F 352 -41.55 -5.57 0.66
N GLY F 353 -41.63 -4.25 0.88
CA GLY F 353 -42.76 -3.48 0.39
C GLY F 353 -42.83 -3.41 -1.13
N GLU F 354 -41.67 -3.38 -1.80
CA GLU F 354 -41.65 -3.35 -3.26
C GLU F 354 -41.95 -4.73 -3.83
N ILE F 355 -41.57 -5.81 -3.14
CA ILE F 355 -41.84 -7.15 -3.63
C ILE F 355 -43.35 -7.38 -3.69
N ALA F 356 -44.06 -6.92 -2.67
CA ALA F 356 -45.49 -7.19 -2.55
C ALA F 356 -46.27 -6.51 -3.66
N LYS F 357 -45.76 -5.38 -4.18
CA LYS F 357 -46.42 -4.68 -5.29
C LYS F 357 -46.36 -5.45 -6.61
N MET F 358 -45.48 -6.42 -6.74
CA MET F 358 -45.35 -7.13 -8.01
C MET F 358 -46.42 -8.19 -8.14
N ALA F 359 -46.97 -8.29 -9.34
CA ALA F 359 -48.06 -9.24 -9.59
C ALA F 359 -47.72 -10.65 -9.17
N PRO F 360 -46.53 -11.20 -9.45
CA PRO F 360 -46.28 -12.60 -9.11
C PRO F 360 -46.11 -12.88 -7.62
N PHE F 361 -45.99 -11.86 -6.78
CA PHE F 361 -45.45 -12.05 -5.44
C PHE F 361 -46.43 -11.80 -4.31
N VAL F 362 -46.32 -12.63 -3.28
CA VAL F 362 -46.96 -12.42 -1.99
C VAL F 362 -45.95 -12.83 -0.94
N ASN F 363 -45.80 -11.99 0.09
CA ASN F 363 -44.79 -12.16 1.13
C ASN F 363 -45.21 -13.18 2.17
N TYR F 364 -44.22 -13.91 2.70
CA TYR F 364 -44.49 -14.89 3.74
C TYR F 364 -45.07 -14.25 5.01
N SER F 365 -44.72 -13.00 5.31
CA SER F 365 -45.15 -12.36 6.54
C SER F 365 -45.32 -10.88 6.28
N GLU F 366 -46.21 -10.24 7.03
CA GLU F 366 -46.36 -8.80 6.86
C GLU F 366 -45.44 -8.00 7.76
N ASN F 367 -44.81 -8.64 8.73
CA ASN F 367 -43.93 -7.97 9.67
C ASN F 367 -42.52 -8.46 9.42
N VAL F 368 -41.62 -7.52 9.26
CA VAL F 368 -40.19 -7.77 9.05
C VAL F 368 -39.45 -7.38 10.32
N VAL F 369 -38.92 -8.35 11.05
CA VAL F 369 -38.24 -8.09 12.30
C VAL F 369 -36.74 -8.29 12.25
N ASN F 370 -36.20 -8.89 11.20
CA ASN F 370 -34.76 -8.97 11.00
C ASN F 370 -34.51 -8.51 9.57
N PRO F 371 -33.28 -8.07 9.25
CA PRO F 371 -33.03 -7.55 7.90
C PRO F 371 -33.00 -8.65 6.85
N LEU F 372 -34.06 -9.45 6.79
CA LEU F 372 -34.24 -10.47 5.76
C LEU F 372 -35.69 -10.88 5.75
N PHE F 373 -36.16 -11.31 4.59
CA PHE F 373 -37.53 -11.78 4.48
C PHE F 373 -37.57 -12.72 3.29
N ILE F 374 -38.66 -13.49 3.23
CA ILE F 374 -38.92 -14.42 2.15
C ILE F 374 -40.33 -14.19 1.63
N TRP F 375 -40.54 -14.61 0.39
CA TRP F 375 -41.83 -14.56 -0.26
C TRP F 375 -41.90 -15.74 -1.22
N TYR F 376 -43.06 -15.89 -1.89
CA TYR F 376 -43.29 -16.91 -2.90
C TYR F 376 -44.33 -16.40 -3.89
N LEU F 377 -44.56 -17.20 -4.94
CA LEU F 377 -45.50 -16.83 -6.01
C LEU F 377 -46.93 -16.89 -5.51
N LYS F 378 -47.72 -15.89 -5.87
CA LYS F 378 -49.13 -15.92 -5.57
C LYS F 378 -49.74 -17.23 -6.08
N PRO F 379 -50.49 -17.96 -5.25
CA PRO F 379 -51.03 -19.27 -5.67
C PRO F 379 -51.82 -19.24 -6.97
N GLU F 380 -52.63 -18.21 -7.16
CA GLU F 380 -53.34 -18.04 -8.42
C GLU F 380 -52.35 -17.91 -9.58
N TYR F 381 -51.35 -17.04 -9.41
CA TYR F 381 -50.37 -16.81 -10.47
C TYR F 381 -49.57 -18.06 -10.77
N ALA F 382 -49.22 -18.83 -9.73
CA ALA F 382 -48.37 -19.99 -9.93
C ALA F 382 -49.08 -21.05 -10.75
N LYS F 383 -50.41 -21.13 -10.65
CA LYS F 383 -51.20 -22.08 -11.43
C LYS F 383 -51.03 -21.82 -12.92
N SER F 384 -50.96 -20.54 -13.30
CA SER F 384 -50.79 -20.11 -14.68
C SER F 384 -49.36 -19.81 -15.08
N ALA F 385 -48.41 -19.80 -14.13
CA ALA F 385 -47.03 -19.50 -14.46
C ALA F 385 -46.37 -20.65 -15.23
N LYS F 386 -45.49 -20.29 -16.15
CA LYS F 386 -44.68 -21.28 -16.86
C LYS F 386 -43.31 -21.42 -16.21
N TRP F 387 -43.07 -20.68 -15.14
CA TRP F 387 -41.76 -20.56 -14.51
C TRP F 387 -41.90 -20.65 -13.00
N THR F 388 -40.79 -20.92 -12.34
CA THR F 388 -40.71 -20.98 -10.89
C THR F 388 -39.70 -19.95 -10.41
N LEU F 389 -39.62 -19.83 -9.08
CA LEU F 389 -38.66 -18.94 -8.45
C LEU F 389 -37.23 -19.41 -8.66
N TYR F 390 -37.04 -20.71 -8.93
CA TYR F 390 -35.72 -21.19 -9.32
C TYR F 390 -35.27 -20.51 -10.61
N ASP F 391 -36.20 -20.30 -11.54
CA ASP F 391 -35.86 -19.59 -12.76
C ASP F 391 -35.52 -18.14 -12.48
N LEU F 392 -36.30 -17.49 -11.62
CA LEU F 392 -35.96 -16.12 -11.23
C LEU F 392 -34.57 -16.07 -10.61
N GLN F 393 -34.24 -17.07 -9.79
CA GLN F 393 -32.89 -17.18 -9.28
C GLN F 393 -31.88 -17.31 -10.41
N ASP F 394 -32.17 -18.15 -11.41
CA ASP F 394 -31.21 -18.32 -12.50
C ASP F 394 -31.08 -17.05 -13.32
N LYS F 395 -32.20 -16.39 -13.59
CA LYS F 395 -32.18 -15.15 -14.34
C LYS F 395 -31.35 -14.07 -13.64
N LEU F 396 -31.46 -13.98 -12.30
CA LEU F 396 -30.70 -12.96 -11.58
C LEU F 396 -29.23 -13.30 -11.48
N SER F 397 -28.85 -14.58 -11.57
CA SER F 397 -27.45 -14.95 -11.53
C SER F 397 -26.68 -14.39 -12.71
N GLN F 398 -27.36 -14.19 -13.84
CA GLN F 398 -26.72 -13.65 -15.03
C GLN F 398 -26.37 -12.19 -14.86
N HIS F 399 -26.90 -11.53 -13.83
CA HIS F 399 -26.53 -10.15 -13.54
C HIS F 399 -25.65 -10.06 -12.32
N GLY F 400 -25.15 -11.20 -11.83
CA GLY F 400 -24.23 -11.25 -10.71
C GLY F 400 -24.87 -11.44 -9.34
N TRP F 401 -26.19 -11.46 -9.22
CA TRP F 401 -26.79 -11.63 -7.91
C TRP F 401 -26.80 -13.10 -7.51
N MET F 402 -26.87 -13.34 -6.22
CA MET F 402 -27.29 -14.66 -5.74
C MET F 402 -28.47 -14.43 -4.82
N VAL F 403 -29.65 -14.81 -5.29
CA VAL F 403 -30.84 -14.72 -4.45
C VAL F 403 -31.46 -16.11 -4.43
N PRO F 404 -31.44 -16.80 -3.30
CA PRO F 404 -31.76 -18.24 -3.30
C PRO F 404 -33.25 -18.57 -3.30
N ALA F 405 -33.61 -19.57 -4.12
CA ALA F 405 -34.93 -20.20 -4.08
C ALA F 405 -34.82 -21.59 -3.47
N TYR F 406 -35.80 -21.94 -2.62
CA TYR F 406 -35.79 -23.21 -1.92
C TYR F 406 -37.17 -23.52 -1.34
N THR F 407 -37.42 -24.80 -1.12
CA THR F 407 -38.65 -25.25 -0.48
C THR F 407 -38.54 -25.15 1.05
N LEU F 408 -39.63 -24.75 1.68
CA LEU F 408 -39.69 -24.63 3.12
C LEU F 408 -39.67 -26.00 3.79
N PRO F 409 -39.38 -26.05 5.08
CA PRO F 409 -39.42 -27.33 5.79
C PRO F 409 -40.82 -27.79 6.14
N SER F 410 -40.89 -28.80 7.02
CA SER F 410 -42.00 -29.76 7.02
C SER F 410 -43.37 -29.11 7.18
N LYS F 411 -44.32 -29.68 6.44
CA LYS F 411 -45.70 -29.27 6.27
C LYS F 411 -45.79 -27.96 5.51
N LEU F 412 -44.66 -27.35 5.16
CA LEU F 412 -44.61 -26.28 4.19
C LEU F 412 -43.66 -26.61 3.06
N GLU F 413 -43.31 -27.89 2.92
CA GLU F 413 -42.39 -28.34 1.89
C GLU F 413 -42.96 -28.15 0.50
N ASP F 414 -44.26 -27.89 0.39
CA ASP F 414 -44.93 -27.61 -0.88
C ASP F 414 -44.69 -26.19 -1.39
N TYR F 415 -44.08 -25.33 -0.58
CA TYR F 415 -43.90 -23.92 -0.89
C TYR F 415 -42.45 -23.66 -1.30
N VAL F 416 -42.23 -23.21 -2.53
CA VAL F 416 -40.93 -22.73 -2.95
C VAL F 416 -40.83 -21.24 -2.63
N VAL F 417 -39.87 -20.87 -1.77
CA VAL F 417 -39.72 -19.48 -1.35
C VAL F 417 -38.39 -18.94 -1.85
N MET F 418 -38.27 -17.63 -1.79
CA MET F 418 -37.05 -16.94 -2.13
C MET F 418 -36.72 -15.96 -1.01
N ARG F 419 -35.44 -15.84 -0.65
CA ARG F 419 -35.02 -15.05 0.50
C ARG F 419 -34.05 -13.95 0.10
N VAL F 420 -34.13 -12.80 0.76
CA VAL F 420 -33.13 -11.74 0.60
C VAL F 420 -32.63 -11.34 1.98
N VAL F 421 -31.31 -11.42 2.19
CA VAL F 421 -30.68 -11.04 3.45
C VAL F 421 -29.95 -9.71 3.23
N VAL F 422 -30.27 -8.71 4.03
CA VAL F 422 -29.65 -7.40 3.91
C VAL F 422 -28.60 -7.26 5.01
N ARG F 423 -27.33 -7.33 4.61
CA ARG F 423 -26.22 -7.12 5.52
C ARG F 423 -25.69 -5.70 5.36
N GLN F 424 -24.85 -5.28 6.32
CA GLN F 424 -24.20 -3.98 6.21
C GLN F 424 -23.30 -3.96 4.99
N GLY F 425 -23.40 -2.90 4.21
CA GLY F 425 -22.73 -2.81 2.94
C GLY F 425 -23.63 -3.05 1.77
N PHE F 426 -24.92 -3.29 2.03
CA PHE F 426 -25.94 -3.42 1.00
C PHE F 426 -26.87 -2.21 1.13
N SER F 427 -26.77 -1.28 0.19
CA SER F 427 -27.41 0.01 0.33
C SER F 427 -28.75 0.05 -0.39
N ARG F 428 -29.46 1.15 -0.14
CA ARG F 428 -30.65 1.45 -0.92
C ARG F 428 -30.33 1.50 -2.40
N ASP F 429 -29.21 2.10 -2.77
CA ASP F 429 -28.86 2.16 -4.18
C ASP F 429 -28.67 0.77 -4.75
N MET F 430 -28.11 -0.13 -3.95
CA MET F 430 -27.98 -1.51 -4.38
C MET F 430 -29.33 -2.22 -4.36
N ALA F 431 -30.21 -1.85 -3.43
CA ALA F 431 -31.54 -2.41 -3.40
C ALA F 431 -32.27 -2.13 -4.71
N ASP F 432 -32.19 -0.88 -5.17
CA ASP F 432 -32.84 -0.48 -6.40
C ASP F 432 -32.27 -1.21 -7.61
N MET F 433 -30.96 -1.46 -7.62
CA MET F 433 -30.40 -2.27 -8.70
C MET F 433 -31.01 -3.66 -8.71
N LEU F 434 -31.15 -4.27 -7.53
CA LEU F 434 -31.70 -5.61 -7.43
C LEU F 434 -33.14 -5.66 -7.93
N LEU F 435 -33.97 -4.73 -7.43
CA LEU F 435 -35.38 -4.70 -7.85
C LEU F 435 -35.49 -4.53 -9.36
N GLY F 436 -34.72 -3.63 -9.93
CA GLY F 436 -34.74 -3.47 -11.38
C GLY F 436 -34.41 -4.74 -12.11
N ASP F 437 -33.37 -5.46 -11.66
CA ASP F 437 -33.03 -6.71 -12.33
C ASP F 437 -34.16 -7.72 -12.21
N ILE F 438 -34.88 -7.69 -11.08
CA ILE F 438 -36.00 -8.58 -10.84
C ILE F 438 -37.17 -8.23 -11.75
N LYS F 439 -37.58 -6.97 -11.73
CA LYS F 439 -38.64 -6.55 -12.63
C LYS F 439 -38.28 -6.87 -14.07
N ASN F 440 -37.01 -6.65 -14.45
CA ASN F 440 -36.60 -6.94 -15.82
C ASN F 440 -36.75 -8.42 -16.11
N ALA F 441 -36.34 -9.26 -15.17
CA ALA F 441 -36.39 -10.70 -15.40
C ALA F 441 -37.81 -11.24 -15.40
N ILE F 442 -38.69 -10.66 -14.57
CA ILE F 442 -40.08 -11.11 -14.58
C ILE F 442 -40.69 -10.88 -15.95
N ALA F 443 -40.38 -9.76 -16.58
CA ALA F 443 -40.87 -9.52 -17.92
C ALA F 443 -40.34 -10.59 -18.89
N GLU F 444 -39.07 -10.95 -18.75
CA GLU F 444 -38.48 -11.97 -19.61
C GLU F 444 -39.12 -13.33 -19.38
N LEU F 445 -39.43 -13.65 -18.13
CA LEU F 445 -40.02 -14.94 -17.82
C LEU F 445 -41.46 -15.01 -18.33
N GLU F 446 -42.17 -13.89 -18.30
CA GLU F 446 -43.54 -13.85 -18.80
C GLU F 446 -43.66 -13.94 -20.32
N LYS F 447 -42.55 -13.85 -21.05
CA LYS F 447 -42.60 -14.09 -22.49
C LYS F 447 -42.64 -15.58 -22.84
N LEU F 448 -42.45 -16.47 -21.87
CA LEU F 448 -42.32 -17.89 -22.17
C LEU F 448 -43.58 -18.49 -22.74
N ASP F 449 -43.40 -19.34 -23.75
CA ASP F 449 -44.48 -20.09 -24.34
C ASP F 449 -44.60 -21.49 -23.76
N PHE F 450 -43.53 -21.98 -23.13
CA PHE F 450 -43.51 -23.32 -22.58
C PHE F 450 -43.07 -23.28 -21.12
N PRO F 451 -43.46 -24.27 -20.33
CA PRO F 451 -43.07 -24.30 -18.93
C PRO F 451 -41.61 -24.68 -18.79
N THR F 452 -40.99 -24.15 -17.74
CA THR F 452 -39.63 -24.52 -17.39
C THR F 452 -39.60 -25.92 -16.78
N PRO F 453 -38.44 -26.55 -16.74
CA PRO F 453 -38.38 -27.88 -16.11
C PRO F 453 -38.84 -27.87 -14.68
N THR F 454 -38.42 -26.87 -13.91
CA THR F 454 -38.90 -26.75 -12.53
C THR F 454 -40.39 -26.55 -12.53
N ARG F 455 -40.92 -25.83 -13.50
CA ARG F 455 -42.37 -25.71 -13.58
C ARG F 455 -42.99 -27.06 -13.86
N MET F 456 -42.33 -27.86 -14.71
CA MET F 456 -42.84 -29.18 -15.07
C MET F 456 -42.76 -30.14 -13.91
N ALA F 457 -41.69 -30.06 -13.10
CA ALA F 457 -41.58 -30.93 -11.95
C ALA F 457 -42.75 -30.72 -10.98
N GLN F 458 -43.35 -29.54 -10.96
CA GLN F 458 -44.41 -29.26 -10.00
C GLN F 458 -45.77 -29.84 -10.38
N GLU F 459 -45.98 -30.30 -11.62
CA GLU F 459 -47.29 -30.79 -12.00
C GLU F 459 -47.43 -32.27 -11.68
#